data_6D03
#
_entry.id   6D03
#
_cell.length_a   1
_cell.length_b   1
_cell.length_c   1
_cell.angle_alpha   90.00
_cell.angle_beta   90.00
_cell.angle_gamma   90.00
#
_symmetry.space_group_name_H-M   'P 1'
#
loop_
_entity.id
_entity.type
_entity.pdbx_description
1 polymer 'Transferrin receptor protein 1'
2 polymer Serotransferrin
3 polymer 'Reticulocyte binding protein 2, putative'
4 branched 2-acetamido-2-deoxy-beta-D-glucopyranose-(1-4)-2-acetamido-2-deoxy-beta-D-glucopyranose
5 branched 2-acetamido-2-deoxy-beta-D-glucopyranose-(2-4)-2-acetamido-2-deoxy-beta-D-glucopyranose
6 non-polymer 'CALCIUM ION'
7 non-polymer 2-acetamido-2-deoxy-beta-D-glucopyranose
8 non-polymer 'FE (III) ION'
9 non-polymer 'CARBONATE ION'
#
loop_
_entity_poly.entity_id
_entity_poly.type
_entity_poly.pdbx_seq_one_letter_code
_entity_poly.pdbx_strand_id
1 'polypeptide(L)'
;ADPHHHHHHSSGIEGRGEFRLYWDDLKRKLSEKLDSTDFTSTIKLLNENSYVPREAGSQKDENLALYVENQFREFKLSKV
WRDQHFVKIQVKDSAQNSVIIVDKNGRLVYLVENPGGYVAYSKAATVTGKLVHANFGTKKDFEDLYTPVNGSIVIVRAGK
ITFAEKVANAESLNAIGVLIYMDQTKFPIVNAELSFFGHAHLGTGDPYTPGFPSFNHTQFPPSRSSGLPNIPVQTISRAA
AEKLFGNMEGDCPSDWKTDSTCRMVTSESKNVKLTVSNVLKEIKILNIFGVIKGFVEPDHYVVVGAQRDAWGPGAAKSGV
GTALLLKLAQMFSDMVLKDGFQPSRSIIFASWSAGDFGSVGATEWLEGYLSSLHLKAFTYINLDKAVLGTSNFKVSASPL
LYTLIEKTMQNVKHPVTGQFLYQDSNWASKVEKLTLDNAAFPFLAYSGIPAVSFCFCEDTDYPYLGTTMDTYKELIERIP
ELNKVARAAAEVAGQFVIKLTHDVELNLDYERYNSQLLSFVRDLNQYRADIKEMGLSLQWLYSARGDFFRATSRLTTDFG
NAEKTDRFVMKKLNDRVMRVEYHFLSPYVSPKESPFRHVFWGSGSHTLPALLENLKLRKQNNGAFNETLFRNQLALATWT
IQGAANALSGDVWDIDNEF
;
A,B
2 'polypeptide(L)'
;MRLAVGALLVCAVLGLCLAVPDKTVRWCAVSEHEATKCQSFRDHMKSVIPSDGPSVACVKKASYLDCIRAIAANEADAVT
LDAGLVYDAYLAPNNLKPVVAEFYGSKEDPQTFYYAVAVVKKDSGFQMNQLRGKKSCHTGLGRSAGWNIPIGLLYCDLPE
PRKPLEKAVANFFSGSCAPCADGTDFPQLCQLCPGCGCSTLNQYFGYSGAFKCLKDGAGDVAFVKHSTIFENLANKADRD
QYELLCLDNTRKPVDEYKDCHLAQVPSHTVVARSMGGKEDLIWELLNQAQEHFGKDKSKEFQLFSSPHGKDLLFKDSAHG
FLKVPPRMDAKMYLGYEYVTAIRNLREGTCPEAPTDECKPVKWCALSHHERLKCDEWSVNSVGKIECVSAETTEDCIAKI
MNGEADAMSLDGGFVYIAGKCGLVPVLAENYNKSDNCEDTPEAGYFAVAVVKKSASDLTWDNLKGKKSCHTAVGRTAGWN
IPMGLLYNKINHCRFDEFFSEGCAPGSKKDSSLCKLCMGSGLNLCEPNNKEGYYGYTGAFRCLVEKGDVAFVKHQTVPQN
TGGKNPDPWAKNLNEKDYELLCLDGTRKPVEEYANCHLARAPNHAVVTRKDKEACVHKILRQQQHLFGSNVTDCSGNFCL
FRSETKDLLFRDDTVCLAKLHDRNTYEKYLGEEYVKAVGNLRKCSTSSLLEACTFRRP
;
C,D
3 'polypeptide(L)'
;GAMGSMHIPIQPSPESTQSTNTTDNIDYFDISDESNYYLISQLRPHFSNIYFFDEFKRYASYHTEIKRYEDIHKTKVNSL
LNEASRAIGICNRAKNTVKGLINILENPQKFKTQRESYDVKLRQYEEKKEAFRGCLLNKNRKNLDQIKKINNEIRDLLEK
LKCSQDCQTNVYFDMIKIYLVDFKKMPYENYDTFIKQYKNSYLSGVDMIRKIEKQIDNPVTINAIKFTQKEMGYIIDRFE
YHLQKVKHSIDQVTALSDGVKPKQVTKNRLKEYYFNIGNYYSIFKFGKDSLNMLNKALIHKEKIVHNLLGELFGHLEERI
SKLIDSEYFITESNNIISQSEETLKLAEDVYDKNTKLIEDLTLYPHLEINEFKKDYDNNVEDLRESIIYIQSYVSSIKSA
YRYNVLEKDSVESKQKNIPANSNAQKKVDELLSIIDSISYSNFSVAENFQKMKDYYKEIEKLKIKILQLIEAIKKYQQHV
EELINKEKAVAILKEDINKIIEYIKGIIEKLKQLISANKDFDKIFQQVEQLINEALFNKDQFEHNKNDLHTKMKEIMHTF
HERDLQQFLDNMSKFLKDQEASYQNADSKEKLDQLLTTVKAKQDELKEMKCDDIPDIIDNLKKESQNVLNLKDEVINKQF
ENMRTEMSSSLDQMTKEYNALKSSIEEYEAEKKGIENHKQNIIKRKNTFIVAEHENDEDVPEGKNTYNEFISNKDTILQK
ESAISNQMNTLEEKKRNRKTTLQTYGDAIQKLETYTEKKDEETKVLLDKFNTEVENFKLDEDEKSFNDAKSIVSNTINEV
ENENKNIDSIKKVNIAMKRS
;
E
#
# COMPACT_ATOMS: atom_id res chain seq x y z
N PHE A 19 23.67 29.14 0.77
CA PHE A 19 24.67 28.57 -0.15
C PHE A 19 24.55 27.06 -0.20
N ARG A 20 23.65 26.57 -1.04
CA ARG A 20 23.55 25.14 -1.23
C ARG A 20 24.66 24.65 -2.16
N LEU A 21 24.80 23.34 -2.23
CA LEU A 21 25.80 22.71 -3.08
C LEU A 21 25.10 21.92 -4.18
N TYR A 22 25.45 22.24 -5.43
CA TYR A 22 24.98 21.50 -6.58
C TYR A 22 26.10 20.65 -7.14
N TRP A 23 25.85 20.04 -8.30
CA TRP A 23 26.73 18.98 -8.79
C TRP A 23 28.10 19.49 -9.21
N ASP A 24 28.17 20.71 -9.74
CA ASP A 24 29.46 21.21 -10.22
C ASP A 24 30.41 21.52 -9.07
N ASP A 25 29.92 22.23 -8.05
CA ASP A 25 30.71 22.56 -6.88
C ASP A 25 31.15 21.32 -6.15
N LEU A 26 30.35 20.27 -6.22
CA LEU A 26 30.59 19.08 -5.45
C LEU A 26 31.58 18.18 -6.17
N LYS A 27 31.56 18.22 -7.51
CA LYS A 27 32.57 17.51 -8.28
C LYS A 27 33.93 18.16 -8.15
N ARG A 28 33.99 19.51 -8.22
CA ARG A 28 35.30 20.14 -8.05
C ARG A 28 35.75 20.06 -6.61
N LYS A 29 34.82 19.91 -5.67
CA LYS A 29 35.21 19.75 -4.28
C LYS A 29 35.81 18.39 -4.06
N LEU A 30 35.24 17.36 -4.71
CA LEU A 30 35.82 16.03 -4.65
C LEU A 30 37.19 15.98 -5.31
N SER A 31 37.36 16.67 -6.44
CA SER A 31 38.67 16.66 -7.08
C SER A 31 39.71 17.42 -6.25
N GLU A 32 39.28 18.48 -5.54
CA GLU A 32 40.19 19.14 -4.62
C GLU A 32 40.55 18.24 -3.44
N LYS A 33 39.67 17.30 -3.09
CA LYS A 33 40.08 16.33 -2.07
C LYS A 33 41.05 15.29 -2.64
N LEU A 34 40.82 14.83 -3.87
CA LEU A 34 41.67 13.76 -4.40
C LEU A 34 43.04 14.27 -4.83
N ASP A 35 43.20 15.59 -4.98
CA ASP A 35 44.52 16.08 -5.34
C ASP A 35 45.49 16.01 -4.17
N SER A 36 44.98 15.80 -2.96
CA SER A 36 45.82 15.93 -1.77
C SER A 36 46.29 14.57 -1.26
N THR A 37 45.43 13.56 -1.29
CA THR A 37 45.71 12.31 -0.59
C THR A 37 46.79 11.51 -1.30
N ASP A 38 47.45 10.66 -0.54
CA ASP A 38 48.60 9.89 -1.00
C ASP A 38 48.31 8.42 -0.72
N PHE A 39 47.90 7.69 -1.77
CA PHE A 39 47.51 6.29 -1.56
C PHE A 39 48.72 5.42 -1.30
N THR A 40 49.87 5.78 -1.89
CA THR A 40 51.03 4.92 -1.95
C THR A 40 51.60 4.63 -0.57
N SER A 41 51.52 5.59 0.34
CA SER A 41 51.96 5.34 1.71
C SER A 41 51.04 4.38 2.43
N THR A 42 49.76 4.34 2.04
CA THR A 42 48.83 3.47 2.74
C THR A 42 48.88 2.05 2.18
N ILE A 43 49.18 1.90 0.89
CA ILE A 43 49.49 0.57 0.38
C ILE A 43 50.79 0.05 0.97
N LYS A 44 51.77 0.94 1.18
CA LYS A 44 52.98 0.50 1.88
C LYS A 44 52.72 0.25 3.36
N LEU A 45 51.61 0.78 3.89
CA LEU A 45 51.33 0.60 5.30
C LEU A 45 50.49 -0.64 5.55
N LEU A 46 49.71 -1.06 4.56
CA LEU A 46 48.97 -2.32 4.69
C LEU A 46 49.83 -3.49 4.19
N ASN A 47 51.11 -3.27 4.04
CA ASN A 47 52.05 -4.27 3.60
C ASN A 47 53.29 -4.31 4.48
N GLU A 48 53.19 -3.74 5.68
CA GLU A 48 54.26 -3.74 6.66
C GLU A 48 54.42 -5.16 7.20
N ASN A 49 55.53 -5.41 7.91
CA ASN A 49 55.85 -6.76 8.35
C ASN A 49 54.92 -7.22 9.48
N SER A 50 54.08 -6.33 10.01
CA SER A 50 53.19 -6.73 11.09
C SER A 50 51.80 -7.07 10.57
N TYR A 51 51.57 -6.93 9.27
CA TYR A 51 50.26 -7.26 8.72
C TYR A 51 50.33 -8.18 7.49
N VAL A 52 51.50 -8.71 7.14
CA VAL A 52 51.69 -9.16 5.75
C VAL A 52 51.12 -10.53 5.42
N PRO A 53 51.36 -11.66 6.18
CA PRO A 53 50.64 -12.88 5.77
C PRO A 53 49.25 -12.97 6.37
N ARG A 54 48.20 -12.86 5.56
CA ARG A 54 46.84 -12.75 6.08
C ARG A 54 46.02 -13.93 5.61
N GLU A 55 46.13 -15.05 6.31
CA GLU A 55 45.15 -16.10 6.09
C GLU A 55 43.86 -15.71 6.78
N ALA A 56 42.77 -16.37 6.39
CA ALA A 56 41.49 -16.07 7.00
C ALA A 56 41.46 -16.56 8.44
N GLY A 57 41.07 -15.68 9.34
CA GLY A 57 40.95 -16.03 10.73
C GLY A 57 42.24 -16.05 11.51
N SER A 58 43.39 -15.88 10.87
CA SER A 58 44.63 -15.92 11.61
C SER A 58 44.83 -14.61 12.36
N GLN A 59 45.85 -14.59 13.21
CA GLN A 59 46.08 -13.46 14.11
C GLN A 59 46.43 -12.20 13.34
N LYS A 60 47.07 -12.35 12.18
CA LYS A 60 47.52 -11.17 11.43
C LYS A 60 46.35 -10.48 10.74
N ASP A 61 45.23 -11.18 10.57
CA ASP A 61 44.00 -10.52 10.13
C ASP A 61 43.43 -9.63 11.23
N GLU A 62 43.56 -10.06 12.48
CA GLU A 62 42.91 -9.37 13.58
C GLU A 62 43.49 -7.98 13.80
N ASN A 63 44.81 -7.84 13.67
CA ASN A 63 45.45 -6.56 13.94
C ASN A 63 45.08 -5.54 12.89
N LEU A 64 44.99 -5.96 11.64
CA LEU A 64 44.45 -5.11 10.59
C LEU A 64 42.98 -4.80 10.83
N ALA A 65 42.24 -5.74 11.39
CA ALA A 65 40.81 -5.49 11.60
C ALA A 65 40.58 -4.46 12.70
N LEU A 66 41.39 -4.50 13.75
CA LEU A 66 41.32 -3.47 14.77
C LEU A 66 41.86 -2.15 14.26
N TYR A 67 42.81 -2.20 13.31
CA TYR A 67 43.28 -0.98 12.68
C TYR A 67 42.22 -0.32 11.82
N VAL A 68 41.42 -1.13 11.11
CA VAL A 68 40.40 -0.55 10.23
C VAL A 68 39.23 -0.03 11.06
N GLU A 69 38.85 -0.75 12.12
CA GLU A 69 37.83 -0.25 13.02
C GLU A 69 38.30 1.01 13.74
N ASN A 70 39.58 1.05 14.10
CA ASN A 70 40.13 2.22 14.78
C ASN A 70 40.17 3.44 13.86
N GLN A 71 40.52 3.23 12.58
CA GLN A 71 40.49 4.34 11.63
C GLN A 71 39.07 4.82 11.40
N PHE A 72 38.10 3.90 11.30
CA PHE A 72 36.72 4.31 11.11
C PHE A 72 36.17 5.07 12.33
N ARG A 73 36.70 4.80 13.53
CA ARG A 73 36.35 5.69 14.63
C ARG A 73 37.07 7.01 14.54
N GLU A 74 38.24 7.03 13.91
CA GLU A 74 39.05 8.23 13.94
C GLU A 74 38.60 9.23 12.89
N PHE A 75 37.89 8.78 11.84
CA PHE A 75 37.43 9.71 10.84
C PHE A 75 36.09 10.34 11.19
N LYS A 76 35.60 10.14 12.41
CA LYS A 76 34.31 10.61 12.92
C LYS A 76 33.12 10.15 12.10
N LEU A 77 33.03 8.86 11.79
CA LEU A 77 31.82 8.34 11.18
C LEU A 77 30.71 8.31 12.22
N SER A 78 29.47 8.22 11.74
CA SER A 78 28.33 8.45 12.63
C SER A 78 28.00 7.22 13.45
N LYS A 79 28.39 6.04 12.96
CA LYS A 79 28.26 4.81 13.73
C LYS A 79 29.24 3.80 13.16
N VAL A 80 30.15 3.31 14.00
CA VAL A 80 31.10 2.27 13.63
C VAL A 80 30.75 1.01 14.40
N TRP A 81 30.50 -0.08 13.69
CA TRP A 81 30.08 -1.28 14.37
C TRP A 81 30.67 -2.48 13.68
N ARG A 82 30.83 -3.56 14.42
CA ARG A 82 31.58 -4.73 13.96
C ARG A 82 30.73 -5.97 14.13
N ASP A 83 31.24 -7.10 13.66
CA ASP A 83 30.44 -8.32 13.61
C ASP A 83 31.38 -9.52 13.51
N GLN A 84 31.15 -10.53 14.34
CA GLN A 84 32.04 -11.68 14.35
C GLN A 84 31.24 -12.97 14.35
N HIS A 85 31.61 -13.90 13.47
CA HIS A 85 30.97 -15.21 13.44
C HIS A 85 31.86 -16.28 12.85
N PHE A 86 31.50 -17.54 13.10
CA PHE A 86 32.45 -18.64 13.01
C PHE A 86 32.19 -19.48 11.77
N VAL A 87 33.25 -19.75 11.01
CA VAL A 87 33.17 -20.31 9.66
C VAL A 87 34.17 -21.46 9.55
N LYS A 88 33.79 -22.51 8.81
CA LYS A 88 34.68 -23.65 8.53
C LYS A 88 35.45 -23.43 7.24
N ILE A 89 36.78 -23.39 7.34
CA ILE A 89 37.68 -23.39 6.20
C ILE A 89 38.44 -24.70 6.22
N GLN A 90 39.32 -24.88 5.25
CA GLN A 90 40.05 -26.13 5.09
C GLN A 90 41.52 -25.89 4.82
N VAL A 91 42.37 -26.21 5.80
CA VAL A 91 43.78 -25.91 5.72
C VAL A 91 44.60 -27.18 5.63
N LYS A 92 45.91 -26.98 5.47
CA LYS A 92 46.83 -28.08 5.21
C LYS A 92 47.09 -28.89 6.47
N ASP A 93 47.09 -30.21 6.33
CA ASP A 93 47.41 -31.10 7.42
C ASP A 93 48.93 -31.17 7.58
N SER A 94 49.38 -31.87 8.62
CA SER A 94 50.80 -32.00 8.87
C SER A 94 51.47 -32.93 7.85
N ALA A 95 50.73 -33.92 7.35
CA ALA A 95 51.25 -34.74 6.28
C ALA A 95 51.19 -33.97 4.96
N GLN A 96 52.24 -34.12 4.16
CA GLN A 96 52.39 -33.36 2.94
C GLN A 96 51.69 -34.08 1.80
N ASN A 97 50.69 -33.42 1.21
CA ASN A 97 50.12 -33.88 -0.04
C ASN A 97 51.15 -33.81 -1.16
N SER A 98 51.08 -34.73 -2.12
CA SER A 98 52.14 -34.84 -3.10
C SER A 98 51.65 -35.59 -4.34
N VAL A 99 52.51 -35.59 -5.36
CA VAL A 99 52.24 -36.22 -6.65
C VAL A 99 53.46 -37.05 -7.04
N ILE A 100 53.24 -38.16 -7.73
CA ILE A 100 54.28 -39.16 -7.94
C ILE A 100 53.89 -40.03 -9.14
N ILE A 101 54.89 -40.58 -9.82
CA ILE A 101 54.71 -41.34 -11.05
C ILE A 101 55.02 -42.80 -10.78
N VAL A 102 54.05 -43.68 -11.06
CA VAL A 102 54.19 -45.12 -10.83
C VAL A 102 53.78 -45.88 -12.08
N ASP A 103 54.22 -47.13 -12.14
CA ASP A 103 53.81 -48.07 -13.17
C ASP A 103 52.49 -48.75 -12.78
N LYS A 104 52.18 -49.85 -13.46
CA LYS A 104 50.95 -50.58 -13.19
C LYS A 104 51.00 -51.30 -11.85
N ASN A 105 52.19 -51.67 -11.39
CA ASN A 105 52.31 -52.35 -10.10
C ASN A 105 52.42 -51.34 -8.96
N GLY A 106 53.13 -50.24 -9.19
CA GLY A 106 53.48 -49.32 -8.13
C GLY A 106 54.91 -49.39 -7.69
N ARG A 107 55.68 -50.37 -8.20
CA ARG A 107 57.05 -50.56 -7.75
C ARG A 107 57.98 -49.50 -8.32
N LEU A 108 57.77 -49.11 -9.58
CA LEU A 108 58.50 -47.96 -10.12
C LEU A 108 58.06 -46.71 -9.40
N VAL A 109 59.01 -46.02 -8.79
CA VAL A 109 58.74 -44.81 -8.04
C VAL A 109 59.70 -43.73 -8.51
N TYR A 110 59.13 -42.67 -9.09
CA TYR A 110 59.88 -41.47 -9.38
C TYR A 110 59.11 -40.27 -8.84
N LEU A 111 59.70 -39.52 -7.93
CA LEU A 111 59.00 -38.44 -7.24
C LEU A 111 59.07 -37.19 -8.10
N VAL A 112 57.91 -36.57 -8.34
CA VAL A 112 57.89 -35.31 -9.06
C VAL A 112 58.27 -34.18 -8.12
N GLU A 113 57.44 -33.93 -7.09
CA GLU A 113 57.55 -32.74 -6.25
C GLU A 113 56.66 -32.80 -5.01
N ASN A 114 56.79 -31.82 -4.12
CA ASN A 114 55.89 -31.63 -3.01
C ASN A 114 55.29 -30.24 -3.06
N PRO A 115 54.01 -30.10 -3.40
CA PRO A 115 53.45 -28.78 -3.67
C PRO A 115 53.22 -27.96 -2.41
N GLY A 116 53.63 -26.69 -2.45
CA GLY A 116 53.37 -25.81 -1.32
C GLY A 116 51.93 -25.36 -1.28
N GLY A 117 51.38 -24.95 -2.41
CA GLY A 117 50.02 -24.48 -2.45
C GLY A 117 49.03 -25.62 -2.46
N TYR A 118 47.77 -25.31 -2.15
CA TYR A 118 46.75 -26.31 -1.99
C TYR A 118 45.42 -25.72 -2.43
N VAL A 119 44.50 -26.58 -2.85
CA VAL A 119 43.16 -26.10 -3.14
C VAL A 119 42.27 -26.34 -1.93
N ALA A 120 41.66 -25.27 -1.43
CA ALA A 120 40.70 -25.37 -0.36
C ALA A 120 39.45 -26.05 -0.90
N TYR A 121 38.83 -26.88 -0.07
CA TYR A 121 37.60 -27.65 -0.27
C TYR A 121 37.78 -28.82 -1.23
N SER A 122 38.99 -29.13 -1.65
CA SER A 122 39.25 -30.37 -2.35
C SER A 122 39.12 -31.53 -1.38
N LYS A 123 38.52 -32.63 -1.86
CA LYS A 123 38.33 -33.79 -0.98
C LYS A 123 39.68 -34.42 -0.69
N ALA A 124 39.77 -35.10 0.46
CA ALA A 124 41.01 -35.72 0.91
C ALA A 124 41.02 -37.20 0.53
N ALA A 125 41.84 -37.57 -0.44
CA ALA A 125 41.89 -38.93 -0.94
C ALA A 125 43.20 -39.12 -1.70
N THR A 126 43.56 -40.38 -1.94
CA THR A 126 44.72 -40.74 -2.73
C THR A 126 44.31 -41.64 -3.87
N VAL A 127 44.73 -41.31 -5.09
CA VAL A 127 44.30 -42.04 -6.29
C VAL A 127 45.44 -42.14 -7.29
N THR A 128 45.34 -43.15 -8.16
CA THR A 128 46.26 -43.37 -9.27
C THR A 128 45.45 -43.27 -10.56
N GLY A 129 46.15 -43.14 -11.69
CA GLY A 129 45.46 -43.16 -12.96
C GLY A 129 46.33 -42.57 -14.05
N LYS A 130 45.95 -42.85 -15.29
CA LYS A 130 46.56 -42.18 -16.42
C LYS A 130 46.05 -40.76 -16.51
N LEU A 131 46.70 -39.94 -17.32
CA LEU A 131 46.41 -38.51 -17.33
C LEU A 131 46.03 -38.06 -18.73
N VAL A 132 45.05 -37.17 -18.80
CA VAL A 132 44.55 -36.58 -20.03
C VAL A 132 44.63 -35.07 -19.86
N HIS A 133 44.96 -34.34 -20.92
CA HIS A 133 45.04 -32.88 -20.85
C HIS A 133 43.69 -32.30 -21.24
N ALA A 134 43.42 -31.08 -20.79
CA ALA A 134 42.35 -30.23 -21.33
C ALA A 134 42.83 -28.78 -21.31
N ASN A 135 42.32 -27.96 -22.22
CA ASN A 135 42.94 -26.65 -22.44
C ASN A 135 42.64 -25.68 -21.31
N PHE A 136 41.39 -25.65 -20.86
CA PHE A 136 41.01 -24.95 -19.66
C PHE A 136 39.98 -25.69 -18.85
N GLY A 137 39.38 -26.73 -19.39
CA GLY A 137 38.21 -27.29 -18.78
C GLY A 137 36.94 -26.54 -19.07
N THR A 138 36.88 -25.84 -20.19
CA THR A 138 35.61 -25.32 -20.67
C THR A 138 34.68 -26.48 -21.01
N LYS A 139 33.39 -26.21 -20.96
CA LYS A 139 32.42 -27.27 -21.24
C LYS A 139 32.46 -27.66 -22.72
N LYS A 140 32.99 -26.77 -23.56
CA LYS A 140 33.17 -27.08 -24.97
C LYS A 140 34.38 -27.99 -25.19
N ASP A 141 35.31 -28.02 -24.23
CA ASP A 141 36.59 -28.66 -24.50
C ASP A 141 36.49 -30.17 -24.51
N PHE A 142 35.64 -30.75 -23.66
CA PHE A 142 35.69 -32.19 -23.49
C PHE A 142 35.04 -32.93 -24.64
N GLU A 143 34.25 -32.23 -25.48
CA GLU A 143 33.83 -32.83 -26.74
C GLU A 143 34.90 -32.68 -27.79
N ASP A 144 35.60 -31.54 -27.79
CA ASP A 144 36.66 -31.29 -28.77
C ASP A 144 37.90 -32.12 -28.47
N LEU A 145 37.95 -32.69 -27.27
CA LEU A 145 39.05 -33.55 -26.88
C LEU A 145 38.93 -34.90 -27.57
N TYR A 146 40.08 -35.52 -27.83
CA TYR A 146 40.10 -36.77 -28.59
C TYR A 146 39.82 -37.98 -27.70
N THR A 147 40.54 -38.10 -26.59
CA THR A 147 40.49 -39.30 -25.75
C THR A 147 39.34 -39.23 -24.77
N PRO A 148 38.77 -40.36 -24.36
CA PRO A 148 37.73 -40.32 -23.33
C PRO A 148 38.31 -39.97 -21.98
N VAL A 149 37.52 -39.23 -21.20
CA VAL A 149 38.04 -38.59 -20.00
C VAL A 149 37.87 -39.48 -18.77
N ASN A 150 36.81 -40.31 -18.74
CA ASN A 150 36.44 -41.01 -17.52
C ASN A 150 37.50 -42.04 -17.12
N GLY A 151 37.45 -42.48 -15.87
CA GLY A 151 38.41 -43.46 -15.40
C GLY A 151 39.84 -42.96 -15.33
N SER A 152 40.05 -41.66 -15.23
CA SER A 152 41.39 -41.10 -15.37
C SER A 152 41.46 -39.72 -14.75
N ILE A 153 42.66 -39.37 -14.28
CA ILE A 153 42.94 -38.04 -13.76
C ILE A 153 43.12 -37.08 -14.92
N VAL A 154 42.71 -35.83 -14.76
CA VAL A 154 42.91 -34.81 -15.78
C VAL A 154 43.89 -33.78 -15.25
N ILE A 155 44.54 -33.06 -16.16
CA ILE A 155 45.19 -31.80 -15.85
C ILE A 155 44.44 -30.73 -16.63
N VAL A 156 44.38 -29.52 -16.09
CA VAL A 156 43.81 -28.39 -16.79
C VAL A 156 44.81 -27.27 -16.71
N ARG A 157 44.59 -26.22 -17.48
CA ARG A 157 45.51 -25.09 -17.45
C ARG A 157 44.83 -23.89 -16.83
N ALA A 158 45.51 -23.24 -15.89
CA ALA A 158 44.86 -22.26 -15.04
C ALA A 158 44.50 -21.00 -15.81
N GLY A 159 43.26 -20.57 -15.66
CA GLY A 159 42.79 -19.35 -16.29
C GLY A 159 41.45 -19.52 -16.99
N LYS A 160 40.83 -18.37 -17.27
CA LYS A 160 39.65 -18.09 -18.09
C LYS A 160 38.33 -18.55 -17.44
N ILE A 161 38.37 -19.45 -16.46
CA ILE A 161 37.17 -19.81 -15.71
C ILE A 161 37.61 -19.96 -14.26
N THR A 162 36.65 -20.09 -13.35
CA THR A 162 36.93 -20.35 -11.96
C THR A 162 37.44 -21.78 -11.80
N PHE A 163 38.14 -22.05 -10.70
CA PHE A 163 38.57 -23.42 -10.40
C PHE A 163 37.38 -24.34 -10.16
N ALA A 164 36.30 -23.79 -9.61
CA ALA A 164 35.14 -24.62 -9.27
C ALA A 164 34.41 -25.08 -10.52
N GLU A 165 34.51 -24.35 -11.61
CA GLU A 165 33.88 -24.80 -12.84
C GLU A 165 34.72 -25.88 -13.53
N LYS A 166 36.05 -25.83 -13.34
CA LYS A 166 36.89 -26.90 -13.87
C LYS A 166 36.64 -28.20 -13.14
N VAL A 167 36.62 -28.13 -11.81
CA VAL A 167 36.38 -29.33 -11.01
C VAL A 167 34.95 -29.80 -11.17
N ALA A 168 34.03 -28.88 -11.42
CA ALA A 168 32.63 -29.28 -11.62
C ALA A 168 32.43 -29.94 -12.97
N ASN A 169 33.14 -29.47 -14.00
CA ASN A 169 33.00 -30.08 -15.32
C ASN A 169 33.67 -31.44 -15.38
N ALA A 170 34.93 -31.51 -14.95
CA ALA A 170 35.65 -32.78 -15.00
C ALA A 170 35.05 -33.79 -14.02
N GLU A 171 34.46 -33.30 -12.94
CA GLU A 171 33.70 -34.18 -12.06
C GLU A 171 32.41 -34.61 -12.73
N SER A 172 31.83 -33.76 -13.56
CA SER A 172 30.57 -34.11 -14.21
C SER A 172 30.79 -35.15 -15.30
N LEU A 173 32.03 -35.28 -15.80
CA LEU A 173 32.28 -36.33 -16.78
C LEU A 173 33.07 -37.51 -16.23
N ASN A 174 32.85 -37.87 -14.95
CA ASN A 174 33.36 -39.06 -14.28
C ASN A 174 34.87 -39.15 -14.19
N ALA A 175 35.59 -38.07 -13.95
CA ALA A 175 37.03 -38.18 -13.76
C ALA A 175 37.34 -38.55 -12.32
N ILE A 176 38.62 -38.48 -11.97
CA ILE A 176 39.02 -38.90 -10.63
C ILE A 176 39.78 -37.78 -9.90
N GLY A 177 40.68 -37.11 -10.60
CA GLY A 177 41.42 -36.04 -9.96
C GLY A 177 41.73 -34.94 -10.96
N VAL A 178 42.01 -33.75 -10.44
CA VAL A 178 42.34 -32.59 -11.27
C VAL A 178 43.66 -32.00 -10.79
N LEU A 179 44.61 -31.84 -11.71
CA LEU A 179 45.82 -31.08 -11.43
C LEU A 179 45.78 -29.77 -12.21
N ILE A 180 46.33 -28.71 -11.62
CA ILE A 180 46.21 -27.36 -12.19
C ILE A 180 47.59 -26.73 -12.24
N TYR A 181 47.95 -26.15 -13.38
CA TYR A 181 49.27 -25.56 -13.57
C TYR A 181 49.15 -24.25 -14.33
N MET A 182 50.21 -23.45 -14.30
CA MET A 182 50.27 -22.18 -15.02
C MET A 182 51.34 -22.27 -16.09
N ASP A 183 50.95 -22.11 -17.35
CA ASP A 183 51.93 -22.18 -18.42
C ASP A 183 52.76 -20.90 -18.54
N GLN A 184 53.54 -20.82 -19.62
CA GLN A 184 54.41 -19.67 -19.82
C GLN A 184 53.79 -18.68 -20.80
N THR A 185 52.89 -19.15 -21.65
CA THR A 185 52.28 -18.26 -22.63
C THR A 185 51.21 -17.38 -21.98
N LYS A 186 50.29 -17.99 -21.23
CA LYS A 186 49.23 -17.21 -20.61
C LYS A 186 49.76 -16.40 -19.44
N PHE A 187 50.64 -16.98 -18.62
CA PHE A 187 51.14 -16.36 -17.42
C PHE A 187 52.66 -16.27 -17.47
N PRO A 188 53.22 -15.24 -18.12
CA PRO A 188 54.68 -15.18 -18.26
C PRO A 188 55.40 -14.74 -17.00
N ILE A 189 56.00 -15.70 -16.30
CA ILE A 189 56.74 -15.44 -15.07
C ILE A 189 58.12 -16.06 -15.21
N VAL A 190 59.11 -15.44 -14.59
CA VAL A 190 60.48 -15.94 -14.71
C VAL A 190 60.66 -17.17 -13.83
N ASN A 191 60.09 -17.14 -12.63
CA ASN A 191 60.29 -18.18 -11.64
C ASN A 191 59.45 -19.40 -11.99
N ALA A 192 60.11 -20.53 -12.22
CA ALA A 192 59.45 -21.78 -12.52
C ALA A 192 59.18 -22.63 -11.29
N GLU A 193 59.11 -22.03 -10.11
CA GLU A 193 58.91 -22.75 -8.86
C GLU A 193 57.59 -22.40 -8.20
N LEU A 194 56.93 -21.34 -8.67
CA LEU A 194 55.88 -20.68 -7.91
C LEU A 194 54.60 -21.51 -7.85
N SER A 195 54.01 -21.59 -6.66
CA SER A 195 52.79 -22.35 -6.43
C SER A 195 51.74 -21.43 -5.84
N PHE A 196 50.47 -21.85 -5.90
CA PHE A 196 49.37 -20.91 -5.74
C PHE A 196 48.15 -21.57 -5.10
N PHE A 197 47.02 -20.88 -5.19
CA PHE A 197 45.87 -21.13 -4.33
C PHE A 197 44.57 -20.87 -5.07
N GLY A 198 43.48 -21.50 -4.64
CA GLY A 198 42.16 -21.18 -5.12
C GLY A 198 41.12 -22.03 -4.42
N HIS A 199 39.91 -21.52 -4.33
CA HIS A 199 38.83 -22.21 -3.61
C HIS A 199 38.05 -23.02 -4.63
N ALA A 200 37.37 -24.07 -4.18
CA ALA A 200 36.76 -25.01 -5.11
C ALA A 200 35.26 -25.16 -4.88
N HIS A 201 34.68 -24.34 -4.01
CA HIS A 201 33.24 -24.37 -3.82
C HIS A 201 32.54 -23.74 -5.01
N LEU A 202 31.66 -24.49 -5.67
CA LEU A 202 30.84 -23.85 -6.67
C LEU A 202 29.68 -23.14 -6.00
N GLY A 203 29.74 -21.83 -6.03
CA GLY A 203 28.86 -21.03 -5.20
C GLY A 203 29.66 -20.10 -4.32
N THR A 204 28.95 -19.49 -3.38
CA THR A 204 29.55 -18.48 -2.51
C THR A 204 29.16 -18.75 -1.08
N GLY A 205 30.07 -18.43 -0.17
CA GLY A 205 29.75 -18.41 1.24
C GLY A 205 30.34 -19.59 1.99
N ASP A 206 30.08 -19.57 3.28
CA ASP A 206 30.40 -20.71 4.13
C ASP A 206 29.58 -21.90 3.64
N PRO A 207 30.21 -23.01 3.29
CA PRO A 207 29.45 -24.10 2.68
C PRO A 207 28.66 -24.92 3.68
N TYR A 208 29.12 -25.04 4.92
CA TYR A 208 28.49 -25.99 5.82
C TYR A 208 27.23 -25.41 6.46
N THR A 209 26.96 -24.13 6.23
CA THR A 209 25.63 -23.58 6.46
C THR A 209 25.12 -23.04 5.14
N PRO A 210 24.43 -23.83 4.34
CA PRO A 210 23.88 -23.30 3.09
C PRO A 210 22.58 -22.54 3.28
N GLY A 211 22.60 -21.24 3.03
CA GLY A 211 21.40 -20.44 2.99
C GLY A 211 21.02 -19.75 4.28
N PHE A 212 21.60 -20.12 5.41
CA PHE A 212 21.30 -19.53 6.70
C PHE A 212 22.62 -19.10 7.34
N PRO A 213 22.60 -18.13 8.26
CA PRO A 213 23.86 -17.55 8.70
C PRO A 213 24.63 -18.39 9.68
N SER A 214 25.94 -18.15 9.69
CA SER A 214 26.88 -18.88 10.53
C SER A 214 26.98 -18.34 11.94
N PHE A 215 25.99 -17.56 12.39
CA PHE A 215 25.97 -17.08 13.76
C PHE A 215 25.82 -18.24 14.72
N ASN A 216 26.22 -18.04 15.97
CA ASN A 216 26.02 -19.09 16.97
C ASN A 216 24.65 -18.92 17.63
N HIS A 217 23.73 -18.22 16.97
CA HIS A 217 22.32 -18.36 17.30
C HIS A 217 21.74 -19.59 16.61
N THR A 218 22.42 -20.08 15.57
CA THR A 218 21.79 -21.06 14.70
C THR A 218 22.24 -22.47 15.06
N GLN A 219 22.91 -22.63 16.19
CA GLN A 219 23.26 -23.93 16.79
C GLN A 219 24.19 -24.83 15.97
N PHE A 220 24.61 -24.37 14.78
CA PHE A 220 25.46 -25.13 13.86
C PHE A 220 24.93 -26.53 13.53
N PRO A 221 23.89 -26.64 12.70
CA PRO A 221 23.30 -27.93 12.43
C PRO A 221 24.11 -28.67 11.37
N PRO A 222 24.05 -29.99 11.35
CA PRO A 222 24.75 -30.74 10.29
C PRO A 222 24.04 -30.57 8.97
N SER A 223 24.73 -29.87 8.05
CA SER A 223 24.25 -29.71 6.69
C SER A 223 25.48 -29.52 5.82
N ARG A 224 25.33 -29.88 4.55
CA ARG A 224 26.46 -29.94 3.63
C ARG A 224 25.98 -29.41 2.29
N SER A 225 26.71 -28.45 1.73
CA SER A 225 26.27 -27.78 0.52
C SER A 225 26.32 -28.71 -0.68
N SER A 226 25.46 -28.45 -1.67
CA SER A 226 25.32 -29.36 -2.78
C SER A 226 26.32 -29.05 -3.89
N GLY A 227 27.23 -28.12 -3.65
CA GLY A 227 28.16 -27.75 -4.69
C GLY A 227 29.58 -28.22 -4.44
N LEU A 228 29.85 -28.75 -3.25
CA LEU A 228 31.19 -29.21 -2.91
C LEU A 228 31.57 -30.42 -3.75
N PRO A 229 32.85 -30.58 -4.09
CA PRO A 229 33.23 -31.63 -5.03
C PRO A 229 33.38 -32.98 -4.37
N ASN A 230 33.84 -33.96 -5.13
CA ASN A 230 34.07 -35.29 -4.56
C ASN A 230 35.46 -35.80 -4.91
N ILE A 231 36.30 -34.96 -5.48
CA ILE A 231 37.52 -35.49 -6.08
C ILE A 231 38.73 -34.70 -5.57
N PRO A 232 39.91 -35.31 -5.46
CA PRO A 232 41.07 -34.54 -4.98
C PRO A 232 41.64 -33.62 -6.06
N VAL A 233 41.77 -32.34 -5.71
CA VAL A 233 42.21 -31.29 -6.62
C VAL A 233 43.51 -30.72 -6.09
N GLN A 234 44.47 -30.45 -6.98
CA GLN A 234 45.77 -29.99 -6.49
C GLN A 234 46.43 -29.08 -7.53
N THR A 235 47.16 -28.09 -7.03
CA THR A 235 47.93 -27.15 -7.83
C THR A 235 49.41 -27.50 -7.82
N ILE A 236 50.03 -27.47 -9.00
CA ILE A 236 51.46 -27.73 -9.16
C ILE A 236 52.08 -26.55 -9.88
N SER A 237 53.40 -26.43 -9.76
CA SER A 237 54.12 -25.34 -10.40
C SER A 237 54.37 -25.65 -11.87
N ARG A 238 55.27 -24.88 -12.48
CA ARG A 238 55.44 -24.97 -13.93
C ARG A 238 56.49 -26.03 -14.28
N ALA A 239 57.62 -26.02 -13.56
CA ALA A 239 58.61 -27.08 -13.74
C ALA A 239 58.08 -28.41 -13.22
N ALA A 240 57.14 -28.36 -12.29
CA ALA A 240 56.48 -29.58 -11.86
C ALA A 240 55.54 -30.11 -12.94
N ALA A 241 55.04 -29.23 -13.80
CA ALA A 241 54.18 -29.68 -14.89
C ALA A 241 55.00 -30.22 -16.04
N GLU A 242 56.19 -29.65 -16.27
CA GLU A 242 56.98 -30.08 -17.42
C GLU A 242 57.60 -31.45 -17.21
N LYS A 243 57.84 -31.84 -15.95
CA LYS A 243 58.34 -33.18 -15.71
C LYS A 243 57.27 -34.22 -15.96
N LEU A 244 56.00 -33.84 -15.82
CA LEU A 244 54.93 -34.72 -16.28
C LEU A 244 54.78 -34.66 -17.78
N PHE A 245 55.18 -33.55 -18.40
CA PHE A 245 55.10 -33.45 -19.85
C PHE A 245 56.24 -34.19 -20.52
N GLY A 246 57.27 -34.55 -19.76
CA GLY A 246 58.34 -35.37 -20.32
C GLY A 246 57.91 -36.80 -20.56
N ASN A 247 57.11 -37.36 -19.64
CA ASN A 247 56.72 -38.75 -19.76
C ASN A 247 55.47 -38.92 -20.61
N MET A 248 54.61 -37.91 -20.63
CA MET A 248 53.42 -37.99 -21.46
C MET A 248 53.76 -37.78 -22.93
N GLU A 249 53.12 -38.58 -23.78
CA GLU A 249 53.42 -38.58 -25.20
C GLU A 249 52.22 -38.12 -26.01
N GLY A 250 52.47 -37.21 -26.95
CA GLY A 250 51.43 -36.61 -27.75
C GLY A 250 51.84 -35.24 -28.26
N ASP A 251 50.83 -34.46 -28.63
CA ASP A 251 51.00 -33.09 -29.11
C ASP A 251 49.67 -32.35 -29.03
N CYS A 252 49.73 -31.11 -28.57
CA CYS A 252 48.53 -30.31 -28.44
C CYS A 252 48.08 -29.82 -29.82
N PRO A 253 46.79 -29.51 -29.98
CA PRO A 253 46.35 -28.80 -31.18
C PRO A 253 46.91 -27.38 -31.21
N SER A 254 46.95 -26.81 -32.40
CA SER A 254 47.60 -25.51 -32.57
C SER A 254 46.66 -24.37 -32.24
N ASP A 255 45.39 -24.68 -31.98
CA ASP A 255 44.45 -23.65 -31.50
C ASP A 255 44.82 -23.24 -30.09
N TRP A 256 45.27 -24.19 -29.29
CA TRP A 256 45.71 -23.87 -27.93
C TRP A 256 47.05 -23.16 -28.03
N LYS A 257 47.05 -21.85 -27.83
CA LYS A 257 48.28 -21.08 -27.78
C LYS A 257 48.99 -21.46 -26.49
N THR A 258 50.12 -22.13 -26.60
CA THR A 258 50.74 -22.74 -25.43
C THR A 258 52.24 -22.85 -25.62
N ASP A 259 52.87 -23.50 -24.66
CA ASP A 259 54.30 -23.81 -24.80
C ASP A 259 54.51 -24.91 -25.84
N SER A 260 55.77 -25.13 -26.18
CA SER A 260 56.09 -26.21 -27.10
C SER A 260 56.02 -27.57 -26.44
N THR A 261 55.97 -27.61 -25.10
CA THR A 261 56.28 -28.85 -24.40
C THR A 261 55.05 -29.58 -23.89
N CYS A 262 53.84 -29.08 -24.21
CA CYS A 262 52.64 -29.77 -23.74
C CYS A 262 52.43 -31.07 -24.51
N ARG A 263 51.86 -32.07 -23.83
CA ARG A 263 51.49 -33.33 -24.45
C ARG A 263 50.15 -33.78 -23.93
N MET A 264 49.50 -34.67 -24.68
CA MET A 264 48.12 -35.00 -24.38
C MET A 264 48.00 -36.06 -23.28
N VAL A 265 48.49 -37.28 -23.53
CA VAL A 265 48.22 -38.40 -22.64
C VAL A 265 49.50 -39.11 -22.27
N THR A 266 49.41 -39.97 -21.26
CA THR A 266 50.55 -40.70 -20.74
C THR A 266 50.97 -41.81 -21.68
N SER A 267 52.18 -42.31 -21.43
CA SER A 267 52.59 -43.59 -22.00
C SER A 267 51.78 -44.71 -21.37
N GLU A 268 51.77 -45.87 -22.05
CA GLU A 268 50.82 -46.91 -21.69
C GLU A 268 51.25 -47.66 -20.43
N SER A 269 52.55 -47.79 -20.21
CA SER A 269 53.00 -48.47 -19.00
C SER A 269 53.06 -47.53 -17.80
N LYS A 270 52.81 -46.24 -18.02
CA LYS A 270 53.00 -45.25 -16.95
C LYS A 270 51.67 -44.88 -16.30
N ASN A 271 51.78 -44.11 -15.22
CA ASN A 271 50.71 -43.95 -14.25
C ASN A 271 51.07 -42.81 -13.32
N VAL A 272 50.06 -42.10 -12.82
CA VAL A 272 50.24 -40.95 -11.94
C VAL A 272 49.35 -41.11 -10.72
N LYS A 273 49.97 -41.12 -9.54
CA LYS A 273 49.27 -41.15 -8.26
C LYS A 273 49.48 -39.83 -7.56
N LEU A 274 48.38 -39.22 -7.09
CA LEU A 274 48.49 -38.07 -6.20
C LEU A 274 47.74 -38.37 -4.91
N THR A 275 48.27 -37.82 -3.82
CA THR A 275 47.69 -37.92 -2.49
C THR A 275 47.42 -36.52 -1.99
N VAL A 276 46.23 -36.32 -1.42
CA VAL A 276 45.76 -35.03 -0.95
C VAL A 276 45.26 -35.18 0.47
N SER A 277 45.84 -34.43 1.40
CA SER A 277 45.46 -34.47 2.80
C SER A 277 45.23 -33.06 3.30
N ASN A 278 43.97 -32.68 3.45
CA ASN A 278 43.60 -31.38 3.99
C ASN A 278 42.51 -31.56 5.03
N VAL A 279 42.62 -30.83 6.14
CA VAL A 279 41.71 -30.99 7.26
C VAL A 279 40.89 -29.72 7.42
N LEU A 280 39.68 -29.86 7.96
CA LEU A 280 38.85 -28.71 8.23
C LEU A 280 39.31 -28.02 9.50
N LYS A 281 39.13 -26.71 9.55
CA LYS A 281 39.36 -25.93 10.75
C LYS A 281 38.18 -24.98 10.89
N GLU A 282 37.87 -24.61 12.12
CA GLU A 282 36.80 -23.68 12.42
C GLU A 282 37.41 -22.38 12.92
N ILE A 283 37.23 -21.29 12.18
CA ILE A 283 37.90 -20.03 12.45
C ILE A 283 36.89 -18.93 12.73
N LYS A 284 37.40 -17.81 13.22
CA LYS A 284 36.57 -16.65 13.52
C LYS A 284 36.70 -15.59 12.44
N ILE A 285 35.57 -15.06 12.01
CA ILE A 285 35.47 -14.12 10.90
C ILE A 285 35.00 -12.79 11.45
N LEU A 286 35.62 -11.72 11.01
CA LEU A 286 35.22 -10.37 11.36
C LEU A 286 34.73 -9.63 10.14
N ASN A 287 33.76 -8.75 10.33
CA ASN A 287 33.39 -7.72 9.37
C ASN A 287 33.33 -6.41 10.13
N ILE A 288 33.89 -5.36 9.54
CA ILE A 288 34.04 -4.07 10.18
C ILE A 288 33.34 -3.03 9.35
N PHE A 289 32.43 -2.29 9.98
CA PHE A 289 31.51 -1.42 9.28
C PHE A 289 31.56 -0.02 9.85
N GLY A 290 31.15 0.92 9.01
CA GLY A 290 30.87 2.27 9.47
C GLY A 290 29.80 2.87 8.59
N VAL A 291 29.17 3.93 9.07
CA VAL A 291 28.07 4.51 8.31
C VAL A 291 28.21 6.02 8.33
N ILE A 292 27.61 6.68 7.34
CA ILE A 292 27.34 8.10 7.37
C ILE A 292 25.85 8.28 7.22
N LYS A 293 25.24 8.97 8.18
CA LYS A 293 23.81 9.15 8.21
C LYS A 293 23.33 10.05 7.08
N GLY A 294 22.06 9.90 6.73
CA GLY A 294 21.48 10.72 5.70
C GLY A 294 20.51 11.72 6.29
N PHE A 295 20.15 12.76 5.56
CA PHE A 295 19.40 13.85 6.17
C PHE A 295 17.94 13.82 5.75
N VAL A 296 17.69 13.47 4.48
CA VAL A 296 16.30 13.31 4.05
C VAL A 296 15.79 11.92 4.39
N GLU A 297 16.39 10.89 3.81
CA GLU A 297 15.97 9.53 4.08
C GLU A 297 17.15 8.77 4.67
N PRO A 298 17.18 8.54 5.98
CA PRO A 298 18.34 7.87 6.56
C PRO A 298 18.34 6.37 6.36
N ASP A 299 17.16 5.75 6.20
CA ASP A 299 17.12 4.31 6.22
C ASP A 299 17.44 3.70 4.87
N HIS A 300 17.47 4.50 3.82
CA HIS A 300 17.94 4.00 2.53
C HIS A 300 19.43 4.25 2.40
N TYR A 301 20.19 3.22 2.02
CA TYR A 301 21.64 3.39 2.03
C TYR A 301 22.29 2.68 0.86
N VAL A 302 23.53 3.09 0.57
CA VAL A 302 24.34 2.52 -0.49
C VAL A 302 25.61 1.95 0.15
N VAL A 303 25.95 0.70 -0.21
CA VAL A 303 27.02 -0.05 0.44
C VAL A 303 28.28 0.05 -0.41
N VAL A 304 29.43 0.25 0.23
CA VAL A 304 30.73 0.24 -0.45
C VAL A 304 31.64 -0.75 0.27
N GLY A 305 32.18 -1.73 -0.45
CA GLY A 305 32.89 -2.81 0.20
C GLY A 305 34.32 -2.98 -0.25
N ALA A 306 34.99 -3.97 0.35
CA ALA A 306 36.39 -4.31 0.10
C ALA A 306 36.74 -5.62 0.77
N GLN A 307 37.75 -6.31 0.23
CA GLN A 307 38.20 -7.58 0.81
C GLN A 307 39.47 -7.38 1.62
N ARG A 308 39.52 -7.94 2.84
CA ARG A 308 40.59 -7.62 3.77
C ARG A 308 41.69 -8.68 3.85
N ASP A 309 41.45 -9.92 3.44
CA ASP A 309 42.50 -10.92 3.59
C ASP A 309 42.73 -11.69 2.30
N ALA A 310 43.95 -12.18 2.14
CA ALA A 310 44.38 -12.91 0.96
C ALA A 310 45.59 -13.77 1.30
N TRP A 311 45.73 -14.89 0.59
CA TRP A 311 46.54 -16.00 1.08
C TRP A 311 48.03 -15.69 1.10
N GLY A 312 48.52 -14.99 0.09
CA GLY A 312 49.90 -14.58 0.09
C GLY A 312 50.13 -13.35 0.93
N PRO A 313 51.08 -12.51 0.54
CA PRO A 313 51.15 -11.18 1.15
C PRO A 313 49.95 -10.32 0.80
N GLY A 314 49.45 -10.45 -0.43
CA GLY A 314 48.21 -9.78 -0.78
C GLY A 314 48.35 -8.28 -0.95
N ALA A 315 49.11 -7.85 -1.94
CA ALA A 315 49.26 -6.41 -2.17
C ALA A 315 48.37 -5.95 -3.31
N ALA A 316 48.05 -6.84 -4.24
CA ALA A 316 47.21 -6.47 -5.36
C ALA A 316 45.76 -6.86 -5.12
N LYS A 317 45.54 -7.73 -4.15
CA LYS A 317 44.24 -8.38 -4.01
C LYS A 317 43.47 -7.80 -2.83
N SER A 318 44.17 -7.36 -1.80
CA SER A 318 43.51 -6.82 -0.62
C SER A 318 44.04 -5.47 -0.16
N GLY A 319 45.30 -5.15 -0.45
CA GLY A 319 45.84 -3.88 0.01
C GLY A 319 45.27 -2.70 -0.74
N VAL A 320 45.08 -2.85 -2.05
CA VAL A 320 44.60 -1.73 -2.85
C VAL A 320 43.12 -1.46 -2.57
N GLY A 321 42.33 -2.52 -2.38
CA GLY A 321 40.92 -2.34 -2.07
C GLY A 321 40.68 -1.72 -0.71
N THR A 322 41.41 -2.19 0.31
CA THR A 322 41.27 -1.62 1.65
C THR A 322 41.82 -0.20 1.70
N ALA A 323 42.90 0.07 0.96
CA ALA A 323 43.44 1.43 0.93
C ALA A 323 42.48 2.40 0.28
N LEU A 324 41.83 1.98 -0.81
CA LEU A 324 40.83 2.83 -1.44
C LEU A 324 39.61 3.02 -0.54
N LEU A 325 39.28 1.99 0.24
CA LEU A 325 38.13 2.10 1.14
C LEU A 325 38.39 3.10 2.26
N LEU A 326 39.55 2.98 2.92
CA LEU A 326 39.90 3.90 3.99
C LEU A 326 39.99 5.34 3.48
N LYS A 327 40.51 5.54 2.26
CA LYS A 327 40.61 6.90 1.78
C LYS A 327 39.25 7.46 1.36
N LEU A 328 38.33 6.61 0.91
CA LEU A 328 36.98 7.13 0.66
C LEU A 328 36.27 7.46 1.95
N ALA A 329 36.58 6.75 3.03
CA ALA A 329 36.00 7.12 4.32
C ALA A 329 36.53 8.47 4.77
N GLN A 330 37.82 8.73 4.53
CA GLN A 330 38.41 10.01 4.90
C GLN A 330 37.80 11.15 4.11
N MET A 331 37.64 10.97 2.80
CA MET A 331 37.14 12.06 1.96
C MET A 331 35.67 12.32 2.21
N PHE A 332 34.87 11.27 2.38
CA PHE A 332 33.44 11.55 2.54
C PHE A 332 33.11 12.02 3.94
N SER A 333 33.79 11.52 4.97
CA SER A 333 33.49 12.01 6.30
C SER A 333 34.05 13.40 6.50
N ASP A 334 35.20 13.67 5.89
CA ASP A 334 35.77 15.01 5.89
C ASP A 334 34.88 15.98 5.12
N MET A 335 34.29 15.52 4.03
CA MET A 335 33.53 16.41 3.17
C MET A 335 32.12 16.63 3.72
N VAL A 336 31.61 15.71 4.54
CA VAL A 336 30.35 15.96 5.22
C VAL A 336 30.57 16.87 6.42
N LEU A 337 31.65 16.63 7.19
CA LEU A 337 31.84 17.42 8.42
C LEU A 337 32.32 18.83 8.11
N LYS A 338 33.50 18.99 7.52
CA LYS A 338 34.04 20.33 7.34
C LYS A 338 33.36 21.10 6.23
N ASP A 339 33.19 20.50 5.06
CA ASP A 339 32.93 21.28 3.86
C ASP A 339 31.49 21.78 3.79
N GLY A 340 30.52 20.96 4.16
CA GLY A 340 29.14 21.34 4.08
C GLY A 340 28.29 20.53 3.14
N PHE A 341 28.77 19.39 2.68
CA PHE A 341 27.97 18.46 1.89
C PHE A 341 26.85 17.88 2.74
N GLN A 342 25.70 17.65 2.10
CA GLN A 342 24.56 17.06 2.79
C GLN A 342 23.98 15.90 1.99
N PRO A 343 24.41 14.66 2.25
CA PRO A 343 23.87 13.53 1.50
C PRO A 343 22.46 13.18 1.94
N SER A 344 21.59 12.84 0.99
CA SER A 344 20.20 12.57 1.36
C SER A 344 19.99 11.13 1.79
N ARG A 345 21.00 10.27 1.60
CA ARG A 345 20.88 8.86 1.97
C ARG A 345 22.15 8.38 2.66
N SER A 346 22.02 7.32 3.46
CA SER A 346 23.12 6.86 4.28
C SER A 346 24.14 6.13 3.41
N ILE A 347 25.34 5.91 3.94
CA ILE A 347 26.41 5.25 3.21
C ILE A 347 27.11 4.27 4.15
N ILE A 348 27.21 3.00 3.76
CA ILE A 348 27.80 1.98 4.63
C ILE A 348 29.13 1.53 4.05
N PHE A 349 30.20 1.69 4.83
CA PHE A 349 31.52 1.21 4.46
C PHE A 349 31.71 -0.14 5.14
N ALA A 350 32.30 -1.09 4.42
CA ALA A 350 32.37 -2.47 4.86
C ALA A 350 33.74 -3.06 4.55
N SER A 351 34.28 -3.84 5.48
CA SER A 351 35.50 -4.60 5.22
C SER A 351 35.26 -6.06 5.48
N TRP A 352 35.09 -6.84 4.42
CA TRP A 352 34.79 -8.25 4.52
C TRP A 352 36.07 -9.02 4.77
N SER A 353 35.99 -10.08 5.59
CA SER A 353 37.12 -10.98 5.73
C SER A 353 36.73 -12.36 5.26
N ALA A 354 37.74 -13.20 5.09
CA ALA A 354 37.69 -14.41 4.25
C ALA A 354 37.03 -14.09 2.92
N GLY A 355 37.59 -13.13 2.20
CA GLY A 355 37.10 -12.83 0.88
C GLY A 355 37.65 -13.76 -0.17
N ASP A 356 38.39 -14.78 0.25
CA ASP A 356 39.20 -15.54 -0.69
C ASP A 356 38.71 -16.98 -0.79
N PHE A 357 37.94 -17.45 0.20
CA PHE A 357 37.31 -18.76 0.14
C PHE A 357 35.90 -18.63 -0.43
N GLY A 358 35.81 -17.90 -1.54
CA GLY A 358 34.51 -17.62 -2.14
C GLY A 358 33.78 -16.44 -1.53
N SER A 359 34.50 -15.61 -0.77
CA SER A 359 33.96 -14.41 -0.09
C SER A 359 32.83 -14.75 0.87
N VAL A 360 33.18 -15.43 1.97
CA VAL A 360 32.15 -15.93 2.87
C VAL A 360 31.66 -14.82 3.81
N GLY A 361 32.43 -13.73 3.93
CA GLY A 361 32.02 -12.67 4.82
C GLY A 361 30.78 -11.95 4.34
N ALA A 362 30.74 -11.64 3.06
CA ALA A 362 29.60 -10.96 2.48
C ALA A 362 28.37 -11.84 2.45
N THR A 363 28.53 -13.11 2.07
CA THR A 363 27.39 -13.98 1.89
C THR A 363 26.76 -14.36 3.23
N GLU A 364 27.58 -14.56 4.26
CA GLU A 364 27.02 -14.78 5.58
C GLU A 364 26.45 -13.50 6.16
N TRP A 365 26.91 -12.34 5.65
CA TRP A 365 26.33 -11.09 6.12
C TRP A 365 24.95 -10.85 5.52
N LEU A 366 24.77 -11.15 4.23
CA LEU A 366 23.44 -11.05 3.63
C LEU A 366 22.49 -12.04 4.25
N GLU A 367 22.90 -13.31 4.35
CA GLU A 367 21.97 -14.32 4.85
C GLU A 367 21.71 -14.15 6.32
N GLY A 368 22.57 -13.40 7.03
CA GLY A 368 22.21 -12.97 8.37
C GLY A 368 21.15 -11.89 8.36
N TYR A 369 21.36 -10.82 7.62
CA TYR A 369 20.52 -9.63 7.71
C TYR A 369 19.72 -9.39 6.43
N LEU A 370 19.09 -10.42 5.88
CA LEU A 370 18.32 -10.24 4.65
C LEU A 370 17.00 -9.55 4.92
N SER A 371 16.46 -9.72 6.13
CA SER A 371 15.20 -9.07 6.47
C SER A 371 15.39 -7.57 6.63
N SER A 372 16.50 -7.15 7.21
CA SER A 372 16.70 -5.72 7.44
C SER A 372 17.13 -5.00 6.17
N LEU A 373 17.60 -5.74 5.17
CA LEU A 373 18.05 -5.18 3.90
C LEU A 373 16.98 -5.24 2.82
N HIS A 374 15.78 -5.67 3.15
CA HIS A 374 14.71 -5.83 2.16
C HIS A 374 14.21 -4.45 1.77
N LEU A 375 14.42 -4.09 0.51
CA LEU A 375 14.12 -2.80 -0.13
C LEU A 375 14.87 -1.62 0.47
N LYS A 376 15.79 -1.82 1.41
CA LYS A 376 16.53 -0.70 1.96
C LYS A 376 17.78 -0.38 1.17
N ALA A 377 18.72 -1.32 1.05
CA ALA A 377 19.93 -1.13 0.27
C ALA A 377 19.54 -1.10 -1.19
N PHE A 378 20.23 -0.30 -1.99
CA PHE A 378 19.88 -0.25 -3.40
C PHE A 378 21.07 -0.15 -4.34
N THR A 379 22.30 -0.26 -3.84
CA THR A 379 23.51 -0.30 -4.67
C THR A 379 24.67 -0.81 -3.84
N TYR A 380 25.46 -1.69 -4.42
CA TYR A 380 26.79 -2.01 -3.93
C TYR A 380 27.82 -1.48 -4.91
N ILE A 381 28.98 -1.10 -4.41
CA ILE A 381 30.11 -0.73 -5.25
C ILE A 381 31.28 -1.57 -4.79
N ASN A 382 31.96 -2.23 -5.70
CA ASN A 382 33.00 -3.18 -5.33
C ASN A 382 34.35 -2.58 -5.66
N LEU A 383 35.07 -2.16 -4.63
CA LEU A 383 36.40 -1.58 -4.76
C LEU A 383 37.49 -2.64 -4.78
N ASP A 384 37.18 -3.87 -5.11
CA ASP A 384 38.18 -4.93 -5.04
C ASP A 384 38.85 -5.11 -6.39
N LYS A 385 40.17 -5.31 -6.35
CA LYS A 385 41.02 -5.48 -7.54
C LYS A 385 40.85 -4.35 -8.53
N ALA A 386 40.72 -3.13 -8.03
CA ALA A 386 40.48 -1.99 -8.90
C ALA A 386 41.67 -1.70 -9.79
N VAL A 387 42.87 -1.85 -9.26
CA VAL A 387 44.09 -1.51 -9.98
C VAL A 387 44.84 -2.78 -10.30
N LEU A 388 44.90 -3.14 -11.57
CA LEU A 388 45.64 -4.29 -12.05
C LEU A 388 46.59 -3.95 -13.18
N GLY A 389 46.34 -2.86 -13.89
CA GLY A 389 47.21 -2.42 -14.95
C GLY A 389 46.86 -1.00 -15.31
N THR A 390 47.28 -0.58 -16.49
CA THR A 390 47.05 0.79 -16.89
C THR A 390 46.59 0.95 -18.34
N SER A 391 46.11 -0.11 -18.99
CA SER A 391 45.80 0.00 -20.42
C SER A 391 44.32 0.22 -20.67
N ASN A 392 43.45 -0.56 -20.03
CA ASN A 392 42.03 -0.44 -20.33
C ASN A 392 41.24 -0.01 -19.11
N PHE A 393 39.92 -0.03 -19.27
CA PHE A 393 38.96 0.21 -18.20
C PHE A 393 37.81 -0.76 -18.42
N LYS A 394 37.63 -1.71 -17.51
CA LYS A 394 36.66 -2.77 -17.73
C LYS A 394 35.67 -2.78 -16.58
N VAL A 395 34.40 -2.55 -16.91
CA VAL A 395 33.34 -2.41 -15.94
C VAL A 395 32.43 -3.63 -16.07
N SER A 396 31.70 -3.97 -15.02
CA SER A 396 30.73 -5.05 -15.04
C SER A 396 29.65 -4.73 -14.02
N ALA A 397 28.42 -4.58 -14.48
CA ALA A 397 27.41 -4.04 -13.59
C ALA A 397 26.04 -4.55 -13.97
N SER A 398 25.12 -4.42 -13.03
CA SER A 398 23.71 -4.62 -13.31
C SER A 398 23.24 -3.45 -14.14
N PRO A 399 22.30 -3.67 -15.07
CA PRO A 399 22.09 -2.65 -16.12
C PRO A 399 21.36 -1.40 -15.67
N LEU A 400 20.92 -1.28 -14.43
CA LEU A 400 20.36 -0.01 -14.02
C LEU A 400 21.45 1.02 -13.79
N LEU A 401 22.69 0.59 -13.69
CA LEU A 401 23.76 1.56 -13.48
C LEU A 401 24.39 2.04 -14.78
N TYR A 402 24.00 1.48 -15.94
CA TYR A 402 24.72 1.71 -17.20
C TYR A 402 24.73 3.18 -17.60
N THR A 403 23.56 3.82 -17.58
CA THR A 403 23.49 5.26 -17.88
C THR A 403 24.35 6.06 -16.93
N LEU A 404 24.32 5.70 -15.65
CA LEU A 404 25.19 6.29 -14.65
C LEU A 404 26.65 6.18 -15.05
N ILE A 405 27.07 4.98 -15.47
CA ILE A 405 28.47 4.77 -15.81
C ILE A 405 28.82 5.57 -17.06
N GLU A 406 27.85 5.73 -17.97
CA GLU A 406 27.96 6.64 -19.12
C GLU A 406 28.43 8.00 -18.70
N LYS A 407 27.71 8.62 -17.77
CA LYS A 407 28.04 9.99 -17.39
C LYS A 407 29.34 10.02 -16.61
N THR A 408 29.63 8.96 -15.86
CA THR A 408 30.86 8.94 -15.10
C THR A 408 32.05 8.75 -16.03
N MET A 409 31.85 8.01 -17.12
CA MET A 409 32.95 7.84 -18.06
C MET A 409 33.16 9.10 -18.89
N GLN A 410 32.24 10.07 -18.80
CA GLN A 410 32.49 11.33 -19.49
C GLN A 410 33.14 12.35 -18.57
N ASN A 411 33.42 11.97 -17.32
CA ASN A 411 33.92 12.97 -16.39
C ASN A 411 35.19 12.52 -15.67
N VAL A 412 35.76 11.39 -16.06
CA VAL A 412 36.99 10.91 -15.46
C VAL A 412 38.06 10.83 -16.53
N LYS A 413 39.14 11.59 -16.33
CA LYS A 413 40.26 11.53 -17.25
C LYS A 413 41.11 10.30 -16.98
N HIS A 414 41.60 9.69 -18.06
CA HIS A 414 42.51 8.56 -17.95
C HIS A 414 43.82 9.03 -17.33
N PRO A 415 44.44 8.24 -16.45
CA PRO A 415 45.64 8.72 -15.77
C PRO A 415 46.88 8.82 -16.64
N VAL A 416 46.94 8.11 -17.77
CA VAL A 416 48.12 8.22 -18.62
C VAL A 416 47.91 9.29 -19.70
N THR A 417 46.88 9.14 -20.52
CA THR A 417 46.56 10.11 -21.54
C THR A 417 45.41 10.99 -21.06
N GLY A 418 45.45 12.27 -21.41
CA GLY A 418 44.59 13.24 -20.76
C GLY A 418 43.13 13.20 -21.21
N GLN A 419 42.80 12.29 -22.11
CA GLN A 419 41.46 12.22 -22.65
C GLN A 419 40.54 11.42 -21.74
N PHE A 420 39.24 11.49 -22.03
CA PHE A 420 38.24 10.90 -21.15
C PHE A 420 38.19 9.38 -21.32
N LEU A 421 37.40 8.72 -20.47
CA LEU A 421 37.34 7.26 -20.54
C LEU A 421 36.24 6.79 -21.47
N TYR A 422 35.26 7.64 -21.76
CA TYR A 422 34.21 7.30 -22.72
C TYR A 422 34.69 7.56 -24.14
N GLN A 423 35.41 6.58 -24.67
CA GLN A 423 36.01 6.73 -25.99
C GLN A 423 35.22 5.94 -27.03
N ASP A 424 34.78 4.74 -26.66
CA ASP A 424 33.96 3.93 -27.55
C ASP A 424 32.49 4.20 -27.25
N SER A 425 31.74 4.63 -28.26
CA SER A 425 30.37 5.05 -28.02
C SER A 425 29.43 3.86 -27.87
N ASN A 426 29.90 2.67 -28.22
CA ASN A 426 29.11 1.46 -28.11
C ASN A 426 29.85 0.51 -27.19
N TRP A 427 29.58 0.60 -25.90
CA TRP A 427 30.22 -0.29 -24.93
C TRP A 427 29.25 -1.14 -24.16
N ALA A 428 27.94 -0.96 -24.32
CA ALA A 428 26.99 -1.71 -23.51
C ALA A 428 26.86 -3.14 -23.98
N SER A 429 27.33 -3.45 -25.19
CA SER A 429 27.25 -4.81 -25.67
C SER A 429 28.55 -5.57 -25.40
N LYS A 430 29.65 -4.84 -25.18
CA LYS A 430 30.92 -5.50 -24.88
C LYS A 430 30.95 -6.01 -23.45
N VAL A 431 30.03 -5.55 -22.61
CA VAL A 431 30.12 -5.82 -21.17
C VAL A 431 29.73 -7.26 -20.88
N GLU A 432 30.58 -7.95 -20.12
CA GLU A 432 30.37 -9.33 -19.71
C GLU A 432 29.65 -9.35 -18.37
N LYS A 433 28.97 -10.45 -18.07
CA LYS A 433 28.24 -10.52 -16.83
C LYS A 433 29.19 -10.79 -15.66
N LEU A 434 28.64 -10.70 -14.45
CA LEU A 434 29.46 -10.79 -13.25
C LEU A 434 29.89 -12.24 -12.98
N THR A 435 31.19 -12.45 -12.87
CA THR A 435 31.74 -13.78 -12.66
C THR A 435 31.53 -14.17 -11.19
N LEU A 436 31.56 -15.48 -10.91
CA LEU A 436 31.10 -15.98 -9.62
C LEU A 436 32.12 -15.69 -8.52
N ASP A 437 33.37 -15.46 -8.87
CA ASP A 437 34.37 -15.19 -7.85
C ASP A 437 34.38 -13.73 -7.42
N ASN A 438 33.58 -12.91 -8.09
CA ASN A 438 33.53 -11.50 -7.77
C ASN A 438 32.57 -11.28 -6.59
N ALA A 439 32.92 -10.33 -5.74
CA ALA A 439 32.20 -10.21 -4.47
C ALA A 439 30.85 -9.52 -4.64
N ALA A 440 30.59 -8.94 -5.82
CA ALA A 440 29.30 -8.28 -6.05
C ALA A 440 28.26 -9.27 -6.54
N PHE A 441 28.69 -10.45 -6.98
CA PHE A 441 27.76 -11.43 -7.53
C PHE A 441 26.81 -12.05 -6.52
N PRO A 442 27.18 -12.30 -5.24
CA PRO A 442 26.11 -12.66 -4.29
C PRO A 442 25.12 -11.55 -4.05
N PHE A 443 25.51 -10.28 -4.18
CA PHE A 443 24.56 -9.20 -3.94
C PHE A 443 23.56 -9.12 -5.08
N LEU A 444 24.05 -8.99 -6.31
CA LEU A 444 23.14 -8.88 -7.44
C LEU A 444 22.37 -10.17 -7.70
N ALA A 445 23.05 -11.30 -7.74
CA ALA A 445 22.38 -12.54 -8.09
C ALA A 445 21.56 -13.08 -6.93
N TYR A 446 22.00 -12.87 -5.70
CA TYR A 446 21.30 -13.47 -4.58
C TYR A 446 20.25 -12.56 -3.98
N SER A 447 20.54 -11.27 -3.85
CA SER A 447 19.66 -10.38 -3.08
C SER A 447 18.82 -9.46 -3.94
N GLY A 448 19.08 -9.37 -5.23
CA GLY A 448 18.37 -8.43 -6.06
C GLY A 448 18.74 -6.99 -5.82
N ILE A 449 19.99 -6.72 -5.49
CA ILE A 449 20.47 -5.35 -5.32
C ILE A 449 21.37 -4.99 -6.49
N PRO A 450 21.22 -3.82 -7.11
CA PRO A 450 22.13 -3.46 -8.21
C PRO A 450 23.58 -3.35 -7.74
N ALA A 451 24.50 -3.85 -8.57
CA ALA A 451 25.89 -3.90 -8.18
C ALA A 451 26.76 -3.40 -9.32
N VAL A 452 28.04 -3.18 -9.02
CA VAL A 452 29.01 -2.72 -10.01
C VAL A 452 30.39 -3.12 -9.52
N SER A 453 31.22 -3.58 -10.43
CA SER A 453 32.64 -3.72 -10.19
C SER A 453 33.37 -3.15 -11.38
N PHE A 454 34.65 -2.84 -11.20
CA PHE A 454 35.41 -2.17 -12.25
C PHE A 454 36.89 -2.36 -12.00
N CYS A 455 37.65 -2.55 -13.06
CA CYS A 455 39.09 -2.74 -12.95
C CYS A 455 39.76 -1.90 -14.01
N PHE A 456 40.99 -1.50 -13.74
CA PHE A 456 41.88 -1.03 -14.81
C PHE A 456 42.71 -2.21 -15.23
N CYS A 457 42.10 -3.12 -15.98
CA CYS A 457 42.72 -4.37 -16.37
C CYS A 457 43.58 -4.18 -17.61
N GLU A 458 44.74 -4.83 -17.61
CA GLU A 458 45.62 -4.93 -18.77
C GLU A 458 45.01 -5.93 -19.77
N ASP A 459 45.58 -5.99 -20.98
CA ASP A 459 45.12 -6.94 -21.99
C ASP A 459 45.27 -8.39 -21.52
N THR A 460 46.43 -8.72 -20.96
CA THR A 460 46.61 -9.98 -20.25
C THR A 460 46.42 -9.72 -18.77
N ASP A 461 45.91 -10.72 -18.05
CA ASP A 461 45.58 -10.54 -16.66
C ASP A 461 46.83 -10.49 -15.79
N TYR A 462 46.65 -10.03 -14.55
CA TYR A 462 47.77 -9.87 -13.64
C TYR A 462 48.30 -11.26 -13.28
N PRO A 463 49.58 -11.54 -13.56
CA PRO A 463 50.05 -12.94 -13.59
C PRO A 463 50.07 -13.62 -12.24
N TYR A 464 50.73 -13.04 -11.25
CA TYR A 464 50.85 -13.66 -9.95
C TYR A 464 49.86 -13.01 -9.00
N LEU A 465 48.62 -13.48 -9.09
CA LEU A 465 47.53 -12.89 -8.33
C LEU A 465 47.36 -13.60 -7.00
N GLY A 466 47.20 -14.92 -7.01
CA GLY A 466 46.95 -15.63 -5.78
C GLY A 466 48.14 -16.44 -5.33
N THR A 467 49.33 -15.98 -5.68
CA THR A 467 50.54 -16.71 -5.36
C THR A 467 51.21 -16.10 -4.16
N THR A 468 52.42 -16.58 -3.87
CA THR A 468 53.19 -16.01 -2.78
C THR A 468 54.08 -14.89 -3.29
N MET A 469 54.02 -14.60 -4.58
CA MET A 469 54.89 -13.60 -5.18
C MET A 469 54.24 -12.22 -5.13
N ASP A 470 52.95 -12.17 -4.80
CA ASP A 470 52.21 -10.91 -4.80
C ASP A 470 52.66 -10.02 -3.65
N THR A 471 53.62 -9.15 -3.92
CA THR A 471 54.10 -8.23 -2.90
C THR A 471 54.08 -6.85 -3.50
N TYR A 472 54.47 -5.86 -2.68
CA TYR A 472 54.32 -4.47 -3.10
C TYR A 472 55.28 -4.10 -4.21
N LYS A 473 56.58 -4.39 -4.05
CA LYS A 473 57.57 -3.82 -4.96
C LYS A 473 57.46 -4.45 -6.35
N GLU A 474 56.91 -5.67 -6.42
CA GLU A 474 56.54 -6.21 -7.71
C GLU A 474 55.38 -5.44 -8.32
N LEU A 475 54.46 -4.95 -7.48
CA LEU A 475 53.32 -4.20 -8.00
C LEU A 475 53.72 -2.80 -8.45
N ILE A 476 54.70 -2.20 -7.79
CA ILE A 476 55.15 -0.88 -8.25
C ILE A 476 56.08 -1.03 -9.45
N GLU A 477 56.70 -2.19 -9.62
CA GLU A 477 57.48 -2.39 -10.83
C GLU A 477 56.59 -2.72 -12.02
N ARG A 478 55.47 -3.39 -11.79
CA ARG A 478 54.57 -3.68 -12.90
C ARG A 478 53.79 -2.45 -13.32
N ILE A 479 53.20 -1.75 -12.36
CA ILE A 479 52.47 -0.51 -12.59
C ILE A 479 53.36 0.63 -12.10
N PRO A 480 53.96 1.42 -12.99
CA PRO A 480 54.99 2.36 -12.55
C PRO A 480 54.45 3.55 -11.78
N GLU A 481 53.23 3.97 -12.08
CA GLU A 481 52.58 5.08 -11.39
C GLU A 481 51.29 4.54 -10.75
N LEU A 482 51.45 4.03 -9.53
CA LEU A 482 50.33 3.42 -8.84
C LEU A 482 49.41 4.49 -8.29
N ASN A 483 49.96 5.68 -8.04
CA ASN A 483 49.23 6.71 -7.32
C ASN A 483 48.17 7.36 -8.20
N LYS A 484 48.50 7.64 -9.45
CA LYS A 484 47.53 8.28 -10.33
C LYS A 484 46.43 7.32 -10.75
N VAL A 485 46.76 6.03 -10.87
CA VAL A 485 45.76 5.04 -11.25
C VAL A 485 44.80 4.77 -10.11
N ALA A 486 45.34 4.62 -8.90
CA ALA A 486 44.48 4.49 -7.73
C ALA A 486 43.66 5.77 -7.50
N ARG A 487 44.21 6.92 -7.91
CA ARG A 487 43.46 8.17 -7.81
C ARG A 487 42.30 8.17 -8.80
N ALA A 488 42.50 7.58 -9.99
CA ALA A 488 41.41 7.55 -10.96
C ALA A 488 40.30 6.60 -10.51
N ALA A 489 40.66 5.46 -9.93
CA ALA A 489 39.62 4.54 -9.45
C ALA A 489 38.88 5.13 -8.25
N ALA A 490 39.59 5.85 -7.38
CA ALA A 490 38.92 6.51 -6.28
C ALA A 490 38.03 7.64 -6.76
N GLU A 491 38.41 8.28 -7.88
CA GLU A 491 37.54 9.31 -8.43
C GLU A 491 36.28 8.72 -9.01
N VAL A 492 36.37 7.56 -9.67
CA VAL A 492 35.18 6.93 -10.25
C VAL A 492 34.21 6.50 -9.14
N ALA A 493 34.76 5.98 -8.03
CA ALA A 493 33.89 5.57 -6.92
C ALA A 493 33.26 6.77 -6.24
N GLY A 494 34.01 7.86 -6.10
CA GLY A 494 33.44 9.09 -5.54
C GLY A 494 32.35 9.68 -6.42
N GLN A 495 32.54 9.61 -7.74
CA GLN A 495 31.49 10.06 -8.67
C GLN A 495 30.22 9.24 -8.50
N PHE A 496 30.34 7.92 -8.33
CA PHE A 496 29.14 7.10 -8.15
C PHE A 496 28.41 7.45 -6.87
N VAL A 497 29.15 7.55 -5.76
CA VAL A 497 28.53 7.75 -4.45
C VAL A 497 27.83 9.11 -4.37
N ILE A 498 28.44 10.13 -4.96
CA ILE A 498 27.78 11.44 -4.94
C ILE A 498 26.56 11.45 -5.87
N LYS A 499 26.68 10.82 -7.06
CA LYS A 499 25.56 10.83 -8.01
C LYS A 499 24.34 10.11 -7.48
N LEU A 500 24.53 9.10 -6.63
CA LEU A 500 23.36 8.45 -6.06
C LEU A 500 22.83 9.20 -4.83
N THR A 501 23.73 9.75 -4.01
CA THR A 501 23.24 10.33 -2.76
C THR A 501 23.42 11.85 -2.66
N HIS A 502 23.12 12.62 -3.70
CA HIS A 502 23.00 14.06 -3.45
C HIS A 502 21.60 14.58 -3.75
N ASP A 503 20.88 13.94 -4.69
CA ASP A 503 19.72 14.57 -5.31
C ASP A 503 18.44 13.84 -4.92
N VAL A 504 17.30 14.49 -5.22
CA VAL A 504 15.98 13.93 -4.90
C VAL A 504 15.63 12.78 -5.83
N GLU A 505 16.32 12.67 -6.94
CA GLU A 505 16.04 11.63 -7.92
C GLU A 505 17.13 10.58 -7.90
N LEU A 506 16.73 9.31 -7.84
CA LEU A 506 17.68 8.21 -7.97
C LEU A 506 18.20 8.16 -9.40
N ASN A 507 19.48 7.87 -9.55
CA ASN A 507 20.02 7.76 -10.89
C ASN A 507 20.01 6.34 -11.43
N LEU A 508 19.19 5.45 -10.86
CA LEU A 508 19.06 4.11 -11.41
C LEU A 508 18.17 4.15 -12.65
N ASP A 509 18.78 4.00 -13.81
CA ASP A 509 18.06 4.08 -15.08
C ASP A 509 17.39 2.75 -15.34
N TYR A 510 16.06 2.75 -15.37
CA TYR A 510 15.32 1.50 -15.48
C TYR A 510 15.01 1.13 -16.92
N GLU A 511 15.25 2.01 -17.90
CA GLU A 511 14.87 1.66 -19.27
C GLU A 511 15.90 0.74 -19.91
N ARG A 512 17.03 0.53 -19.25
CA ARG A 512 18.08 -0.27 -19.86
C ARG A 512 17.73 -1.75 -19.88
N TYR A 513 16.74 -2.17 -19.09
CA TYR A 513 16.34 -3.58 -19.15
C TYR A 513 15.61 -3.95 -20.42
N ASN A 514 15.14 -2.95 -21.15
CA ASN A 514 14.35 -3.18 -22.35
C ASN A 514 15.21 -3.79 -23.45
N SER A 515 16.47 -3.36 -23.57
CA SER A 515 17.38 -3.96 -24.53
C SER A 515 17.71 -5.39 -24.17
N GLN A 516 17.71 -5.71 -22.88
CA GLN A 516 18.01 -7.08 -22.44
C GLN A 516 16.87 -8.02 -22.78
N LEU A 517 15.63 -7.60 -22.51
CA LEU A 517 14.48 -8.42 -22.89
C LEU A 517 14.38 -8.56 -24.40
N LEU A 518 14.69 -7.50 -25.14
CA LEU A 518 14.66 -7.59 -26.60
C LEU A 518 15.73 -8.54 -27.12
N SER A 519 16.88 -8.58 -26.45
CA SER A 519 17.93 -9.51 -26.86
C SER A 519 17.54 -10.96 -26.58
N PHE A 520 16.85 -11.20 -25.48
CA PHE A 520 16.37 -12.56 -25.20
C PHE A 520 15.34 -13.02 -26.21
N VAL A 521 14.28 -12.23 -26.43
CA VAL A 521 13.21 -12.68 -27.32
C VAL A 521 13.71 -12.77 -28.75
N ARG A 522 14.61 -11.88 -29.12
CA ARG A 522 15.25 -11.94 -30.43
C ARG A 522 16.15 -13.17 -30.55
N ASP A 523 16.66 -13.68 -29.42
CA ASP A 523 17.41 -14.94 -29.48
C ASP A 523 16.49 -16.15 -29.59
N LEU A 524 15.27 -16.05 -29.05
CA LEU A 524 14.36 -17.19 -29.13
C LEU A 524 13.60 -17.19 -30.47
N ASN A 525 13.66 -16.07 -31.19
CA ASN A 525 12.86 -15.92 -32.40
C ASN A 525 13.44 -16.72 -33.56
N GLN A 526 14.63 -17.31 -33.38
CA GLN A 526 15.18 -18.19 -34.40
C GLN A 526 14.68 -19.61 -34.21
N TYR A 527 14.38 -19.98 -32.98
CA TYR A 527 13.80 -21.28 -32.66
C TYR A 527 12.29 -21.24 -32.62
N ARG A 528 11.68 -20.14 -33.09
CA ARG A 528 10.23 -20.12 -33.34
C ARG A 528 9.77 -21.27 -34.24
N ALA A 529 10.63 -21.76 -35.14
CA ALA A 529 10.20 -22.77 -36.11
C ALA A 529 10.00 -24.12 -35.45
N ASP A 530 10.68 -24.36 -34.34
CA ASP A 530 10.50 -25.61 -33.61
C ASP A 530 9.49 -25.45 -32.49
N ILE A 531 9.40 -24.25 -31.91
CA ILE A 531 8.33 -23.94 -30.97
C ILE A 531 6.96 -24.12 -31.63
N LYS A 532 6.85 -23.78 -32.92
CA LYS A 532 5.62 -24.07 -33.63
C LYS A 532 5.43 -25.57 -33.86
N GLU A 533 6.52 -26.36 -33.82
CA GLU A 533 6.35 -27.80 -33.96
C GLU A 533 5.83 -28.45 -32.69
N MET A 534 6.23 -27.92 -31.52
CA MET A 534 5.75 -28.53 -30.27
C MET A 534 4.25 -28.36 -30.08
N GLY A 535 3.66 -27.34 -30.67
CA GLY A 535 2.24 -27.11 -30.55
C GLY A 535 1.86 -25.97 -29.63
N LEU A 536 2.82 -25.19 -29.19
CA LEU A 536 2.58 -24.03 -28.36
C LEU A 536 3.14 -22.80 -29.05
N SER A 537 2.42 -21.69 -28.98
CA SER A 537 2.87 -20.48 -29.65
C SER A 537 3.82 -19.69 -28.76
N LEU A 538 4.55 -18.79 -29.39
CA LEU A 538 5.52 -17.96 -28.69
C LEU A 538 4.92 -16.61 -28.33
N GLN A 539 3.77 -16.28 -28.91
CA GLN A 539 3.35 -14.88 -29.07
C GLN A 539 3.03 -14.22 -27.74
N TRP A 540 2.75 -15.02 -26.71
CA TRP A 540 2.49 -14.48 -25.38
C TRP A 540 3.75 -13.86 -24.79
N LEU A 541 4.92 -14.28 -25.25
CA LEU A 541 6.16 -13.77 -24.71
C LEU A 541 6.59 -12.50 -25.43
N TYR A 542 6.30 -12.41 -26.73
CA TYR A 542 6.29 -11.14 -27.45
C TYR A 542 5.45 -10.10 -26.71
N SER A 543 4.23 -10.48 -26.34
CA SER A 543 3.33 -9.53 -25.67
C SER A 543 3.82 -9.21 -24.26
N ALA A 544 4.56 -10.13 -23.63
CA ALA A 544 5.13 -9.83 -22.32
C ALA A 544 6.23 -8.78 -22.42
N ARG A 545 7.11 -8.90 -23.43
CA ARG A 545 8.11 -7.87 -23.66
C ARG A 545 7.45 -6.52 -23.94
N GLY A 546 6.37 -6.54 -24.73
CA GLY A 546 5.62 -5.32 -24.98
C GLY A 546 5.08 -4.68 -23.72
N ASP A 547 4.57 -5.50 -22.79
CA ASP A 547 4.02 -4.94 -21.57
C ASP A 547 5.10 -4.35 -20.68
N PHE A 548 6.32 -4.91 -20.71
CA PHE A 548 7.39 -4.28 -19.94
C PHE A 548 7.80 -2.96 -20.57
N PHE A 549 7.71 -2.84 -21.90
CA PHE A 549 8.03 -1.55 -22.51
C PHE A 549 7.00 -0.48 -22.16
N ARG A 550 5.71 -0.81 -22.20
CA ARG A 550 4.72 0.21 -21.87
C ARG A 550 4.74 0.52 -20.38
N ALA A 551 5.20 -0.43 -19.56
CA ALA A 551 5.42 -0.17 -18.14
C ALA A 551 6.48 0.90 -17.93
N THR A 552 7.66 0.73 -18.53
CA THR A 552 8.71 1.72 -18.28
C THR A 552 8.42 3.04 -18.98
N SER A 553 7.63 3.01 -20.06
CA SER A 553 7.21 4.27 -20.67
C SER A 553 6.25 5.03 -19.78
N ARG A 554 5.29 4.33 -19.17
CA ARG A 554 4.34 4.99 -18.28
C ARG A 554 5.03 5.52 -17.03
N LEU A 555 6.07 4.81 -16.57
CA LEU A 555 6.80 5.30 -15.40
C LEU A 555 7.65 6.51 -15.74
N THR A 556 8.17 6.57 -16.97
CA THR A 556 8.91 7.77 -17.39
C THR A 556 7.99 8.97 -17.52
N THR A 557 6.75 8.73 -17.94
CA THR A 557 5.74 9.79 -17.92
C THR A 557 5.45 10.28 -16.50
N ASP A 558 5.35 9.36 -15.52
CA ASP A 558 5.07 9.78 -14.15
C ASP A 558 6.22 10.55 -13.53
N PHE A 559 7.47 10.22 -13.90
CA PHE A 559 8.58 11.12 -13.51
C PHE A 559 8.52 12.43 -14.27
N GLY A 560 7.83 12.46 -15.41
CA GLY A 560 7.66 13.73 -16.11
C GLY A 560 6.72 14.68 -15.41
N ASN A 561 5.54 14.18 -15.00
CA ASN A 561 4.47 15.08 -14.58
C ASN A 561 4.46 15.36 -13.09
N ALA A 562 5.58 15.12 -12.40
CA ALA A 562 5.58 15.33 -10.96
C ALA A 562 6.35 16.59 -10.61
N GLU A 563 6.04 17.17 -9.44
CA GLU A 563 6.86 18.25 -8.94
C GLU A 563 8.16 17.69 -8.39
N LYS A 564 9.25 18.43 -8.59
CA LYS A 564 10.53 17.97 -8.08
C LYS A 564 10.78 18.44 -6.66
N THR A 565 10.17 19.55 -6.28
CA THR A 565 10.38 20.09 -4.94
C THR A 565 9.66 19.25 -3.90
N ASP A 566 8.50 18.68 -4.26
CA ASP A 566 7.69 17.93 -3.32
C ASP A 566 8.34 16.60 -3.03
N ARG A 567 8.13 16.08 -1.82
CA ARG A 567 8.85 14.89 -1.41
C ARG A 567 7.92 13.68 -1.29
N PHE A 568 6.64 13.91 -1.04
CA PHE A 568 5.75 12.80 -0.74
C PHE A 568 5.38 12.03 -2.00
N VAL A 569 5.45 12.69 -3.16
CA VAL A 569 5.17 11.99 -4.41
C VAL A 569 6.43 11.34 -4.97
N MET A 570 7.59 11.98 -4.79
CA MET A 570 8.82 11.40 -5.30
C MET A 570 9.25 10.21 -4.46
N LYS A 571 8.79 10.15 -3.20
CA LYS A 571 9.04 8.94 -2.43
C LYS A 571 8.19 7.78 -2.96
N LYS A 572 6.97 8.08 -3.38
CA LYS A 572 6.10 7.05 -3.93
C LYS A 572 6.61 6.55 -5.27
N LEU A 573 7.28 7.40 -6.04
CA LEU A 573 7.84 6.92 -7.29
C LEU A 573 9.14 6.17 -7.06
N ASN A 574 9.99 6.67 -6.15
CA ASN A 574 11.27 6.02 -5.93
C ASN A 574 11.10 4.67 -5.23
N ASP A 575 10.01 4.48 -4.50
CA ASP A 575 9.71 3.13 -4.01
C ASP A 575 9.28 2.22 -5.16
N ARG A 576 8.84 2.79 -6.29
CA ARG A 576 8.42 1.95 -7.39
C ARG A 576 9.58 1.64 -8.32
N VAL A 577 10.61 2.49 -8.30
CA VAL A 577 11.83 2.20 -9.05
C VAL A 577 12.74 1.26 -8.26
N MET A 578 12.70 1.38 -6.93
CA MET A 578 13.69 0.68 -6.11
C MET A 578 13.40 -0.82 -6.02
N ARG A 579 12.21 -1.24 -6.43
CA ARG A 579 11.91 -2.66 -6.54
C ARG A 579 11.76 -3.13 -7.99
N VAL A 580 12.46 -2.52 -8.94
CA VAL A 580 12.44 -3.04 -10.31
C VAL A 580 13.44 -4.17 -10.44
N GLU A 581 14.29 -4.34 -9.43
CA GLU A 581 15.26 -5.42 -9.46
C GLU A 581 14.81 -6.60 -8.63
N TYR A 582 14.06 -6.32 -7.56
CA TYR A 582 13.55 -7.39 -6.72
C TYR A 582 12.54 -8.25 -7.45
N HIS A 583 11.86 -7.70 -8.45
CA HIS A 583 10.81 -8.45 -9.11
C HIS A 583 11.35 -9.34 -10.21
N PHE A 584 12.67 -9.36 -10.40
CA PHE A 584 13.25 -10.32 -11.32
C PHE A 584 13.80 -11.52 -10.59
N LEU A 585 13.82 -11.50 -9.26
CA LEU A 585 14.14 -12.72 -8.53
C LEU A 585 12.98 -13.68 -8.67
N SER A 586 13.26 -14.90 -9.13
CA SER A 586 12.20 -15.85 -9.40
C SER A 586 11.61 -16.36 -8.09
N PRO A 587 10.31 -16.25 -7.90
CA PRO A 587 9.69 -16.70 -6.64
C PRO A 587 9.24 -18.16 -6.60
N TYR A 588 9.71 -19.02 -7.50
CA TYR A 588 9.24 -20.39 -7.50
C TYR A 588 10.30 -21.40 -7.09
N VAL A 589 11.47 -20.96 -6.61
CA VAL A 589 12.54 -21.86 -6.25
C VAL A 589 12.98 -21.56 -4.83
N SER A 590 13.50 -22.58 -4.14
CA SER A 590 13.89 -22.41 -2.75
C SER A 590 15.17 -21.60 -2.65
N PRO A 591 15.24 -20.63 -1.75
CA PRO A 591 16.52 -19.92 -1.58
C PRO A 591 17.58 -20.76 -0.92
N LYS A 592 17.19 -21.76 -0.14
CA LYS A 592 18.19 -22.61 0.49
C LYS A 592 18.76 -23.61 -0.49
N GLU A 593 17.96 -24.07 -1.45
CA GLU A 593 18.43 -25.08 -2.39
C GLU A 593 19.26 -24.45 -3.51
N SER A 594 18.65 -23.58 -4.32
CA SER A 594 19.34 -22.90 -5.41
C SER A 594 19.21 -21.42 -5.14
N PRO A 595 20.25 -20.77 -4.62
CA PRO A 595 20.04 -19.44 -4.03
C PRO A 595 19.98 -18.32 -5.03
N PHE A 596 20.68 -18.44 -6.13
CA PHE A 596 20.85 -17.32 -7.05
C PHE A 596 19.63 -17.28 -7.95
N ARG A 597 18.59 -16.60 -7.49
CA ARG A 597 17.26 -16.70 -8.07
C ARG A 597 16.97 -15.68 -9.17
N HIS A 598 17.98 -14.98 -9.65
CA HIS A 598 17.77 -13.92 -10.61
C HIS A 598 17.61 -14.50 -12.01
N VAL A 599 16.45 -14.25 -12.64
CA VAL A 599 16.08 -14.93 -13.88
C VAL A 599 17.02 -14.56 -15.01
N PHE A 600 17.62 -13.38 -14.95
CA PHE A 600 18.64 -13.06 -15.95
C PHE A 600 19.97 -13.64 -15.54
N TRP A 601 20.50 -13.21 -14.39
CA TRP A 601 21.92 -13.27 -14.10
C TRP A 601 22.14 -14.10 -12.84
N GLY A 602 22.27 -15.42 -13.01
CA GLY A 602 22.36 -16.33 -11.90
C GLY A 602 22.42 -17.75 -12.41
N SER A 603 22.60 -18.68 -11.50
CA SER A 603 22.83 -20.08 -11.86
C SER A 603 21.62 -20.92 -11.48
N GLY A 604 21.37 -21.97 -12.24
CA GLY A 604 20.27 -22.86 -11.94
C GLY A 604 19.65 -23.39 -13.22
N SER A 605 18.44 -23.91 -13.07
CA SER A 605 17.72 -24.39 -14.23
C SER A 605 16.54 -23.49 -14.54
N HIS A 606 16.49 -22.32 -13.92
CA HIS A 606 15.31 -21.47 -14.04
C HIS A 606 15.59 -20.23 -14.87
N THR A 607 16.86 -19.84 -14.98
CA THR A 607 17.21 -18.61 -15.67
C THR A 607 17.00 -18.74 -17.17
N LEU A 608 17.19 -17.62 -17.85
CA LEU A 608 16.90 -17.56 -19.28
C LEU A 608 17.95 -18.25 -20.17
N PRO A 609 19.28 -18.17 -19.91
CA PRO A 609 20.19 -19.05 -20.67
C PRO A 609 19.92 -20.54 -20.52
N ALA A 610 19.32 -20.98 -19.43
CA ALA A 610 19.02 -22.41 -19.31
C ALA A 610 17.84 -22.78 -20.19
N LEU A 611 16.95 -21.82 -20.47
CA LEU A 611 15.85 -22.09 -21.39
C LEU A 611 16.35 -22.11 -22.83
N LEU A 612 17.22 -21.15 -23.18
CA LEU A 612 17.80 -21.13 -24.53
C LEU A 612 18.63 -22.38 -24.78
N GLU A 613 19.37 -22.83 -23.78
CA GLU A 613 20.11 -24.08 -23.90
C GLU A 613 19.17 -25.27 -24.02
N ASN A 614 18.13 -25.31 -23.18
CA ASN A 614 17.26 -26.49 -23.13
C ASN A 614 16.35 -26.57 -24.34
N LEU A 615 16.24 -25.49 -25.12
CA LEU A 615 15.59 -25.62 -26.41
C LEU A 615 16.63 -25.95 -27.47
N LYS A 616 17.85 -25.43 -27.31
CA LYS A 616 18.90 -25.62 -28.31
C LYS A 616 19.33 -27.08 -28.38
N LEU A 617 19.08 -27.86 -27.32
CA LEU A 617 19.41 -29.28 -27.37
C LEU A 617 18.52 -30.07 -28.32
N ARG A 618 17.32 -29.56 -28.61
CA ARG A 618 16.34 -30.39 -29.32
C ARG A 618 16.69 -30.49 -30.80
N LYS A 619 17.38 -29.49 -31.33
CA LYS A 619 17.77 -29.50 -32.75
C LYS A 619 18.83 -30.57 -33.01
N GLN A 620 19.57 -30.96 -31.97
CA GLN A 620 20.54 -32.04 -32.08
C GLN A 620 19.85 -33.38 -32.37
N ASN A 621 18.60 -33.53 -31.92
CA ASN A 621 17.79 -34.75 -31.94
C ASN A 621 18.55 -35.87 -31.23
N ASN A 622 19.17 -35.55 -30.10
CA ASN A 622 19.98 -36.55 -29.41
C ASN A 622 19.13 -37.47 -28.55
N GLY A 623 17.95 -37.01 -28.13
CA GLY A 623 17.25 -37.69 -27.07
C GLY A 623 17.68 -37.23 -25.69
N ALA A 624 18.35 -36.09 -25.58
CA ALA A 624 18.86 -35.64 -24.30
C ALA A 624 18.01 -34.53 -23.71
N PHE A 625 17.27 -33.81 -24.55
CA PHE A 625 16.47 -32.69 -24.07
C PHE A 625 15.26 -33.23 -23.30
N ASN A 626 14.67 -32.37 -22.48
CA ASN A 626 13.64 -32.78 -21.55
C ASN A 626 12.42 -31.89 -21.79
N GLU A 627 11.39 -32.45 -22.42
CA GLU A 627 10.33 -31.63 -23.00
C GLU A 627 9.41 -31.06 -21.92
N THR A 628 9.10 -31.86 -20.90
CA THR A 628 8.28 -31.39 -19.78
C THR A 628 8.97 -30.27 -19.03
N LEU A 629 10.27 -30.41 -18.79
CA LEU A 629 11.03 -29.36 -18.14
C LEU A 629 11.10 -28.10 -18.99
N PHE A 630 11.08 -28.27 -20.32
CA PHE A 630 11.06 -27.10 -21.19
C PHE A 630 9.76 -26.34 -21.07
N ARG A 631 8.64 -27.03 -21.21
CA ARG A 631 7.35 -26.37 -21.24
C ARG A 631 7.06 -25.70 -19.89
N ASN A 632 7.51 -26.35 -18.82
CA ASN A 632 7.44 -25.77 -17.49
C ASN A 632 8.30 -24.50 -17.38
N GLN A 633 9.53 -24.55 -17.90
CA GLN A 633 10.41 -23.37 -17.89
C GLN A 633 9.82 -22.22 -18.67
N LEU A 634 9.15 -22.50 -19.79
CA LEU A 634 8.59 -21.43 -20.59
C LEU A 634 7.41 -20.78 -19.88
N ALA A 635 6.60 -21.57 -19.18
CA ALA A 635 5.50 -21.00 -18.42
C ALA A 635 5.99 -20.11 -17.29
N LEU A 636 7.01 -20.56 -16.56
CA LEU A 636 7.49 -19.74 -15.43
C LEU A 636 8.22 -18.48 -15.89
N ALA A 637 9.01 -18.58 -16.96
CA ALA A 637 9.75 -17.39 -17.42
C ALA A 637 8.81 -16.36 -18.03
N THR A 638 7.79 -16.82 -18.77
CA THR A 638 6.80 -15.91 -19.34
C THR A 638 6.03 -15.19 -18.26
N TRP A 639 5.57 -15.91 -17.24
CA TRP A 639 4.78 -15.23 -16.22
C TRP A 639 5.66 -14.40 -15.30
N THR A 640 6.96 -14.67 -15.24
CA THR A 640 7.81 -13.79 -14.44
C THR A 640 8.01 -12.44 -15.11
N ILE A 641 8.28 -12.44 -16.43
CA ILE A 641 8.45 -11.17 -17.14
C ILE A 641 7.15 -10.37 -17.16
N GLN A 642 6.01 -11.04 -17.43
CA GLN A 642 4.73 -10.35 -17.40
C GLN A 642 4.39 -9.87 -15.99
N GLY A 643 4.89 -10.58 -14.97
CA GLY A 643 4.62 -10.16 -13.59
C GLY A 643 5.36 -8.90 -13.19
N ALA A 644 6.61 -8.76 -13.63
CA ALA A 644 7.33 -7.51 -13.38
C ALA A 644 6.69 -6.36 -14.15
N ALA A 645 6.20 -6.64 -15.36
CA ALA A 645 5.54 -5.60 -16.14
C ALA A 645 4.25 -5.12 -15.48
N ASN A 646 3.50 -6.02 -14.85
CA ASN A 646 2.32 -5.58 -14.10
C ASN A 646 2.72 -4.82 -12.84
N ALA A 647 3.87 -5.14 -12.26
CA ALA A 647 4.22 -4.53 -10.99
C ALA A 647 4.75 -3.11 -11.16
N LEU A 648 5.25 -2.78 -12.36
CA LEU A 648 5.68 -1.40 -12.60
C LEU A 648 4.49 -0.47 -12.85
N SER A 649 3.64 -0.80 -13.81
CA SER A 649 2.61 0.11 -14.29
C SER A 649 1.47 0.18 -13.28
N GLY A 650 1.65 1.03 -12.28
CA GLY A 650 0.51 1.45 -11.48
C GLY A 650 0.08 0.45 -10.43
N ASP A 651 -1.20 0.13 -10.45
CA ASP A 651 -1.88 -0.55 -9.37
C ASP A 651 -2.61 -1.76 -9.93
N VAL A 652 -3.49 -2.33 -9.12
CA VAL A 652 -4.19 -3.54 -9.54
C VAL A 652 -5.26 -3.21 -10.56
N TRP A 653 -5.85 -2.01 -10.46
CA TRP A 653 -6.97 -1.67 -11.33
C TRP A 653 -6.55 -0.94 -12.60
N ASP A 654 -5.28 -0.57 -12.75
CA ASP A 654 -4.89 0.16 -13.96
C ASP A 654 -4.39 -0.78 -15.05
N ILE A 655 -4.13 -2.03 -14.70
CA ILE A 655 -4.00 -3.08 -15.70
C ILE A 655 -5.36 -3.22 -16.38
N ASP A 656 -5.49 -2.94 -17.70
CA ASP A 656 -4.69 -3.20 -18.94
C ASP A 656 -4.35 -4.69 -19.02
N ASN A 657 -5.35 -5.50 -18.69
CA ASN A 657 -5.28 -6.96 -18.74
C ASN A 657 -5.81 -7.45 -20.08
N GLU A 658 -6.13 -8.75 -20.13
CA GLU A 658 -6.44 -9.62 -21.31
C GLU A 658 -7.22 -8.85 -22.37
N PHE A 659 -8.33 -8.20 -22.04
CA PHE A 659 -9.07 -7.43 -23.03
C PHE A 659 -8.80 -5.96 -22.81
N PHE B 19 -15.70 20.42 5.74
CA PHE B 19 -15.69 20.12 7.17
C PHE B 19 -14.85 18.87 7.39
N ARG B 20 -15.10 18.18 8.51
CA ARG B 20 -14.52 16.88 8.77
C ARG B 20 -15.56 15.99 9.43
N LEU B 21 -15.33 14.68 9.35
CA LEU B 21 -16.16 13.69 10.00
C LEU B 21 -15.25 12.86 10.91
N TYR B 22 -15.54 12.86 12.20
CA TYR B 22 -14.78 12.03 13.12
C TYR B 22 -15.49 10.68 13.30
N TRP B 23 -15.02 9.88 14.26
CA TRP B 23 -15.51 8.51 14.38
C TRP B 23 -16.94 8.44 14.89
N ASP B 24 -17.26 9.16 15.97
CA ASP B 24 -18.55 9.00 16.62
C ASP B 24 -19.66 9.56 15.75
N ASP B 25 -19.32 10.52 14.89
CA ASP B 25 -20.28 10.97 13.88
C ASP B 25 -20.50 9.89 12.84
N LEU B 26 -19.49 9.07 12.60
CA LEU B 26 -19.45 8.27 11.39
C LEU B 26 -20.10 6.92 11.60
N LYS B 27 -19.96 6.35 12.79
CA LYS B 27 -20.72 5.14 13.10
C LYS B 27 -22.21 5.44 13.20
N ARG B 28 -22.54 6.67 13.62
CA ARG B 28 -23.93 7.13 13.60
C ARG B 28 -24.45 7.24 12.17
N LYS B 29 -23.60 7.74 11.25
CA LYS B 29 -24.02 7.83 9.86
C LYS B 29 -24.17 6.44 9.24
N LEU B 30 -23.38 5.48 9.70
CA LEU B 30 -23.53 4.10 9.23
C LEU B 30 -24.83 3.49 9.69
N SER B 31 -25.20 3.73 10.95
CA SER B 31 -26.48 3.20 11.44
C SER B 31 -27.66 3.86 10.76
N GLU B 32 -27.52 5.14 10.39
CA GLU B 32 -28.61 5.81 9.68
C GLU B 32 -28.71 5.31 8.24
N LYS B 33 -27.58 4.92 7.63
CA LYS B 33 -27.68 4.28 6.32
C LYS B 33 -28.13 2.85 6.43
N LEU B 34 -28.05 2.27 7.63
CA LEU B 34 -28.20 0.83 7.77
C LEU B 34 -29.60 0.45 8.24
N ASP B 35 -30.33 1.40 8.82
CA ASP B 35 -31.71 1.10 9.18
C ASP B 35 -32.65 1.22 7.98
N SER B 36 -32.12 1.58 6.82
CA SER B 36 -32.97 1.77 5.65
C SER B 36 -32.91 0.58 4.71
N THR B 37 -31.75 -0.07 4.60
CA THR B 37 -31.57 -1.13 3.61
C THR B 37 -32.31 -2.39 4.02
N ASP B 38 -32.49 -3.28 3.05
CA ASP B 38 -33.27 -4.49 3.22
C ASP B 38 -32.48 -5.64 2.60
N PHE B 39 -32.12 -6.62 3.42
CA PHE B 39 -31.31 -7.73 2.92
C PHE B 39 -32.19 -8.87 2.43
N THR B 40 -33.39 -8.96 2.99
CA THR B 40 -34.30 -10.07 2.74
C THR B 40 -34.75 -10.12 1.28
N SER B 41 -35.01 -8.96 0.68
CA SER B 41 -35.41 -8.94 -0.72
C SER B 41 -34.26 -9.36 -1.63
N THR B 42 -33.03 -9.06 -1.24
CA THR B 42 -31.90 -9.45 -2.07
C THR B 42 -31.60 -10.93 -1.95
N ILE B 43 -31.83 -11.52 -0.76
CA ILE B 43 -31.62 -12.96 -0.62
C ILE B 43 -32.75 -13.73 -1.29
N LYS B 44 -33.93 -13.11 -1.43
CA LYS B 44 -34.91 -13.66 -2.35
C LYS B 44 -34.44 -13.54 -3.79
N LEU B 45 -33.75 -12.44 -4.12
CA LEU B 45 -33.35 -12.20 -5.51
C LEU B 45 -32.28 -13.17 -5.96
N LEU B 46 -31.41 -13.59 -5.04
CA LEU B 46 -30.36 -14.54 -5.39
C LEU B 46 -30.86 -15.96 -5.32
N ASN B 47 -32.13 -16.14 -5.02
CA ASN B 47 -32.72 -17.46 -4.98
C ASN B 47 -33.85 -17.62 -5.99
N GLU B 48 -33.96 -16.71 -6.95
CA GLU B 48 -34.95 -16.85 -7.99
C GLU B 48 -34.58 -17.97 -8.95
N ASN B 49 -35.45 -18.20 -9.91
CA ASN B 49 -35.26 -19.35 -10.80
C ASN B 49 -34.32 -19.01 -11.93
N SER B 50 -33.80 -17.79 -11.96
CA SER B 50 -32.85 -17.44 -13.00
C SER B 50 -31.41 -17.50 -12.50
N TYR B 51 -31.19 -18.00 -11.28
CA TYR B 51 -29.85 -18.07 -10.73
C TYR B 51 -29.59 -19.32 -9.90
N VAL B 52 -30.55 -20.24 -9.75
CA VAL B 52 -30.55 -21.08 -8.55
C VAL B 52 -29.61 -22.29 -8.60
N PRO B 53 -29.49 -23.08 -9.71
CA PRO B 53 -28.32 -23.98 -9.73
C PRO B 53 -27.10 -23.32 -10.38
N ARG B 54 -26.05 -23.07 -9.62
CA ARG B 54 -24.89 -22.41 -10.19
C ARG B 54 -23.58 -23.07 -9.72
N GLU B 55 -23.19 -24.12 -10.44
CA GLU B 55 -21.81 -24.58 -10.31
C GLU B 55 -20.90 -23.59 -11.02
N ALA B 56 -19.61 -23.70 -10.76
CA ALA B 56 -18.65 -22.80 -11.37
C ALA B 56 -18.54 -23.06 -12.86
N GLY B 57 -18.50 -21.99 -13.64
CA GLY B 57 -18.46 -22.12 -15.07
C GLY B 57 -19.80 -22.35 -15.75
N SER B 58 -20.87 -22.57 -14.99
CA SER B 58 -22.18 -22.73 -15.57
C SER B 58 -22.70 -21.40 -16.11
N GLN B 59 -23.83 -21.47 -16.82
CA GLN B 59 -24.37 -20.26 -17.44
C GLN B 59 -24.97 -19.33 -16.41
N LYS B 60 -25.56 -19.90 -15.35
CA LYS B 60 -26.20 -19.09 -14.32
C LYS B 60 -25.17 -18.30 -13.52
N ASP B 61 -23.97 -18.86 -13.34
CA ASP B 61 -22.86 -18.11 -12.74
C ASP B 61 -22.52 -16.88 -13.56
N GLU B 62 -22.49 -17.02 -14.88
CA GLU B 62 -22.10 -15.89 -15.71
C GLU B 62 -23.22 -14.86 -15.78
N ASN B 63 -24.48 -15.30 -15.66
CA ASN B 63 -25.57 -14.33 -15.58
C ASN B 63 -25.56 -13.58 -14.26
N LEU B 64 -25.21 -14.26 -13.17
CA LEU B 64 -25.08 -13.57 -11.89
C LEU B 64 -23.88 -12.64 -11.89
N ALA B 65 -22.82 -12.99 -12.62
CA ALA B 65 -21.66 -12.12 -12.68
C ALA B 65 -21.94 -10.90 -13.54
N LEU B 66 -22.81 -11.04 -14.54
CA LEU B 66 -23.24 -9.86 -15.28
C LEU B 66 -24.16 -8.99 -14.44
N TYR B 67 -24.95 -9.61 -13.57
CA TYR B 67 -25.82 -8.81 -12.69
C TYR B 67 -25.02 -8.03 -11.66
N VAL B 68 -24.05 -8.69 -11.00
CA VAL B 68 -23.20 -8.00 -10.04
C VAL B 68 -22.35 -6.94 -10.73
N GLU B 69 -21.80 -7.27 -11.90
CA GLU B 69 -20.94 -6.32 -12.61
C GLU B 69 -21.76 -5.18 -13.20
N ASN B 70 -23.08 -5.35 -13.29
CA ASN B 70 -23.95 -4.22 -13.57
C ASN B 70 -24.17 -3.39 -12.31
N GLN B 71 -24.31 -4.05 -11.15
CA GLN B 71 -24.59 -3.32 -9.92
C GLN B 71 -23.42 -2.43 -9.52
N PHE B 72 -22.20 -2.92 -9.66
CA PHE B 72 -21.02 -2.12 -9.33
C PHE B 72 -20.88 -0.91 -10.26
N ARG B 73 -21.48 -0.97 -11.45
CA ARG B 73 -21.53 0.23 -12.29
C ARG B 73 -22.62 1.17 -11.82
N GLU B 74 -23.76 0.61 -11.38
CA GLU B 74 -24.89 1.47 -11.06
C GLU B 74 -24.70 2.17 -9.72
N PHE B 75 -23.88 1.61 -8.82
CA PHE B 75 -23.67 2.26 -7.54
C PHE B 75 -22.64 3.38 -7.61
N LYS B 76 -22.14 3.71 -8.80
CA LYS B 76 -21.09 4.70 -9.05
C LYS B 76 -19.77 4.39 -8.33
N LEU B 77 -19.26 3.17 -8.44
CA LEU B 77 -17.91 2.86 -7.98
C LEU B 77 -16.90 3.60 -8.84
N SER B 78 -15.70 3.77 -8.30
CA SER B 78 -14.69 4.55 -9.02
C SER B 78 -14.17 3.80 -10.23
N LYS B 79 -14.10 2.47 -10.14
CA LYS B 79 -13.61 1.64 -11.22
C LYS B 79 -14.09 0.23 -10.98
N VAL B 80 -14.62 -0.40 -12.03
CA VAL B 80 -15.16 -1.75 -11.97
C VAL B 80 -14.44 -2.58 -13.01
N TRP B 81 -13.97 -3.77 -12.64
CA TRP B 81 -13.25 -4.54 -13.64
C TRP B 81 -13.48 -6.03 -13.45
N ARG B 82 -13.29 -6.76 -14.54
CA ARG B 82 -13.53 -8.19 -14.63
C ARG B 82 -12.19 -8.85 -14.83
N ASP B 83 -12.06 -10.09 -14.38
CA ASP B 83 -10.83 -10.84 -14.56
C ASP B 83 -11.17 -12.31 -14.70
N GLN B 84 -10.88 -12.91 -15.85
CA GLN B 84 -11.29 -14.28 -16.11
C GLN B 84 -10.07 -15.15 -16.33
N HIS B 85 -10.21 -16.44 -16.03
CA HIS B 85 -9.18 -17.42 -16.31
C HIS B 85 -9.76 -18.82 -16.33
N PHE B 86 -9.06 -19.72 -16.98
CA PHE B 86 -9.53 -21.07 -17.28
C PHE B 86 -8.97 -22.06 -16.29
N VAL B 87 -9.82 -22.89 -15.70
CA VAL B 87 -9.35 -23.84 -14.71
C VAL B 87 -9.85 -25.22 -15.07
N LYS B 88 -9.40 -26.22 -14.29
CA LYS B 88 -9.86 -27.59 -14.42
C LYS B 88 -10.58 -28.02 -13.15
N ILE B 89 -11.87 -28.30 -13.28
CA ILE B 89 -12.67 -28.84 -12.19
C ILE B 89 -13.04 -30.25 -12.57
N GLN B 90 -13.73 -30.95 -11.67
CA GLN B 90 -14.22 -32.29 -11.99
C GLN B 90 -15.73 -32.35 -11.83
N VAL B 91 -16.41 -32.92 -12.82
CA VAL B 91 -17.86 -32.98 -12.85
C VAL B 91 -18.30 -34.42 -13.08
N LYS B 92 -19.60 -34.64 -12.87
CA LYS B 92 -20.16 -35.97 -12.94
C LYS B 92 -20.15 -36.48 -14.37
N ASP B 93 -20.10 -37.81 -14.51
CA ASP B 93 -20.16 -38.46 -15.81
C ASP B 93 -21.61 -38.76 -16.15
N SER B 94 -21.86 -39.06 -17.43
CA SER B 94 -23.20 -39.41 -17.87
C SER B 94 -23.63 -40.77 -17.35
N ALA B 95 -22.67 -41.62 -16.98
CA ALA B 95 -22.99 -42.87 -16.32
C ALA B 95 -23.08 -42.66 -14.81
N GLN B 96 -23.94 -43.43 -14.16
CA GLN B 96 -24.12 -43.30 -12.72
C GLN B 96 -22.95 -43.91 -11.96
N ASN B 97 -22.74 -43.40 -10.75
CA ASN B 97 -21.82 -43.99 -9.78
C ASN B 97 -22.64 -44.53 -8.62
N SER B 98 -22.35 -45.76 -8.21
CA SER B 98 -23.21 -46.45 -7.27
C SER B 98 -22.39 -47.08 -6.16
N VAL B 99 -23.09 -47.43 -5.09
CA VAL B 99 -22.50 -48.22 -4.02
C VAL B 99 -23.40 -49.42 -3.79
N ILE B 100 -22.84 -50.61 -3.87
CA ILE B 100 -23.61 -51.81 -4.19
C ILE B 100 -23.03 -53.02 -3.45
N ILE B 101 -23.87 -53.65 -2.62
CA ILE B 101 -23.41 -54.75 -1.77
C ILE B 101 -23.18 -56.00 -2.62
N VAL B 102 -22.04 -56.64 -2.43
CA VAL B 102 -21.69 -57.85 -3.15
C VAL B 102 -21.65 -58.99 -2.15
N ASP B 103 -22.33 -60.09 -2.48
CA ASP B 103 -22.28 -61.27 -1.65
C ASP B 103 -20.96 -62.02 -1.89
N LYS B 104 -20.65 -62.94 -0.98
CA LYS B 104 -19.45 -63.77 -1.15
C LYS B 104 -19.63 -64.74 -2.30
N ASN B 105 -20.87 -65.11 -2.60
CA ASN B 105 -21.14 -66.04 -3.67
C ASN B 105 -20.84 -65.45 -5.04
N GLY B 106 -20.95 -64.13 -5.17
CA GLY B 106 -20.89 -63.48 -6.46
C GLY B 106 -22.13 -63.65 -7.31
N ARG B 107 -23.22 -64.15 -6.73
CA ARG B 107 -24.39 -64.53 -7.51
C ARG B 107 -25.45 -63.45 -7.49
N LEU B 108 -25.93 -63.10 -6.30
CA LEU B 108 -26.96 -62.09 -6.12
C LEU B 108 -26.33 -60.81 -5.63
N VAL B 109 -26.63 -59.73 -6.33
CA VAL B 109 -25.98 -58.45 -6.13
C VAL B 109 -27.04 -57.42 -5.77
N TYR B 110 -26.86 -56.74 -4.64
CA TYR B 110 -27.82 -55.83 -4.06
C TYR B 110 -27.22 -54.45 -3.97
N LEU B 111 -27.99 -53.42 -4.30
CA LEU B 111 -27.47 -52.06 -4.36
C LEU B 111 -28.12 -51.19 -3.31
N VAL B 112 -27.36 -50.20 -2.86
CA VAL B 112 -27.82 -49.35 -1.77
C VAL B 112 -28.25 -47.99 -2.27
N GLU B 113 -27.39 -47.33 -3.03
CA GLU B 113 -27.76 -46.00 -3.48
C GLU B 113 -27.01 -45.68 -4.76
N ASN B 114 -27.67 -44.91 -5.62
CA ASN B 114 -27.07 -44.08 -6.63
C ASN B 114 -26.98 -42.66 -6.07
N PRO B 115 -25.86 -42.26 -5.47
CA PRO B 115 -25.79 -40.93 -4.85
C PRO B 115 -25.90 -39.79 -5.84
N GLY B 116 -26.83 -38.88 -5.56
CA GLY B 116 -26.96 -37.69 -6.40
C GLY B 116 -25.78 -36.76 -6.25
N GLY B 117 -25.21 -36.70 -5.05
CA GLY B 117 -24.07 -35.85 -4.83
C GLY B 117 -22.77 -36.59 -5.05
N TYR B 118 -21.74 -35.85 -5.43
CA TYR B 118 -20.44 -36.44 -5.73
C TYR B 118 -19.37 -35.73 -4.93
N VAL B 119 -18.15 -36.18 -5.10
CA VAL B 119 -16.98 -35.57 -4.46
C VAL B 119 -16.08 -35.07 -5.57
N ALA B 120 -15.61 -33.84 -5.46
CA ALA B 120 -14.68 -33.33 -6.45
C ALA B 120 -13.34 -34.02 -6.27
N TYR B 121 -12.55 -34.04 -7.33
CA TYR B 121 -11.14 -34.42 -7.37
C TYR B 121 -10.88 -35.86 -6.92
N SER B 122 -11.88 -36.73 -7.00
CA SER B 122 -11.69 -38.13 -6.70
C SER B 122 -11.14 -38.86 -7.91
N LYS B 123 -11.05 -40.18 -7.81
CA LYS B 123 -10.53 -40.98 -8.92
C LYS B 123 -11.65 -41.75 -9.58
N ALA B 124 -11.52 -41.99 -10.88
CA ALA B 124 -12.46 -42.82 -11.63
C ALA B 124 -12.04 -44.28 -11.47
N ALA B 125 -12.74 -45.03 -10.61
CA ALA B 125 -12.34 -46.39 -10.31
C ALA B 125 -13.56 -47.19 -9.86
N THR B 126 -13.33 -48.46 -9.53
CA THR B 126 -14.35 -49.38 -9.06
C THR B 126 -13.69 -50.54 -8.32
N VAL B 127 -14.13 -50.81 -7.08
CA VAL B 127 -13.46 -51.74 -6.18
C VAL B 127 -14.45 -52.47 -5.28
N THR B 128 -13.98 -53.59 -4.70
CA THR B 128 -14.73 -54.38 -3.74
C THR B 128 -13.88 -54.63 -2.51
N GLY B 129 -14.51 -55.03 -1.40
CA GLY B 129 -13.74 -55.35 -0.22
C GLY B 129 -14.50 -55.10 1.06
N LYS B 130 -13.83 -55.39 2.18
CA LYS B 130 -14.40 -55.27 3.50
C LYS B 130 -14.61 -53.79 3.86
N LEU B 131 -15.64 -53.52 4.67
CA LEU B 131 -15.91 -52.16 5.13
C LEU B 131 -15.65 -52.08 6.63
N VAL B 132 -15.00 -50.99 7.07
CA VAL B 132 -14.61 -50.77 8.45
C VAL B 132 -14.99 -49.35 8.85
N HIS B 133 -15.75 -49.22 9.94
CA HIS B 133 -16.19 -47.93 10.43
C HIS B 133 -15.02 -47.19 11.07
N ALA B 134 -14.97 -45.88 10.89
CA ALA B 134 -14.06 -44.99 11.60
C ALA B 134 -14.86 -43.78 12.05
N ASN B 135 -14.46 -43.15 13.16
CA ASN B 135 -15.28 -42.09 13.75
C ASN B 135 -15.38 -40.89 12.84
N PHE B 136 -14.30 -40.15 12.69
CA PHE B 136 -14.25 -38.98 11.84
C PHE B 136 -13.09 -39.03 10.88
N GLY B 137 -12.23 -40.02 11.00
CA GLY B 137 -11.00 -40.03 10.25
C GLY B 137 -9.92 -39.15 10.83
N THR B 138 -9.95 -38.86 12.12
CA THR B 138 -8.77 -38.29 12.76
C THR B 138 -7.68 -39.34 12.77
N LYS B 139 -6.43 -38.89 12.84
CA LYS B 139 -5.33 -39.85 12.91
C LYS B 139 -5.37 -40.58 14.24
N LYS B 140 -5.85 -39.89 15.28
CA LYS B 140 -6.08 -40.49 16.59
C LYS B 140 -7.09 -41.62 16.52
N ASP B 141 -8.12 -41.45 15.69
CA ASP B 141 -9.12 -42.51 15.50
C ASP B 141 -8.52 -43.74 14.85
N PHE B 142 -7.75 -43.55 13.78
CA PHE B 142 -7.18 -44.69 13.07
C PHE B 142 -6.14 -45.40 13.92
N GLU B 143 -5.47 -44.69 14.83
CA GLU B 143 -4.53 -45.40 15.69
C GLU B 143 -5.22 -45.90 16.96
N ASP B 144 -6.48 -45.52 17.19
CA ASP B 144 -7.21 -46.09 18.32
C ASP B 144 -7.97 -47.35 17.94
N LEU B 145 -8.08 -47.65 16.65
CA LEU B 145 -8.90 -48.76 16.18
C LEU B 145 -8.33 -50.10 16.60
N TYR B 146 -9.21 -51.09 16.70
CA TYR B 146 -8.76 -52.45 16.97
C TYR B 146 -8.54 -53.22 15.68
N THR B 147 -9.51 -53.13 14.75
CA THR B 147 -9.41 -53.84 13.49
C THR B 147 -8.34 -53.20 12.61
N PRO B 148 -7.50 -54.00 11.95
CA PRO B 148 -6.54 -53.43 11.01
C PRO B 148 -7.23 -52.79 9.83
N VAL B 149 -6.68 -51.66 9.37
CA VAL B 149 -7.35 -50.80 8.41
C VAL B 149 -7.11 -51.24 6.96
N ASN B 150 -5.93 -51.79 6.65
CA ASN B 150 -5.44 -51.87 5.27
C ASN B 150 -6.32 -52.76 4.41
N GLY B 151 -6.31 -52.51 3.10
CA GLY B 151 -7.04 -53.34 2.17
C GLY B 151 -8.54 -53.30 2.29
N SER B 152 -9.11 -52.34 2.99
CA SER B 152 -10.54 -52.33 3.28
C SER B 152 -11.11 -50.93 3.14
N ILE B 153 -12.26 -50.85 2.46
CA ILE B 153 -13.02 -49.61 2.32
C ILE B 153 -13.45 -49.11 3.69
N VAL B 154 -13.51 -47.79 3.89
CA VAL B 154 -13.88 -47.24 5.19
C VAL B 154 -15.10 -46.34 5.03
N ILE B 155 -15.77 -46.07 6.14
CA ILE B 155 -16.87 -45.12 6.23
C ILE B 155 -16.50 -44.15 7.34
N VAL B 156 -16.81 -42.87 7.15
CA VAL B 156 -16.56 -41.87 8.18
C VAL B 156 -17.77 -40.97 8.25
N ARG B 157 -17.82 -40.13 9.29
CA ARG B 157 -18.92 -39.18 9.42
C ARG B 157 -18.42 -37.78 9.11
N ALA B 158 -19.22 -37.02 8.38
CA ALA B 158 -18.82 -35.69 7.98
C ALA B 158 -18.87 -34.75 9.16
N GLY B 159 -17.93 -33.81 9.18
CA GLY B 159 -17.83 -32.87 10.27
C GLY B 159 -16.52 -32.99 11.03
N LYS B 160 -16.13 -31.88 11.64
CA LYS B 160 -14.98 -31.63 12.53
C LYS B 160 -13.65 -31.62 11.76
N ILE B 161 -13.61 -32.13 10.52
CA ILE B 161 -12.40 -32.09 9.70
C ILE B 161 -12.89 -31.87 8.27
N THR B 162 -12.06 -31.19 7.46
CA THR B 162 -12.19 -31.16 6.01
C THR B 162 -12.24 -32.59 5.44
N PHE B 163 -12.99 -32.76 4.35
CA PHE B 163 -13.05 -34.02 3.61
C PHE B 163 -11.67 -34.50 3.17
N ALA B 164 -10.81 -33.56 2.76
CA ALA B 164 -9.53 -33.92 2.16
C ALA B 164 -8.58 -34.53 3.18
N GLU B 165 -8.76 -34.22 4.46
CA GLU B 165 -7.88 -34.80 5.46
C GLU B 165 -8.39 -36.15 5.92
N LYS B 166 -9.70 -36.39 5.80
CA LYS B 166 -10.23 -37.74 5.94
C LYS B 166 -9.65 -38.66 4.88
N VAL B 167 -9.67 -38.23 3.62
CA VAL B 167 -9.16 -39.05 2.54
C VAL B 167 -7.63 -39.14 2.61
N ALA B 168 -6.99 -38.10 3.16
CA ALA B 168 -5.54 -38.14 3.32
C ALA B 168 -5.12 -39.16 4.36
N ASN B 169 -5.81 -39.20 5.50
CA ASN B 169 -5.46 -40.18 6.52
C ASN B 169 -5.81 -41.59 6.07
N ALA B 170 -6.95 -41.75 5.38
CA ALA B 170 -7.31 -43.07 4.90
C ALA B 170 -6.44 -43.52 3.74
N GLU B 171 -5.73 -42.58 3.11
CA GLU B 171 -4.77 -42.96 2.10
C GLU B 171 -3.43 -43.32 2.72
N SER B 172 -3.08 -42.66 3.83
CA SER B 172 -1.82 -43.01 4.49
C SER B 172 -1.92 -44.35 5.19
N LEU B 173 -3.12 -44.76 5.60
CA LEU B 173 -3.22 -46.09 6.19
C LEU B 173 -3.56 -47.16 5.18
N ASN B 174 -3.36 -46.91 3.88
CA ASN B 174 -3.40 -47.85 2.76
C ASN B 174 -4.77 -48.48 2.55
N ALA B 175 -5.86 -47.73 2.73
CA ALA B 175 -7.19 -48.25 2.46
C ALA B 175 -7.57 -47.99 1.01
N ILE B 176 -8.67 -48.61 0.56
CA ILE B 176 -9.09 -48.35 -0.81
C ILE B 176 -10.20 -47.31 -0.86
N GLY B 177 -11.30 -47.51 -0.15
CA GLY B 177 -12.46 -46.69 -0.41
C GLY B 177 -12.93 -45.90 0.79
N VAL B 178 -13.54 -44.75 0.52
CA VAL B 178 -14.06 -43.87 1.54
C VAL B 178 -15.52 -43.52 1.21
N LEU B 179 -16.42 -43.80 2.15
CA LEU B 179 -17.82 -43.39 2.06
C LEU B 179 -18.11 -42.47 3.24
N ILE B 180 -18.74 -41.34 2.96
CA ILE B 180 -18.92 -40.26 3.94
C ILE B 180 -20.40 -39.98 4.07
N TYR B 181 -20.90 -39.89 5.31
CA TYR B 181 -22.32 -39.71 5.50
C TYR B 181 -22.57 -38.77 6.66
N MET B 182 -23.85 -38.50 6.94
CA MET B 182 -24.24 -37.61 8.01
C MET B 182 -25.20 -38.33 8.94
N ASP B 183 -24.76 -38.56 10.18
CA ASP B 183 -25.63 -39.13 11.19
C ASP B 183 -26.63 -38.10 11.69
N GLN B 184 -27.50 -38.52 12.61
CA GLN B 184 -28.55 -37.63 13.07
C GLN B 184 -28.13 -36.85 14.31
N THR B 185 -27.24 -37.43 15.11
CA THR B 185 -26.87 -36.81 16.37
C THR B 185 -26.09 -35.52 16.14
N LYS B 186 -25.11 -35.56 15.24
CA LYS B 186 -24.37 -34.35 14.93
C LYS B 186 -25.18 -33.44 14.02
N PHE B 187 -26.04 -34.01 13.18
CA PHE B 187 -26.76 -33.29 12.15
C PHE B 187 -28.24 -33.69 12.19
N PRO B 188 -29.07 -33.02 12.99
CA PRO B 188 -30.48 -33.42 13.06
C PRO B 188 -31.32 -32.85 11.92
N ILE B 189 -31.79 -33.72 11.04
CA ILE B 189 -32.65 -33.35 9.92
C ILE B 189 -33.76 -34.39 9.82
N VAL B 190 -34.69 -34.16 8.88
CA VAL B 190 -35.84 -35.04 8.77
C VAL B 190 -35.72 -35.92 7.54
N ASN B 191 -35.18 -35.39 6.46
CA ASN B 191 -35.12 -36.07 5.17
C ASN B 191 -33.89 -36.96 5.12
N ALA B 192 -34.09 -38.26 5.23
CA ALA B 192 -33.01 -39.23 5.28
C ALA B 192 -32.41 -39.55 3.92
N GLU B 193 -33.01 -39.09 2.83
CA GLU B 193 -32.59 -39.45 1.49
C GLU B 193 -31.84 -38.33 0.78
N LEU B 194 -30.94 -37.66 1.48
CA LEU B 194 -30.39 -36.40 1.00
C LEU B 194 -28.89 -36.48 0.77
N SER B 195 -28.43 -35.80 -0.28
CA SER B 195 -27.06 -35.91 -0.75
C SER B 195 -26.34 -34.57 -0.64
N PHE B 196 -25.03 -34.58 -0.82
CA PHE B 196 -24.23 -33.38 -0.61
C PHE B 196 -22.90 -33.48 -1.36
N PHE B 197 -21.97 -32.60 -1.03
CA PHE B 197 -20.87 -32.27 -1.93
C PHE B 197 -19.63 -31.83 -1.16
N GLY B 198 -18.44 -32.08 -1.74
CA GLY B 198 -17.19 -31.65 -1.13
C GLY B 198 -16.01 -31.86 -2.04
N HIS B 199 -15.02 -30.99 -1.90
CA HIS B 199 -13.78 -31.09 -2.65
C HIS B 199 -12.80 -31.89 -1.83
N ALA B 200 -11.98 -32.70 -2.50
CA ALA B 200 -11.12 -33.63 -1.78
C ALA B 200 -9.65 -33.26 -1.93
N HIS B 201 -9.38 -32.09 -2.47
CA HIS B 201 -8.00 -31.69 -2.71
C HIS B 201 -7.37 -31.09 -1.45
N LEU B 202 -6.35 -31.75 -0.94
CA LEU B 202 -5.58 -31.21 0.17
C LEU B 202 -4.69 -30.07 -0.33
N GLY B 203 -4.72 -28.96 0.38
CA GLY B 203 -4.23 -27.73 -0.17
C GLY B 203 -5.37 -27.02 -0.88
N THR B 204 -5.05 -25.89 -1.49
CA THR B 204 -6.07 -25.10 -2.16
C THR B 204 -5.64 -24.83 -3.59
N GLY B 205 -6.38 -23.96 -4.26
CA GLY B 205 -6.07 -23.58 -5.62
C GLY B 205 -6.40 -24.65 -6.64
N ASP B 206 -6.33 -24.26 -7.89
CA ASP B 206 -6.45 -25.19 -9.00
C ASP B 206 -5.27 -26.14 -8.97
N PRO B 207 -5.49 -27.44 -8.78
CA PRO B 207 -4.34 -28.33 -8.52
C PRO B 207 -3.53 -28.66 -9.75
N TYR B 208 -4.09 -28.50 -10.94
CA TYR B 208 -3.34 -28.86 -12.13
C TYR B 208 -2.40 -27.75 -12.55
N THR B 209 -2.46 -26.59 -11.88
CA THR B 209 -1.40 -25.58 -11.95
C THR B 209 -1.05 -25.14 -10.53
N PRO B 210 -0.14 -25.81 -9.83
CA PRO B 210 0.27 -25.34 -8.51
C PRO B 210 1.37 -24.29 -8.61
N GLY B 211 1.36 -23.32 -7.70
CA GLY B 211 2.41 -22.32 -7.65
C GLY B 211 2.29 -21.18 -8.63
N PHE B 212 1.98 -21.45 -9.88
CA PHE B 212 1.89 -20.42 -10.91
C PHE B 212 0.43 -20.27 -11.30
N PRO B 213 0.01 -19.09 -11.75
CA PRO B 213 -1.42 -18.85 -11.94
C PRO B 213 -1.94 -19.47 -13.21
N SER B 214 -3.27 -19.60 -13.26
CA SER B 214 -3.94 -20.34 -14.31
C SER B 214 -4.42 -19.45 -15.43
N PHE B 215 -3.65 -18.44 -15.80
CA PHE B 215 -4.01 -17.59 -16.92
C PHE B 215 -3.76 -18.29 -18.25
N ASN B 216 -3.84 -17.51 -19.32
CA ASN B 216 -3.64 -18.10 -20.63
C ASN B 216 -2.26 -17.73 -21.17
N HIS B 217 -1.40 -17.22 -20.28
CA HIS B 217 -0.02 -16.93 -20.66
C HIS B 217 0.89 -18.09 -20.32
N THR B 218 0.45 -18.96 -19.42
CA THR B 218 1.28 -20.08 -19.03
C THR B 218 1.25 -21.18 -20.09
N GLN B 219 0.24 -21.17 -20.96
CA GLN B 219 -0.04 -22.17 -21.99
C GLN B 219 -0.26 -23.55 -21.41
N PHE B 220 -0.53 -23.65 -20.10
CA PHE B 220 -0.92 -24.87 -19.41
C PHE B 220 0.07 -26.03 -19.56
N PRO B 221 1.22 -25.96 -18.89
CA PRO B 221 2.18 -27.04 -18.95
C PRO B 221 1.67 -28.25 -18.17
N PRO B 222 2.20 -29.45 -18.40
CA PRO B 222 1.71 -30.60 -17.64
C PRO B 222 2.26 -30.57 -16.23
N SER B 223 1.35 -30.75 -15.28
CA SER B 223 1.69 -30.75 -13.86
C SER B 223 0.54 -31.40 -13.12
N ARG B 224 0.74 -31.57 -11.81
CA ARG B 224 -0.27 -32.12 -10.93
C ARG B 224 0.14 -31.73 -9.52
N SER B 225 -0.82 -31.49 -8.65
CA SER B 225 -0.47 -31.09 -7.30
C SER B 225 -0.03 -32.30 -6.47
N SER B 226 0.22 -32.06 -5.19
CA SER B 226 0.58 -33.17 -4.32
C SER B 226 -0.62 -33.67 -3.53
N GLY B 227 -1.71 -32.91 -3.53
CA GLY B 227 -2.80 -33.22 -2.62
C GLY B 227 -3.78 -34.24 -3.14
N LEU B 228 -3.80 -34.46 -4.45
CA LEU B 228 -4.84 -35.26 -5.07
C LEU B 228 -4.74 -36.73 -4.68
N PRO B 229 -5.78 -37.30 -4.08
CA PRO B 229 -5.72 -38.70 -3.67
C PRO B 229 -5.85 -39.64 -4.85
N ASN B 230 -5.51 -40.90 -4.59
CA ASN B 230 -5.55 -41.93 -5.60
C ASN B 230 -6.60 -42.99 -5.31
N ILE B 231 -7.66 -42.62 -4.61
CA ILE B 231 -8.64 -43.56 -4.08
C ILE B 231 -10.02 -42.98 -4.28
N PRO B 232 -11.04 -43.79 -4.59
CA PRO B 232 -12.37 -43.24 -4.82
C PRO B 232 -13.04 -42.79 -3.53
N VAL B 233 -13.65 -41.61 -3.59
CA VAL B 233 -14.37 -41.00 -2.48
C VAL B 233 -15.83 -40.92 -2.90
N GLN B 234 -16.76 -41.12 -1.95
CA GLN B 234 -18.18 -40.96 -2.26
C GLN B 234 -18.97 -40.56 -1.04
N THR B 235 -19.93 -39.66 -1.24
CA THR B 235 -20.87 -39.22 -0.21
C THR B 235 -22.17 -39.99 -0.31
N ILE B 236 -22.59 -40.57 0.80
CA ILE B 236 -23.86 -41.29 0.88
C ILE B 236 -24.76 -40.64 1.92
N SER B 237 -26.05 -40.86 1.76
CA SER B 237 -27.04 -40.30 2.69
C SER B 237 -27.07 -41.08 3.99
N ARG B 238 -27.88 -40.60 4.94
CA ARG B 238 -28.09 -41.33 6.19
C ARG B 238 -28.82 -42.65 5.94
N ALA B 239 -29.86 -42.62 5.10
CA ALA B 239 -30.66 -43.81 4.89
C ALA B 239 -29.91 -44.85 4.10
N ALA B 240 -28.90 -44.44 3.33
CA ALA B 240 -27.99 -45.41 2.75
C ALA B 240 -27.11 -46.03 3.81
N ALA B 241 -26.73 -45.24 4.82
CA ALA B 241 -25.89 -45.79 5.88
C ALA B 241 -26.66 -46.76 6.74
N GLU B 242 -27.99 -46.65 6.79
CA GLU B 242 -28.77 -47.60 7.57
C GLU B 242 -28.84 -48.96 6.88
N LYS B 243 -28.77 -49.00 5.55
CA LYS B 243 -28.73 -50.29 4.88
C LYS B 243 -27.39 -50.99 5.09
N LEU B 244 -26.30 -50.22 5.05
CA LEU B 244 -24.98 -50.79 5.32
C LEU B 244 -24.84 -51.20 6.78
N PHE B 245 -25.48 -50.46 7.69
CA PHE B 245 -25.41 -50.83 9.10
C PHE B 245 -26.40 -51.93 9.41
N GLY B 246 -27.27 -52.26 8.46
CA GLY B 246 -28.10 -53.44 8.63
C GLY B 246 -27.32 -54.73 8.44
N ASN B 247 -26.16 -54.66 7.77
CA ASN B 247 -25.44 -55.88 7.46
C ASN B 247 -24.21 -56.05 8.34
N MET B 248 -23.72 -54.97 8.93
CA MET B 248 -22.49 -55.03 9.71
C MET B 248 -22.75 -55.54 11.11
N GLU B 249 -21.66 -55.72 11.87
CA GLU B 249 -21.73 -56.17 13.24
C GLU B 249 -20.47 -55.76 13.99
N GLY B 250 -20.54 -55.85 15.32
CA GLY B 250 -19.54 -55.27 16.19
C GLY B 250 -19.86 -53.83 16.50
N ASP B 251 -20.00 -53.54 17.79
CA ASP B 251 -20.69 -52.33 18.25
C ASP B 251 -19.74 -51.14 18.25
N CYS B 252 -20.30 -49.97 17.94
CA CYS B 252 -19.61 -48.72 18.19
C CYS B 252 -19.38 -48.56 19.69
N PRO B 253 -18.20 -48.11 20.10
CA PRO B 253 -17.95 -47.88 21.52
C PRO B 253 -18.72 -46.67 22.01
N SER B 254 -18.93 -46.63 23.33
CA SER B 254 -19.85 -45.64 23.89
C SER B 254 -19.22 -44.25 23.94
N ASP B 255 -17.91 -44.16 23.78
CA ASP B 255 -17.25 -42.85 23.79
C ASP B 255 -17.57 -42.05 22.54
N TRP B 256 -17.96 -42.73 21.47
CA TRP B 256 -18.45 -42.01 20.31
C TRP B 256 -19.87 -41.57 20.60
N LYS B 257 -20.09 -40.26 20.62
CA LYS B 257 -21.41 -39.71 20.89
C LYS B 257 -22.24 -39.88 19.63
N THR B 258 -22.86 -41.04 19.47
CA THR B 258 -23.45 -41.42 18.19
C THR B 258 -24.82 -42.01 18.43
N ASP B 259 -25.47 -42.39 17.33
CA ASP B 259 -26.76 -43.04 17.40
C ASP B 259 -26.61 -44.52 17.72
N SER B 260 -27.73 -45.24 17.68
CA SER B 260 -27.72 -46.60 18.20
C SER B 260 -27.57 -47.64 17.10
N THR B 261 -27.29 -47.20 15.86
CA THR B 261 -27.35 -48.15 14.75
C THR B 261 -25.97 -48.47 14.19
N CYS B 262 -24.95 -47.65 14.47
CA CYS B 262 -23.68 -47.80 13.78
C CYS B 262 -22.93 -49.04 14.26
N ARG B 263 -22.27 -49.73 13.32
CA ARG B 263 -21.56 -50.96 13.61
C ARG B 263 -20.18 -50.89 12.99
N MET B 264 -19.25 -51.71 13.49
CA MET B 264 -17.84 -51.47 13.20
C MET B 264 -17.41 -52.05 11.86
N VAL B 265 -17.44 -53.37 11.69
CA VAL B 265 -16.94 -53.99 10.48
C VAL B 265 -18.02 -54.84 9.85
N THR B 266 -17.81 -55.19 8.59
CA THR B 266 -18.76 -56.01 7.86
C THR B 266 -18.71 -57.45 8.39
N SER B 267 -19.79 -58.19 8.21
CA SER B 267 -19.73 -59.62 8.43
C SER B 267 -18.83 -60.27 7.40
N GLU B 268 -18.40 -61.51 7.68
CA GLU B 268 -17.38 -62.14 6.85
C GLU B 268 -17.95 -62.58 5.49
N SER B 269 -19.27 -62.66 5.38
CA SER B 269 -19.86 -63.05 4.11
C SER B 269 -19.82 -61.91 3.11
N LYS B 270 -20.53 -60.82 3.37
CA LYS B 270 -20.76 -59.80 2.36
C LYS B 270 -19.62 -58.79 2.35
N ASN B 271 -19.45 -58.10 1.23
CA ASN B 271 -18.49 -57.02 1.09
C ASN B 271 -18.95 -56.03 0.04
N VAL B 272 -18.69 -54.74 0.27
CA VAL B 272 -19.31 -53.70 -0.55
C VAL B 272 -18.54 -53.53 -1.84
N LYS B 273 -19.13 -52.82 -2.79
CA LYS B 273 -18.49 -52.44 -4.03
C LYS B 273 -18.77 -50.98 -4.30
N LEU B 274 -17.73 -50.16 -4.33
CA LEU B 274 -17.82 -48.75 -4.61
C LEU B 274 -17.43 -48.54 -6.06
N THR B 275 -18.28 -47.86 -6.84
CA THR B 275 -17.85 -47.40 -8.14
C THR B 275 -18.06 -45.90 -8.25
N VAL B 276 -17.03 -45.21 -8.69
CA VAL B 276 -17.01 -43.75 -8.82
C VAL B 276 -16.49 -43.43 -10.21
N SER B 277 -17.25 -42.66 -10.97
CA SER B 277 -16.90 -42.33 -12.34
C SER B 277 -17.10 -40.84 -12.55
N ASN B 278 -16.03 -40.08 -12.53
CA ASN B 278 -16.12 -38.65 -12.73
C ASN B 278 -15.18 -38.25 -13.85
N VAL B 279 -15.53 -37.19 -14.57
CA VAL B 279 -14.71 -36.72 -15.69
C VAL B 279 -14.25 -35.31 -15.41
N LEU B 280 -13.01 -35.01 -15.82
CA LEU B 280 -12.50 -33.65 -15.72
C LEU B 280 -13.25 -32.74 -16.68
N LYS B 281 -13.18 -31.44 -16.42
CA LYS B 281 -13.71 -30.44 -17.30
C LYS B 281 -12.89 -29.18 -17.13
N GLU B 282 -12.79 -28.39 -18.19
CA GLU B 282 -12.03 -27.15 -18.19
C GLU B 282 -12.97 -25.99 -18.44
N ILE B 283 -13.20 -25.17 -17.41
CA ILE B 283 -14.27 -24.18 -17.46
C ILE B 283 -13.73 -22.79 -17.19
N LYS B 284 -14.53 -21.79 -17.60
CA LYS B 284 -14.12 -20.40 -17.51
C LYS B 284 -14.60 -19.78 -16.21
N ILE B 285 -13.68 -19.15 -15.49
CA ILE B 285 -13.93 -18.54 -14.19
C ILE B 285 -13.91 -17.03 -14.34
N LEU B 286 -14.95 -16.38 -13.84
CA LEU B 286 -15.04 -14.93 -13.79
C LEU B 286 -14.85 -14.45 -12.37
N ASN B 287 -14.08 -13.38 -12.20
CA ASN B 287 -14.07 -12.64 -10.96
C ASN B 287 -14.49 -11.21 -11.26
N ILE B 288 -15.37 -10.67 -10.44
CA ILE B 288 -15.87 -9.31 -10.60
C ILE B 288 -15.33 -8.48 -9.45
N PHE B 289 -14.85 -7.28 -9.75
CA PHE B 289 -14.31 -6.41 -8.73
C PHE B 289 -14.84 -5.00 -8.93
N GLY B 290 -14.84 -4.23 -7.84
CA GLY B 290 -15.05 -2.80 -7.90
C GLY B 290 -14.29 -2.11 -6.79
N VAL B 291 -13.82 -0.88 -6.99
CA VAL B 291 -12.90 -0.25 -6.06
C VAL B 291 -13.37 1.17 -5.72
N ILE B 292 -13.15 1.56 -4.47
CA ILE B 292 -13.36 2.94 -4.01
C ILE B 292 -12.00 3.53 -3.69
N LYS B 293 -11.69 4.68 -4.29
CA LYS B 293 -10.35 5.24 -4.17
C LYS B 293 -10.15 5.89 -2.81
N GLY B 294 -8.90 6.21 -2.52
CA GLY B 294 -8.57 6.90 -1.28
C GLY B 294 -8.15 8.31 -1.57
N PHE B 295 -7.89 9.10 -0.53
CA PHE B 295 -7.64 10.53 -0.74
C PHE B 295 -6.25 10.93 -0.25
N VAL B 296 -5.74 10.26 0.78
CA VAL B 296 -4.37 10.51 1.19
C VAL B 296 -3.41 9.54 0.52
N GLU B 297 -3.65 8.24 0.67
CA GLU B 297 -2.81 7.20 0.06
C GLU B 297 -3.69 6.25 -0.72
N PRO B 298 -3.85 6.46 -2.03
CA PRO B 298 -4.83 5.65 -2.77
C PRO B 298 -4.38 4.23 -3.05
N ASP B 299 -3.08 3.95 -2.99
CA ASP B 299 -2.61 2.69 -3.55
C ASP B 299 -2.62 1.57 -2.51
N HIS B 300 -2.51 1.91 -1.23
CA HIS B 300 -2.75 0.91 -0.20
C HIS B 300 -4.25 0.67 -0.09
N TYR B 301 -4.66 -0.59 0.00
CA TYR B 301 -6.08 -0.89 -0.03
C TYR B 301 -6.40 -2.06 0.89
N VAL B 302 -7.68 -2.41 0.96
CA VAL B 302 -8.18 -3.47 1.84
C VAL B 302 -9.30 -4.22 1.13
N VAL B 303 -9.15 -5.54 1.04
CA VAL B 303 -9.95 -6.38 0.16
C VAL B 303 -11.11 -6.99 0.92
N VAL B 304 -12.33 -6.88 0.38
CA VAL B 304 -13.53 -7.45 0.98
C VAL B 304 -14.13 -8.43 -0.01
N GLY B 305 -14.37 -9.67 0.43
CA GLY B 305 -14.73 -10.70 -0.52
C GLY B 305 -15.95 -11.48 -0.11
N ALA B 306 -16.41 -12.33 -1.03
CA ALA B 306 -17.58 -13.20 -0.85
C ALA B 306 -17.63 -14.20 -1.99
N GLN B 307 -18.05 -15.43 -1.66
CA GLN B 307 -18.17 -16.46 -2.67
C GLN B 307 -19.45 -16.26 -3.48
N ARG B 308 -19.36 -16.48 -4.79
CA ARG B 308 -20.46 -16.15 -5.69
C ARG B 308 -21.27 -17.37 -6.11
N ASP B 309 -20.85 -18.58 -5.75
CA ASP B 309 -21.59 -19.75 -6.21
C ASP B 309 -21.58 -20.87 -5.18
N ALA B 310 -22.44 -21.86 -5.43
CA ALA B 310 -22.61 -23.01 -4.56
C ALA B 310 -23.26 -24.11 -5.37
N TRP B 311 -23.15 -25.35 -4.88
CA TRP B 311 -23.50 -26.48 -5.72
C TRP B 311 -25.01 -26.66 -5.85
N GLY B 312 -25.72 -26.66 -4.72
CA GLY B 312 -27.15 -26.85 -4.76
C GLY B 312 -27.87 -25.57 -5.12
N PRO B 313 -28.95 -25.26 -4.39
CA PRO B 313 -29.50 -23.91 -4.53
C PRO B 313 -28.61 -22.87 -3.89
N GLY B 314 -28.07 -23.17 -2.73
CA GLY B 314 -26.98 -22.36 -2.20
C GLY B 314 -27.37 -20.98 -1.73
N ALA B 315 -28.10 -20.89 -0.62
CA ALA B 315 -28.36 -19.58 -0.05
C ALA B 315 -27.57 -19.36 1.23
N ALA B 316 -27.18 -20.43 1.92
CA ALA B 316 -26.39 -20.25 3.13
C ALA B 316 -24.93 -20.01 2.79
N LYS B 317 -24.44 -20.66 1.74
CA LYS B 317 -23.02 -20.56 1.40
C LYS B 317 -22.74 -19.27 0.65
N SER B 318 -23.37 -19.08 -0.51
CA SER B 318 -23.05 -17.93 -1.35
C SER B 318 -24.15 -16.91 -1.45
N GLY B 319 -25.33 -17.15 -0.88
CA GLY B 319 -26.38 -16.15 -0.93
C GLY B 319 -26.11 -14.97 -0.01
N VAL B 320 -25.85 -15.27 1.26
CA VAL B 320 -25.72 -14.20 2.25
C VAL B 320 -24.43 -13.42 2.05
N GLY B 321 -23.42 -14.05 1.48
CA GLY B 321 -22.19 -13.34 1.19
C GLY B 321 -22.37 -12.29 0.11
N THR B 322 -23.08 -12.64 -0.96
CA THR B 322 -23.27 -11.71 -2.06
C THR B 322 -24.30 -10.64 -1.69
N ALA B 323 -25.26 -10.98 -0.82
CA ALA B 323 -26.18 -9.98 -0.32
C ALA B 323 -25.46 -8.92 0.51
N LEU B 324 -24.66 -9.36 1.49
CA LEU B 324 -23.89 -8.42 2.30
C LEU B 324 -22.92 -7.62 1.46
N LEU B 325 -22.37 -8.23 0.41
CA LEU B 325 -21.40 -7.53 -0.41
C LEU B 325 -22.07 -6.43 -1.24
N LEU B 326 -23.19 -6.74 -1.90
CA LEU B 326 -23.88 -5.72 -2.70
C LEU B 326 -24.39 -4.58 -1.84
N LYS B 327 -24.93 -4.90 -0.66
CA LYS B 327 -25.46 -3.82 0.18
C LYS B 327 -24.35 -2.98 0.79
N LEU B 328 -23.19 -3.59 1.08
CA LEU B 328 -22.07 -2.79 1.58
C LEU B 328 -21.48 -1.91 0.49
N ALA B 329 -21.42 -2.39 -0.74
CA ALA B 329 -20.90 -1.56 -1.82
C ALA B 329 -21.81 -0.38 -2.09
N GLN B 330 -23.13 -0.60 -2.01
CA GLN B 330 -24.08 0.51 -2.08
C GLN B 330 -23.86 1.50 -0.94
N MET B 331 -23.58 0.98 0.25
CA MET B 331 -23.54 1.83 1.42
C MET B 331 -22.32 2.72 1.43
N PHE B 332 -21.14 2.15 1.10
CA PHE B 332 -19.96 3.00 1.14
C PHE B 332 -19.86 3.89 -0.09
N SER B 333 -20.37 3.44 -1.24
CA SER B 333 -20.38 4.33 -2.39
C SER B 333 -21.34 5.50 -2.17
N ASP B 334 -22.42 5.24 -1.44
CA ASP B 334 -23.38 6.30 -1.14
C ASP B 334 -22.83 7.24 -0.08
N MET B 335 -22.07 6.71 0.88
CA MET B 335 -21.50 7.57 1.91
C MET B 335 -20.36 8.44 1.37
N VAL B 336 -19.62 7.94 0.39
CA VAL B 336 -18.56 8.77 -0.18
C VAL B 336 -19.16 9.80 -1.14
N LEU B 337 -20.11 9.38 -1.99
CA LEU B 337 -20.66 10.29 -2.98
C LEU B 337 -21.58 11.33 -2.37
N LYS B 338 -22.64 10.91 -1.69
CA LYS B 338 -23.64 11.87 -1.23
C LYS B 338 -23.32 12.48 0.12
N ASP B 339 -22.71 11.73 1.04
CA ASP B 339 -22.71 12.17 2.44
C ASP B 339 -21.49 13.00 2.78
N GLY B 340 -20.32 12.67 2.25
CA GLY B 340 -19.12 13.42 2.54
C GLY B 340 -18.04 12.69 3.30
N PHE B 341 -18.18 11.38 3.49
CA PHE B 341 -17.12 10.54 4.03
C PHE B 341 -15.90 10.57 3.12
N GLN B 342 -14.71 10.62 3.72
CA GLN B 342 -13.50 10.67 2.93
C GLN B 342 -12.52 9.60 3.38
N PRO B 343 -12.38 8.50 2.64
CA PRO B 343 -11.43 7.46 3.05
C PRO B 343 -10.01 7.89 2.81
N SER B 344 -9.05 7.24 3.46
CA SER B 344 -7.65 7.56 3.19
C SER B 344 -7.00 6.49 2.34
N ARG B 345 -7.55 5.28 2.33
CA ARG B 345 -7.02 4.18 1.55
C ARG B 345 -8.13 3.56 0.72
N SER B 346 -7.77 2.88 -0.36
CA SER B 346 -8.77 2.34 -1.26
C SER B 346 -9.44 1.13 -0.62
N ILE B 347 -10.56 0.71 -1.19
CA ILE B 347 -11.29 -0.48 -0.76
C ILE B 347 -11.63 -1.27 -2.01
N ILE B 348 -11.34 -2.56 -2.02
CA ILE B 348 -11.69 -3.43 -3.15
C ILE B 348 -12.77 -4.39 -2.71
N PHE B 349 -13.93 -4.32 -3.35
CA PHE B 349 -15.02 -5.27 -3.15
C PHE B 349 -14.93 -6.30 -4.26
N ALA B 350 -15.11 -7.57 -3.92
CA ALA B 350 -14.74 -8.65 -4.80
C ALA B 350 -15.73 -9.80 -4.72
N SER B 351 -16.18 -10.27 -5.87
CA SER B 351 -16.95 -11.50 -5.97
C SER B 351 -16.26 -12.45 -6.91
N TRP B 352 -15.64 -13.49 -6.36
CA TRP B 352 -15.03 -14.54 -7.15
C TRP B 352 -15.91 -15.78 -7.18
N SER B 353 -15.77 -16.56 -8.23
CA SER B 353 -16.51 -17.81 -8.28
C SER B 353 -15.59 -18.95 -7.87
N ALA B 354 -16.15 -20.16 -7.93
CA ALA B 354 -15.50 -21.43 -7.65
C ALA B 354 -14.84 -21.46 -6.29
N GLY B 355 -15.51 -20.98 -5.25
CA GLY B 355 -14.97 -21.13 -3.92
C GLY B 355 -15.23 -22.52 -3.35
N ASP B 356 -16.00 -23.34 -4.07
CA ASP B 356 -16.43 -24.61 -3.51
C ASP B 356 -15.43 -25.72 -3.83
N PHE B 357 -14.57 -25.49 -4.82
CA PHE B 357 -13.52 -26.46 -5.15
C PHE B 357 -12.23 -26.09 -4.45
N GLY B 358 -12.33 -25.86 -3.15
CA GLY B 358 -11.16 -25.46 -2.39
C GLY B 358 -10.72 -24.04 -2.64
N SER B 359 -11.64 -23.16 -3.03
CA SER B 359 -11.41 -21.72 -3.22
C SER B 359 -10.34 -21.44 -4.27
N VAL B 360 -10.65 -21.75 -5.53
CA VAL B 360 -9.65 -21.51 -6.58
C VAL B 360 -9.81 -20.11 -7.14
N GLY B 361 -10.97 -19.49 -6.94
CA GLY B 361 -11.16 -18.17 -7.50
C GLY B 361 -10.35 -17.11 -6.79
N ALA B 362 -9.99 -17.37 -5.53
CA ALA B 362 -9.17 -16.43 -4.79
C ALA B 362 -7.69 -16.80 -4.90
N THR B 363 -7.38 -18.10 -4.80
CA THR B 363 -6.00 -18.55 -4.84
C THR B 363 -5.37 -18.30 -6.20
N GLU B 364 -6.15 -18.44 -7.28
CA GLU B 364 -5.59 -18.15 -8.58
C GLU B 364 -5.41 -16.65 -8.78
N TRP B 365 -6.16 -15.84 -8.04
CA TRP B 365 -5.93 -14.40 -8.09
C TRP B 365 -4.66 -14.00 -7.35
N LEU B 366 -4.46 -14.55 -6.14
CA LEU B 366 -3.25 -14.26 -5.36
C LEU B 366 -2.00 -14.73 -6.09
N GLU B 367 -2.07 -15.90 -6.71
CA GLU B 367 -0.92 -16.36 -7.46
C GLU B 367 -0.80 -15.61 -8.77
N GLY B 368 -1.88 -14.97 -9.21
CA GLY B 368 -1.80 -14.13 -10.40
C GLY B 368 -1.00 -12.87 -10.19
N TYR B 369 -1.40 -12.06 -9.21
CA TYR B 369 -0.92 -10.69 -9.11
C TYR B 369 -0.05 -10.47 -7.88
N LEU B 370 0.72 -11.49 -7.46
CA LEU B 370 1.43 -11.42 -6.19
C LEU B 370 2.52 -10.35 -6.20
N SER B 371 3.04 -10.02 -7.38
CA SER B 371 4.10 -9.02 -7.43
C SER B 371 3.54 -7.61 -7.29
N SER B 372 2.23 -7.43 -7.45
CA SER B 372 1.69 -6.08 -7.38
C SER B 372 1.10 -5.77 -6.02
N LEU B 373 0.48 -6.76 -5.37
CA LEU B 373 0.03 -6.59 -4.00
C LEU B 373 1.01 -7.10 -2.96
N HIS B 374 2.28 -7.24 -3.32
CA HIS B 374 3.36 -7.31 -2.34
C HIS B 374 3.34 -6.01 -1.56
N LEU B 375 3.16 -6.10 -0.25
CA LEU B 375 3.34 -5.04 0.74
C LEU B 375 2.26 -3.96 0.60
N LYS B 376 1.29 -4.12 -0.30
CA LYS B 376 0.26 -3.11 -0.53
C LYS B 376 -1.06 -3.43 0.19
N ALA B 377 -1.65 -4.58 -0.05
CA ALA B 377 -2.90 -4.96 0.59
C ALA B 377 -2.61 -5.33 2.03
N PHE B 378 -3.28 -4.68 2.97
CA PHE B 378 -2.92 -4.84 4.36
C PHE B 378 -3.99 -5.52 5.21
N THR B 379 -5.20 -5.75 4.68
CA THR B 379 -6.17 -6.55 5.40
C THR B 379 -7.11 -7.18 4.39
N TYR B 380 -7.42 -8.46 4.59
CA TYR B 380 -8.53 -9.09 3.90
C TYR B 380 -9.65 -9.33 4.90
N ILE B 381 -10.88 -9.11 4.46
CA ILE B 381 -12.07 -9.37 5.28
C ILE B 381 -12.89 -10.41 4.55
N ASN B 382 -13.45 -11.36 5.28
CA ASN B 382 -14.31 -12.37 4.66
C ASN B 382 -15.73 -12.18 5.16
N LEU B 383 -16.66 -12.03 4.24
CA LEU B 383 -18.07 -11.96 4.56
C LEU B 383 -18.76 -13.30 4.40
N ASP B 384 -18.01 -14.36 4.13
CA ASP B 384 -18.60 -15.61 3.70
C ASP B 384 -19.08 -16.40 4.91
N LYS B 385 -20.25 -17.04 4.75
CA LYS B 385 -20.94 -17.81 5.80
C LYS B 385 -21.13 -16.96 7.04
N ALA B 386 -21.70 -15.77 6.86
CA ALA B 386 -21.79 -14.84 7.98
C ALA B 386 -22.90 -15.23 8.93
N VAL B 387 -24.06 -15.60 8.41
CA VAL B 387 -25.25 -15.76 9.21
C VAL B 387 -25.68 -17.21 9.16
N LEU B 388 -25.37 -17.96 10.20
CA LEU B 388 -25.83 -19.34 10.25
C LEU B 388 -26.71 -19.57 11.47
N GLY B 389 -26.20 -19.21 12.63
CA GLY B 389 -26.95 -19.38 13.85
C GLY B 389 -27.31 -18.03 14.43
N THR B 390 -28.08 -18.02 15.51
CA THR B 390 -28.49 -16.73 16.03
C THR B 390 -27.96 -16.52 17.45
N SER B 391 -27.36 -17.55 18.03
CA SER B 391 -26.96 -17.45 19.44
C SER B 391 -25.61 -16.77 19.60
N ASN B 392 -24.54 -17.40 19.11
CA ASN B 392 -23.19 -17.02 19.51
C ASN B 392 -22.58 -16.07 18.51
N PHE B 393 -21.29 -15.79 18.72
CA PHE B 393 -20.47 -15.00 17.81
C PHE B 393 -19.06 -15.57 17.83
N LYS B 394 -18.61 -16.09 16.71
CA LYS B 394 -17.29 -16.69 16.60
C LYS B 394 -16.48 -15.96 15.55
N VAL B 395 -15.21 -15.71 15.85
CA VAL B 395 -14.32 -15.00 14.96
C VAL B 395 -13.06 -15.84 14.83
N SER B 396 -12.35 -15.67 13.72
CA SER B 396 -11.06 -16.30 13.51
C SER B 396 -10.24 -15.38 12.65
N ALA B 397 -9.03 -15.06 13.09
CA ALA B 397 -8.33 -13.92 12.55
C ALA B 397 -6.84 -14.05 12.82
N SER B 398 -6.07 -13.21 12.15
CA SER B 398 -4.67 -13.05 12.46
C SER B 398 -4.59 -12.28 13.77
N PRO B 399 -3.52 -12.46 14.55
CA PRO B 399 -3.49 -11.79 15.86
C PRO B 399 -3.39 -10.30 15.77
N LEU B 400 -2.88 -9.79 14.65
CA LEU B 400 -2.77 -8.34 14.43
C LEU B 400 -4.13 -7.64 14.49
N LEU B 401 -5.21 -8.37 14.21
CA LEU B 401 -6.53 -7.77 14.20
C LEU B 401 -7.28 -7.92 15.53
N TYR B 402 -6.73 -8.62 16.53
CA TYR B 402 -7.52 -9.01 17.70
C TYR B 402 -8.08 -7.83 18.47
N THR B 403 -7.22 -6.87 18.81
CA THR B 403 -7.65 -5.65 19.48
C THR B 403 -8.72 -4.91 18.72
N LEU B 404 -8.56 -4.88 17.38
CA LEU B 404 -9.57 -4.31 16.49
C LEU B 404 -10.94 -4.93 16.73
N ILE B 405 -11.00 -6.26 16.73
CA ILE B 405 -12.27 -6.96 16.89
C ILE B 405 -12.82 -6.70 18.27
N GLU B 406 -11.92 -6.52 19.25
CA GLU B 406 -12.34 -6.26 20.62
C GLU B 406 -13.11 -4.96 20.71
N LYS B 407 -12.63 -3.92 20.02
CA LYS B 407 -13.33 -2.65 20.06
C LYS B 407 -14.66 -2.74 19.35
N THR B 408 -14.73 -3.55 18.29
CA THR B 408 -15.99 -3.70 17.57
C THR B 408 -16.99 -4.46 18.41
N MET B 409 -16.52 -5.38 19.25
CA MET B 409 -17.44 -6.12 20.09
C MET B 409 -17.91 -5.25 21.26
N GLN B 410 -17.36 -4.05 21.40
CA GLN B 410 -17.86 -3.13 22.41
C GLN B 410 -18.74 -2.05 21.79
N ASN B 411 -19.06 -2.17 20.50
CA ASN B 411 -19.97 -1.19 19.92
C ASN B 411 -21.25 -1.85 19.42
N VAL B 412 -21.11 -3.01 18.79
CA VAL B 412 -22.25 -3.65 18.15
C VAL B 412 -23.15 -4.29 19.20
N LYS B 413 -24.46 -4.17 19.00
CA LYS B 413 -25.42 -4.84 19.84
C LYS B 413 -25.81 -6.18 19.25
N HIS B 414 -26.22 -7.09 20.12
CA HIS B 414 -26.72 -8.40 19.68
C HIS B 414 -28.04 -8.18 18.94
N PRO B 415 -28.37 -9.00 17.95
CA PRO B 415 -29.65 -8.80 17.27
C PRO B 415 -30.85 -9.29 18.07
N VAL B 416 -30.74 -10.41 18.77
CA VAL B 416 -31.90 -10.97 19.46
C VAL B 416 -32.10 -10.28 20.80
N THR B 417 -31.09 -10.29 21.65
CA THR B 417 -31.15 -9.63 22.94
C THR B 417 -30.52 -8.26 22.82
N GLY B 418 -30.73 -7.43 23.85
CA GLY B 418 -30.21 -6.08 23.78
C GLY B 418 -28.78 -5.94 24.26
N GLN B 419 -28.13 -7.06 24.57
CA GLN B 419 -26.80 -7.01 25.14
C GLN B 419 -25.77 -6.67 24.08
N PHE B 420 -24.55 -6.42 24.51
CA PHE B 420 -23.45 -6.27 23.58
C PHE B 420 -22.85 -7.62 23.26
N LEU B 421 -21.89 -7.63 22.33
CA LEU B 421 -21.21 -8.88 22.02
C LEU B 421 -20.13 -9.19 23.06
N TYR B 422 -19.56 -8.16 23.67
CA TYR B 422 -18.45 -8.33 24.61
C TYR B 422 -18.98 -8.81 25.97
N GLN B 423 -19.35 -10.09 26.01
CA GLN B 423 -19.76 -10.70 27.27
C GLN B 423 -18.58 -11.34 27.98
N ASP B 424 -17.78 -12.11 27.26
CA ASP B 424 -16.64 -12.81 27.82
C ASP B 424 -15.40 -11.96 27.64
N SER B 425 -14.79 -11.57 28.77
CA SER B 425 -13.62 -10.71 28.70
C SER B 425 -12.35 -11.52 28.54
N ASN B 426 -12.48 -12.82 28.37
CA ASN B 426 -11.36 -13.72 28.14
C ASN B 426 -11.71 -14.54 26.90
N TRP B 427 -11.43 -13.98 25.73
CA TRP B 427 -11.83 -14.63 24.49
C TRP B 427 -10.68 -14.88 23.53
N ALA B 428 -9.48 -14.39 23.83
CA ALA B 428 -8.38 -14.50 22.88
C ALA B 428 -7.83 -15.93 22.84
N SER B 429 -8.16 -16.74 23.84
CA SER B 429 -7.66 -18.12 23.84
C SER B 429 -8.63 -19.07 23.17
N LYS B 430 -9.92 -18.70 23.12
CA LYS B 430 -10.91 -19.59 22.53
C LYS B 430 -10.89 -19.53 21.02
N VAL B 431 -10.17 -18.55 20.45
CA VAL B 431 -10.11 -18.39 19.01
C VAL B 431 -9.32 -19.53 18.39
N GLU B 432 -9.93 -20.21 17.41
CA GLU B 432 -9.27 -21.27 16.68
C GLU B 432 -8.69 -20.74 15.38
N LYS B 433 -7.55 -21.29 14.99
CA LYS B 433 -6.85 -20.87 13.79
C LYS B 433 -7.64 -21.17 12.53
N LEU B 434 -7.29 -20.48 11.44
CA LEU B 434 -8.04 -20.62 10.20
C LEU B 434 -7.85 -22.01 9.60
N THR B 435 -8.95 -22.73 9.46
CA THR B 435 -8.94 -24.04 8.83
C THR B 435 -8.87 -23.85 7.32
N LEU B 436 -8.62 -24.95 6.60
CA LEU B 436 -8.29 -24.83 5.18
C LEU B 436 -9.53 -24.68 4.31
N ASP B 437 -10.71 -25.03 4.83
CA ASP B 437 -11.92 -24.89 4.03
C ASP B 437 -12.46 -23.46 4.08
N ASN B 438 -11.83 -22.61 4.88
CA ASN B 438 -12.18 -21.19 4.89
C ASN B 438 -11.52 -20.51 3.70
N ALA B 439 -12.14 -19.44 3.21
CA ALA B 439 -11.64 -18.79 2.00
C ALA B 439 -10.64 -17.69 2.34
N ALA B 440 -10.48 -17.37 3.63
CA ALA B 440 -9.51 -16.37 4.01
C ALA B 440 -8.15 -16.99 4.29
N PHE B 441 -8.04 -18.30 4.19
CA PHE B 441 -6.77 -18.97 4.49
C PHE B 441 -5.65 -18.69 3.50
N PRO B 442 -5.85 -18.70 2.16
CA PRO B 442 -4.70 -18.36 1.30
C PRO B 442 -4.26 -16.92 1.36
N PHE B 443 -5.04 -16.02 1.94
CA PHE B 443 -4.55 -14.66 2.14
C PHE B 443 -3.56 -14.60 3.28
N LEU B 444 -3.88 -15.29 4.38
CA LEU B 444 -3.02 -15.24 5.54
C LEU B 444 -1.78 -16.10 5.37
N ALA B 445 -1.96 -17.36 4.98
CA ALA B 445 -0.89 -18.34 5.09
C ALA B 445 0.02 -18.31 3.88
N TYR B 446 -0.54 -18.13 2.69
CA TYR B 446 0.25 -18.06 1.47
C TYR B 446 0.78 -16.67 1.17
N SER B 447 -0.09 -15.66 1.19
CA SER B 447 0.32 -14.34 0.71
C SER B 447 0.97 -13.52 1.80
N GLY B 448 0.43 -13.57 3.01
CA GLY B 448 0.89 -12.73 4.09
C GLY B 448 0.03 -11.52 4.37
N ILE B 449 -1.25 -11.58 4.04
CA ILE B 449 -2.19 -10.50 4.34
C ILE B 449 -2.95 -10.85 5.61
N PRO B 450 -3.10 -9.95 6.58
CA PRO B 450 -3.92 -10.28 7.75
C PRO B 450 -5.39 -10.47 7.40
N ALA B 451 -5.92 -11.64 7.72
CA ALA B 451 -7.26 -12.01 7.30
C ALA B 451 -8.17 -12.19 8.51
N VAL B 452 -9.46 -11.94 8.32
CA VAL B 452 -10.44 -12.03 9.40
C VAL B 452 -11.76 -12.59 8.86
N SER B 453 -12.31 -13.58 9.57
CA SER B 453 -13.63 -14.12 9.26
C SER B 453 -14.44 -14.24 10.54
N PHE B 454 -15.76 -14.28 10.42
CA PHE B 454 -16.65 -14.26 11.57
C PHE B 454 -17.99 -14.88 11.20
N CYS B 455 -18.69 -15.41 12.20
CA CYS B 455 -20.02 -15.95 11.97
C CYS B 455 -20.82 -15.87 13.25
N PHE B 456 -22.11 -15.58 13.10
CA PHE B 456 -23.09 -15.85 14.13
C PHE B 456 -23.48 -17.31 13.99
N CYS B 457 -22.88 -18.17 14.81
CA CYS B 457 -23.04 -19.61 14.65
C CYS B 457 -23.61 -20.23 15.90
N GLU B 458 -24.63 -21.06 15.70
CA GLU B 458 -25.17 -21.91 16.74
C GLU B 458 -24.12 -22.97 17.12
N ASP B 459 -24.26 -23.54 18.32
CA ASP B 459 -23.23 -24.43 18.88
C ASP B 459 -22.98 -25.64 18.00
N THR B 460 -24.02 -26.35 17.62
CA THR B 460 -23.87 -27.33 16.56
C THR B 460 -23.86 -26.60 15.23
N ASP B 461 -23.07 -27.10 14.30
CA ASP B 461 -22.95 -26.47 13.00
C ASP B 461 -24.22 -26.63 12.17
N TYR B 462 -24.27 -25.88 11.07
CA TYR B 462 -25.49 -25.76 10.30
C TYR B 462 -25.72 -27.03 9.50
N PRO B 463 -26.93 -27.60 9.53
CA PRO B 463 -27.11 -28.99 9.06
C PRO B 463 -26.98 -29.17 7.56
N TYR B 464 -27.67 -28.38 6.77
CA TYR B 464 -27.68 -28.56 5.32
C TYR B 464 -26.90 -27.42 4.68
N LEU B 465 -25.59 -27.58 4.62
CA LEU B 465 -24.75 -26.45 4.27
C LEU B 465 -24.08 -26.64 2.92
N GLY B 466 -23.93 -27.88 2.48
CA GLY B 466 -23.39 -28.19 1.17
C GLY B 466 -24.35 -29.05 0.38
N THR B 467 -25.62 -28.68 0.45
CA THR B 467 -26.70 -29.63 0.34
C THR B 467 -27.67 -29.15 -0.73
N THR B 468 -28.54 -30.04 -1.21
CA THR B 468 -29.59 -29.64 -2.14
C THR B 468 -30.77 -29.00 -1.43
N MET B 469 -30.79 -29.03 -0.10
CA MET B 469 -31.91 -28.47 0.64
C MET B 469 -31.55 -27.10 1.22
N ASP B 470 -30.30 -26.67 1.07
CA ASP B 470 -29.91 -25.30 1.38
C ASP B 470 -30.68 -24.35 0.49
N THR B 471 -31.64 -23.65 1.07
CA THR B 471 -32.47 -22.71 0.33
C THR B 471 -33.11 -21.76 1.31
N TYR B 472 -33.75 -20.72 0.77
CA TYR B 472 -34.22 -19.60 1.58
C TYR B 472 -35.40 -19.98 2.45
N LYS B 473 -36.23 -20.92 2.00
CA LYS B 473 -37.37 -21.37 2.78
C LYS B 473 -36.93 -21.96 4.10
N GLU B 474 -36.06 -22.96 4.04
CA GLU B 474 -35.61 -23.62 5.25
C GLU B 474 -34.65 -22.73 6.04
N LEU B 475 -33.99 -21.78 5.36
CA LEU B 475 -33.17 -20.80 6.06
C LEU B 475 -34.01 -19.89 6.94
N ILE B 476 -35.16 -19.43 6.44
CA ILE B 476 -35.99 -18.55 7.25
C ILE B 476 -36.79 -19.36 8.25
N GLU B 477 -36.87 -20.68 8.06
CA GLU B 477 -37.42 -21.52 9.12
C GLU B 477 -36.45 -21.64 10.29
N ARG B 478 -35.15 -21.78 10.02
CA ARG B 478 -34.17 -21.85 11.11
C ARG B 478 -34.08 -20.53 11.86
N ILE B 479 -33.76 -19.46 11.15
CA ILE B 479 -33.58 -18.11 11.69
C ILE B 479 -34.88 -17.36 11.44
N PRO B 480 -35.67 -17.05 12.46
CA PRO B 480 -36.95 -16.37 12.18
C PRO B 480 -36.82 -14.88 11.96
N GLU B 481 -35.69 -14.29 12.32
CA GLU B 481 -35.47 -12.86 12.08
C GLU B 481 -34.13 -12.67 11.38
N LEU B 482 -34.16 -12.75 10.06
CA LEU B 482 -32.91 -12.74 9.30
C LEU B 482 -32.48 -11.32 9.00
N ASN B 483 -33.42 -10.39 8.94
CA ASN B 483 -33.09 -9.02 8.57
C ASN B 483 -32.27 -8.34 9.65
N LYS B 484 -32.59 -8.60 10.91
CA LYS B 484 -31.88 -7.97 12.01
C LYS B 484 -30.48 -8.54 12.14
N VAL B 485 -30.32 -9.83 11.91
CA VAL B 485 -29.01 -10.45 12.06
C VAL B 485 -28.09 -10.05 10.91
N ALA B 486 -28.65 -9.96 9.69
CA ALA B 486 -27.85 -9.47 8.57
C ALA B 486 -27.48 -8.02 8.76
N ARG B 487 -28.36 -7.25 9.41
CA ARG B 487 -28.03 -5.88 9.78
C ARG B 487 -26.87 -5.85 10.76
N ALA B 488 -26.81 -6.82 11.68
CA ALA B 488 -25.72 -6.84 12.66
C ALA B 488 -24.40 -7.20 12.02
N ALA B 489 -24.40 -8.20 11.12
CA ALA B 489 -23.16 -8.64 10.49
C ALA B 489 -22.61 -7.57 9.54
N ALA B 490 -23.49 -6.91 8.80
CA ALA B 490 -23.04 -5.79 7.97
C ALA B 490 -22.58 -4.63 8.81
N GLU B 491 -23.12 -4.49 10.03
CA GLU B 491 -22.64 -3.44 10.91
C GLU B 491 -21.22 -3.74 11.39
N VAL B 492 -20.92 -5.01 11.69
CA VAL B 492 -19.58 -5.37 12.16
C VAL B 492 -18.55 -5.17 11.06
N ALA B 493 -18.89 -5.59 9.82
CA ALA B 493 -17.95 -5.36 8.71
C ALA B 493 -17.81 -3.88 8.40
N GLY B 494 -18.86 -3.09 8.65
CA GLY B 494 -18.74 -1.65 8.52
C GLY B 494 -17.79 -1.04 9.53
N GLN B 495 -17.82 -1.52 10.78
CA GLN B 495 -16.88 -1.03 11.79
C GLN B 495 -15.45 -1.39 11.42
N PHE B 496 -15.24 -2.58 10.82
CA PHE B 496 -13.89 -2.96 10.44
C PHE B 496 -13.35 -2.09 9.32
N VAL B 497 -14.17 -1.84 8.28
CA VAL B 497 -13.68 -1.08 7.13
C VAL B 497 -13.46 0.39 7.49
N ILE B 498 -14.44 0.99 8.19
CA ILE B 498 -14.33 2.41 8.53
C ILE B 498 -13.20 2.64 9.53
N LYS B 499 -13.07 1.74 10.50
CA LYS B 499 -12.01 1.87 11.51
C LYS B 499 -10.64 1.64 10.91
N LEU B 500 -10.56 0.85 9.85
CA LEU B 500 -9.28 0.66 9.19
C LEU B 500 -8.95 1.79 8.22
N THR B 501 -9.94 2.57 7.80
CA THR B 501 -9.68 3.41 6.65
C THR B 501 -9.75 4.92 6.94
N HIS B 502 -10.49 5.37 7.96
CA HIS B 502 -10.68 6.82 8.09
C HIS B 502 -9.45 7.51 8.67
N ASP B 503 -8.59 6.78 9.37
CA ASP B 503 -7.62 7.39 10.26
C ASP B 503 -6.21 7.30 9.66
N VAL B 504 -5.29 8.10 10.20
CA VAL B 504 -3.90 8.05 9.73
C VAL B 504 -3.14 6.92 10.38
N GLU B 505 -3.66 6.38 11.48
CA GLU B 505 -2.97 5.31 12.16
C GLU B 505 -3.70 4.00 11.92
N LEU B 506 -2.99 3.01 11.41
CA LEU B 506 -3.56 1.68 11.26
C LEU B 506 -3.86 1.09 12.63
N ASN B 507 -4.89 0.27 12.68
CA ASN B 507 -5.29 -0.36 13.93
C ASN B 507 -4.86 -1.81 14.01
N LEU B 508 -3.93 -2.22 13.15
CA LEU B 508 -3.25 -3.48 13.32
C LEU B 508 -2.43 -3.44 14.59
N ASP B 509 -2.66 -4.39 15.49
CA ASP B 509 -2.03 -4.39 16.80
C ASP B 509 -0.94 -5.45 16.83
N TYR B 510 0.29 -5.03 16.59
CA TYR B 510 1.48 -5.87 16.55
C TYR B 510 1.92 -6.38 17.92
N GLU B 511 1.24 -5.97 19.00
CA GLU B 511 1.58 -6.45 20.34
C GLU B 511 1.21 -7.92 20.50
N ARG B 512 0.36 -8.43 19.62
CA ARG B 512 -0.36 -9.66 19.91
C ARG B 512 0.46 -10.91 19.60
N TYR B 513 1.41 -10.83 18.66
CA TYR B 513 2.28 -11.97 18.37
C TYR B 513 3.18 -12.33 19.53
N ASN B 514 3.36 -11.42 20.47
CA ASN B 514 4.24 -11.64 21.60
C ASN B 514 3.67 -12.71 22.53
N SER B 515 2.35 -12.73 22.72
CA SER B 515 1.73 -13.76 23.54
C SER B 515 1.77 -15.13 22.87
N GLN B 516 1.72 -15.15 21.53
CA GLN B 516 1.93 -16.39 20.80
C GLN B 516 3.33 -16.94 21.03
N LEU B 517 4.33 -16.05 20.97
CA LEU B 517 5.71 -16.49 21.16
C LEU B 517 5.94 -17.00 22.58
N LEU B 518 5.38 -16.32 23.58
CA LEU B 518 5.47 -16.82 24.95
C LEU B 518 4.77 -18.17 25.09
N SER B 519 3.67 -18.37 24.37
CA SER B 519 3.02 -19.68 24.39
C SER B 519 3.89 -20.76 23.76
N PHE B 520 4.65 -20.42 22.72
CA PHE B 520 5.49 -21.42 22.07
C PHE B 520 6.70 -21.81 22.92
N VAL B 521 7.45 -20.82 23.41
CA VAL B 521 8.67 -21.15 24.16
C VAL B 521 8.30 -21.80 25.49
N ARG B 522 7.15 -21.39 26.06
CA ARG B 522 6.63 -22.08 27.23
C ARG B 522 6.24 -23.52 26.90
N ASP B 523 5.80 -23.78 25.66
CA ASP B 523 5.52 -25.16 25.28
C ASP B 523 6.80 -25.96 25.05
N LEU B 524 7.95 -25.28 24.91
CA LEU B 524 9.19 -26.01 24.66
C LEU B 524 9.97 -26.26 25.95
N ASN B 525 9.65 -25.50 27.02
CA ASN B 525 10.28 -25.72 28.31
C ASN B 525 9.97 -27.08 28.91
N GLN B 526 8.84 -27.68 28.56
CA GLN B 526 8.55 -28.99 29.12
C GLN B 526 9.34 -30.09 28.42
N TYR B 527 10.01 -29.76 27.32
CA TYR B 527 10.92 -30.67 26.67
C TYR B 527 12.37 -30.20 26.72
N ARG B 528 12.67 -29.22 27.59
CA ARG B 528 14.09 -28.87 27.84
C ARG B 528 14.91 -30.03 28.37
N ALA B 529 14.27 -31.04 28.96
CA ALA B 529 15.00 -32.18 29.48
C ALA B 529 15.49 -33.08 28.35
N ASP B 530 14.68 -33.22 27.30
CA ASP B 530 15.11 -33.99 26.14
C ASP B 530 16.04 -33.17 25.25
N ILE B 531 15.84 -31.85 25.20
CA ILE B 531 16.72 -31.00 24.40
C ILE B 531 18.11 -30.93 25.03
N LYS B 532 18.18 -31.01 26.36
CA LYS B 532 19.49 -30.96 27.01
C LYS B 532 20.25 -32.27 26.84
N GLU B 533 19.55 -33.37 26.54
CA GLU B 533 20.25 -34.63 26.34
C GLU B 533 20.94 -34.70 24.98
N MET B 534 20.39 -33.99 23.98
CA MET B 534 20.99 -34.02 22.65
C MET B 534 22.33 -33.30 22.61
N GLY B 535 22.58 -32.40 23.56
CA GLY B 535 23.80 -31.64 23.58
C GLY B 535 23.67 -30.24 23.03
N LEU B 536 22.46 -29.76 22.82
CA LEU B 536 22.21 -28.42 22.29
C LEU B 536 21.30 -27.68 23.25
N SER B 537 21.56 -26.39 23.45
CA SER B 537 20.81 -25.64 24.44
C SER B 537 19.62 -24.93 23.79
N LEU B 538 18.82 -24.28 24.63
CA LEU B 538 17.58 -23.66 24.17
C LEU B 538 17.62 -22.15 24.31
N GLN B 539 18.74 -21.61 24.83
CA GLN B 539 18.77 -20.24 25.33
C GLN B 539 18.60 -19.22 24.20
N TRP B 540 19.08 -19.53 23.00
CA TRP B 540 19.04 -18.56 21.91
C TRP B 540 17.61 -18.28 21.48
N LEU B 541 16.72 -19.23 21.75
CA LEU B 541 15.33 -19.09 21.38
C LEU B 541 14.57 -18.24 22.41
N TYR B 542 14.97 -18.33 23.69
CA TYR B 542 14.48 -17.38 24.69
C TYR B 542 14.88 -15.97 24.33
N SER B 543 16.14 -15.78 23.96
CA SER B 543 16.61 -14.45 23.61
C SER B 543 15.97 -13.96 22.32
N ALA B 544 15.53 -14.88 21.45
CA ALA B 544 14.75 -14.47 20.29
C ALA B 544 13.39 -13.91 20.69
N ARG B 545 12.71 -14.58 21.64
CA ARG B 545 11.45 -14.05 22.15
C ARG B 545 11.64 -12.67 22.78
N GLY B 546 12.70 -12.50 23.56
CA GLY B 546 12.97 -11.21 24.17
C GLY B 546 13.26 -10.13 23.14
N ASP B 547 13.95 -10.48 22.06
CA ASP B 547 14.22 -9.49 21.02
C ASP B 547 12.94 -9.05 20.33
N PHE B 548 11.98 -9.97 20.16
CA PHE B 548 10.73 -9.52 19.57
C PHE B 548 9.94 -8.65 20.53
N PHE B 549 10.07 -8.91 21.83
CA PHE B 549 9.44 -8.02 22.81
C PHE B 549 9.99 -6.61 22.74
N ARG B 550 11.31 -6.47 22.69
CA ARG B 550 11.88 -5.12 22.71
C ARG B 550 11.65 -4.42 21.39
N ALA B 551 11.50 -5.17 20.31
CA ALA B 551 11.15 -4.53 19.04
C ALA B 551 9.75 -3.94 19.09
N THR B 552 8.76 -4.70 19.59
CA THR B 552 7.40 -4.17 19.65
C THR B 552 7.28 -3.02 20.65
N SER B 553 8.00 -3.10 21.77
CA SER B 553 7.95 -2.02 22.76
C SER B 553 8.61 -0.76 22.23
N ARG B 554 9.72 -0.91 21.52
CA ARG B 554 10.39 0.24 20.92
C ARG B 554 9.53 0.89 19.85
N LEU B 555 8.81 0.08 19.08
CA LEU B 555 7.92 0.63 18.06
C LEU B 555 6.76 1.39 18.68
N THR B 556 6.21 0.87 19.79
CA THR B 556 5.12 1.56 20.48
C THR B 556 5.58 2.91 21.01
N THR B 557 6.80 2.98 21.56
CA THR B 557 7.31 4.26 22.04
C THR B 557 7.57 5.22 20.88
N ASP B 558 7.98 4.68 19.72
CA ASP B 558 8.16 5.54 18.55
C ASP B 558 6.83 6.02 17.98
N PHE B 559 5.73 5.32 18.25
CA PHE B 559 4.43 5.95 18.02
C PHE B 559 4.12 6.95 19.11
N GLY B 560 4.73 6.80 20.28
CA GLY B 560 4.51 7.77 21.34
C GLY B 560 5.09 9.12 21.02
N ASN B 561 6.23 9.16 20.33
CA ASN B 561 6.91 10.44 20.15
C ASN B 561 6.58 11.09 18.81
N ALA B 562 5.73 10.49 18.00
CA ALA B 562 5.48 11.05 16.68
C ALA B 562 4.30 12.01 16.72
N GLU B 563 4.38 13.10 15.95
CA GLU B 563 3.22 13.94 15.71
C GLU B 563 2.19 13.17 14.90
N LYS B 564 0.92 13.57 15.01
CA LYS B 564 -0.11 12.81 14.33
C LYS B 564 -0.56 13.49 13.05
N THR B 565 -0.49 14.82 13.01
CA THR B 565 -0.89 15.53 11.81
C THR B 565 0.18 15.41 10.72
N ASP B 566 1.41 15.09 11.11
CA ASP B 566 2.50 14.94 10.16
C ASP B 566 2.34 13.62 9.42
N ARG B 567 2.67 13.60 8.15
CA ARG B 567 2.43 12.39 7.36
C ARG B 567 3.74 11.68 7.01
N PHE B 568 4.83 12.43 6.89
CA PHE B 568 6.08 11.82 6.44
C PHE B 568 6.74 11.03 7.55
N VAL B 569 6.41 11.35 8.81
CA VAL B 569 6.98 10.60 9.92
C VAL B 569 5.98 9.55 10.41
N MET B 570 4.79 9.50 9.81
CA MET B 570 3.87 8.43 10.13
C MET B 570 3.81 7.39 9.02
N LYS B 571 4.27 7.75 7.83
CA LYS B 571 4.41 6.72 6.81
C LYS B 571 5.57 5.79 7.12
N LYS B 572 6.67 6.34 7.65
CA LYS B 572 7.83 5.52 7.98
C LYS B 572 7.55 4.62 9.17
N LEU B 573 6.55 4.96 9.97
CA LEU B 573 6.19 4.11 11.09
C LEU B 573 5.02 3.21 10.75
N ASN B 574 4.30 3.50 9.66
CA ASN B 574 3.26 2.58 9.23
C ASN B 574 3.79 1.45 8.37
N ASP B 575 4.87 1.71 7.61
CA ASP B 575 5.46 0.64 6.80
C ASP B 575 6.06 -0.45 7.67
N ARG B 576 6.54 -0.09 8.85
CA ARG B 576 7.09 -1.09 9.76
C ARG B 576 5.98 -1.93 10.38
N VAL B 577 4.78 -1.37 10.47
CA VAL B 577 3.65 -2.12 11.00
C VAL B 577 3.09 -3.05 9.94
N MET B 578 3.10 -2.61 8.68
CA MET B 578 2.51 -3.41 7.61
C MET B 578 3.27 -4.69 7.35
N ARG B 579 4.58 -4.69 7.51
CA ARG B 579 5.35 -5.85 7.15
C ARG B 579 5.79 -6.67 8.36
N VAL B 580 5.13 -6.54 9.51
CA VAL B 580 5.37 -7.45 10.61
C VAL B 580 4.64 -8.76 10.37
N GLU B 581 3.76 -8.80 9.37
CA GLU B 581 3.13 -10.05 9.02
C GLU B 581 3.92 -10.77 7.94
N TYR B 582 4.56 -10.02 7.06
CA TYR B 582 5.29 -10.61 5.95
C TYR B 582 6.57 -11.26 6.43
N HIS B 583 7.13 -10.76 7.54
CA HIS B 583 8.43 -11.25 7.98
C HIS B 583 8.32 -12.53 8.77
N PHE B 584 7.10 -12.99 9.06
CA PHE B 584 6.98 -14.31 9.66
C PHE B 584 6.84 -15.40 8.63
N LEU B 585 6.69 -15.04 7.36
CA LEU B 585 6.75 -16.05 6.33
C LEU B 585 8.17 -16.57 6.23
N SER B 586 8.30 -17.88 6.16
CA SER B 586 9.62 -18.50 6.12
C SER B 586 10.31 -18.18 4.80
N PRO B 587 11.53 -17.64 4.81
CA PRO B 587 12.29 -17.45 3.56
C PRO B 587 13.14 -18.65 3.16
N TYR B 588 12.93 -19.83 3.74
CA TYR B 588 13.79 -20.97 3.50
C TYR B 588 13.07 -22.15 2.87
N VAL B 589 11.96 -21.92 2.17
CA VAL B 589 11.21 -23.00 1.52
C VAL B 589 10.83 -22.54 0.12
N SER B 590 10.51 -23.51 -0.73
CA SER B 590 10.11 -23.18 -2.09
C SER B 590 8.61 -23.00 -2.19
N PRO B 591 8.12 -21.93 -2.82
CA PRO B 591 6.67 -21.70 -2.85
C PRO B 591 5.91 -22.58 -3.83
N LYS B 592 6.57 -23.41 -4.63
CA LYS B 592 5.81 -24.42 -5.37
C LYS B 592 5.71 -25.72 -4.59
N GLU B 593 6.77 -26.10 -3.89
CA GLU B 593 6.79 -27.40 -3.22
C GLU B 593 5.88 -27.40 -2.00
N SER B 594 5.76 -26.26 -1.32
CA SER B 594 4.83 -26.09 -0.21
C SER B 594 4.44 -24.63 -0.15
N PRO B 595 3.19 -24.25 -0.45
CA PRO B 595 2.90 -22.84 -0.66
C PRO B 595 2.66 -22.06 0.63
N PHE B 596 2.14 -22.71 1.65
CA PHE B 596 1.70 -22.01 2.85
C PHE B 596 2.88 -21.88 3.78
N ARG B 597 3.51 -20.70 3.78
CA ARG B 597 4.82 -20.54 4.38
C ARG B 597 4.80 -19.78 5.69
N HIS B 598 3.64 -19.50 6.27
CA HIS B 598 3.61 -18.78 7.53
C HIS B 598 4.03 -19.73 8.63
N VAL B 599 5.08 -19.34 9.37
CA VAL B 599 5.71 -20.29 10.30
C VAL B 599 4.80 -20.56 11.49
N PHE B 600 3.93 -19.63 11.83
CA PHE B 600 2.93 -19.96 12.85
C PHE B 600 1.85 -20.85 12.26
N TRP B 601 1.20 -20.38 11.22
CA TRP B 601 -0.06 -20.93 10.77
C TRP B 601 0.11 -21.37 9.32
N GLY B 602 0.67 -22.55 9.14
CA GLY B 602 1.05 -23.03 7.83
C GLY B 602 0.87 -24.53 7.76
N SER B 603 1.59 -25.15 6.83
CA SER B 603 1.63 -26.61 6.74
C SER B 603 2.96 -27.05 6.18
N GLY B 604 3.53 -28.10 6.75
CA GLY B 604 4.75 -28.68 6.23
C GLY B 604 5.64 -29.16 7.36
N SER B 605 6.94 -29.03 7.14
CA SER B 605 7.91 -29.37 8.18
C SER B 605 8.54 -28.11 8.75
N HIS B 606 8.15 -26.95 8.24
CA HIS B 606 8.84 -25.73 8.62
C HIS B 606 8.10 -24.98 9.72
N THR B 607 6.82 -25.27 9.91
CA THR B 607 6.05 -24.51 10.90
C THR B 607 6.43 -24.93 12.31
N LEU B 608 5.97 -24.15 13.28
CA LEU B 608 6.39 -24.34 14.66
C LEU B 608 5.66 -25.47 15.38
N PRO B 609 4.34 -25.69 15.24
CA PRO B 609 3.78 -26.94 15.77
C PRO B 609 4.25 -28.19 15.04
N ALA B 610 4.82 -28.07 13.84
CA ALA B 610 5.48 -29.21 13.24
C ALA B 610 6.78 -29.52 13.96
N LEU B 611 7.42 -28.51 14.54
CA LEU B 611 8.62 -28.74 15.32
C LEU B 611 8.28 -29.40 16.64
N LEU B 612 7.20 -28.96 17.28
CA LEU B 612 6.75 -29.64 18.50
C LEU B 612 6.32 -31.07 18.22
N GLU B 613 5.57 -31.27 17.14
CA GLU B 613 5.09 -32.60 16.79
C GLU B 613 6.23 -33.50 16.34
N ASN B 614 7.35 -32.91 15.94
CA ASN B 614 8.55 -33.71 15.75
C ASN B 614 9.20 -34.03 17.08
N LEU B 615 9.12 -33.12 18.05
CA LEU B 615 9.92 -33.29 19.26
C LEU B 615 9.29 -34.28 20.23
N LYS B 616 7.96 -34.36 20.29
CA LYS B 616 7.35 -35.21 21.30
C LYS B 616 7.46 -36.70 20.95
N LEU B 617 7.84 -37.00 19.71
CA LEU B 617 7.94 -38.41 19.31
C LEU B 617 9.27 -39.01 19.74
N ARG B 618 10.19 -38.19 20.24
CA ARG B 618 11.47 -38.71 20.70
C ARG B 618 11.30 -39.44 22.02
N LYS B 619 10.31 -39.03 22.82
CA LYS B 619 10.13 -39.60 24.15
C LYS B 619 9.61 -41.03 24.05
N GLN B 620 8.78 -41.32 23.05
CA GLN B 620 8.18 -42.64 22.93
C GLN B 620 9.18 -43.67 22.43
N ASN B 621 10.23 -43.20 21.75
CA ASN B 621 11.37 -43.96 21.21
C ASN B 621 10.91 -45.03 20.22
N ASN B 622 10.07 -44.67 19.24
CA ASN B 622 9.73 -45.61 18.18
C ASN B 622 10.89 -45.76 17.21
N GLY B 623 11.51 -44.65 16.85
CA GLY B 623 12.31 -44.56 15.64
C GLY B 623 11.71 -43.66 14.59
N ALA B 624 10.62 -42.96 14.91
CA ALA B 624 9.98 -42.09 13.94
C ALA B 624 10.57 -40.68 13.98
N PHE B 625 11.26 -40.34 15.07
CA PHE B 625 11.89 -39.04 15.18
C PHE B 625 13.09 -38.95 14.25
N ASN B 626 13.32 -37.76 13.72
CA ASN B 626 14.38 -37.54 12.75
C ASN B 626 15.28 -36.45 13.28
N GLU B 627 16.43 -36.85 13.83
CA GLU B 627 17.19 -35.95 14.70
C GLU B 627 17.87 -34.83 13.91
N THR B 628 18.39 -35.17 12.73
CA THR B 628 18.99 -34.16 11.86
C THR B 628 17.95 -33.15 11.41
N LEU B 629 16.73 -33.63 11.13
CA LEU B 629 15.62 -32.74 10.81
C LEU B 629 15.29 -31.82 11.97
N PHE B 630 15.41 -32.32 13.20
CA PHE B 630 15.13 -31.46 14.36
C PHE B 630 16.19 -30.40 14.53
N ARG B 631 17.44 -30.73 14.25
CA ARG B 631 18.49 -29.72 14.33
C ARG B 631 18.28 -28.62 13.31
N ASN B 632 17.91 -28.99 12.08
CA ASN B 632 17.64 -27.97 11.08
C ASN B 632 16.39 -27.15 11.40
N GLN B 633 15.36 -27.78 11.99
CA GLN B 633 14.15 -27.03 12.31
C GLN B 633 14.39 -26.06 13.46
N LEU B 634 15.24 -26.43 14.42
CA LEU B 634 15.54 -25.51 15.50
C LEU B 634 16.34 -24.33 15.00
N ALA B 635 17.30 -24.58 14.11
CA ALA B 635 18.11 -23.50 13.56
C ALA B 635 17.26 -22.54 12.71
N LEU B 636 16.37 -23.08 11.89
CA LEU B 636 15.63 -22.20 10.98
C LEU B 636 14.48 -21.48 11.69
N ALA B 637 13.87 -22.12 12.69
CA ALA B 637 12.82 -21.42 13.44
C ALA B 637 13.41 -20.32 14.30
N THR B 638 14.53 -20.62 14.98
CA THR B 638 15.23 -19.63 15.78
C THR B 638 15.67 -18.44 14.95
N TRP B 639 16.18 -18.68 13.74
CA TRP B 639 16.67 -17.53 13.00
C TRP B 639 15.54 -16.79 12.29
N THR B 640 14.41 -17.44 12.00
CA THR B 640 13.29 -16.69 11.44
C THR B 640 12.68 -15.74 12.46
N ILE B 641 12.49 -16.20 13.70
CA ILE B 641 11.92 -15.32 14.72
C ILE B 641 12.89 -14.20 15.07
N GLN B 642 14.18 -14.54 15.19
CA GLN B 642 15.18 -13.52 15.48
C GLN B 642 15.32 -12.51 14.36
N GLY B 643 15.13 -12.95 13.11
CA GLY B 643 15.25 -12.04 11.99
C GLY B 643 14.07 -11.09 11.87
N ALA B 644 12.86 -11.56 12.21
CA ALA B 644 11.73 -10.65 12.30
C ALA B 644 11.94 -9.64 13.42
N ALA B 645 12.56 -10.08 14.52
CA ALA B 645 12.83 -9.16 15.62
C ALA B 645 13.92 -8.14 15.26
N ASN B 646 14.83 -8.49 14.35
CA ASN B 646 15.74 -7.47 13.85
C ASN B 646 15.01 -6.48 12.96
N ALA B 647 14.13 -6.99 12.10
CA ALA B 647 13.59 -6.14 11.05
C ALA B 647 12.45 -5.26 11.56
N LEU B 648 11.97 -5.50 12.77
CA LEU B 648 10.95 -4.61 13.31
C LEU B 648 11.55 -3.42 14.04
N SER B 649 12.78 -3.56 14.54
CA SER B 649 13.38 -2.54 15.38
C SER B 649 14.53 -1.86 14.66
N GLY B 650 14.25 -0.72 14.04
CA GLY B 650 15.29 0.20 13.62
C GLY B 650 16.06 -0.24 12.39
N ASP B 651 17.14 0.50 12.13
CA ASP B 651 17.99 0.32 10.97
C ASP B 651 18.94 -0.84 11.20
N VAL B 652 19.94 -0.99 10.34
CA VAL B 652 20.91 -2.07 10.51
C VAL B 652 21.81 -1.82 11.71
N TRP B 653 22.32 -0.60 11.83
CA TRP B 653 23.35 -0.35 12.84
C TRP B 653 22.78 -0.37 14.26
N ASP B 654 21.46 -0.23 14.39
CA ASP B 654 20.84 -0.23 15.71
C ASP B 654 20.46 -1.62 16.20
N ILE B 655 20.70 -2.68 15.42
CA ILE B 655 20.67 -4.01 16.02
C ILE B 655 21.86 -4.16 16.95
N ASP B 656 21.59 -4.50 18.20
CA ASP B 656 22.66 -4.82 19.16
C ASP B 656 23.03 -6.29 19.02
N ASN B 657 24.32 -6.56 18.86
CA ASN B 657 24.78 -7.92 18.64
C ASN B 657 24.93 -8.66 19.97
N GLU B 658 25.55 -9.84 19.91
CA GLU B 658 25.71 -10.62 21.14
C GLU B 658 26.81 -10.06 22.03
N PHE B 659 27.61 -9.15 21.51
CA PHE B 659 28.52 -8.38 22.35
C PHE B 659 28.05 -6.95 22.36
N VAL C 20 -25.66 27.54 5.28
CA VAL C 20 -24.65 27.34 4.26
C VAL C 20 -25.27 27.49 2.87
N PRO C 21 -24.76 28.43 2.07
CA PRO C 21 -25.41 28.75 0.80
C PRO C 21 -25.25 27.70 -0.29
N ASP C 22 -24.28 26.79 -0.15
CA ASP C 22 -24.23 25.48 -0.84
C ASP C 22 -23.90 25.57 -2.34
N LYS C 23 -23.81 26.78 -2.88
CA LYS C 23 -23.51 26.91 -4.31
C LYS C 23 -22.53 28.03 -4.62
N THR C 24 -21.62 28.32 -3.70
CA THR C 24 -20.70 29.42 -3.92
C THR C 24 -19.47 28.97 -4.69
N VAL C 25 -18.97 29.88 -5.53
CA VAL C 25 -17.66 29.76 -6.15
C VAL C 25 -16.69 30.55 -5.29
N ARG C 26 -15.80 29.85 -4.59
CA ARG C 26 -14.72 30.53 -3.90
C ARG C 26 -13.78 31.15 -4.91
N TRP C 27 -13.11 32.21 -4.52
CA TRP C 27 -12.18 32.89 -5.41
C TRP C 27 -10.93 33.22 -4.62
N CYS C 28 -9.78 33.27 -5.28
CA CYS C 28 -8.54 33.66 -4.63
C CYS C 28 -8.19 35.10 -4.96
N ALA C 29 -7.87 35.86 -3.93
CA ALA C 29 -7.24 37.17 -4.10
C ALA C 29 -5.80 37.05 -3.63
N VAL C 30 -4.92 37.88 -4.18
CA VAL C 30 -3.50 37.74 -3.91
C VAL C 30 -3.10 38.64 -2.74
N SER C 31 -3.78 39.76 -2.56
CA SER C 31 -3.58 40.60 -1.38
C SER C 31 -4.94 40.95 -0.79
N GLU C 32 -4.94 41.84 0.20
CA GLU C 32 -6.19 42.53 0.54
C GLU C 32 -6.52 43.57 -0.51
N HIS C 33 -5.49 44.03 -1.21
CA HIS C 33 -5.62 45.09 -2.21
C HIS C 33 -6.35 44.57 -3.44
N GLU C 34 -6.40 43.24 -3.60
CA GLU C 34 -7.30 42.65 -4.60
C GLU C 34 -8.57 42.15 -3.95
N ALA C 35 -8.56 41.91 -2.63
CA ALA C 35 -9.74 41.40 -1.95
C ALA C 35 -10.84 42.44 -1.88
N THR C 36 -10.46 43.72 -1.94
CA THR C 36 -11.45 44.78 -2.14
C THR C 36 -12.20 44.58 -3.45
N LYS C 37 -11.47 44.30 -4.54
CA LYS C 37 -12.09 44.05 -5.84
C LYS C 37 -12.98 42.83 -5.83
N CYS C 38 -12.57 41.79 -5.08
CA CYS C 38 -13.39 40.60 -4.95
C CYS C 38 -14.68 40.89 -4.21
N GLN C 39 -14.62 41.80 -3.22
CA GLN C 39 -15.82 42.11 -2.47
C GLN C 39 -16.78 42.95 -3.31
N SER C 40 -16.24 43.87 -4.12
CA SER C 40 -17.10 44.67 -5.01
C SER C 40 -17.73 43.80 -6.08
N PHE C 41 -16.95 42.87 -6.65
CA PHE C 41 -17.48 41.93 -7.65
C PHE C 41 -18.51 41.00 -7.04
N ARG C 42 -18.35 40.67 -5.76
CA ARG C 42 -19.32 39.81 -5.09
C ARG C 42 -20.63 40.53 -4.87
N ASP C 43 -20.59 41.76 -4.34
CA ASP C 43 -21.83 42.45 -4.04
C ASP C 43 -22.55 42.91 -5.30
N HIS C 44 -21.80 43.35 -6.32
CA HIS C 44 -22.47 43.74 -7.56
C HIS C 44 -22.94 42.53 -8.34
N MET C 45 -22.29 41.37 -8.15
CA MET C 45 -22.71 40.18 -8.88
C MET C 45 -23.81 39.45 -8.11
N LYS C 46 -24.09 39.90 -6.89
CA LYS C 46 -25.19 39.33 -6.13
C LYS C 46 -26.54 39.71 -6.73
N SER C 47 -26.61 40.88 -7.37
CA SER C 47 -27.91 41.44 -7.76
C SER C 47 -28.50 40.72 -8.96
N VAL C 48 -27.75 40.69 -10.07
CA VAL C 48 -28.34 40.31 -11.34
C VAL C 48 -28.45 38.80 -11.50
N ILE C 49 -27.86 38.05 -10.58
CA ILE C 49 -28.16 36.62 -10.52
C ILE C 49 -29.31 36.45 -9.53
N PRO C 50 -30.30 35.62 -9.82
CA PRO C 50 -31.31 35.29 -8.80
C PRO C 50 -30.73 34.49 -7.65
N SER C 51 -31.59 34.19 -6.68
CA SER C 51 -31.09 33.55 -5.46
C SER C 51 -30.83 32.07 -5.66
N ASP C 52 -31.43 31.48 -6.69
CA ASP C 52 -31.18 30.07 -6.97
C ASP C 52 -29.82 29.88 -7.61
N GLY C 53 -29.31 30.88 -8.30
CA GLY C 53 -28.05 30.80 -9.00
C GLY C 53 -26.85 30.87 -8.09
N PRO C 54 -25.65 30.78 -8.66
CA PRO C 54 -24.43 30.78 -7.83
C PRO C 54 -24.04 32.19 -7.40
N SER C 55 -23.15 32.25 -6.41
CA SER C 55 -22.63 33.51 -5.88
C SER C 55 -21.13 33.36 -5.62
N VAL C 56 -20.47 34.50 -5.40
CA VAL C 56 -19.02 34.48 -5.23
C VAL C 56 -18.70 34.52 -3.74
N ALA C 57 -17.57 33.93 -3.35
CA ALA C 57 -16.99 34.16 -2.04
C ALA C 57 -15.52 34.47 -2.22
N CYS C 58 -14.93 35.13 -1.23
CA CYS C 58 -13.56 35.61 -1.35
C CYS C 58 -12.67 34.89 -0.34
N VAL C 59 -11.51 34.44 -0.80
CA VAL C 59 -10.49 33.84 0.03
C VAL C 59 -9.20 34.61 -0.21
N LYS C 60 -8.57 35.08 0.86
CA LYS C 60 -7.38 35.88 0.77
C LYS C 60 -6.17 35.00 1.06
N LYS C 61 -5.35 34.76 0.05
CA LYS C 61 -4.09 34.03 0.19
C LYS C 61 -2.97 34.96 -0.23
N ALA C 62 -1.74 34.64 0.20
CA ALA C 62 -0.66 35.61 0.09
C ALA C 62 -0.04 35.64 -1.30
N SER C 63 0.21 34.47 -1.88
CA SER C 63 0.87 34.38 -3.17
C SER C 63 0.04 33.50 -4.10
N TYR C 64 0.49 33.41 -5.37
CA TYR C 64 -0.25 32.61 -6.33
C TYR C 64 -0.09 31.13 -6.03
N LEU C 65 1.10 30.73 -5.60
CA LEU C 65 1.40 29.32 -5.44
C LEU C 65 0.68 28.76 -4.23
N ASP C 66 0.50 29.60 -3.21
CA ASP C 66 -0.29 29.20 -2.05
C ASP C 66 -1.75 29.07 -2.41
N CYS C 67 -2.22 29.84 -3.39
CA CYS C 67 -3.57 29.66 -3.88
C CYS C 67 -3.69 28.36 -4.68
N ILE C 68 -2.65 27.99 -5.43
CA ILE C 68 -2.68 26.73 -6.16
C ILE C 68 -2.78 25.56 -5.20
N ARG C 69 -2.00 25.60 -4.12
CA ARG C 69 -2.11 24.58 -3.09
C ARG C 69 -3.44 24.65 -2.36
N ALA C 70 -4.04 25.85 -2.31
CA ALA C 70 -5.34 26.00 -1.66
C ALA C 70 -6.45 25.35 -2.48
N ILE C 71 -6.43 25.53 -3.80
CA ILE C 71 -7.43 24.91 -4.66
C ILE C 71 -7.22 23.40 -4.68
N ALA C 72 -5.96 22.97 -4.59
CA ALA C 72 -5.67 21.53 -4.52
C ALA C 72 -6.22 20.92 -3.25
N ALA C 73 -6.09 21.60 -2.11
CA ALA C 73 -6.61 21.04 -0.88
C ALA C 73 -8.04 21.48 -0.58
N ASN C 74 -8.82 21.80 -1.61
CA ASN C 74 -10.27 22.01 -1.63
C ASN C 74 -10.70 23.26 -0.85
N GLU C 75 -9.80 24.18 -0.52
CA GLU C 75 -10.23 25.40 0.15
C GLU C 75 -10.93 26.35 -0.83
N ALA C 76 -10.19 26.83 -1.83
CA ALA C 76 -10.73 27.72 -2.85
C ALA C 76 -11.01 26.91 -4.10
N ASP C 77 -11.52 27.55 -5.15
CA ASP C 77 -11.94 26.79 -6.31
C ASP C 77 -11.42 27.36 -7.63
N ALA C 78 -11.09 28.64 -7.68
CA ALA C 78 -10.70 29.25 -8.94
C ALA C 78 -9.67 30.35 -8.71
N VAL C 79 -8.79 30.54 -9.71
CA VAL C 79 -7.87 31.67 -9.75
C VAL C 79 -7.52 31.88 -11.21
N THR C 80 -6.90 33.01 -11.55
CA THR C 80 -6.48 33.32 -12.91
C THR C 80 -4.96 33.32 -12.99
N LEU C 81 -4.40 32.53 -13.91
CA LEU C 81 -2.96 32.36 -14.02
C LEU C 81 -2.55 32.50 -15.47
N ASP C 82 -1.26 32.74 -15.70
CA ASP C 82 -0.79 32.86 -17.06
C ASP C 82 -0.57 31.49 -17.69
N ALA C 83 -0.09 31.50 -18.93
CA ALA C 83 0.16 30.25 -19.62
C ALA C 83 1.32 29.50 -19.01
N GLY C 84 2.35 30.22 -18.57
CA GLY C 84 3.52 29.55 -18.04
C GLY C 84 3.31 29.01 -16.64
N LEU C 85 2.29 29.52 -15.94
CA LEU C 85 2.06 29.06 -14.58
C LEU C 85 1.03 27.93 -14.55
N VAL C 86 0.32 27.69 -15.66
CA VAL C 86 -0.50 26.49 -15.74
C VAL C 86 0.38 25.26 -15.79
N TYR C 87 1.57 25.39 -16.39
CA TYR C 87 2.56 24.32 -16.35
C TYR C 87 3.02 24.06 -14.91
N ASP C 88 3.04 25.09 -14.08
CA ASP C 88 3.34 24.85 -12.67
C ASP C 88 2.07 24.56 -11.90
N ALA C 89 0.94 24.46 -12.59
CA ALA C 89 -0.32 24.22 -11.89
C ALA C 89 -0.86 22.82 -12.16
N TYR C 90 -0.42 22.16 -13.23
CA TYR C 90 -1.02 20.85 -13.49
C TYR C 90 -0.12 19.72 -13.02
N LEU C 91 1.12 20.02 -12.64
CA LEU C 91 2.01 18.98 -12.15
C LEU C 91 1.52 18.49 -10.80
N ALA C 92 1.63 17.18 -10.59
CA ALA C 92 1.04 16.57 -9.41
C ALA C 92 1.83 16.92 -8.16
N PRO C 93 1.19 16.97 -6.99
CA PRO C 93 -0.19 16.71 -6.55
C PRO C 93 -1.14 17.89 -6.67
N ASN C 94 -1.00 18.70 -7.71
CA ASN C 94 -1.97 19.78 -7.88
C ASN C 94 -3.11 19.38 -8.81
N ASN C 95 -2.78 19.00 -10.05
CA ASN C 95 -3.74 18.56 -11.08
C ASN C 95 -4.80 19.62 -11.38
N LEU C 96 -4.39 20.76 -11.92
CA LEU C 96 -5.35 21.81 -12.22
C LEU C 96 -5.44 22.05 -13.72
N LYS C 97 -6.66 22.23 -14.21
CA LYS C 97 -7.02 22.29 -15.62
C LYS C 97 -7.60 23.66 -15.93
N PRO C 98 -7.30 24.22 -17.10
CA PRO C 98 -7.92 25.49 -17.48
C PRO C 98 -9.36 25.34 -17.94
N VAL C 99 -10.30 26.14 -17.43
CA VAL C 99 -11.71 25.90 -17.77
C VAL C 99 -12.31 27.08 -18.52
N VAL C 100 -11.81 28.30 -18.29
CA VAL C 100 -12.30 29.49 -18.99
C VAL C 100 -11.13 30.34 -19.41
N ALA C 101 -11.05 30.63 -20.71
CA ALA C 101 -9.96 31.44 -21.24
C ALA C 101 -10.52 32.76 -21.73
N GLU C 102 -9.66 33.77 -21.74
CA GLU C 102 -10.09 35.15 -21.99
C GLU C 102 -9.48 35.65 -23.29
N PHE C 103 -10.08 36.69 -23.85
CA PHE C 103 -9.74 37.13 -25.21
C PHE C 103 -9.19 38.54 -25.18
N TYR C 104 -8.38 38.88 -26.18
CA TYR C 104 -7.61 40.11 -26.09
C TYR C 104 -7.88 41.12 -27.20
N GLY C 105 -8.47 40.70 -28.30
CA GLY C 105 -8.74 41.65 -29.36
C GLY C 105 -10.01 42.42 -29.11
N SER C 106 -10.59 42.89 -30.20
CA SER C 106 -11.89 43.55 -30.11
C SER C 106 -13.00 42.51 -30.02
N LYS C 107 -14.22 43.00 -29.83
CA LYS C 107 -15.38 42.10 -29.74
C LYS C 107 -15.68 41.48 -31.10
N GLU C 108 -15.33 42.20 -32.18
CA GLU C 108 -15.59 41.70 -33.52
C GLU C 108 -14.69 40.53 -33.88
N ASP C 109 -13.38 40.69 -33.73
CA ASP C 109 -12.41 39.65 -34.09
C ASP C 109 -11.62 39.22 -32.87
N PRO C 110 -12.09 38.25 -32.10
CA PRO C 110 -11.43 37.91 -30.83
C PRO C 110 -10.11 37.18 -31.00
N GLN C 111 -9.06 37.74 -30.42
CA GLN C 111 -7.73 37.16 -30.45
C GLN C 111 -7.52 36.36 -29.19
N THR C 112 -6.79 35.26 -29.30
CA THR C 112 -6.53 34.42 -28.13
C THR C 112 -5.05 34.45 -27.76
N PHE C 113 -4.18 34.35 -28.75
CA PHE C 113 -2.75 34.58 -28.53
C PHE C 113 -2.50 36.03 -28.18
N TYR C 114 -1.36 36.31 -27.54
CA TYR C 114 -0.90 37.70 -27.43
C TYR C 114 0.61 37.75 -27.54
N TYR C 115 1.14 38.92 -27.86
CA TYR C 115 2.55 39.04 -28.19
C TYR C 115 3.37 39.31 -26.94
N ALA C 116 4.64 38.95 -26.97
CA ALA C 116 5.58 39.30 -25.92
C ALA C 116 6.70 40.13 -26.50
N VAL C 117 6.97 41.29 -25.89
CA VAL C 117 7.95 42.23 -26.41
C VAL C 117 8.86 42.72 -25.29
N ALA C 118 9.98 43.29 -25.70
CA ALA C 118 10.99 43.77 -24.78
C ALA C 118 11.17 45.27 -24.96
N VAL C 119 10.72 46.05 -23.99
CA VAL C 119 10.70 47.51 -24.09
C VAL C 119 11.98 48.04 -23.46
N VAL C 120 12.62 49.01 -24.14
CA VAL C 120 13.84 49.64 -23.65
C VAL C 120 13.76 51.16 -23.81
N LYS C 121 14.55 51.85 -23.00
CA LYS C 121 14.69 53.29 -23.03
C LYS C 121 15.31 53.75 -24.35
N LYS C 122 14.97 54.96 -24.77
CA LYS C 122 15.46 55.46 -26.05
C LYS C 122 16.92 55.89 -25.94
N ASP C 123 17.66 55.69 -27.04
CA ASP C 123 19.10 55.96 -27.15
C ASP C 123 19.93 55.22 -26.11
N SER C 124 19.52 54.02 -25.71
CA SER C 124 20.26 53.33 -24.66
C SER C 124 21.36 52.46 -25.25
N GLY C 125 21.31 52.22 -26.56
CA GLY C 125 22.45 51.66 -27.25
C GLY C 125 22.63 50.16 -27.13
N PHE C 126 21.56 49.40 -26.91
CA PHE C 126 21.62 47.95 -26.86
C PHE C 126 20.87 47.39 -28.04
N GLN C 127 21.45 46.39 -28.70
CA GLN C 127 20.61 45.49 -29.46
C GLN C 127 20.38 44.23 -28.64
N MET C 128 19.87 43.19 -29.30
CA MET C 128 19.56 41.96 -28.57
C MET C 128 20.82 41.21 -28.18
N ASN C 129 21.92 41.39 -28.92
CA ASN C 129 23.09 40.56 -28.67
C ASN C 129 24.08 41.21 -27.69
N GLN C 130 23.97 42.53 -27.48
CA GLN C 130 24.80 43.15 -26.44
C GLN C 130 24.16 43.06 -25.07
N LEU C 131 23.04 42.36 -24.98
CA LEU C 131 22.23 42.33 -23.78
C LEU C 131 22.93 41.48 -22.72
N ARG C 132 23.92 42.04 -22.04
CA ARG C 132 24.69 41.33 -21.04
C ARG C 132 25.10 42.28 -19.92
N GLY C 133 24.83 41.88 -18.69
CA GLY C 133 25.27 42.66 -17.54
C GLY C 133 24.54 43.97 -17.37
N LYS C 134 23.32 44.08 -17.88
CA LYS C 134 22.54 45.29 -17.80
C LYS C 134 21.28 45.01 -17.01
N LYS C 135 20.87 45.97 -16.17
CA LYS C 135 19.86 45.71 -15.16
C LYS C 135 18.49 45.52 -15.79
N SER C 136 17.89 44.36 -15.51
CA SER C 136 16.74 43.88 -16.23
C SER C 136 15.52 43.77 -15.34
N CYS C 137 14.36 44.05 -15.92
CA CYS C 137 13.09 44.10 -15.23
C CYS C 137 12.17 43.01 -15.77
N HIS C 138 12.00 41.96 -14.98
CA HIS C 138 11.15 40.83 -15.31
C HIS C 138 9.82 41.04 -14.62
N THR C 139 8.83 40.23 -14.97
CA THR C 139 7.51 40.41 -14.38
C THR C 139 7.17 39.31 -13.41
N GLY C 140 7.86 38.17 -13.48
CA GLY C 140 7.57 37.11 -12.55
C GLY C 140 8.51 35.94 -12.77
N LEU C 141 8.36 34.93 -11.93
CA LEU C 141 9.18 33.73 -12.06
C LEU C 141 8.31 32.60 -12.58
N GLY C 142 8.35 32.40 -13.89
CA GLY C 142 7.52 31.40 -14.50
C GLY C 142 6.35 31.92 -15.30
N ARG C 143 6.07 33.22 -15.22
CA ARG C 143 5.03 33.80 -16.07
C ARG C 143 5.47 33.74 -17.51
N SER C 144 4.49 33.69 -18.41
CA SER C 144 4.76 33.30 -19.79
C SER C 144 5.53 34.38 -20.54
N ALA C 145 4.96 35.57 -20.67
CA ALA C 145 5.50 36.55 -21.60
C ALA C 145 6.73 37.25 -21.04
N GLY C 146 7.00 37.07 -19.74
CA GLY C 146 8.08 37.79 -19.12
C GLY C 146 9.31 36.98 -18.75
N TRP C 147 9.16 35.67 -18.53
CA TRP C 147 10.33 34.88 -18.18
C TRP C 147 10.71 33.91 -19.29
N ASN C 148 9.76 33.14 -19.82
CA ASN C 148 10.11 31.98 -20.62
C ASN C 148 10.62 32.37 -22.00
N ILE C 149 10.04 33.39 -22.61
CA ILE C 149 10.52 33.84 -23.91
C ILE C 149 11.82 34.64 -23.79
N PRO C 150 12.01 35.59 -22.83
CA PRO C 150 13.34 36.20 -22.72
C PRO C 150 14.45 35.24 -22.37
N ILE C 151 14.29 34.42 -21.32
CA ILE C 151 15.38 33.54 -20.91
C ILE C 151 15.55 32.40 -21.91
N GLY C 152 14.46 31.97 -22.55
CA GLY C 152 14.56 30.95 -23.56
C GLY C 152 15.23 31.43 -24.83
N LEU C 153 15.08 32.72 -25.15
CA LEU C 153 15.75 33.26 -26.32
C LEU C 153 17.26 33.37 -26.11
N LEU C 154 17.67 34.05 -25.04
CA LEU C 154 19.09 34.26 -24.75
C LEU C 154 19.69 33.12 -23.96
N TYR C 155 19.05 31.96 -23.92
CA TYR C 155 19.39 30.93 -22.95
C TYR C 155 20.70 30.22 -23.27
N CYS C 156 20.92 29.83 -24.52
CA CYS C 156 22.03 28.90 -24.79
C CYS C 156 23.36 29.63 -24.94
N ASP C 157 23.38 30.95 -24.78
CA ASP C 157 24.66 31.67 -24.77
C ASP C 157 25.29 31.68 -23.38
N LEU C 158 24.59 31.13 -22.39
CA LEU C 158 25.09 31.15 -21.02
C LEU C 158 26.20 30.14 -20.85
N PRO C 159 27.13 30.35 -19.92
CA PRO C 159 28.18 29.36 -19.68
C PRO C 159 27.76 28.33 -18.65
N GLU C 160 28.51 27.24 -18.61
CA GLU C 160 28.24 26.16 -17.67
C GLU C 160 28.64 26.57 -16.25
N PRO C 161 27.94 26.07 -15.22
CA PRO C 161 26.76 25.20 -15.23
C PRO C 161 25.48 25.96 -15.52
N ARG C 162 24.65 25.45 -16.43
CA ARG C 162 23.37 26.08 -16.70
C ARG C 162 22.40 25.86 -15.54
N LYS C 163 22.41 24.69 -14.95
CA LYS C 163 21.46 24.37 -13.90
C LYS C 163 22.09 24.61 -12.53
N PRO C 164 21.46 25.36 -11.62
CA PRO C 164 20.13 26.00 -11.69
C PRO C 164 20.15 27.24 -12.53
N LEU C 165 19.03 27.50 -13.21
CA LEU C 165 18.96 28.56 -14.20
C LEU C 165 19.18 29.92 -13.59
N GLU C 166 18.71 30.11 -12.36
CA GLU C 166 18.74 31.41 -11.72
C GLU C 166 20.15 31.80 -11.28
N LYS C 167 21.02 30.82 -11.10
CA LYS C 167 22.40 31.11 -10.76
C LYS C 167 23.14 31.72 -11.95
N ALA C 168 22.90 31.18 -13.14
CA ALA C 168 23.62 31.64 -14.32
C ALA C 168 23.00 32.91 -14.90
N VAL C 169 21.67 33.04 -14.81
CA VAL C 169 21.03 34.31 -15.15
C VAL C 169 21.41 35.36 -14.11
N ALA C 170 21.58 34.92 -12.87
CA ALA C 170 21.99 35.84 -11.80
C ALA C 170 23.41 36.32 -12.00
N ASN C 171 24.27 35.49 -12.60
CA ASN C 171 25.61 35.96 -12.95
C ASN C 171 25.62 36.62 -14.32
N PHE C 172 24.52 36.53 -15.06
CA PHE C 172 24.47 37.08 -16.40
C PHE C 172 24.11 38.57 -16.38
N PHE C 173 22.99 38.90 -15.74
CA PHE C 173 22.59 40.29 -15.53
C PHE C 173 23.29 40.80 -14.29
N SER C 174 23.73 42.06 -14.32
CA SER C 174 24.35 42.68 -13.16
C SER C 174 23.24 43.26 -12.27
N GLY C 175 22.52 42.36 -11.62
CA GLY C 175 21.39 42.77 -10.79
C GLY C 175 20.14 43.00 -11.60
N SER C 176 19.00 42.63 -11.01
CA SER C 176 17.74 42.61 -11.75
C SER C 176 16.57 42.64 -10.79
N CYS C 177 15.33 42.59 -11.30
CA CYS C 177 14.18 42.29 -10.45
C CYS C 177 13.30 41.28 -11.13
N ALA C 178 13.25 40.07 -10.59
CA ALA C 178 12.26 39.08 -10.96
C ALA C 178 11.53 38.64 -9.70
N PRO C 179 10.25 38.97 -9.55
CA PRO C 179 9.51 38.55 -8.35
C PRO C 179 9.34 37.05 -8.28
N CYS C 180 9.01 36.57 -7.08
CA CYS C 180 8.74 35.19 -6.68
C CYS C 180 9.98 34.31 -6.66
N ALA C 181 11.14 34.81 -7.06
CA ALA C 181 12.36 34.03 -6.95
C ALA C 181 12.89 34.12 -5.53
N ASP C 182 13.56 33.06 -5.10
CA ASP C 182 14.00 32.92 -3.72
C ASP C 182 15.18 33.87 -3.50
N GLY C 183 14.94 34.94 -2.75
CA GLY C 183 15.98 35.95 -2.56
C GLY C 183 17.06 35.50 -1.60
N THR C 184 16.78 34.46 -0.82
CA THR C 184 17.79 33.97 0.12
C THR C 184 18.88 33.19 -0.60
N ASP C 185 18.48 32.25 -1.46
CA ASP C 185 19.48 31.46 -2.18
C ASP C 185 20.07 32.23 -3.34
N PHE C 186 19.37 33.27 -3.81
CA PHE C 186 19.82 34.05 -4.97
C PHE C 186 19.58 35.52 -4.67
N PRO C 187 20.60 36.29 -4.33
CA PRO C 187 20.36 37.70 -4.01
C PRO C 187 20.38 38.60 -5.22
N GLN C 188 20.94 38.15 -6.34
CA GLN C 188 21.07 39.03 -7.49
C GLN C 188 19.75 39.20 -8.24
N LEU C 189 18.85 38.23 -8.10
CA LEU C 189 17.55 38.37 -8.74
C LEU C 189 16.67 39.37 -8.01
N CYS C 190 16.78 39.40 -6.68
CA CYS C 190 16.01 40.30 -5.87
C CYS C 190 16.81 41.51 -5.45
N GLN C 191 17.65 42.05 -6.33
CA GLN C 191 18.52 43.14 -5.94
C GLN C 191 17.90 44.49 -6.24
N LEU C 192 17.34 44.66 -7.44
CA LEU C 192 16.80 45.96 -7.81
C LEU C 192 15.51 46.23 -7.07
N CYS C 193 14.69 45.21 -6.89
CA CYS C 193 13.64 45.26 -5.90
C CYS C 193 14.25 45.01 -4.52
N PRO C 194 13.67 45.57 -3.46
CA PRO C 194 14.21 45.28 -2.12
C PRO C 194 14.00 43.86 -1.66
N GLY C 195 12.77 43.36 -1.73
CA GLY C 195 12.50 41.96 -1.47
C GLY C 195 11.45 41.49 -2.44
N CYS C 196 11.63 40.27 -2.94
CA CYS C 196 10.77 39.72 -3.97
C CYS C 196 9.46 39.29 -3.33
N GLY C 197 8.40 40.05 -3.59
CA GLY C 197 7.09 39.73 -3.08
C GLY C 197 6.14 39.35 -4.19
N CYS C 198 5.35 38.31 -3.97
CA CYS C 198 4.48 37.77 -5.01
C CYS C 198 3.06 38.31 -4.86
N SER C 199 2.94 39.62 -4.90
CA SER C 199 1.64 40.27 -4.82
C SER C 199 1.77 41.66 -5.41
N THR C 200 0.69 42.43 -5.31
CA THR C 200 0.72 43.80 -5.79
C THR C 200 1.42 44.72 -4.79
N LEU C 201 1.64 44.22 -3.56
CA LEU C 201 2.37 44.97 -2.54
C LEU C 201 3.81 45.24 -2.97
N ASN C 202 4.42 44.29 -3.68
CA ASN C 202 5.66 44.58 -4.37
C ASN C 202 5.36 45.57 -5.48
N GLN C 203 6.10 46.68 -5.47
CA GLN C 203 5.71 47.81 -6.31
C GLN C 203 6.10 47.61 -7.77
N TYR C 204 6.92 46.61 -8.05
CA TYR C 204 7.32 46.36 -9.43
C TYR C 204 6.79 45.05 -9.99
N PHE C 205 5.78 44.46 -9.38
CA PHE C 205 5.18 43.23 -9.88
C PHE C 205 4.26 43.53 -11.05
N GLY C 206 4.20 42.59 -11.99
CA GLY C 206 3.21 42.66 -13.04
C GLY C 206 3.69 43.40 -14.26
N TYR C 207 2.75 43.61 -15.18
CA TYR C 207 3.07 44.29 -16.42
C TYR C 207 3.37 45.76 -16.17
N SER C 208 2.47 46.43 -15.45
CA SER C 208 2.69 47.84 -15.14
C SER C 208 3.85 48.02 -14.17
N GLY C 209 4.10 47.02 -13.32
CA GLY C 209 5.20 47.11 -12.40
C GLY C 209 6.55 46.95 -13.06
N ALA C 210 6.63 46.09 -14.08
CA ALA C 210 7.89 45.95 -14.80
C ALA C 210 8.13 47.17 -15.68
N PHE C 211 7.06 47.76 -16.21
CA PHE C 211 7.24 49.00 -16.96
C PHE C 211 7.61 50.15 -16.05
N LYS C 212 7.16 50.12 -14.80
CA LYS C 212 7.60 51.14 -13.85
C LYS C 212 9.05 50.90 -13.46
N CYS C 213 9.47 49.63 -13.48
CA CYS C 213 10.89 49.29 -13.31
C CYS C 213 11.73 49.82 -14.47
N LEU C 214 11.12 49.97 -15.65
CA LEU C 214 11.83 50.67 -16.70
C LEU C 214 11.78 52.19 -16.51
N LYS C 215 10.61 52.72 -16.13
CA LYS C 215 10.38 54.17 -16.16
C LYS C 215 11.16 54.88 -15.07
N ASP C 216 11.34 54.24 -13.91
CA ASP C 216 12.05 54.90 -12.82
C ASP C 216 13.55 55.02 -13.08
N GLY C 217 14.05 54.36 -14.13
CA GLY C 217 15.43 54.49 -14.54
C GLY C 217 16.35 53.43 -14.00
N ALA C 218 15.86 52.56 -13.13
CA ALA C 218 16.74 51.57 -12.52
C ALA C 218 17.00 50.40 -13.46
N GLY C 219 16.12 50.18 -14.43
CA GLY C 219 16.24 49.05 -15.33
C GLY C 219 16.59 49.49 -16.75
N ASP C 220 17.42 48.68 -17.41
CA ASP C 220 17.83 49.00 -18.77
C ASP C 220 16.91 48.35 -19.80
N VAL C 221 16.26 47.26 -19.42
CA VAL C 221 15.37 46.51 -20.29
C VAL C 221 14.22 45.98 -19.43
N ALA C 222 13.01 45.98 -19.99
CA ALA C 222 11.85 45.47 -19.26
C ALA C 222 11.01 44.62 -20.19
N PHE C 223 10.67 43.41 -19.75
CA PHE C 223 10.03 42.43 -20.63
C PHE C 223 8.53 42.37 -20.32
N VAL C 224 7.70 42.85 -21.25
CA VAL C 224 6.25 42.91 -21.03
C VAL C 224 5.48 42.42 -22.24
N LYS C 225 4.16 42.57 -22.22
CA LYS C 225 3.40 42.34 -23.44
C LYS C 225 3.26 43.64 -24.21
N HIS C 226 2.49 43.59 -25.30
CA HIS C 226 2.50 44.74 -26.21
C HIS C 226 1.59 45.86 -25.73
N SER C 227 0.53 45.53 -24.98
CA SER C 227 -0.43 46.57 -24.59
C SER C 227 0.02 47.34 -23.35
N THR C 228 1.13 46.93 -22.74
CA THR C 228 1.55 47.52 -21.48
C THR C 228 2.02 48.96 -21.65
N ILE C 229 2.75 49.24 -22.72
CA ILE C 229 3.20 50.61 -22.97
C ILE C 229 2.02 51.49 -23.38
N PHE C 230 0.98 50.89 -23.97
CA PHE C 230 -0.22 51.65 -24.30
C PHE C 230 -0.99 52.02 -23.05
N GLU C 231 -1.08 51.12 -22.08
CA GLU C 231 -2.00 51.34 -20.98
C GLU C 231 -1.45 52.30 -19.93
N ASN C 232 -0.13 52.34 -19.76
CA ASN C 232 0.40 53.13 -18.65
C ASN C 232 0.60 54.59 -19.04
N LEU C 233 0.76 54.88 -20.33
CA LEU C 233 0.97 56.24 -20.80
C LEU C 233 -0.24 56.73 -21.56
N ALA C 234 -0.47 58.03 -21.54
CA ALA C 234 -1.57 58.67 -22.25
C ALA C 234 -1.11 59.68 -23.28
N ASN C 235 0.20 59.83 -23.48
CA ASN C 235 0.75 60.83 -24.38
C ASN C 235 1.43 60.12 -25.55
N LYS C 236 1.15 60.60 -26.77
CA LYS C 236 1.69 59.96 -27.95
C LYS C 236 3.18 60.23 -28.09
N ALA C 237 3.64 61.40 -27.63
CA ALA C 237 5.06 61.73 -27.72
C ALA C 237 5.88 60.91 -26.74
N ASP C 238 5.32 60.61 -25.57
CA ASP C 238 6.02 59.80 -24.59
C ASP C 238 6.11 58.34 -25.04
N ARG C 239 5.11 57.89 -25.79
CA ARG C 239 5.24 56.59 -26.45
C ARG C 239 6.16 56.68 -27.65
N ASP C 240 6.36 57.87 -28.21
CA ASP C 240 7.31 58.04 -29.29
C ASP C 240 8.73 58.02 -28.77
N GLN C 241 8.93 58.31 -27.48
CA GLN C 241 10.26 58.16 -26.91
C GLN C 241 10.65 56.69 -26.82
N TYR C 242 9.93 55.91 -26.02
CA TYR C 242 10.32 54.53 -25.71
C TYR C 242 10.27 53.64 -26.94
N GLU C 243 11.17 52.67 -27.00
CA GLU C 243 11.29 51.79 -28.15
C GLU C 243 11.34 50.35 -27.66
N LEU C 244 11.27 49.41 -28.60
CA LEU C 244 11.32 48.00 -28.27
C LEU C 244 12.13 47.26 -29.32
N LEU C 245 12.98 46.35 -28.86
CA LEU C 245 14.04 45.80 -29.70
C LEU C 245 13.65 44.42 -30.22
N CYS C 246 14.17 44.10 -31.42
CA CYS C 246 13.64 43.02 -32.22
C CYS C 246 14.51 41.77 -32.13
N LEU C 247 14.17 40.79 -32.97
CA LEU C 247 15.00 39.60 -33.13
C LEU C 247 16.11 39.84 -34.14
N ASP C 248 15.89 40.75 -35.07
CA ASP C 248 16.88 40.99 -36.11
C ASP C 248 17.84 42.12 -35.76
N ASN C 249 18.10 42.34 -34.47
CA ASN C 249 19.11 43.24 -33.93
C ASN C 249 18.84 44.70 -34.30
N THR C 250 17.58 45.04 -34.55
CA THR C 250 17.21 46.38 -34.95
C THR C 250 16.26 46.99 -33.93
N ARG C 251 16.23 48.31 -33.86
CA ARG C 251 15.25 49.00 -33.04
C ARG C 251 14.11 49.52 -33.90
N LYS C 252 12.88 49.29 -33.45
CA LYS C 252 11.67 49.73 -34.14
C LYS C 252 10.77 50.45 -33.15
N PRO C 253 9.91 51.36 -33.62
CA PRO C 253 9.00 52.05 -32.71
C PRO C 253 7.89 51.15 -32.21
N VAL C 254 7.24 51.60 -31.13
CA VAL C 254 6.32 50.73 -30.39
C VAL C 254 4.94 50.68 -31.05
N ASP C 255 4.72 51.49 -32.07
CA ASP C 255 3.42 51.49 -32.75
C ASP C 255 3.22 50.22 -33.55
N GLU C 256 4.31 49.61 -34.00
CA GLU C 256 4.27 48.37 -34.75
C GLU C 256 4.90 47.24 -33.93
N TYR C 257 4.04 46.40 -33.35
CA TYR C 257 4.47 45.22 -32.64
C TYR C 257 4.19 43.93 -33.40
N LYS C 258 3.63 44.03 -34.59
CA LYS C 258 3.44 42.84 -35.42
C LYS C 258 4.76 42.36 -35.97
N ASP C 259 5.72 43.26 -36.13
CA ASP C 259 6.96 42.94 -36.84
C ASP C 259 8.13 42.82 -35.89
N CYS C 260 8.02 43.41 -34.70
CA CYS C 260 9.07 43.35 -33.71
C CYS C 260 8.64 42.60 -32.45
N HIS C 261 7.99 41.45 -32.59
CA HIS C 261 7.57 40.70 -31.43
C HIS C 261 8.46 39.49 -31.24
N LEU C 262 8.62 39.07 -30.00
CA LEU C 262 9.46 37.91 -29.73
C LEU C 262 8.72 36.60 -29.98
N ALA C 263 7.53 36.45 -29.41
CA ALA C 263 6.76 35.21 -29.57
C ALA C 263 5.30 35.46 -29.22
N GLN C 264 4.47 34.50 -29.61
CA GLN C 264 3.05 34.47 -29.30
C GLN C 264 2.80 33.45 -28.20
N VAL C 265 1.95 33.80 -27.25
CA VAL C 265 1.63 32.91 -26.14
C VAL C 265 0.13 32.75 -26.00
N PRO C 266 -0.35 31.65 -25.42
CA PRO C 266 -1.78 31.53 -25.15
C PRO C 266 -2.21 32.44 -24.01
N SER C 267 -3.53 32.57 -23.87
CA SER C 267 -4.11 33.53 -22.96
C SER C 267 -4.00 33.09 -21.50
N HIS C 268 -4.31 33.99 -20.60
CA HIS C 268 -4.44 33.61 -19.21
C HIS C 268 -5.75 32.85 -19.03
N THR C 269 -5.78 31.94 -18.08
CA THR C 269 -6.98 31.13 -17.88
C THR C 269 -7.36 31.09 -16.41
N VAL C 270 -8.65 30.86 -16.17
CA VAL C 270 -9.08 30.55 -14.81
C VAL C 270 -8.91 29.05 -14.59
N VAL C 271 -8.00 28.67 -13.71
CA VAL C 271 -7.74 27.25 -13.47
C VAL C 271 -8.78 26.78 -12.47
N ALA C 272 -8.98 25.46 -12.41
CA ALA C 272 -9.88 24.87 -11.45
C ALA C 272 -9.43 23.43 -11.23
N ARG C 273 -10.18 22.69 -10.42
CA ARG C 273 -9.77 21.31 -10.15
C ARG C 273 -10.11 20.42 -11.33
N SER C 274 -9.55 19.21 -11.31
CA SER C 274 -9.76 18.29 -12.42
C SER C 274 -10.87 17.29 -12.12
N MET C 275 -11.07 16.96 -10.85
CA MET C 275 -12.07 15.99 -10.45
C MET C 275 -13.29 16.62 -9.81
N GLY C 276 -13.11 17.40 -8.75
CA GLY C 276 -14.25 17.99 -8.08
C GLY C 276 -14.84 19.15 -8.85
N GLY C 277 -14.03 19.81 -9.66
CA GLY C 277 -14.51 20.98 -10.38
C GLY C 277 -14.54 22.18 -9.45
N LYS C 278 -15.61 22.95 -9.52
CA LYS C 278 -16.76 22.70 -10.38
C LYS C 278 -16.76 23.74 -11.50
N GLU C 279 -16.82 23.27 -12.74
CA GLU C 279 -16.50 24.15 -13.86
C GLU C 279 -17.74 24.86 -14.38
N ASP C 280 -18.92 24.25 -14.24
CA ASP C 280 -20.12 24.83 -14.81
C ASP C 280 -20.61 26.01 -13.98
N LEU C 281 -20.18 26.10 -12.72
CA LEU C 281 -20.52 27.28 -11.94
C LEU C 281 -19.55 28.42 -12.20
N ILE C 282 -18.30 28.12 -12.54
CA ILE C 282 -17.40 29.16 -13.00
C ILE C 282 -17.88 29.75 -14.32
N TRP C 283 -18.27 28.89 -15.28
CA TRP C 283 -18.73 29.41 -16.56
C TRP C 283 -20.10 30.07 -16.43
N GLU C 284 -20.95 29.53 -15.54
CA GLU C 284 -22.25 30.13 -15.31
C GLU C 284 -22.13 31.49 -14.65
N LEU C 285 -21.12 31.65 -13.80
CA LEU C 285 -20.89 32.91 -13.13
C LEU C 285 -20.34 33.95 -14.08
N LEU C 286 -19.24 33.62 -14.75
CA LEU C 286 -18.56 34.63 -15.55
C LEU C 286 -19.34 34.96 -16.82
N ASN C 287 -20.15 34.02 -17.31
CA ASN C 287 -20.93 34.27 -18.52
C ASN C 287 -22.00 35.31 -18.27
N GLN C 288 -22.62 35.27 -17.10
CA GLN C 288 -23.53 36.34 -16.73
C GLN C 288 -22.78 37.56 -16.22
N ALA C 289 -21.45 37.44 -16.02
CA ALA C 289 -20.70 38.61 -15.57
C ALA C 289 -20.21 39.49 -16.71
N GLN C 290 -19.76 38.92 -17.83
CA GLN C 290 -19.15 39.77 -18.85
C GLN C 290 -20.21 40.49 -19.68
N GLU C 291 -21.46 40.04 -19.61
CA GLU C 291 -22.52 40.72 -20.33
C GLU C 291 -22.90 42.02 -19.64
N HIS C 292 -23.14 41.96 -18.32
CA HIS C 292 -23.59 43.14 -17.61
C HIS C 292 -22.42 44.05 -17.26
N PHE C 293 -21.20 43.50 -17.17
CA PHE C 293 -20.09 44.24 -16.58
C PHE C 293 -18.87 44.34 -17.47
N GLY C 294 -18.99 44.13 -18.78
CA GLY C 294 -17.81 43.88 -19.60
C GLY C 294 -17.05 45.13 -19.99
N LYS C 295 -17.64 45.96 -20.85
CA LYS C 295 -16.96 47.11 -21.45
C LYS C 295 -17.95 48.27 -21.49
N ASP C 296 -17.92 49.08 -20.42
CA ASP C 296 -18.86 50.19 -20.18
C ASP C 296 -20.31 49.71 -20.15
N LYS C 297 -20.52 48.44 -19.82
CA LYS C 297 -21.87 47.89 -19.78
C LYS C 297 -22.57 48.28 -18.49
N SER C 298 -21.80 48.53 -17.44
CA SER C 298 -22.28 49.22 -16.26
C SER C 298 -21.30 50.33 -15.93
N LYS C 299 -21.81 51.48 -15.53
CA LYS C 299 -20.93 52.59 -15.21
C LYS C 299 -20.55 52.56 -13.73
N GLU C 300 -21.32 51.80 -12.93
CA GLU C 300 -21.09 51.79 -11.50
C GLU C 300 -19.93 50.87 -11.14
N PHE C 301 -19.95 49.63 -11.63
CA PHE C 301 -18.91 48.67 -11.36
C PHE C 301 -18.24 48.25 -12.67
N GLN C 302 -16.92 48.13 -12.64
CA GLN C 302 -16.13 47.68 -13.77
C GLN C 302 -15.53 46.33 -13.44
N LEU C 303 -15.58 45.40 -14.40
CA LEU C 303 -14.92 44.11 -14.20
C LEU C 303 -13.46 44.19 -14.60
N PHE C 304 -13.15 44.97 -15.62
CA PHE C 304 -11.83 44.98 -16.23
C PHE C 304 -11.08 46.28 -15.99
N SER C 305 -11.42 47.01 -14.93
CA SER C 305 -10.71 48.22 -14.53
C SER C 305 -10.91 48.41 -13.04
N SER C 306 -9.99 49.13 -12.41
CA SER C 306 -10.05 49.33 -10.97
C SER C 306 -9.46 50.69 -10.62
N PRO C 307 -9.95 51.37 -9.58
CA PRO C 307 -9.41 52.68 -9.24
C PRO C 307 -8.11 52.61 -8.45
N HIS C 308 -7.92 51.55 -7.67
CA HIS C 308 -6.79 51.51 -6.75
C HIS C 308 -5.70 50.56 -7.24
N GLY C 309 -5.80 50.10 -8.48
CA GLY C 309 -4.76 49.28 -9.06
C GLY C 309 -5.12 48.87 -10.48
N LYS C 310 -4.18 48.19 -11.11
CA LYS C 310 -4.37 47.64 -12.45
C LYS C 310 -4.05 46.16 -12.43
N ASP C 311 -4.65 45.43 -13.38
CA ASP C 311 -4.52 43.99 -13.58
C ASP C 311 -4.96 43.20 -12.35
N LEU C 312 -6.00 43.63 -11.67
CA LEU C 312 -6.49 42.91 -10.50
C LEU C 312 -7.53 41.89 -10.90
N LEU C 313 -7.23 40.61 -10.60
CA LEU C 313 -8.04 39.40 -10.77
C LEU C 313 -8.24 38.98 -12.22
N PHE C 314 -7.89 39.86 -13.15
CA PHE C 314 -8.11 39.74 -14.57
C PHE C 314 -7.13 40.69 -15.22
N LYS C 315 -7.10 40.73 -16.54
CA LYS C 315 -6.30 41.78 -17.16
C LYS C 315 -7.17 42.96 -17.52
N ASP C 316 -6.53 44.12 -17.71
CA ASP C 316 -7.27 45.27 -18.19
C ASP C 316 -7.26 45.32 -19.71
N SER C 317 -6.71 44.29 -20.34
CA SER C 317 -6.74 44.21 -21.80
C SER C 317 -7.75 43.17 -22.26
N ALA C 318 -8.31 42.41 -21.33
CA ALA C 318 -9.27 41.38 -21.70
C ALA C 318 -10.59 42.03 -22.11
N HIS C 319 -11.30 41.39 -23.04
CA HIS C 319 -12.62 41.85 -23.44
C HIS C 319 -13.73 40.81 -23.28
N GLY C 320 -13.40 39.52 -23.23
CA GLY C 320 -14.43 38.52 -23.12
C GLY C 320 -13.88 37.18 -22.68
N PHE C 321 -14.80 36.29 -22.31
CA PHE C 321 -14.46 34.97 -21.81
C PHE C 321 -15.16 33.94 -22.68
N LEU C 322 -14.41 33.01 -23.24
CA LEU C 322 -15.04 31.81 -23.80
C LEU C 322 -14.57 30.55 -23.12
N LYS C 323 -15.41 29.52 -23.25
CA LYS C 323 -15.24 28.25 -22.58
C LYS C 323 -14.04 27.51 -23.14
N VAL C 324 -13.27 26.89 -22.27
CA VAL C 324 -12.28 25.92 -22.70
C VAL C 324 -13.05 24.62 -22.94
N PRO C 325 -12.89 23.98 -24.09
CA PRO C 325 -13.64 22.75 -24.36
C PRO C 325 -13.25 21.66 -23.39
N PRO C 326 -14.17 20.72 -23.10
CA PRO C 326 -13.88 19.73 -22.06
C PRO C 326 -12.84 18.71 -22.44
N ARG C 327 -12.58 18.52 -23.73
CA ARG C 327 -11.57 17.57 -24.16
C ARG C 327 -10.17 18.10 -23.87
N MET C 328 -9.97 19.41 -24.01
CA MET C 328 -8.65 20.00 -23.87
C MET C 328 -8.20 20.03 -22.42
N ASP C 329 -7.09 19.34 -22.15
CA ASP C 329 -6.40 19.33 -20.88
C ASP C 329 -5.31 20.40 -20.92
N ALA C 330 -4.39 20.31 -19.95
CA ALA C 330 -3.37 21.35 -19.81
C ALA C 330 -2.38 21.36 -20.97
N LYS C 331 -1.84 20.18 -21.30
CA LYS C 331 -0.77 20.10 -22.29
C LYS C 331 -1.28 20.42 -23.68
N MET C 332 -2.54 20.10 -23.98
CA MET C 332 -3.08 20.50 -25.27
C MET C 332 -3.44 21.97 -25.27
N TYR C 333 -3.64 22.56 -24.08
CA TYR C 333 -3.90 24.00 -24.05
C TYR C 333 -2.64 24.77 -24.38
N LEU C 334 -1.54 24.44 -23.72
CA LEU C 334 -0.30 25.19 -23.97
C LEU C 334 0.28 24.88 -25.35
N GLY C 335 -0.11 23.75 -25.94
CA GLY C 335 0.46 23.33 -27.19
C GLY C 335 1.59 22.33 -26.99
N TYR C 336 2.35 22.08 -28.05
CA TYR C 336 3.49 21.19 -27.90
C TYR C 336 4.81 21.96 -27.95
N GLU C 337 4.87 23.00 -28.78
CA GLU C 337 6.09 23.80 -28.85
C GLU C 337 6.35 24.52 -27.53
N TYR C 338 5.30 24.99 -26.89
CA TYR C 338 5.50 25.78 -25.69
C TYR C 338 5.75 24.89 -24.47
N VAL C 339 5.08 23.74 -24.40
CA VAL C 339 5.37 22.76 -23.35
C VAL C 339 6.81 22.25 -23.48
N THR C 340 7.27 22.04 -24.72
CA THR C 340 8.65 21.59 -24.88
C THR C 340 9.66 22.67 -24.52
N ALA C 341 9.33 23.93 -24.83
CA ALA C 341 10.26 25.01 -24.47
C ALA C 341 10.33 25.23 -22.97
N ILE C 342 9.20 25.16 -22.28
CA ILE C 342 9.25 25.34 -20.83
C ILE C 342 9.89 24.12 -20.15
N ARG C 343 9.68 22.92 -20.69
CA ARG C 343 10.22 21.73 -20.05
C ARG C 343 11.73 21.63 -20.24
N ASN C 344 12.21 21.99 -21.43
CA ASN C 344 13.65 22.07 -21.65
C ASN C 344 14.27 23.20 -20.86
N LEU C 345 13.51 24.28 -20.62
CA LEU C 345 14.07 25.38 -19.85
C LEU C 345 14.14 25.04 -18.36
N ARG C 346 13.29 24.12 -17.90
CA ARG C 346 13.40 23.68 -16.51
C ARG C 346 14.52 22.65 -16.36
N GLU C 347 14.58 21.67 -17.26
CA GLU C 347 15.57 20.61 -17.09
C GLU C 347 16.96 21.06 -17.55
N GLY C 348 17.03 21.98 -18.50
CA GLY C 348 18.31 22.57 -18.85
C GLY C 348 19.12 21.79 -19.85
N THR C 349 18.55 21.47 -21.01
CA THR C 349 19.22 20.55 -21.92
C THR C 349 19.93 21.26 -23.07
N CYS C 350 19.24 22.20 -23.75
CA CYS C 350 19.77 22.94 -24.91
C CYS C 350 20.33 22.02 -26.00
N PRO C 351 19.47 21.39 -26.79
CA PRO C 351 19.92 20.34 -27.70
C PRO C 351 20.72 20.89 -28.87
N GLU C 352 21.74 20.12 -29.28
CA GLU C 352 22.52 20.47 -30.45
C GLU C 352 21.85 19.98 -31.73
N ALA C 353 21.45 18.71 -31.74
CA ALA C 353 20.69 18.00 -32.78
C ALA C 353 21.25 18.09 -34.20
N PRO C 354 22.36 17.41 -34.52
CA PRO C 354 22.59 17.03 -35.92
C PRO C 354 21.97 15.66 -36.20
N THR C 355 21.31 15.55 -37.34
CA THR C 355 20.54 14.36 -37.69
C THR C 355 21.44 13.32 -38.34
N ASP C 356 21.99 12.42 -37.53
CA ASP C 356 22.81 11.36 -38.09
C ASP C 356 22.12 10.02 -37.85
N GLU C 357 21.87 9.70 -36.59
CA GLU C 357 21.09 8.52 -36.26
C GLU C 357 19.76 8.95 -35.66
N CYS C 358 18.71 8.20 -35.95
CA CYS C 358 17.39 8.56 -35.45
C CYS C 358 16.96 7.60 -34.35
N LYS C 359 16.19 8.12 -33.40
CA LYS C 359 15.68 7.34 -32.29
C LYS C 359 14.67 6.31 -32.80
N PRO C 360 14.38 5.26 -32.03
CA PRO C 360 13.34 4.32 -32.45
C PRO C 360 11.97 4.96 -32.42
N VAL C 361 11.18 4.71 -33.47
CA VAL C 361 9.87 5.32 -33.61
C VAL C 361 8.85 4.64 -32.69
N LYS C 362 8.25 5.41 -31.81
CA LYS C 362 7.19 4.93 -30.94
C LYS C 362 5.90 4.95 -31.74
N TRP C 363 5.50 3.79 -32.25
CA TRP C 363 4.24 3.62 -32.95
C TRP C 363 3.09 3.68 -31.96
N CYS C 364 1.88 3.89 -32.49
CA CYS C 364 0.66 3.88 -31.66
C CYS C 364 -0.33 2.89 -32.23
N ALA C 365 -0.97 2.12 -31.35
CA ALA C 365 -1.85 1.02 -31.72
C ALA C 365 -3.00 0.94 -30.75
N LEU C 366 -4.16 0.51 -31.21
CA LEU C 366 -5.38 0.55 -30.42
C LEU C 366 -5.94 -0.84 -30.19
N SER C 367 -6.30 -1.13 -28.93
CA SER C 367 -7.27 -2.14 -28.50
C SER C 367 -6.81 -3.58 -28.67
N HIS C 368 -5.59 -3.92 -28.29
CA HIS C 368 -5.12 -5.26 -27.91
C HIS C 368 -5.09 -6.32 -29.01
N HIS C 369 -5.56 -6.01 -30.21
CA HIS C 369 -5.18 -6.83 -31.36
C HIS C 369 -4.03 -6.17 -32.09
N GLU C 370 -4.12 -4.85 -32.25
CA GLU C 370 -3.00 -4.10 -32.82
C GLU C 370 -1.80 -4.09 -31.88
N ARG C 371 -2.01 -4.38 -30.60
CA ARG C 371 -0.85 -4.55 -29.72
C ARG C 371 -0.15 -5.87 -29.98
N LEU C 372 -0.91 -6.91 -30.35
CA LEU C 372 -0.28 -8.18 -30.67
C LEU C 372 0.54 -8.06 -31.95
N LYS C 373 -0.10 -7.57 -33.02
CA LYS C 373 0.60 -7.47 -34.29
C LYS C 373 1.72 -6.44 -34.21
N CYS C 374 1.51 -5.37 -33.44
CA CYS C 374 2.54 -4.34 -33.28
C CYS C 374 3.75 -4.88 -32.52
N ASP C 375 3.51 -5.66 -31.46
CA ASP C 375 4.64 -6.15 -30.67
C ASP C 375 5.41 -7.24 -31.41
N GLU C 376 4.70 -8.06 -32.19
CA GLU C 376 5.41 -9.01 -33.04
C GLU C 376 6.25 -8.30 -34.08
N TRP C 377 5.75 -7.17 -34.60
CA TRP C 377 6.57 -6.35 -35.48
C TRP C 377 7.69 -5.64 -34.72
N SER C 378 7.50 -5.42 -33.43
CA SER C 378 8.54 -4.78 -32.64
C SER C 378 9.71 -5.71 -32.42
N VAL C 379 9.44 -7.02 -32.33
CA VAL C 379 10.51 -7.98 -32.13
C VAL C 379 11.14 -8.38 -33.46
N ASN C 380 10.33 -8.49 -34.52
CA ASN C 380 10.88 -8.86 -35.82
C ASN C 380 11.70 -7.74 -36.44
N SER C 381 11.56 -6.52 -35.94
CA SER C 381 12.50 -5.49 -36.34
C SER C 381 13.78 -5.62 -35.52
N VAL C 382 14.68 -4.67 -35.71
CA VAL C 382 15.90 -4.68 -34.92
C VAL C 382 15.62 -4.15 -33.52
N GLY C 383 14.58 -3.33 -33.40
CA GLY C 383 14.41 -2.50 -32.22
C GLY C 383 14.02 -1.09 -32.58
N LYS C 384 13.56 -0.90 -33.83
CA LYS C 384 13.36 0.44 -34.36
C LYS C 384 11.91 0.88 -34.26
N ILE C 385 11.00 -0.04 -33.99
CA ILE C 385 9.57 0.27 -33.88
C ILE C 385 9.05 -0.23 -32.55
N GLU C 386 8.53 0.69 -31.73
CA GLU C 386 7.99 0.37 -30.43
C GLU C 386 6.49 0.54 -30.48
N CYS C 387 5.78 0.21 -29.40
CA CYS C 387 4.32 0.27 -29.40
C CYS C 387 3.78 0.98 -28.17
N VAL C 388 2.86 1.92 -28.38
CA VAL C 388 2.09 2.54 -27.31
C VAL C 388 0.63 2.46 -27.69
N SER C 389 -0.23 2.09 -26.73
CA SER C 389 -1.61 1.74 -27.03
C SER C 389 -2.55 2.93 -26.91
N ALA C 390 -3.82 2.68 -27.21
CA ALA C 390 -4.93 3.61 -27.02
C ALA C 390 -6.21 2.80 -27.07
N GLU C 391 -7.34 3.45 -26.80
CA GLU C 391 -8.59 2.69 -26.83
C GLU C 391 -9.54 3.21 -27.90
N THR C 392 -9.36 4.45 -28.34
CA THR C 392 -10.04 4.96 -29.52
C THR C 392 -8.98 5.54 -30.44
N THR C 393 -9.34 5.76 -31.70
CA THR C 393 -8.40 6.45 -32.58
C THR C 393 -8.32 7.93 -32.26
N GLU C 394 -9.41 8.49 -31.72
CA GLU C 394 -9.46 9.91 -31.39
C GLU C 394 -8.53 10.24 -30.23
N ASP C 395 -8.26 9.25 -29.38
CA ASP C 395 -7.36 9.45 -28.26
C ASP C 395 -5.91 9.27 -28.69
N CYS C 396 -5.66 8.36 -29.64
CA CYS C 396 -4.30 8.16 -30.13
C CYS C 396 -3.82 9.34 -30.95
N ILE C 397 -4.74 10.10 -31.57
CA ILE C 397 -4.33 11.33 -32.24
C ILE C 397 -3.84 12.36 -31.22
N ALA C 398 -4.55 12.47 -30.10
CA ALA C 398 -4.10 13.36 -29.02
C ALA C 398 -2.79 12.87 -28.42
N LYS C 399 -2.59 11.56 -28.40
CA LYS C 399 -1.36 11.02 -27.86
C LYS C 399 -0.19 11.26 -28.81
N ILE C 400 -0.46 11.41 -30.10
CA ILE C 400 0.59 11.89 -31.00
C ILE C 400 0.89 13.35 -30.71
N MET C 401 -0.15 14.17 -30.49
CA MET C 401 0.07 15.60 -30.27
C MET C 401 0.83 15.88 -28.97
N ASN C 402 0.64 15.06 -27.94
CA ASN C 402 1.40 15.27 -26.72
C ASN C 402 2.87 14.94 -26.90
N GLY C 403 3.16 13.81 -27.54
CA GLY C 403 4.52 13.33 -27.68
C GLY C 403 4.74 11.93 -27.19
N GLU C 404 3.69 11.21 -26.80
CA GLU C 404 3.87 9.89 -26.23
C GLU C 404 3.81 8.82 -27.31
N ALA C 405 3.68 9.24 -28.57
CA ALA C 405 3.70 8.34 -29.71
C ALA C 405 4.10 9.16 -30.93
N ASP C 406 4.40 8.49 -32.03
CA ASP C 406 4.88 9.25 -33.18
C ASP C 406 4.03 9.05 -34.43
N ALA C 407 3.76 7.82 -34.84
CA ALA C 407 3.12 7.64 -36.15
C ALA C 407 1.71 7.14 -35.96
N MET C 408 0.95 7.16 -37.05
CA MET C 408 -0.31 6.42 -37.13
C MET C 408 -0.67 6.23 -38.60
N SER C 409 -1.56 5.27 -38.88
CA SER C 409 -2.14 5.09 -40.21
C SER C 409 -3.63 5.37 -40.15
N LEU C 410 -4.04 6.48 -40.74
CA LEU C 410 -5.40 6.99 -40.62
C LEU C 410 -6.06 7.12 -41.98
N ASP C 411 -7.36 6.85 -42.03
CA ASP C 411 -8.13 7.17 -43.22
C ASP C 411 -8.48 8.65 -43.25
N GLY C 412 -8.94 9.10 -44.42
CA GLY C 412 -8.86 10.52 -44.76
C GLY C 412 -9.75 11.42 -43.91
N GLY C 413 -10.79 10.85 -43.31
CA GLY C 413 -11.62 11.63 -42.42
C GLY C 413 -10.90 12.00 -41.13
N PHE C 414 -10.14 11.06 -40.58
CA PHE C 414 -9.32 11.37 -39.43
C PHE C 414 -8.01 12.02 -39.86
N VAL C 415 -7.68 11.98 -41.15
CA VAL C 415 -6.54 12.76 -41.62
C VAL C 415 -6.94 14.22 -41.68
N TYR C 416 -8.22 14.50 -41.87
CA TYR C 416 -8.68 15.88 -41.78
C TYR C 416 -8.65 16.40 -40.36
N ILE C 417 -9.04 15.56 -39.39
CA ILE C 417 -9.02 15.96 -37.98
C ILE C 417 -7.59 16.17 -37.50
N ALA C 418 -6.73 15.16 -37.71
CA ALA C 418 -5.33 15.29 -37.31
C ALA C 418 -4.61 16.33 -38.15
N GLY C 419 -5.15 16.66 -39.32
CA GLY C 419 -4.62 17.78 -40.08
C GLY C 419 -4.95 19.13 -39.47
N LYS C 420 -6.20 19.29 -39.00
CA LYS C 420 -6.58 20.49 -38.26
C LYS C 420 -5.74 20.65 -37.00
N CYS C 421 -5.43 19.54 -36.35
CA CYS C 421 -4.78 19.63 -35.04
C CYS C 421 -3.31 19.94 -35.13
N GLY C 422 -2.70 19.85 -36.30
CA GLY C 422 -1.30 20.20 -36.45
C GLY C 422 -0.38 19.08 -36.87
N LEU C 423 -0.92 17.92 -37.23
CA LEU C 423 -0.08 16.86 -37.75
C LEU C 423 0.00 16.95 -39.28
N VAL C 424 0.98 16.25 -39.84
CA VAL C 424 1.17 16.23 -41.29
C VAL C 424 1.21 14.80 -41.81
N PRO C 425 0.72 14.52 -43.02
CA PRO C 425 0.88 13.18 -43.58
C PRO C 425 2.26 12.98 -44.18
N VAL C 426 2.79 11.76 -44.14
CA VAL C 426 4.13 11.52 -44.65
C VAL C 426 4.12 10.51 -45.78
N LEU C 427 3.59 9.32 -45.52
CA LEU C 427 3.52 8.29 -46.54
C LEU C 427 2.06 7.93 -46.75
N ALA C 428 1.74 7.58 -47.99
CA ALA C 428 0.34 7.35 -48.36
C ALA C 428 0.20 5.99 -49.00
N GLU C 429 -0.71 5.18 -48.48
CA GLU C 429 -0.84 3.78 -48.88
C GLU C 429 -1.32 3.68 -50.32
N ASN C 430 -0.71 2.76 -51.07
CA ASN C 430 -1.18 2.44 -52.42
C ASN C 430 -2.12 1.24 -52.35
N TYR C 431 -2.77 0.94 -53.47
CA TYR C 431 -3.62 -0.24 -53.60
C TYR C 431 -3.42 -0.99 -54.90
N ASN C 432 -2.88 -0.34 -55.92
CA ASN C 432 -2.75 -0.92 -57.25
C ASN C 432 -1.39 -1.57 -57.36
N LYS C 433 -1.37 -2.83 -57.80
CA LYS C 433 -0.12 -3.57 -57.95
C LYS C 433 0.64 -3.11 -59.17
N SER C 434 1.92 -2.80 -58.98
CA SER C 434 2.74 -2.33 -60.08
C SER C 434 4.20 -2.62 -59.78
N ASP C 435 5.02 -2.54 -60.82
CA ASP C 435 6.44 -2.76 -60.67
C ASP C 435 7.15 -1.52 -60.15
N ASN C 436 6.46 -0.38 -60.12
CA ASN C 436 6.96 0.84 -59.49
C ASN C 436 5.81 1.59 -58.83
N CYS C 437 5.57 1.30 -57.55
CA CYS C 437 4.47 1.91 -56.83
C CYS C 437 4.92 2.83 -55.70
N GLU C 438 6.22 2.85 -55.38
CA GLU C 438 6.72 3.87 -54.46
C GLU C 438 6.71 5.25 -55.10
N ASP C 439 6.71 5.29 -56.43
CA ASP C 439 6.72 6.58 -57.12
C ASP C 439 5.30 7.05 -57.44
N THR C 440 4.42 6.13 -57.81
CA THR C 440 3.19 6.48 -58.49
C THR C 440 2.14 7.00 -57.52
N PRO C 441 1.60 8.20 -57.75
CA PRO C 441 0.50 8.69 -56.90
C PRO C 441 -0.86 8.19 -57.34
N GLU C 442 -1.46 7.33 -56.53
CA GLU C 442 -2.79 6.80 -56.84
C GLU C 442 -3.84 7.88 -56.60
N ALA C 443 -4.95 7.80 -57.35
CA ALA C 443 -6.00 8.80 -57.21
C ALA C 443 -6.88 8.53 -56.00
N GLY C 444 -7.21 7.29 -55.73
CA GLY C 444 -8.01 6.97 -54.56
C GLY C 444 -8.93 5.79 -54.84
N TYR C 445 -9.83 5.55 -53.90
CA TYR C 445 -10.73 4.41 -53.98
C TYR C 445 -12.17 4.88 -53.86
N PHE C 446 -13.08 4.08 -54.40
CA PHE C 446 -14.46 4.52 -54.61
C PHE C 446 -15.34 4.00 -53.49
N ALA C 447 -16.19 4.87 -52.95
CA ALA C 447 -17.09 4.49 -51.87
C ALA C 447 -18.41 4.04 -52.47
N VAL C 448 -18.95 2.92 -51.99
CA VAL C 448 -20.21 2.39 -52.50
C VAL C 448 -21.12 2.02 -51.34
N ALA C 449 -22.38 1.79 -51.67
CA ALA C 449 -23.31 1.17 -50.75
C ALA C 449 -23.82 -0.14 -51.32
N VAL C 450 -23.91 -1.16 -50.48
CA VAL C 450 -24.15 -2.52 -50.93
C VAL C 450 -25.48 -3.02 -50.38
N VAL C 451 -26.38 -3.46 -51.27
CA VAL C 451 -27.65 -4.06 -50.90
C VAL C 451 -27.79 -5.40 -51.62
N LYS C 452 -28.90 -6.08 -51.36
CA LYS C 452 -29.02 -7.51 -51.67
C LYS C 452 -30.01 -7.76 -52.80
N LYS C 453 -30.12 -9.03 -53.20
CA LYS C 453 -31.11 -9.41 -54.22
C LYS C 453 -32.46 -9.72 -53.59
N SER C 454 -32.49 -9.91 -52.26
CA SER C 454 -33.73 -10.20 -51.57
C SER C 454 -34.67 -9.00 -51.60
N ALA C 455 -34.13 -7.79 -51.46
CA ALA C 455 -34.91 -6.56 -51.52
C ALA C 455 -34.57 -5.81 -52.79
N SER C 456 -35.53 -5.71 -53.70
CA SER C 456 -35.38 -4.94 -54.92
C SER C 456 -36.12 -3.62 -54.89
N ASP C 457 -36.78 -3.31 -53.77
CA ASP C 457 -37.51 -2.05 -53.67
C ASP C 457 -36.60 -0.91 -53.22
N LEU C 458 -35.41 -1.23 -52.72
CA LEU C 458 -34.49 -0.20 -52.25
C LEU C 458 -33.91 0.60 -53.41
N THR C 459 -33.55 1.84 -53.12
CA THR C 459 -33.23 2.88 -54.09
C THR C 459 -32.65 4.05 -53.30
N TRP C 460 -31.67 4.74 -53.88
CA TRP C 460 -31.03 5.88 -53.21
C TRP C 460 -32.03 7.00 -52.94
N ASP C 461 -33.03 7.14 -53.80
CA ASP C 461 -34.07 8.12 -53.55
C ASP C 461 -35.01 7.67 -52.42
N ASN C 462 -35.03 6.37 -52.14
CA ASN C 462 -35.91 5.79 -51.14
C ASN C 462 -35.08 5.21 -50.01
N LEU C 463 -34.66 6.06 -49.08
CA LEU C 463 -33.89 5.63 -47.94
C LEU C 463 -34.53 5.99 -46.61
N LYS C 464 -35.78 6.42 -46.61
CA LYS C 464 -36.42 6.81 -45.36
C LYS C 464 -36.83 5.58 -44.56
N GLY C 465 -36.34 5.49 -43.33
CA GLY C 465 -36.74 4.42 -42.44
C GLY C 465 -36.12 3.07 -42.74
N LYS C 466 -34.90 3.05 -43.26
CA LYS C 466 -34.19 1.82 -43.57
C LYS C 466 -32.94 1.71 -42.71
N LYS C 467 -32.52 0.48 -42.41
CA LYS C 467 -31.35 0.29 -41.57
C LYS C 467 -30.07 0.45 -42.38
N SER C 468 -29.11 1.20 -41.82
CA SER C 468 -27.90 1.54 -42.55
C SER C 468 -26.67 1.22 -41.73
N CYS C 469 -25.86 0.29 -42.21
CA CYS C 469 -24.60 -0.09 -41.57
C CYS C 469 -23.48 0.84 -42.02
N HIS C 470 -22.60 1.18 -41.08
CA HIS C 470 -21.51 2.10 -41.33
C HIS C 470 -20.21 1.52 -40.81
N THR C 471 -19.10 1.97 -41.39
CA THR C 471 -17.79 1.56 -40.89
C THR C 471 -17.55 2.09 -39.48
N ALA C 472 -17.42 3.41 -39.33
CA ALA C 472 -17.41 4.12 -38.04
C ALA C 472 -17.51 5.61 -38.28
N VAL C 473 -17.78 6.33 -37.21
CA VAL C 473 -18.03 7.77 -37.25
C VAL C 473 -16.74 8.50 -37.60
N GLY C 474 -16.80 9.36 -38.61
CA GLY C 474 -15.67 10.15 -39.01
C GLY C 474 -14.91 9.62 -40.20
N ARG C 475 -15.10 8.34 -40.53
CA ARG C 475 -14.38 7.74 -41.64
C ARG C 475 -14.93 8.24 -42.97
N THR C 476 -14.18 8.01 -44.06
CA THR C 476 -14.55 8.59 -45.34
C THR C 476 -15.75 7.87 -45.94
N ALA C 477 -15.60 6.58 -46.24
CA ALA C 477 -16.60 5.88 -47.01
C ALA C 477 -17.79 5.49 -46.14
N GLY C 478 -17.62 5.51 -44.83
CA GLY C 478 -18.69 5.05 -43.96
C GLY C 478 -19.54 6.18 -43.42
N TRP C 479 -18.95 7.34 -43.17
CA TRP C 479 -19.72 8.45 -42.64
C TRP C 479 -19.65 9.71 -43.47
N ASN C 480 -18.45 10.17 -43.85
CA ASN C 480 -18.33 11.52 -44.39
C ASN C 480 -18.91 11.63 -45.80
N ILE C 481 -18.51 10.74 -46.69
CA ILE C 481 -19.00 10.73 -48.07
C ILE C 481 -20.50 10.41 -48.18
N PRO C 482 -21.07 9.38 -47.54
CA PRO C 482 -22.51 9.17 -47.74
C PRO C 482 -23.37 10.17 -47.00
N MET C 483 -23.08 10.47 -45.73
CA MET C 483 -23.96 11.36 -44.99
C MET C 483 -23.74 12.82 -45.40
N GLY C 484 -22.61 13.12 -46.01
CA GLY C 484 -22.46 14.43 -46.63
C GLY C 484 -23.31 14.59 -47.86
N LEU C 485 -23.67 13.47 -48.50
CA LEU C 485 -24.55 13.53 -49.67
C LEU C 485 -26.00 13.45 -49.22
N LEU C 486 -26.27 12.73 -48.14
CA LEU C 486 -27.63 12.62 -47.61
C LEU C 486 -28.02 13.91 -46.90
N TYR C 487 -27.01 14.68 -46.45
CA TYR C 487 -27.28 15.91 -45.73
C TYR C 487 -27.91 16.97 -46.62
N ASN C 488 -27.48 17.03 -47.89
CA ASN C 488 -27.98 18.08 -48.77
C ASN C 488 -29.41 17.80 -49.21
N LYS C 489 -29.87 16.55 -49.08
CA LYS C 489 -31.27 16.27 -49.31
C LYS C 489 -32.09 16.46 -48.05
N ILE C 490 -31.63 15.95 -46.92
CA ILE C 490 -32.51 15.90 -45.75
C ILE C 490 -32.44 17.22 -44.98
N ASN C 491 -31.39 18.01 -45.19
CA ASN C 491 -31.19 19.40 -44.79
C ASN C 491 -31.13 19.61 -43.26
N HIS C 492 -31.12 18.56 -42.45
CA HIS C 492 -30.95 18.72 -41.01
C HIS C 492 -29.92 17.72 -40.49
N CYS C 493 -29.28 18.10 -39.38
CA CYS C 493 -28.05 17.43 -38.94
C CYS C 493 -28.32 16.05 -38.35
N ARG C 494 -29.48 15.83 -37.77
CA ARG C 494 -29.73 14.56 -37.11
C ARG C 494 -29.97 13.45 -38.13
N PHE C 495 -29.20 12.37 -38.01
CA PHE C 495 -29.34 11.20 -38.87
C PHE C 495 -29.92 10.01 -38.13
N ASP C 496 -30.05 10.09 -36.82
CA ASP C 496 -30.70 9.04 -36.05
C ASP C 496 -32.21 9.05 -36.24
N GLU C 497 -32.76 10.11 -36.85
CA GLU C 497 -34.20 10.17 -37.08
C GLU C 497 -34.53 9.87 -38.54
N PHE C 498 -33.55 9.98 -39.43
CA PHE C 498 -33.82 9.68 -40.83
C PHE C 498 -33.91 8.16 -41.05
N PHE C 499 -32.84 7.44 -40.76
CA PHE C 499 -32.85 6.00 -40.82
C PHE C 499 -33.67 5.47 -39.64
N SER C 500 -34.28 4.30 -39.81
CA SER C 500 -35.00 3.70 -38.70
C SER C 500 -34.03 3.17 -37.66
N GLU C 501 -33.08 2.34 -38.09
CA GLU C 501 -32.05 1.77 -37.25
C GLU C 501 -30.74 1.87 -38.01
N GLY C 502 -29.71 1.18 -37.52
CA GLY C 502 -28.48 1.06 -38.27
C GLY C 502 -27.31 0.91 -37.32
N CYS C 503 -26.23 0.33 -37.83
CA CYS C 503 -25.07 0.09 -37.01
C CYS C 503 -23.94 1.02 -37.40
N ALA C 504 -23.68 2.01 -36.55
CA ALA C 504 -22.53 2.88 -36.69
C ALA C 504 -21.87 2.99 -35.33
N PRO C 505 -20.63 2.54 -35.21
CA PRO C 505 -19.98 2.57 -33.89
C PRO C 505 -19.34 3.91 -33.62
N GLY C 506 -19.04 4.19 -32.37
CA GLY C 506 -18.43 5.45 -32.01
C GLY C 506 -19.41 6.57 -31.78
N SER C 507 -20.63 6.47 -32.28
CA SER C 507 -21.63 7.49 -32.04
C SER C 507 -22.18 7.36 -30.62
N LYS C 508 -23.14 8.22 -30.30
CA LYS C 508 -23.57 8.40 -28.91
C LYS C 508 -24.37 7.19 -28.47
N LYS C 509 -24.25 6.84 -27.18
CA LYS C 509 -24.82 5.60 -26.66
C LYS C 509 -26.34 5.62 -26.65
N ASP C 510 -26.95 6.80 -26.71
CA ASP C 510 -28.41 6.89 -26.65
C ASP C 510 -29.05 6.47 -27.96
N SER C 511 -28.36 6.67 -29.08
CA SER C 511 -28.98 6.65 -30.40
C SER C 511 -29.39 5.24 -30.81
N SER C 512 -30.32 5.19 -31.78
CA SER C 512 -30.69 3.93 -32.41
C SER C 512 -29.50 3.37 -33.20
N LEU C 513 -28.71 4.29 -33.77
CA LEU C 513 -27.45 3.97 -34.44
C LEU C 513 -26.50 3.23 -33.53
N CYS C 514 -26.62 3.43 -32.21
CA CYS C 514 -25.81 2.65 -31.29
C CYS C 514 -26.43 1.29 -31.04
N LYS C 515 -27.76 1.22 -30.96
CA LYS C 515 -28.36 0.02 -30.38
C LYS C 515 -28.69 -1.01 -31.44
N LEU C 516 -28.33 -0.78 -32.70
CA LEU C 516 -28.43 -1.89 -33.65
C LEU C 516 -27.19 -2.78 -33.63
N CYS C 517 -26.05 -2.28 -33.13
CA CYS C 517 -24.79 -3.01 -33.23
C CYS C 517 -24.72 -4.14 -32.19
N MET C 518 -23.61 -4.90 -32.19
CA MET C 518 -23.65 -6.22 -31.55
C MET C 518 -22.64 -6.37 -30.42
N GLY C 519 -21.69 -5.45 -30.29
CA GLY C 519 -20.57 -5.67 -29.39
C GLY C 519 -20.89 -5.74 -27.92
N SER C 520 -20.84 -6.94 -27.36
CA SER C 520 -21.36 -7.19 -26.02
C SER C 520 -20.23 -7.72 -25.15
N GLY C 521 -20.21 -7.32 -23.87
CA GLY C 521 -21.17 -6.40 -23.27
C GLY C 521 -20.43 -5.19 -22.77
N LEU C 522 -21.10 -4.02 -22.84
CA LEU C 522 -20.66 -2.65 -22.53
C LEU C 522 -19.73 -2.12 -23.63
N ASN C 523 -19.33 -2.94 -24.59
CA ASN C 523 -18.52 -2.49 -25.72
C ASN C 523 -19.36 -2.08 -26.92
N LEU C 524 -20.66 -1.86 -26.76
CA LEU C 524 -21.48 -1.42 -27.87
C LEU C 524 -21.09 0.00 -28.27
N CYS C 525 -20.98 0.22 -29.59
CA CYS C 525 -20.55 1.48 -30.23
C CYS C 525 -19.15 1.91 -29.82
N GLU C 526 -18.26 0.96 -29.55
CA GLU C 526 -16.91 1.33 -29.22
C GLU C 526 -16.05 1.22 -30.47
N PRO C 527 -15.54 2.34 -30.98
CA PRO C 527 -14.93 2.33 -32.31
C PRO C 527 -13.55 1.69 -32.35
N ASN C 528 -13.54 0.35 -32.31
CA ASN C 528 -12.33 -0.46 -32.34
C ASN C 528 -12.74 -1.92 -32.50
N ASN C 529 -11.76 -2.82 -32.52
CA ASN C 529 -12.02 -4.22 -32.81
C ASN C 529 -12.64 -4.99 -31.66
N LYS C 530 -13.09 -4.30 -30.60
CA LYS C 530 -13.89 -4.95 -29.57
C LYS C 530 -15.22 -5.43 -30.13
N GLU C 531 -15.90 -4.58 -30.90
CA GLU C 531 -17.10 -4.98 -31.62
C GLU C 531 -16.74 -5.87 -32.79
N GLY C 532 -17.65 -6.77 -33.13
CA GLY C 532 -17.52 -7.47 -34.40
C GLY C 532 -17.84 -6.57 -35.57
N TYR C 533 -18.73 -5.60 -35.36
CA TYR C 533 -19.27 -4.85 -36.48
C TYR C 533 -18.38 -3.67 -36.89
N TYR C 534 -17.26 -3.46 -36.20
CA TYR C 534 -16.37 -2.36 -36.55
C TYR C 534 -15.53 -2.71 -37.77
N GLY C 535 -15.21 -1.70 -38.57
CA GLY C 535 -14.41 -1.90 -39.75
C GLY C 535 -15.25 -1.96 -41.01
N TYR C 536 -14.60 -2.26 -42.13
CA TYR C 536 -15.34 -2.55 -43.35
C TYR C 536 -16.09 -3.87 -43.23
N THR C 537 -15.35 -4.92 -42.81
CA THR C 537 -15.89 -6.27 -42.84
C THR C 537 -16.97 -6.46 -41.79
N GLY C 538 -16.90 -5.71 -40.70
CA GLY C 538 -17.96 -5.79 -39.71
C GLY C 538 -19.22 -5.08 -40.14
N ALA C 539 -19.08 -4.01 -40.93
CA ALA C 539 -20.23 -3.41 -41.59
C ALA C 539 -20.85 -4.38 -42.57
N PHE C 540 -20.02 -5.21 -43.20
CA PHE C 540 -20.54 -6.28 -44.03
C PHE C 540 -21.20 -7.37 -43.18
N ARG C 541 -20.76 -7.54 -41.93
CA ARG C 541 -21.40 -8.53 -41.06
C ARG C 541 -22.80 -8.08 -40.65
N CYS C 542 -22.97 -6.80 -40.34
CA CYS C 542 -24.31 -6.35 -40.00
C CYS C 542 -25.17 -6.21 -41.24
N LEU C 543 -24.56 -6.04 -42.41
CA LEU C 543 -25.33 -6.08 -43.66
C LEU C 543 -25.87 -7.48 -43.91
N VAL C 544 -25.03 -8.50 -43.74
CA VAL C 544 -25.48 -9.87 -43.98
C VAL C 544 -26.48 -10.29 -42.90
N GLU C 545 -26.20 -9.94 -41.65
CA GLU C 545 -27.05 -10.43 -40.57
C GLU C 545 -28.34 -9.63 -40.46
N LYS C 546 -28.23 -8.33 -40.15
CA LYS C 546 -29.43 -7.64 -39.69
C LYS C 546 -29.75 -6.34 -40.42
N GLY C 547 -28.96 -5.91 -41.39
CA GLY C 547 -29.17 -4.59 -41.95
C GLY C 547 -29.79 -4.58 -43.33
N ASP C 548 -30.04 -3.39 -43.87
CA ASP C 548 -30.57 -3.29 -45.21
C ASP C 548 -29.51 -2.79 -46.19
N VAL C 549 -28.77 -1.75 -45.81
CA VAL C 549 -27.73 -1.18 -46.64
C VAL C 549 -26.49 -0.99 -45.79
N ALA C 550 -25.31 -1.19 -46.39
CA ALA C 550 -24.05 -0.89 -45.73
C ALA C 550 -23.24 0.01 -46.65
N PHE C 551 -22.41 0.86 -46.04
CA PHE C 551 -21.55 1.76 -46.77
C PHE C 551 -20.12 1.32 -46.59
N VAL C 552 -19.51 0.78 -47.66
CA VAL C 552 -18.16 0.24 -47.59
C VAL C 552 -17.39 0.72 -48.80
N LYS C 553 -16.13 0.28 -48.91
CA LYS C 553 -15.37 0.47 -50.13
C LYS C 553 -15.90 -0.45 -51.22
N HIS C 554 -15.36 -0.29 -52.44
CA HIS C 554 -15.82 -1.13 -53.52
C HIS C 554 -15.22 -2.53 -53.45
N GLN C 555 -14.07 -2.66 -52.79
CA GLN C 555 -13.36 -3.94 -52.74
C GLN C 555 -13.82 -4.83 -51.60
N THR C 556 -14.84 -4.42 -50.83
CA THR C 556 -15.28 -5.22 -49.67
C THR C 556 -15.91 -6.53 -50.10
N VAL C 557 -16.87 -6.48 -51.03
CA VAL C 557 -17.57 -7.69 -51.46
C VAL C 557 -16.66 -8.69 -52.17
N PRO C 558 -15.69 -8.30 -53.04
CA PRO C 558 -14.71 -9.30 -53.49
C PRO C 558 -13.82 -9.87 -52.40
N GLN C 559 -13.55 -9.14 -51.33
CA GLN C 559 -12.67 -9.68 -50.31
C GLN C 559 -13.41 -10.59 -49.34
N ASN C 560 -14.74 -10.57 -49.37
CA ASN C 560 -15.48 -11.47 -48.49
C ASN C 560 -16.34 -12.43 -49.28
N THR C 561 -16.14 -12.47 -50.59
CA THR C 561 -16.91 -13.36 -51.45
C THR C 561 -16.12 -14.62 -51.80
N GLY C 562 -16.76 -15.77 -51.57
CA GLY C 562 -16.34 -16.98 -52.26
C GLY C 562 -15.25 -17.77 -51.60
N GLY C 563 -15.26 -17.89 -50.28
CA GLY C 563 -14.24 -18.66 -49.60
C GLY C 563 -12.92 -17.94 -49.42
N LYS C 564 -12.86 -16.65 -49.73
CA LYS C 564 -11.66 -15.88 -49.42
C LYS C 564 -11.51 -15.72 -47.92
N ASN C 565 -12.61 -15.56 -47.21
CA ASN C 565 -12.59 -15.60 -45.77
C ASN C 565 -12.88 -17.02 -45.32
N PRO C 566 -11.99 -17.64 -44.53
CA PRO C 566 -12.30 -18.97 -44.00
C PRO C 566 -13.36 -18.96 -42.91
N ASP C 567 -13.66 -17.80 -42.35
CA ASP C 567 -14.68 -17.70 -41.33
C ASP C 567 -16.05 -17.95 -41.97
N PRO C 568 -16.89 -18.82 -41.37
CA PRO C 568 -17.88 -19.58 -42.18
C PRO C 568 -18.99 -18.75 -42.82
N TRP C 569 -19.41 -17.66 -42.15
CA TRP C 569 -20.49 -16.83 -42.69
C TRP C 569 -20.08 -16.19 -44.01
N ALA C 570 -18.79 -15.93 -44.20
CA ALA C 570 -18.35 -15.43 -45.50
C ALA C 570 -17.88 -16.56 -46.39
N LYS C 571 -17.73 -17.76 -45.82
CA LYS C 571 -17.38 -18.91 -46.65
C LYS C 571 -18.58 -19.35 -47.48
N ASN C 572 -19.79 -19.18 -46.95
CA ASN C 572 -20.96 -19.66 -47.67
C ASN C 572 -21.43 -18.66 -48.73
N LEU C 573 -21.03 -17.40 -48.64
CA LEU C 573 -21.66 -16.36 -49.44
C LEU C 573 -21.16 -16.33 -50.87
N ASN C 574 -21.74 -15.43 -51.66
CA ASN C 574 -21.53 -15.35 -53.11
C ASN C 574 -21.53 -13.90 -53.56
N GLU C 575 -21.08 -13.67 -54.80
CA GLU C 575 -20.94 -12.31 -55.31
C GLU C 575 -22.26 -11.78 -55.87
N LYS C 576 -22.94 -12.59 -56.68
CA LYS C 576 -23.92 -12.08 -57.62
C LYS C 576 -25.19 -11.58 -56.94
N ASP C 577 -25.47 -12.07 -55.73
CA ASP C 577 -26.69 -11.66 -55.06
C ASP C 577 -26.59 -10.23 -54.54
N TYR C 578 -25.41 -9.82 -54.12
CA TYR C 578 -25.21 -8.47 -53.60
C TYR C 578 -24.88 -7.55 -54.76
N GLU C 579 -25.65 -6.48 -54.92
CA GLU C 579 -25.45 -5.52 -55.99
C GLU C 579 -25.52 -4.12 -55.42
N LEU C 580 -24.64 -3.24 -55.89
CA LEU C 580 -24.55 -1.89 -55.36
C LEU C 580 -25.45 -0.94 -56.15
N LEU C 581 -25.88 0.12 -55.48
CA LEU C 581 -26.91 1.02 -56.00
C LEU C 581 -26.33 2.39 -56.31
N CYS C 582 -26.76 2.96 -57.43
CA CYS C 582 -26.34 4.30 -57.80
C CYS C 582 -27.14 5.35 -57.04
N LEU C 583 -26.78 6.60 -57.25
CA LEU C 583 -27.44 7.70 -56.52
C LEU C 583 -28.65 8.23 -57.27
N ASP C 584 -28.78 7.89 -58.57
CA ASP C 584 -30.00 8.29 -59.27
C ASP C 584 -31.14 7.32 -59.02
N GLY C 585 -30.85 6.05 -58.72
CA GLY C 585 -31.87 5.09 -58.39
C GLY C 585 -31.81 3.77 -59.13
N THR C 586 -30.75 3.53 -59.91
CA THR C 586 -30.68 2.32 -60.71
C THR C 586 -29.76 1.28 -60.06
N ARG C 587 -29.67 0.11 -60.70
CA ARG C 587 -28.80 -0.96 -60.25
C ARG C 587 -27.66 -1.13 -61.23
N LYS C 588 -26.43 -1.21 -60.71
CA LYS C 588 -25.24 -1.52 -61.47
C LYS C 588 -24.41 -2.54 -60.71
N PRO C 589 -23.78 -3.50 -61.40
CA PRO C 589 -23.18 -4.65 -60.71
C PRO C 589 -21.92 -4.29 -59.94
N VAL C 590 -21.60 -5.12 -58.96
CA VAL C 590 -20.39 -4.96 -58.14
C VAL C 590 -19.14 -5.15 -59.00
N GLU C 591 -19.25 -5.99 -60.03
CA GLU C 591 -18.16 -6.20 -60.98
C GLU C 591 -17.83 -4.93 -61.74
N GLU C 592 -18.81 -4.06 -61.94
CA GLU C 592 -18.62 -2.80 -62.64
C GLU C 592 -18.84 -1.67 -61.65
N TYR C 593 -17.79 -1.35 -60.90
CA TYR C 593 -17.87 -0.36 -59.84
C TYR C 593 -17.58 1.05 -60.33
N ALA C 594 -16.97 1.19 -61.51
CA ALA C 594 -16.50 2.50 -61.95
C ALA C 594 -17.65 3.37 -62.41
N ASN C 595 -18.69 2.75 -62.98
CA ASN C 595 -19.78 3.55 -63.54
C ASN C 595 -20.85 3.85 -62.49
N CYS C 596 -20.67 3.35 -61.28
CA CYS C 596 -21.62 3.59 -60.20
C CYS C 596 -20.87 3.65 -58.88
N HIS C 597 -20.69 4.85 -58.35
CA HIS C 597 -20.02 5.04 -57.08
C HIS C 597 -20.57 6.28 -56.41
N LEU C 598 -20.50 6.32 -55.08
CA LEU C 598 -20.95 7.51 -54.36
C LEU C 598 -19.99 8.67 -54.57
N ALA C 599 -18.73 8.51 -54.16
CA ALA C 599 -17.69 9.47 -54.51
C ALA C 599 -16.33 8.79 -54.47
N ARG C 600 -15.33 9.49 -54.98
CA ARG C 600 -13.95 9.06 -54.98
C ARG C 600 -13.27 9.63 -53.75
N ALA C 601 -12.97 8.78 -52.78
CA ALA C 601 -12.34 9.21 -51.55
C ALA C 601 -10.85 8.87 -51.60
N PRO C 602 -9.98 9.66 -51.00
CA PRO C 602 -8.54 9.38 -51.10
C PRO C 602 -8.12 8.21 -50.22
N ASN C 603 -6.98 7.65 -50.56
CA ASN C 603 -6.41 6.54 -49.82
C ASN C 603 -5.85 7.01 -48.47
N HIS C 604 -5.60 6.04 -47.59
CA HIS C 604 -5.24 6.35 -46.22
C HIS C 604 -3.80 6.85 -46.16
N ALA C 605 -3.39 7.36 -45.00
CA ALA C 605 -2.09 8.01 -44.92
C ALA C 605 -1.50 7.87 -43.54
N VAL C 606 -0.17 7.87 -43.48
CA VAL C 606 0.54 7.81 -42.21
C VAL C 606 0.90 9.20 -41.75
N VAL C 607 0.48 9.57 -40.54
CA VAL C 607 0.68 10.92 -40.04
C VAL C 607 1.63 10.88 -38.85
N THR C 608 2.33 12.00 -38.65
CA THR C 608 3.27 12.19 -37.56
C THR C 608 3.51 13.68 -37.39
N ARG C 609 4.25 14.03 -36.35
CA ARG C 609 4.56 15.43 -36.10
C ARG C 609 5.56 15.95 -37.13
N LYS C 610 5.70 17.28 -37.17
CA LYS C 610 6.47 17.88 -38.24
C LYS C 610 7.98 17.74 -38.03
N ASP C 611 8.39 17.40 -36.82
CA ASP C 611 9.83 17.30 -36.56
C ASP C 611 10.34 15.89 -36.82
N LYS C 612 9.50 14.88 -36.65
CA LYS C 612 9.92 13.51 -36.87
C LYS C 612 9.49 13.02 -38.25
N GLU C 613 9.22 13.94 -39.18
CA GLU C 613 8.80 13.59 -40.53
C GLU C 613 9.88 12.83 -41.28
N ALA C 614 11.12 13.33 -41.22
CA ALA C 614 12.21 12.70 -41.94
C ALA C 614 12.54 11.34 -41.34
N CYS C 615 12.41 11.21 -40.02
CA CYS C 615 12.74 9.94 -39.39
C CYS C 615 11.71 8.87 -39.70
N VAL C 616 10.42 9.19 -39.58
CA VAL C 616 9.39 8.19 -39.84
C VAL C 616 9.38 7.82 -41.33
N HIS C 617 9.68 8.81 -42.19
CA HIS C 617 9.91 8.56 -43.61
C HIS C 617 11.04 7.54 -43.83
N LYS C 618 12.17 7.76 -43.16
CA LYS C 618 13.34 6.90 -43.37
C LYS C 618 13.14 5.51 -42.82
N ILE C 619 12.59 5.40 -41.60
CA ILE C 619 12.45 4.10 -40.95
C ILE C 619 11.36 3.27 -41.62
N LEU C 620 10.28 3.91 -42.07
CA LEU C 620 9.24 3.12 -42.72
C LEU C 620 9.61 2.74 -44.15
N ARG C 621 10.46 3.53 -44.82
CA ARG C 621 10.90 3.13 -46.15
C ARG C 621 11.78 1.90 -46.08
N GLN C 622 12.73 1.87 -45.15
CA GLN C 622 13.60 0.71 -44.99
C GLN C 622 12.84 -0.47 -44.42
N GLN C 623 11.93 -0.20 -43.49
CA GLN C 623 11.19 -1.25 -42.79
C GLN C 623 10.14 -1.87 -43.70
N GLN C 624 9.82 -1.19 -44.79
CA GLN C 624 8.86 -1.69 -45.76
C GLN C 624 9.42 -2.84 -46.59
N HIS C 625 10.66 -2.71 -47.05
CA HIS C 625 11.20 -3.66 -48.03
C HIS C 625 11.46 -5.02 -47.41
N LEU C 626 11.69 -5.06 -46.10
CA LEU C 626 11.86 -6.34 -45.44
C LEU C 626 10.55 -7.09 -45.33
N PHE C 627 9.47 -6.39 -44.96
CA PHE C 627 8.25 -7.05 -44.53
C PHE C 627 7.06 -6.71 -45.44
N GLY C 628 7.32 -6.34 -46.68
CA GLY C 628 6.26 -5.91 -47.56
C GLY C 628 5.48 -7.06 -48.18
N SER C 629 4.99 -6.80 -49.40
CA SER C 629 4.18 -7.80 -50.10
C SER C 629 5.02 -8.80 -50.87
N ASN C 630 6.33 -8.55 -51.00
CA ASN C 630 7.23 -9.53 -51.62
C ASN C 630 7.35 -10.80 -50.81
N VAL C 631 7.15 -10.72 -49.50
CA VAL C 631 7.35 -11.89 -48.64
C VAL C 631 6.18 -12.85 -48.78
N THR C 632 6.49 -14.06 -49.24
CA THR C 632 5.55 -15.18 -49.25
C THR C 632 5.78 -16.00 -47.99
N ASP C 633 4.98 -17.06 -47.85
CA ASP C 633 4.98 -17.94 -46.67
C ASP C 633 4.72 -17.14 -45.40
N CYS C 634 3.54 -16.50 -45.33
CA CYS C 634 3.25 -15.59 -44.23
C CYS C 634 3.08 -16.32 -42.90
N SER C 635 2.37 -17.45 -42.90
CA SER C 635 2.34 -18.27 -41.69
C SER C 635 3.68 -18.97 -41.51
N GLY C 636 4.34 -18.70 -40.41
CA GLY C 636 5.70 -19.14 -40.22
C GLY C 636 6.74 -18.09 -40.53
N ASN C 637 6.32 -16.87 -40.83
CA ASN C 637 7.20 -15.74 -41.04
C ASN C 637 6.43 -14.50 -40.61
N PHE C 638 6.86 -13.34 -41.05
CA PHE C 638 6.13 -12.11 -40.77
C PHE C 638 5.79 -11.41 -42.07
N CYS C 639 4.54 -11.02 -42.21
CA CYS C 639 4.05 -10.22 -43.33
C CYS C 639 3.32 -9.01 -42.75
N LEU C 640 3.91 -7.83 -42.91
CA LEU C 640 3.41 -6.63 -42.23
C LEU C 640 2.07 -6.19 -42.80
N PHE C 641 1.86 -6.42 -44.09
CA PHE C 641 0.68 -5.87 -44.74
C PHE C 641 -0.51 -6.83 -44.65
N ARG C 642 -0.25 -8.13 -44.58
CA ARG C 642 -1.33 -9.07 -44.32
C ARG C 642 -1.68 -9.06 -42.84
N SER C 643 -2.88 -9.53 -42.52
CA SER C 643 -3.32 -9.68 -41.15
C SER C 643 -4.43 -10.73 -41.11
N GLU C 644 -4.95 -10.99 -39.92
CA GLU C 644 -5.93 -12.05 -39.72
C GLU C 644 -7.36 -11.58 -40.04
N THR C 645 -7.51 -11.02 -41.24
CA THR C 645 -8.74 -10.54 -41.89
C THR C 645 -9.45 -9.42 -41.13
N LYS C 646 -8.93 -8.94 -40.01
CA LYS C 646 -9.56 -7.86 -39.27
C LYS C 646 -9.03 -6.49 -39.65
N ASP C 647 -8.06 -6.44 -40.55
CA ASP C 647 -7.51 -5.21 -41.13
C ASP C 647 -6.87 -4.32 -40.07
N LEU C 648 -5.88 -4.87 -39.38
CA LEU C 648 -5.33 -4.24 -38.19
C LEU C 648 -3.88 -3.77 -38.40
N LEU C 649 -3.64 -2.52 -37.99
CA LEU C 649 -2.46 -1.65 -38.11
C LEU C 649 -2.21 -1.17 -39.51
N PHE C 650 -2.85 -1.76 -40.50
CA PHE C 650 -2.65 -1.43 -41.89
C PHE C 650 -3.82 -2.02 -42.65
N ARG C 651 -4.15 -1.35 -43.73
CA ARG C 651 -5.16 -1.83 -44.64
C ARG C 651 -4.65 -3.09 -45.32
N ASP C 652 -5.50 -4.13 -45.37
CA ASP C 652 -5.00 -5.47 -45.70
C ASP C 652 -4.60 -5.59 -47.16
N ASP C 653 -5.24 -4.84 -48.04
CA ASP C 653 -4.85 -4.85 -49.44
C ASP C 653 -3.96 -3.69 -49.81
N THR C 654 -3.09 -3.25 -48.90
CA THR C 654 -2.02 -2.35 -49.30
C THR C 654 -1.00 -3.11 -50.13
N VAL C 655 -0.31 -2.38 -51.00
CA VAL C 655 0.79 -2.98 -51.75
C VAL C 655 2.11 -2.39 -51.29
N CYS C 656 2.15 -1.07 -51.10
CA CYS C 656 3.36 -0.37 -50.74
C CYS C 656 2.98 0.97 -50.15
N LEU C 657 3.83 1.49 -49.28
CA LEU C 657 3.67 2.83 -48.73
C LEU C 657 4.25 3.83 -49.74
N ALA C 658 3.38 4.53 -50.44
CA ALA C 658 3.79 5.47 -51.46
C ALA C 658 4.45 6.70 -50.86
N LYS C 659 5.44 7.21 -51.59
CA LYS C 659 6.12 8.44 -51.22
C LYS C 659 5.25 9.64 -51.52
N LEU C 660 5.24 10.61 -50.62
CA LEU C 660 4.60 11.89 -50.84
C LEU C 660 5.67 12.94 -51.07
N HIS C 661 5.78 13.41 -52.30
CA HIS C 661 6.70 14.49 -52.67
C HIS C 661 5.85 15.61 -53.25
N ASP C 662 6.15 16.85 -52.86
CA ASP C 662 5.52 18.13 -53.22
C ASP C 662 4.14 18.26 -52.57
N ARG C 663 3.60 17.21 -51.97
CA ARG C 663 2.24 17.19 -51.45
C ARG C 663 2.28 16.56 -50.05
N ASN C 664 2.58 17.37 -49.04
CA ASN C 664 2.53 16.91 -47.65
C ASN C 664 1.90 17.98 -46.77
N THR C 665 0.58 17.99 -46.79
CA THR C 665 -0.32 18.90 -46.08
C THR C 665 -1.70 18.34 -46.33
N TYR C 666 -2.56 18.36 -45.31
CA TYR C 666 -3.91 17.79 -45.42
C TYR C 666 -4.72 18.49 -46.51
N GLU C 667 -4.48 19.80 -46.71
CA GLU C 667 -5.10 20.54 -47.80
C GLU C 667 -4.65 20.01 -49.16
N LYS C 668 -3.34 19.83 -49.34
CA LYS C 668 -2.84 19.43 -50.65
C LYS C 668 -3.07 17.95 -50.91
N TYR C 669 -2.95 17.13 -49.87
CA TYR C 669 -3.10 15.69 -50.05
C TYR C 669 -4.56 15.29 -50.23
N LEU C 670 -5.47 15.89 -49.46
CA LEU C 670 -6.84 15.42 -49.50
C LEU C 670 -7.58 15.91 -50.74
N GLY C 671 -7.07 16.94 -51.39
CA GLY C 671 -7.71 17.44 -52.59
C GLY C 671 -8.89 18.34 -52.28
N GLU C 672 -9.33 19.08 -53.30
CA GLU C 672 -10.29 20.15 -53.06
C GLU C 672 -11.70 19.62 -52.85
N GLU C 673 -12.09 18.59 -53.62
CA GLU C 673 -13.47 18.10 -53.56
C GLU C 673 -13.77 17.44 -52.23
N TYR C 674 -12.76 16.82 -51.62
CA TYR C 674 -13.01 16.15 -50.34
C TYR C 674 -12.96 17.14 -49.19
N VAL C 675 -12.12 18.18 -49.30
CA VAL C 675 -12.08 19.22 -48.27
C VAL C 675 -13.38 20.03 -48.28
N LYS C 676 -13.91 20.32 -49.47
CA LYS C 676 -15.23 20.92 -49.56
C LYS C 676 -16.30 19.97 -49.06
N ALA C 677 -16.15 18.68 -49.36
CA ALA C 677 -17.18 17.69 -49.05
C ALA C 677 -17.24 17.43 -47.55
N VAL C 678 -16.14 17.63 -46.84
CA VAL C 678 -16.16 17.56 -45.38
C VAL C 678 -16.59 18.91 -44.82
N GLY C 679 -16.25 20.00 -45.53
CA GLY C 679 -16.61 21.33 -45.05
C GLY C 679 -18.09 21.61 -45.11
N ASN C 680 -18.83 20.85 -45.93
CA ASN C 680 -20.29 20.96 -45.92
C ASN C 680 -20.89 20.22 -44.73
N LEU C 681 -20.09 19.43 -44.02
CA LEU C 681 -20.56 18.64 -42.90
C LEU C 681 -19.97 19.11 -41.58
N ARG C 682 -19.17 20.19 -41.60
CA ARG C 682 -18.41 20.57 -40.42
C ARG C 682 -19.29 21.17 -39.33
N LYS C 683 -20.44 21.74 -39.71
CA LYS C 683 -21.36 22.23 -38.68
C LYS C 683 -22.15 21.10 -38.05
N CYS C 684 -22.07 19.91 -38.62
CA CYS C 684 -22.85 18.80 -38.11
C CYS C 684 -21.97 17.87 -37.27
N SER C 685 -20.65 18.11 -37.29
CA SER C 685 -19.71 17.22 -36.62
C SER C 685 -19.81 17.34 -35.10
N THR C 686 -19.74 16.21 -34.42
CA THR C 686 -19.87 16.15 -32.98
C THR C 686 -18.63 15.58 -32.30
N SER C 687 -17.54 15.42 -33.02
CA SER C 687 -16.33 14.89 -32.41
C SER C 687 -15.65 15.97 -31.59
N SER C 688 -15.38 15.66 -30.32
CA SER C 688 -14.97 16.68 -29.37
C SER C 688 -13.54 17.15 -29.64
N LEU C 689 -12.70 16.26 -30.17
CA LEU C 689 -11.30 16.61 -30.40
C LEU C 689 -11.17 17.60 -31.55
N LEU C 690 -12.10 17.57 -32.50
CA LEU C 690 -12.10 18.57 -33.56
C LEU C 690 -12.49 19.93 -33.03
N GLU C 691 -13.43 19.96 -32.08
CA GLU C 691 -13.80 21.20 -31.42
C GLU C 691 -12.63 21.77 -30.63
N ALA C 692 -11.91 20.90 -29.91
CA ALA C 692 -10.78 21.37 -29.12
C ALA C 692 -9.62 21.81 -30.00
N CYS C 693 -9.43 21.18 -31.15
CA CYS C 693 -8.37 21.63 -32.04
C CYS C 693 -8.75 22.93 -32.75
N THR C 694 -10.04 23.12 -33.05
CA THR C 694 -10.43 24.36 -33.71
C THR C 694 -10.75 25.46 -32.71
N PHE C 695 -10.54 25.20 -31.42
CA PHE C 695 -10.59 26.30 -30.44
C PHE C 695 -9.44 27.29 -30.63
N ARG C 696 -8.31 26.82 -31.19
CA ARG C 696 -7.09 27.63 -31.28
C ARG C 696 -7.29 28.87 -32.14
N ARG C 697 -8.13 28.77 -33.16
CA ARG C 697 -8.15 29.78 -34.19
C ARG C 697 -8.94 31.01 -33.73
N PRO C 698 -8.35 32.21 -33.81
CA PRO C 698 -9.07 33.47 -33.62
C PRO C 698 -10.03 33.75 -34.76
N VAL D 20 28.44 33.11 7.22
CA VAL D 20 27.98 32.30 8.34
C VAL D 20 28.87 32.60 9.55
N PRO D 21 28.47 33.57 10.36
CA PRO D 21 29.29 33.94 11.53
C PRO D 21 29.02 33.01 12.70
N ASP D 22 30.00 32.95 13.62
CA ASP D 22 29.90 32.02 14.74
C ASP D 22 29.16 32.64 15.92
N LYS D 23 29.23 33.96 16.05
CA LYS D 23 28.75 34.61 17.26
C LYS D 23 27.27 34.94 17.17
N THR D 24 26.62 34.57 16.08
CA THR D 24 25.24 34.96 15.88
C THR D 24 24.28 33.91 16.41
N VAL D 25 23.35 34.34 17.26
CA VAL D 25 22.20 33.53 17.67
C VAL D 25 20.99 34.04 16.92
N ARG D 26 20.50 33.25 15.98
CA ARG D 26 19.27 33.58 15.31
C ARG D 26 18.10 33.34 16.27
N TRP D 27 17.61 34.41 16.86
CA TRP D 27 16.51 34.33 17.82
C TRP D 27 15.20 34.54 17.05
N CYS D 28 14.15 33.89 17.54
CA CYS D 28 12.84 33.91 16.89
C CYS D 28 11.86 34.78 17.66
N ALA D 29 11.10 35.60 16.94
CA ALA D 29 10.21 36.61 17.51
C ALA D 29 8.80 36.43 16.96
N VAL D 30 7.80 36.64 17.81
CA VAL D 30 6.44 36.22 17.47
C VAL D 30 5.76 37.25 16.57
N SER D 31 5.98 38.53 16.80
CA SER D 31 5.28 39.57 16.05
C SER D 31 6.12 40.84 15.94
N GLU D 32 5.43 41.94 15.61
CA GLU D 32 6.11 43.20 15.34
C GLU D 32 6.66 43.84 16.61
N HIS D 33 5.90 43.79 17.71
CA HIS D 33 6.40 44.26 19.00
C HIS D 33 7.57 43.41 19.47
N GLU D 34 7.47 42.10 19.25
CA GLU D 34 8.58 41.17 19.51
C GLU D 34 9.79 41.52 18.67
N ALA D 35 9.56 42.01 17.45
CA ALA D 35 10.67 42.42 16.59
C ALA D 35 11.33 43.69 17.11
N THR D 36 10.52 44.62 17.63
CA THR D 36 11.07 45.88 18.14
C THR D 36 11.89 45.65 19.40
N LYS D 37 11.33 44.90 20.36
CA LYS D 37 12.08 44.54 21.56
C LYS D 37 13.30 43.70 21.22
N CYS D 38 13.18 42.87 20.18
CA CYS D 38 14.32 42.09 19.70
C CYS D 38 15.41 42.99 19.16
N GLN D 39 15.03 44.11 18.52
CA GLN D 39 16.04 44.93 17.86
C GLN D 39 16.75 45.83 18.86
N SER D 40 16.00 46.42 19.80
CA SER D 40 16.64 47.20 20.85
C SER D 40 17.47 46.29 21.76
N PHE D 41 17.03 45.05 21.91
CA PHE D 41 17.85 44.04 22.59
C PHE D 41 19.10 43.73 21.80
N ARG D 42 19.02 43.76 20.47
CA ARG D 42 20.20 43.50 19.64
C ARG D 42 21.24 44.60 19.79
N ASP D 43 20.80 45.86 19.76
CA ASP D 43 21.76 46.95 19.86
C ASP D 43 22.33 47.08 21.27
N HIS D 44 21.46 46.97 22.29
CA HIS D 44 21.94 47.11 23.66
C HIS D 44 22.80 45.92 24.09
N MET D 45 22.60 44.75 23.50
CA MET D 45 23.54 43.66 23.76
C MET D 45 24.79 43.80 22.87
N LYS D 46 24.69 44.59 21.80
CA LYS D 46 25.86 44.80 20.96
C LYS D 46 26.82 45.79 21.61
N SER D 47 26.29 46.70 22.42
CA SER D 47 27.12 47.81 22.92
C SER D 47 28.10 47.34 23.99
N VAL D 48 27.60 46.71 25.06
CA VAL D 48 28.41 46.54 26.26
C VAL D 48 29.33 45.34 26.16
N ILE D 49 29.15 44.50 25.15
CA ILE D 49 29.86 43.21 25.07
C ILE D 49 31.06 43.35 24.12
N PRO D 50 32.20 42.74 24.46
CA PRO D 50 33.33 42.70 23.51
C PRO D 50 33.02 41.92 22.24
N SER D 51 33.97 41.99 21.30
CA SER D 51 33.80 41.31 20.02
C SER D 51 33.93 39.80 20.17
N ASP D 52 34.56 39.36 21.27
CA ASP D 52 34.63 37.93 21.57
C ASP D 52 33.26 37.38 21.96
N GLY D 53 32.38 38.23 22.47
CA GLY D 53 31.07 37.81 22.87
C GLY D 53 30.12 37.62 21.70
N PRO D 54 28.93 37.10 21.97
CA PRO D 54 27.99 36.79 20.90
C PRO D 54 27.08 37.98 20.58
N SER D 55 26.23 37.79 19.58
CA SER D 55 25.29 38.81 19.13
C SER D 55 24.00 38.14 18.65
N VAL D 56 22.89 38.85 18.75
CA VAL D 56 21.59 38.30 18.37
C VAL D 56 21.23 38.78 16.97
N ALA D 57 20.64 37.90 16.16
CA ALA D 57 19.98 38.31 14.94
C ALA D 57 18.51 37.94 15.01
N CYS D 58 17.63 38.91 14.76
CA CYS D 58 16.21 38.71 14.88
C CYS D 58 15.67 38.01 13.65
N VAL D 59 14.78 37.04 13.87
CA VAL D 59 14.01 36.43 12.81
C VAL D 59 12.55 36.50 13.23
N LYS D 60 11.72 37.10 12.39
CA LYS D 60 10.31 37.25 12.69
C LYS D 60 9.53 36.17 11.96
N LYS D 61 8.67 35.47 12.68
CA LYS D 61 7.78 34.46 12.11
C LYS D 61 6.36 34.75 12.58
N ALA D 62 5.38 34.12 11.95
CA ALA D 62 3.99 34.51 12.16
C ALA D 62 3.46 34.04 13.51
N SER D 63 3.39 32.72 13.71
CA SER D 63 2.96 32.15 14.98
C SER D 63 4.11 31.35 15.55
N TYR D 64 3.90 30.73 16.71
CA TYR D 64 5.01 30.01 17.33
C TYR D 64 5.22 28.66 16.65
N LEU D 65 4.23 28.17 15.90
CA LEU D 65 4.41 26.90 15.18
C LEU D 65 5.43 27.07 14.06
N ASP D 66 5.30 28.14 13.29
CA ASP D 66 6.30 28.46 12.27
C ASP D 66 7.63 28.79 12.91
N CYS D 67 7.61 29.22 14.16
CA CYS D 67 8.84 29.48 14.89
C CYS D 67 9.54 28.18 15.27
N ILE D 68 8.78 27.17 15.71
CA ILE D 68 9.37 25.88 16.07
C ILE D 68 9.91 25.18 14.83
N ARG D 69 9.15 25.22 13.73
CA ARG D 69 9.67 24.70 12.47
C ARG D 69 10.89 25.50 12.00
N ALA D 70 10.93 26.79 12.32
CA ALA D 70 12.06 27.63 11.93
C ALA D 70 13.31 27.26 12.71
N ILE D 71 13.16 26.90 13.99
CA ILE D 71 14.31 26.40 14.74
C ILE D 71 14.73 25.04 14.20
N ALA D 72 13.75 24.24 13.76
CA ALA D 72 14.05 22.88 13.32
C ALA D 72 14.80 22.87 11.99
N ALA D 73 14.47 23.79 11.09
CA ALA D 73 15.10 23.76 9.78
C ALA D 73 16.36 24.62 9.71
N ASN D 74 17.04 24.82 10.83
CA ASN D 74 18.33 25.49 11.03
C ASN D 74 18.25 27.00 10.77
N GLU D 75 17.07 27.57 10.65
CA GLU D 75 17.00 29.00 10.37
C GLU D 75 17.10 29.84 11.64
N ALA D 76 16.19 29.61 12.60
CA ALA D 76 16.28 30.25 13.90
C ALA D 76 16.99 29.30 14.84
N ASP D 77 17.35 29.76 16.04
CA ASP D 77 18.13 28.89 16.91
C ASP D 77 17.56 28.82 18.33
N ALA D 78 16.59 29.66 18.67
CA ALA D 78 16.02 29.64 20.01
C ALA D 78 14.66 30.31 20.01
N VAL D 79 13.86 29.98 21.03
CA VAL D 79 12.68 30.77 21.39
C VAL D 79 12.35 30.45 22.85
N THR D 80 11.58 31.32 23.48
CA THR D 80 10.91 31.04 24.74
C THR D 80 9.65 30.25 24.43
N LEU D 81 9.32 29.27 25.27
CA LEU D 81 8.05 28.56 25.14
C LEU D 81 7.47 28.27 26.52
N ASP D 82 6.15 28.09 26.53
CA ASP D 82 5.46 27.57 27.69
C ASP D 82 5.74 26.08 27.84
N ALA D 83 5.64 25.58 29.08
CA ALA D 83 6.06 24.21 29.35
C ALA D 83 5.12 23.20 28.72
N GLY D 84 3.86 23.57 28.52
CA GLY D 84 2.94 22.67 27.84
C GLY D 84 3.16 22.63 26.34
N LEU D 85 3.94 23.58 25.82
CA LEU D 85 4.24 23.59 24.39
C LEU D 85 5.53 22.85 24.10
N VAL D 86 6.34 22.61 25.12
CA VAL D 86 7.55 21.81 24.95
C VAL D 86 7.17 20.37 24.60
N TYR D 87 6.06 19.89 25.15
CA TYR D 87 5.55 18.58 24.79
C TYR D 87 5.11 18.54 23.33
N ASP D 88 4.69 19.67 22.76
CA ASP D 88 4.48 19.71 21.32
C ASP D 88 5.77 20.02 20.59
N ALA D 89 6.85 20.26 21.33
CA ALA D 89 8.06 20.73 20.67
C ALA D 89 9.10 19.62 20.55
N TYR D 90 9.02 18.56 21.35
CA TYR D 90 10.07 17.56 21.26
C TYR D 90 9.63 16.37 20.41
N LEU D 91 8.40 16.39 19.92
CA LEU D 91 7.91 15.33 19.07
C LEU D 91 8.65 15.33 17.73
N ALA D 92 8.82 14.15 17.17
CA ALA D 92 9.36 14.07 15.82
C ALA D 92 8.34 14.62 14.83
N PRO D 93 8.78 15.35 13.80
CA PRO D 93 10.14 15.66 13.39
C PRO D 93 10.74 16.96 13.95
N ASN D 94 10.24 17.50 15.05
CA ASN D 94 10.83 18.72 15.59
C ASN D 94 12.11 18.40 16.36
N ASN D 95 12.02 17.49 17.33
CA ASN D 95 13.13 16.99 18.14
C ASN D 95 13.85 18.10 18.90
N LEU D 96 13.16 18.77 19.82
CA LEU D 96 13.75 19.88 20.53
C LEU D 96 13.99 19.54 22.00
N LYS D 97 14.47 20.52 22.75
CA LYS D 97 15.02 20.31 24.08
C LYS D 97 15.10 21.64 24.82
N PRO D 98 14.70 21.67 26.09
CA PRO D 98 14.87 22.90 26.87
C PRO D 98 16.32 23.13 27.26
N VAL D 99 16.81 24.36 27.07
CA VAL D 99 18.22 24.61 27.32
C VAL D 99 18.41 25.56 28.50
N VAL D 100 17.50 26.51 28.69
CA VAL D 100 17.62 27.50 29.75
C VAL D 100 16.25 27.71 30.38
N ALA D 101 16.15 27.43 31.67
CA ALA D 101 14.93 27.67 32.42
C ALA D 101 15.01 29.04 33.07
N GLU D 102 13.90 29.48 33.66
CA GLU D 102 13.85 30.80 34.29
C GLU D 102 13.13 30.71 35.62
N PHE D 103 13.54 31.53 36.59
CA PHE D 103 12.96 31.46 37.92
C PHE D 103 12.25 32.75 38.29
N TYR D 104 11.26 32.63 39.18
CA TYR D 104 10.17 33.59 39.29
C TYR D 104 10.09 34.29 40.64
N GLY D 105 10.66 33.73 41.69
CA GLY D 105 10.52 34.33 42.99
C GLY D 105 11.43 35.53 43.19
N SER D 106 11.90 35.68 44.41
CA SER D 106 12.96 36.65 44.64
C SER D 106 14.30 36.04 44.23
N LYS D 107 15.35 36.86 44.29
CA LYS D 107 16.65 36.39 43.85
C LYS D 107 17.27 35.43 44.85
N GLU D 108 17.10 35.69 46.15
CA GLU D 108 17.81 34.94 47.17
C GLU D 108 17.24 33.56 47.39
N ASP D 109 16.00 33.32 46.93
CA ASP D 109 15.34 32.04 47.10
C ASP D 109 14.63 31.67 45.79
N PRO D 110 15.36 31.16 44.80
CA PRO D 110 14.77 31.01 43.44
C PRO D 110 13.73 29.92 43.35
N GLN D 111 12.65 30.22 42.64
CA GLN D 111 11.47 29.38 42.57
C GLN D 111 11.22 29.04 41.10
N THR D 112 11.02 27.76 40.80
CA THR D 112 11.02 27.33 39.40
C THR D 112 9.64 26.83 38.99
N PHE D 113 8.66 26.91 39.87
CA PHE D 113 7.29 26.56 39.52
C PHE D 113 6.37 27.77 39.64
N TYR D 114 5.21 27.69 39.00
CA TYR D 114 4.22 28.76 39.12
C TYR D 114 2.82 28.19 39.24
N TYR D 115 2.05 28.71 40.20
CA TYR D 115 0.73 28.18 40.49
C TYR D 115 -0.26 28.61 39.42
N ALA D 116 -1.33 27.83 39.26
CA ALA D 116 -2.36 28.14 38.28
C ALA D 116 -3.69 28.44 38.96
N VAL D 117 -4.29 29.58 38.60
CA VAL D 117 -5.50 30.05 39.27
C VAL D 117 -6.58 30.38 38.24
N ALA D 118 -7.83 30.36 38.72
CA ALA D 118 -8.99 30.62 37.89
C ALA D 118 -9.74 31.83 38.45
N VAL D 119 -9.63 32.96 37.76
CA VAL D 119 -10.19 34.22 38.22
C VAL D 119 -11.63 34.31 37.74
N VAL D 120 -12.54 34.76 38.62
CA VAL D 120 -13.92 35.05 38.24
C VAL D 120 -14.24 36.49 38.62
N LYS D 121 -15.46 36.88 38.31
CA LYS D 121 -15.99 38.16 38.74
C LYS D 121 -16.75 37.95 40.06
N LYS D 122 -16.81 38.98 40.90
CA LYS D 122 -17.49 38.84 42.18
C LYS D 122 -18.99 38.70 42.01
N ASP D 123 -19.60 38.04 43.01
CA ASP D 123 -21.05 37.99 43.22
C ASP D 123 -21.78 37.35 42.05
N SER D 124 -21.15 36.34 41.45
CA SER D 124 -21.79 35.62 40.36
C SER D 124 -22.41 34.31 40.84
N GLY D 125 -21.86 33.75 41.92
CA GLY D 125 -22.53 32.69 42.64
C GLY D 125 -22.49 31.31 42.02
N PHE D 126 -21.53 31.03 41.13
CA PHE D 126 -21.38 29.69 40.59
C PHE D 126 -20.07 29.09 41.08
N GLN D 127 -20.09 27.81 41.41
CA GLN D 127 -18.93 27.16 41.99
C GLN D 127 -18.07 26.54 40.89
N MET D 128 -17.13 25.69 41.31
CA MET D 128 -16.38 24.90 40.34
C MET D 128 -17.27 23.84 39.70
N ASN D 129 -18.23 23.32 40.47
CA ASN D 129 -19.13 22.29 39.95
C ASN D 129 -20.12 22.88 38.96
N GLN D 130 -20.87 23.89 39.39
CA GLN D 130 -21.96 24.45 38.57
C GLN D 130 -21.40 25.51 37.62
N LEU D 131 -20.49 25.05 36.78
CA LEU D 131 -19.73 25.91 35.87
C LEU D 131 -20.20 25.76 34.43
N ARG D 132 -21.16 24.85 34.19
CA ARG D 132 -21.58 24.48 32.85
C ARG D 132 -22.20 25.63 32.07
N GLY D 133 -21.72 25.81 30.85
CA GLY D 133 -22.31 26.80 29.95
C GLY D 133 -21.99 28.23 30.28
N LYS D 134 -20.96 28.47 31.08
CA LYS D 134 -20.50 29.82 31.37
C LYS D 134 -19.38 30.16 30.39
N LYS D 135 -19.24 31.43 30.06
CA LYS D 135 -18.16 31.86 29.18
C LYS D 135 -16.82 31.79 29.89
N SER D 136 -15.76 31.54 29.14
CA SER D 136 -14.42 31.49 29.71
C SER D 136 -13.40 32.05 28.73
N CYS D 137 -12.35 32.64 29.28
CA CYS D 137 -11.25 33.17 28.50
C CYS D 137 -9.97 32.46 28.89
N HIS D 138 -9.35 31.83 27.90
CA HIS D 138 -8.12 31.05 28.06
C HIS D 138 -6.94 31.90 27.62
N THR D 139 -5.75 31.35 27.82
CA THR D 139 -4.56 32.08 27.39
C THR D 139 -3.97 31.45 26.14
N GLY D 140 -4.49 30.31 25.72
CA GLY D 140 -3.99 29.66 24.52
C GLY D 140 -4.32 28.19 24.51
N LEU D 141 -4.10 27.57 23.37
CA LEU D 141 -4.45 26.17 23.19
C LEU D 141 -3.21 25.32 23.38
N GLY D 142 -3.16 24.60 24.50
CA GLY D 142 -2.03 23.77 24.80
C GLY D 142 -1.06 24.33 25.80
N ARG D 143 -1.23 25.58 26.24
CA ARG D 143 -0.37 26.13 27.27
C ARG D 143 -0.70 25.49 28.61
N SER D 144 0.20 25.67 29.59
CA SER D 144 0.13 24.89 30.81
C SER D 144 -1.00 25.34 31.71
N ALA D 145 -1.00 26.60 32.13
CA ALA D 145 -1.99 27.06 33.10
C ALA D 145 -3.32 27.36 32.43
N GLY D 146 -3.33 27.48 31.11
CA GLY D 146 -4.53 27.92 30.44
C GLY D 146 -5.40 26.78 29.95
N TRP D 147 -4.82 25.82 29.24
CA TRP D 147 -5.61 24.75 28.65
C TRP D 147 -5.47 23.42 29.35
N ASN D 148 -4.26 23.04 29.76
CA ASN D 148 -4.02 21.65 30.15
C ASN D 148 -4.54 21.36 31.56
N ILE D 149 -4.35 22.29 32.48
CA ILE D 149 -4.84 22.12 33.85
C ILE D 149 -6.33 22.45 34.02
N PRO D 150 -6.88 23.58 33.51
CA PRO D 150 -8.32 23.79 33.71
C PRO D 150 -9.21 22.79 33.00
N ILE D 151 -8.91 22.46 31.74
CA ILE D 151 -9.64 21.38 31.08
C ILE D 151 -9.20 20.03 31.65
N GLY D 152 -7.96 19.98 32.12
CA GLY D 152 -7.44 18.73 32.67
C GLY D 152 -8.13 18.31 33.96
N LEU D 153 -8.70 19.27 34.68
CA LEU D 153 -9.46 18.91 35.88
C LEU D 153 -10.81 18.33 35.52
N LEU D 154 -11.42 18.83 34.45
CA LEU D 154 -12.84 18.58 34.22
C LEU D 154 -13.15 17.88 32.91
N TYR D 155 -12.18 17.26 32.24
CA TYR D 155 -12.46 16.69 30.93
C TYR D 155 -13.27 15.40 31.06
N CYS D 156 -13.20 14.75 32.22
CA CYS D 156 -13.93 13.50 32.38
C CYS D 156 -15.36 13.77 32.83
N ASP D 157 -15.68 15.01 33.18
CA ASP D 157 -17.06 15.36 33.51
C ASP D 157 -17.88 15.58 32.25
N LEU D 158 -17.22 15.78 31.12
CA LEU D 158 -17.91 15.97 29.86
C LEU D 158 -18.48 14.64 29.36
N PRO D 159 -19.54 14.65 28.56
CA PRO D 159 -20.02 13.41 27.95
C PRO D 159 -19.31 13.13 26.63
N GLU D 160 -19.29 11.85 26.28
CA GLU D 160 -18.65 11.42 25.04
C GLU D 160 -19.48 11.87 23.84
N PRO D 161 -18.86 12.09 22.67
CA PRO D 161 -17.49 11.92 22.15
C PRO D 161 -16.41 12.78 22.81
N ARG D 162 -15.39 12.10 23.35
CA ARG D 162 -14.33 12.81 24.05
C ARG D 162 -13.40 13.53 23.08
N LYS D 163 -12.99 12.86 22.01
CA LYS D 163 -12.05 13.47 21.09
C LYS D 163 -12.73 13.85 19.78
N PRO D 164 -12.30 14.95 19.13
CA PRO D 164 -11.25 15.93 19.47
C PRO D 164 -11.68 16.80 20.63
N LEU D 165 -10.72 17.22 21.45
CA LEU D 165 -11.09 17.77 22.74
C LEU D 165 -11.72 19.15 22.60
N GLU D 166 -11.29 19.93 21.61
CA GLU D 166 -11.78 21.29 21.46
C GLU D 166 -13.24 21.32 21.03
N LYS D 167 -13.74 20.22 20.46
CA LYS D 167 -15.14 20.13 20.10
C LYS D 167 -16.02 19.97 21.33
N ALA D 168 -15.66 19.04 22.21
CA ALA D 168 -16.48 18.78 23.37
C ALA D 168 -16.33 19.87 24.42
N VAL D 169 -15.15 20.50 24.48
CA VAL D 169 -14.99 21.70 25.31
C VAL D 169 -15.77 22.86 24.69
N ALA D 170 -15.85 22.89 23.36
CA ALA D 170 -16.64 23.91 22.69
C ALA D 170 -18.13 23.73 22.95
N ASN D 171 -18.57 22.51 23.28
CA ASN D 171 -19.97 22.33 23.64
C ASN D 171 -20.17 22.35 25.15
N PHE D 172 -19.09 22.28 25.93
CA PHE D 172 -19.21 22.49 27.37
C PHE D 172 -19.32 23.97 27.69
N PHE D 173 -18.28 24.73 27.38
CA PHE D 173 -18.29 26.18 27.51
C PHE D 173 -19.12 26.76 26.38
N SER D 174 -20.14 27.53 26.72
CA SER D 174 -20.86 28.32 25.74
C SER D 174 -20.10 29.62 25.55
N GLY D 175 -19.47 29.76 24.40
CA GLY D 175 -18.72 30.99 24.15
C GLY D 175 -17.44 31.15 24.93
N SER D 176 -16.42 30.38 24.59
CA SER D 176 -15.11 30.57 25.21
C SER D 176 -14.16 31.14 24.17
N CYS D 177 -13.15 31.86 24.63
CA CYS D 177 -12.06 32.28 23.76
C CYS D 177 -10.81 31.47 24.10
N ALA D 178 -10.13 31.01 23.06
CA ALA D 178 -8.90 30.24 23.20
C ALA D 178 -8.12 30.39 21.91
N PRO D 179 -7.09 31.24 21.86
CA PRO D 179 -6.35 31.44 20.61
C PRO D 179 -5.53 30.21 20.25
N CYS D 180 -5.04 30.21 19.02
CA CYS D 180 -4.27 29.19 18.29
C CYS D 180 -5.13 28.00 17.87
N ALA D 181 -6.39 27.94 18.26
CA ALA D 181 -7.23 26.81 17.87
C ALA D 181 -7.67 26.97 16.42
N ASP D 182 -8.11 25.87 15.83
CA ASP D 182 -8.58 25.88 14.45
C ASP D 182 -9.97 26.50 14.44
N GLY D 183 -10.03 27.83 14.32
CA GLY D 183 -11.31 28.52 14.45
C GLY D 183 -12.24 28.28 13.29
N THR D 184 -11.69 27.98 12.12
CA THR D 184 -12.52 27.63 10.96
C THR D 184 -13.26 26.32 11.20
N ASP D 185 -12.56 25.33 11.77
CA ASP D 185 -13.22 24.07 12.08
C ASP D 185 -14.06 24.20 13.34
N PHE D 186 -13.65 25.05 14.27
CA PHE D 186 -14.29 25.17 15.58
C PHE D 186 -14.69 26.62 15.78
N PRO D 187 -15.94 27.00 15.48
CA PRO D 187 -16.29 28.43 15.59
C PRO D 187 -16.66 28.85 16.99
N GLN D 188 -16.89 27.90 17.90
CA GLN D 188 -17.28 28.25 19.26
C GLN D 188 -16.11 28.80 20.05
N LEU D 189 -14.90 28.45 19.68
CA LEU D 189 -13.74 28.87 20.46
C LEU D 189 -13.29 30.26 20.05
N CYS D 190 -13.88 30.81 18.99
CA CYS D 190 -13.45 32.09 18.45
C CYS D 190 -14.62 33.05 18.23
N GLN D 191 -15.51 33.20 19.22
CA GLN D 191 -16.57 34.19 19.04
C GLN D 191 -16.46 35.29 20.09
N LEU D 192 -15.79 35.01 21.21
CA LEU D 192 -15.39 36.10 22.10
C LEU D 192 -14.18 36.81 21.55
N CYS D 193 -13.45 36.15 20.67
CA CYS D 193 -12.31 36.67 19.96
C CYS D 193 -12.57 36.55 18.47
N PRO D 194 -12.75 37.66 17.75
CA PRO D 194 -13.30 37.57 16.39
C PRO D 194 -12.33 36.99 15.38
N GLY D 195 -11.05 36.87 15.72
CA GLY D 195 -10.16 36.01 14.98
C GLY D 195 -9.12 35.43 15.90
N CYS D 196 -9.01 34.11 15.99
CA CYS D 196 -8.06 33.46 16.89
C CYS D 196 -6.68 33.47 16.28
N GLY D 197 -5.76 34.14 16.95
CA GLY D 197 -4.42 34.33 16.42
C GLY D 197 -3.35 34.17 17.47
N CYS D 198 -2.21 33.63 17.08
CA CYS D 198 -1.14 33.31 18.02
C CYS D 198 -0.13 34.44 18.07
N SER D 199 -0.62 35.63 18.37
CA SER D 199 0.25 36.80 18.33
C SER D 199 -0.18 37.79 19.39
N THR D 200 0.65 38.82 19.56
CA THR D 200 0.29 39.92 20.46
C THR D 200 -0.71 40.85 19.78
N LEU D 201 -0.87 40.70 18.45
CA LEU D 201 -1.87 41.48 17.71
C LEU D 201 -3.28 41.14 18.17
N ASN D 202 -3.51 39.89 18.57
CA ASN D 202 -4.71 39.59 19.33
C ASN D 202 -4.58 40.23 20.71
N GLN D 203 -5.63 40.93 21.14
CA GLN D 203 -5.58 41.57 22.44
C GLN D 203 -5.89 40.58 23.55
N TYR D 204 -6.51 39.46 23.22
CA TYR D 204 -6.94 38.53 24.26
C TYR D 204 -5.93 37.41 24.49
N PHE D 205 -4.85 37.38 23.70
CA PHE D 205 -3.82 36.37 23.87
C PHE D 205 -2.85 36.75 24.98
N GLY D 206 -2.70 35.84 25.94
CA GLY D 206 -1.70 36.01 26.98
C GLY D 206 -2.29 36.11 28.38
N TYR D 207 -1.37 36.21 29.34
CA TYR D 207 -1.73 36.32 30.76
C TYR D 207 -2.52 37.58 31.03
N SER D 208 -2.10 38.70 30.46
CA SER D 208 -2.91 39.90 30.54
C SER D 208 -4.08 39.83 29.56
N GLY D 209 -3.99 38.92 28.59
CA GLY D 209 -5.04 38.81 27.59
C GLY D 209 -6.34 38.27 28.15
N ALA D 210 -6.28 37.11 28.82
CA ALA D 210 -7.52 36.55 29.36
C ALA D 210 -7.99 37.33 30.58
N PHE D 211 -7.08 37.96 31.31
CA PHE D 211 -7.49 38.79 32.42
C PHE D 211 -8.18 40.07 31.92
N LYS D 212 -7.72 40.60 30.80
CA LYS D 212 -8.42 41.69 30.14
C LYS D 212 -9.77 41.23 29.60
N CYS D 213 -9.83 39.95 29.18
CA CYS D 213 -11.09 39.35 28.75
C CYS D 213 -12.09 39.28 29.90
N LEU D 214 -11.59 39.11 31.12
CA LEU D 214 -12.46 39.20 32.28
C LEU D 214 -12.74 40.65 32.63
N LYS D 215 -11.81 41.55 32.30
CA LYS D 215 -11.95 42.96 32.69
C LYS D 215 -13.10 43.60 31.92
N ASP D 216 -13.22 43.29 30.63
CA ASP D 216 -14.30 43.88 29.84
C ASP D 216 -15.65 43.26 30.17
N GLY D 217 -15.68 42.19 30.95
CA GLY D 217 -16.92 41.49 31.21
C GLY D 217 -17.39 40.59 30.10
N ALA D 218 -16.62 40.50 29.00
CA ALA D 218 -16.95 39.58 27.93
C ALA D 218 -16.74 38.14 28.37
N GLY D 219 -15.82 37.91 29.30
CA GLY D 219 -15.61 36.58 29.82
C GLY D 219 -15.94 36.44 31.29
N ASP D 220 -16.70 35.38 31.61
CA ASP D 220 -17.13 35.16 32.98
C ASP D 220 -15.97 34.68 33.85
N VAL D 221 -15.32 33.59 33.45
CA VAL D 221 -14.17 33.04 34.17
C VAL D 221 -12.98 33.08 33.23
N ALA D 222 -11.80 33.36 33.77
CA ALA D 222 -10.58 33.52 32.98
C ALA D 222 -9.43 32.82 33.69
N PHE D 223 -8.69 31.99 32.95
CA PHE D 223 -7.71 31.08 33.57
C PHE D 223 -6.29 31.60 33.40
N VAL D 224 -5.65 31.99 34.50
CA VAL D 224 -4.32 32.60 34.40
C VAL D 224 -3.36 32.18 35.51
N LYS D 225 -2.17 32.77 35.49
CA LYS D 225 -1.17 32.59 36.53
C LYS D 225 -1.55 33.43 37.74
N HIS D 226 -0.88 33.18 38.88
CA HIS D 226 -1.27 33.82 40.13
C HIS D 226 -0.77 35.27 40.23
N SER D 227 0.22 35.64 39.43
CA SER D 227 0.78 36.99 39.57
C SER D 227 0.25 37.95 38.51
N THR D 228 -0.71 37.50 37.69
CA THR D 228 -1.24 38.35 36.63
C THR D 228 -2.04 39.51 37.19
N ILE D 229 -2.97 39.22 38.09
CA ILE D 229 -3.85 40.25 38.64
C ILE D 229 -3.04 41.19 39.52
N PHE D 230 -1.95 40.71 40.11
CA PHE D 230 -1.13 41.57 40.94
C PHE D 230 -0.20 42.40 40.08
N GLU D 231 -0.01 41.98 38.82
CA GLU D 231 0.76 42.80 37.90
C GLU D 231 -0.11 43.87 37.25
N ASN D 232 -1.38 43.56 36.98
CA ASN D 232 -2.22 44.51 36.26
C ASN D 232 -2.74 45.62 37.16
N LEU D 233 -3.49 45.27 38.21
CA LEU D 233 -4.14 46.25 39.06
C LEU D 233 -3.30 46.47 40.33
N ALA D 234 -2.67 47.63 40.42
CA ALA D 234 -1.81 47.95 41.55
C ALA D 234 -2.59 48.46 42.76
N ASN D 235 -3.88 48.74 42.61
CA ASN D 235 -4.71 49.22 43.71
C ASN D 235 -5.33 48.03 44.41
N LYS D 236 -5.34 48.06 45.74
CA LYS D 236 -5.98 46.98 46.50
C LYS D 236 -7.49 47.02 46.34
N ALA D 237 -8.04 48.22 46.15
CA ALA D 237 -9.49 48.36 45.95
C ALA D 237 -9.92 47.78 44.61
N ASP D 238 -9.06 47.87 43.60
CA ASP D 238 -9.39 47.27 42.30
C ASP D 238 -9.29 45.76 42.36
N ARG D 239 -8.36 45.25 43.16
CA ARG D 239 -8.21 43.81 43.32
C ARG D 239 -9.38 43.22 44.11
N ASP D 240 -9.92 43.99 45.05
CA ASP D 240 -10.96 43.45 45.92
C ASP D 240 -12.31 43.33 45.21
N GLN D 241 -12.41 43.83 43.98
CA GLN D 241 -13.62 43.58 43.19
C GLN D 241 -13.48 42.32 42.35
N TYR D 242 -12.32 41.68 42.39
CA TYR D 242 -12.12 40.41 41.69
C TYR D 242 -11.87 39.30 42.70
N GLU D 243 -12.27 38.09 42.34
CA GLU D 243 -12.29 36.96 43.27
C GLU D 243 -11.92 35.71 42.49
N LEU D 244 -11.42 34.69 43.16
CA LEU D 244 -11.04 33.45 42.48
C LEU D 244 -11.64 32.25 43.21
N LEU D 245 -12.02 31.24 42.45
CA LEU D 245 -12.68 30.09 43.04
C LEU D 245 -11.69 28.96 43.26
N CYS D 246 -12.08 28.02 44.12
CA CYS D 246 -11.11 27.10 44.70
C CYS D 246 -11.37 25.67 44.24
N LEU D 247 -10.61 24.75 44.84
CA LEU D 247 -10.85 23.34 44.58
C LEU D 247 -12.08 22.83 45.35
N ASP D 248 -12.30 23.36 46.55
CA ASP D 248 -13.47 22.95 47.33
C ASP D 248 -14.66 23.86 47.11
N ASN D 249 -14.80 24.43 45.90
CA ASN D 249 -16.00 25.01 45.33
C ASN D 249 -16.35 26.38 45.92
N THR D 250 -15.63 26.83 46.94
CA THR D 250 -15.93 28.09 47.61
C THR D 250 -14.96 29.17 47.13
N ARG D 251 -15.51 30.31 46.75
CA ARG D 251 -14.67 31.42 46.30
C ARG D 251 -13.85 31.98 47.46
N LYS D 252 -12.69 32.52 47.14
CA LYS D 252 -11.81 33.20 48.06
C LYS D 252 -11.18 34.41 47.37
N PRO D 253 -10.77 35.42 48.15
CA PRO D 253 -10.04 36.54 47.56
C PRO D 253 -8.68 36.13 47.02
N VAL D 254 -8.11 37.03 46.22
CA VAL D 254 -6.97 36.69 45.38
C VAL D 254 -5.67 36.54 46.15
N ASP D 255 -5.68 36.84 47.45
CA ASP D 255 -4.45 36.79 48.23
C ASP D 255 -4.08 35.36 48.60
N GLU D 256 -5.07 34.51 48.86
CA GLU D 256 -4.78 33.12 49.21
C GLU D 256 -4.79 32.21 47.97
N TYR D 257 -3.92 32.56 47.03
CA TYR D 257 -3.66 31.67 45.91
C TYR D 257 -2.96 30.40 46.36
N LYS D 258 -2.18 30.49 47.44
CA LYS D 258 -1.44 29.34 47.95
C LYS D 258 -2.37 28.26 48.48
N ASP D 259 -3.55 28.67 48.97
CA ASP D 259 -4.48 27.68 49.52
C ASP D 259 -5.41 27.16 48.43
N CYS D 260 -5.64 27.95 47.39
CA CYS D 260 -6.57 27.58 46.34
C CYS D 260 -5.98 27.64 44.94
N HIS D 261 -4.74 27.21 44.77
CA HIS D 261 -4.21 27.04 43.43
C HIS D 261 -4.78 25.77 42.83
N LEU D 262 -5.02 25.80 41.52
CA LEU D 262 -5.53 24.59 40.86
C LEU D 262 -4.44 23.54 40.73
N ALA D 263 -3.26 23.93 40.26
CA ALA D 263 -2.13 23.01 40.17
C ALA D 263 -0.83 23.79 40.21
N GLN D 264 0.26 23.05 40.35
CA GLN D 264 1.62 23.57 40.37
C GLN D 264 2.35 23.08 39.13
N VAL D 265 2.78 24.01 38.28
CA VAL D 265 3.29 23.64 36.97
C VAL D 265 4.73 24.13 36.83
N PRO D 266 5.52 23.49 35.97
CA PRO D 266 6.89 23.95 35.74
C PRO D 266 6.92 25.18 34.86
N SER D 267 8.06 25.87 34.88
CA SER D 267 8.15 27.20 34.32
C SER D 267 8.38 27.18 32.81
N HIS D 268 8.30 28.37 32.22
CA HIS D 268 8.60 28.56 30.80
C HIS D 268 10.08 28.32 30.55
N THR D 269 10.40 27.86 29.34
CA THR D 269 11.78 27.58 28.98
C THR D 269 12.12 28.16 27.63
N VAL D 270 13.41 28.16 27.33
CA VAL D 270 13.91 28.34 25.98
C VAL D 270 14.20 26.96 25.38
N VAL D 271 13.75 26.72 24.15
CA VAL D 271 13.97 25.43 23.51
C VAL D 271 15.02 25.60 22.43
N ALA D 272 15.64 24.49 22.05
CA ALA D 272 16.64 24.46 20.99
C ALA D 272 16.75 23.03 20.48
N ARG D 273 17.54 22.84 19.43
CA ARG D 273 17.64 21.54 18.80
C ARG D 273 18.47 20.58 19.63
N SER D 274 18.52 19.32 19.18
CA SER D 274 19.25 18.31 19.93
C SER D 274 20.72 18.28 19.52
N MET D 275 20.99 18.03 18.25
CA MET D 275 22.35 17.78 17.77
C MET D 275 23.11 19.06 17.46
N GLY D 276 22.55 19.93 16.63
CA GLY D 276 23.26 21.14 16.23
C GLY D 276 23.40 22.14 17.36
N GLY D 277 22.58 22.02 18.39
CA GLY D 277 22.66 22.94 19.50
C GLY D 277 22.08 24.28 19.10
N LYS D 278 22.69 25.37 19.57
CA LYS D 278 23.89 25.33 20.38
C LYS D 278 23.57 25.83 21.79
N GLU D 279 24.14 25.19 22.81
CA GLU D 279 23.70 25.45 24.18
C GLU D 279 24.63 26.40 24.90
N ASP D 280 25.94 26.24 24.69
CA ASP D 280 26.92 27.04 25.40
C ASP D 280 26.85 28.50 24.99
N LEU D 281 26.47 28.74 23.75
CA LEU D 281 26.50 30.10 23.23
C LEU D 281 25.20 30.82 23.58
N ILE D 282 24.10 30.08 23.67
CA ILE D 282 22.86 30.64 24.23
C ILE D 282 23.05 30.99 25.69
N TRP D 283 23.66 30.08 26.47
CA TRP D 283 23.80 30.36 27.89
C TRP D 283 24.83 31.46 28.16
N GLU D 284 25.83 31.58 27.29
CA GLU D 284 26.80 32.67 27.44
C GLU D 284 26.15 34.01 27.14
N LEU D 285 25.49 34.11 25.97
CA LEU D 285 24.72 35.30 25.58
C LEU D 285 23.71 35.70 26.63
N LEU D 286 23.00 34.72 27.15
CA LEU D 286 21.82 34.98 27.94
C LEU D 286 22.18 35.22 29.40
N ASN D 287 23.33 34.71 29.84
CA ASN D 287 23.80 35.01 31.18
C ASN D 287 24.47 36.38 31.22
N GLN D 288 25.18 36.75 30.14
CA GLN D 288 25.64 38.13 30.02
C GLN D 288 24.47 39.10 29.92
N ALA D 289 23.35 38.65 29.36
CA ALA D 289 22.14 39.45 29.38
C ALA D 289 21.60 39.59 30.80
N GLN D 290 21.54 38.48 31.54
CA GLN D 290 20.87 38.49 32.84
C GLN D 290 21.70 39.24 33.87
N GLU D 291 23.01 39.40 33.63
CA GLU D 291 23.81 40.17 34.57
C GLU D 291 23.73 41.67 34.30
N HIS D 292 23.88 42.07 33.03
CA HIS D 292 23.97 43.51 32.74
C HIS D 292 22.60 44.17 32.68
N PHE D 293 21.57 43.46 32.23
CA PHE D 293 20.28 44.08 31.99
C PHE D 293 19.15 43.48 32.83
N GLY D 294 19.48 42.75 33.90
CA GLY D 294 18.48 41.90 34.53
C GLY D 294 17.40 42.66 35.27
N LYS D 295 17.75 43.24 36.41
CA LYS D 295 16.79 43.98 37.23
C LYS D 295 17.32 45.40 37.40
N ASP D 296 16.76 46.31 36.58
CA ASP D 296 17.04 47.77 36.49
C ASP D 296 18.50 48.14 36.75
N LYS D 297 19.40 47.35 36.17
CA LYS D 297 20.83 47.65 36.28
C LYS D 297 21.21 48.79 35.35
N SER D 298 20.73 48.75 34.12
CA SER D 298 20.84 49.87 33.19
C SER D 298 19.45 50.44 32.98
N LYS D 299 19.30 51.75 33.17
CA LYS D 299 17.99 52.37 33.07
C LYS D 299 17.60 52.59 31.62
N GLU D 300 18.55 52.42 30.71
CA GLU D 300 18.30 52.69 29.29
C GLU D 300 17.43 51.60 28.66
N PHE D 301 17.54 50.36 29.15
CA PHE D 301 16.82 49.24 28.57
C PHE D 301 16.43 48.26 29.67
N GLN D 302 15.21 47.72 29.55
CA GLN D 302 14.68 46.72 30.46
C GLN D 302 14.60 45.39 29.72
N LEU D 303 15.13 44.34 30.34
CA LEU D 303 15.05 43.02 29.74
C LEU D 303 13.67 42.40 29.94
N PHE D 304 13.16 42.47 31.16
CA PHE D 304 11.88 41.86 31.48
C PHE D 304 10.74 42.87 31.53
N SER D 305 10.84 43.96 30.78
CA SER D 305 9.80 44.99 30.71
C SER D 305 9.94 45.77 29.42
N SER D 306 8.86 46.40 28.98
CA SER D 306 8.84 47.17 27.75
C SER D 306 7.72 48.21 27.79
N PRO D 307 7.89 49.36 27.15
CA PRO D 307 6.79 50.35 27.15
C PRO D 307 5.64 49.97 26.22
N HIS D 308 5.95 49.51 25.01
CA HIS D 308 4.91 49.36 24.00
C HIS D 308 4.34 47.94 23.99
N GLY D 309 4.92 47.04 24.78
CA GLY D 309 4.35 45.73 24.95
C GLY D 309 4.60 45.22 26.36
N LYS D 310 3.85 44.19 26.73
CA LYS D 310 4.06 43.48 27.98
C LYS D 310 3.84 41.99 27.75
N ASP D 311 4.54 41.16 28.51
CA ASP D 311 4.76 39.73 28.31
C ASP D 311 5.47 39.55 26.97
N LEU D 312 6.52 40.32 26.72
CA LEU D 312 7.18 40.36 25.42
C LEU D 312 8.55 39.69 25.46
N LEU D 313 8.70 38.61 24.68
CA LEU D 313 9.90 37.77 24.50
C LEU D 313 10.29 36.96 25.73
N PHE D 314 9.71 37.29 26.87
CA PHE D 314 9.97 36.70 28.18
C PHE D 314 8.81 37.11 29.06
N LYS D 315 8.68 36.48 30.21
CA LYS D 315 7.64 36.89 31.12
C LYS D 315 8.06 38.15 31.85
N ASP D 316 7.09 38.89 32.37
CA ASP D 316 7.42 40.07 33.16
C ASP D 316 7.75 39.69 34.60
N SER D 317 7.30 38.53 35.05
CA SER D 317 7.57 38.13 36.43
C SER D 317 8.80 37.23 36.52
N ALA D 318 9.46 36.98 35.39
CA ALA D 318 10.65 36.13 35.41
C ALA D 318 11.83 36.92 35.95
N HIS D 319 12.20 36.65 37.20
CA HIS D 319 13.28 37.38 37.83
C HIS D 319 14.68 36.87 37.46
N GLY D 320 14.81 35.66 36.94
CA GLY D 320 16.15 35.23 36.56
C GLY D 320 16.20 33.98 35.70
N PHE D 321 17.41 33.46 35.55
CA PHE D 321 17.75 32.50 34.52
C PHE D 321 18.67 31.39 35.06
N LEU D 322 18.28 30.14 34.82
CA LEU D 322 19.03 28.98 35.28
C LEU D 322 19.36 28.09 34.09
N LYS D 323 20.52 27.45 34.14
CA LYS D 323 20.84 26.42 33.18
C LYS D 323 20.05 25.16 33.49
N VAL D 324 19.58 24.50 32.44
CA VAL D 324 19.06 23.14 32.54
C VAL D 324 20.24 22.20 32.37
N PRO D 325 20.49 21.29 33.31
CA PRO D 325 21.67 20.45 33.23
C PRO D 325 21.57 19.48 32.06
N PRO D 326 22.71 19.06 31.50
CA PRO D 326 22.67 18.47 30.14
C PRO D 326 22.12 17.06 30.07
N ARG D 327 21.95 16.37 31.20
CA ARG D 327 21.33 15.05 31.15
C ARG D 327 19.84 15.19 30.90
N MET D 328 19.24 16.27 31.42
CA MET D 328 17.80 16.44 31.41
C MET D 328 17.27 16.73 30.01
N ASP D 329 16.33 15.91 29.56
CA ASP D 329 15.60 16.14 28.31
C ASP D 329 14.17 16.55 28.64
N ALA D 330 13.34 16.63 27.60
CA ALA D 330 12.01 17.22 27.73
C ALA D 330 11.11 16.38 28.63
N LYS D 331 11.13 15.05 28.47
CA LYS D 331 10.29 14.19 29.29
C LYS D 331 10.78 14.17 30.73
N MET D 332 12.05 14.42 30.96
CA MET D 332 12.55 14.47 32.33
C MET D 332 12.38 15.88 32.89
N TYR D 333 12.32 16.87 32.02
CA TYR D 333 12.03 18.23 32.48
C TYR D 333 10.60 18.33 32.99
N LEU D 334 9.64 17.84 32.22
CA LEU D 334 8.24 18.05 32.57
C LEU D 334 7.85 17.23 33.78
N GLY D 335 8.45 16.07 33.96
CA GLY D 335 8.05 15.17 35.02
C GLY D 335 7.08 14.12 34.52
N TYR D 336 6.96 13.03 35.28
CA TYR D 336 6.14 11.92 34.81
C TYR D 336 4.65 12.20 34.95
N GLU D 337 4.24 12.89 36.01
CA GLU D 337 2.82 13.13 36.22
C GLU D 337 2.28 14.11 35.19
N TYR D 338 3.09 15.09 34.80
CA TYR D 338 2.60 16.10 33.88
C TYR D 338 2.60 15.57 32.44
N VAL D 339 3.49 14.65 32.11
CA VAL D 339 3.46 14.06 30.78
C VAL D 339 2.35 13.02 30.70
N THR D 340 2.08 12.32 31.81
CA THR D 340 0.96 11.39 31.83
C THR D 340 -0.37 12.13 31.74
N ALA D 341 -0.48 13.29 32.41
CA ALA D 341 -1.69 14.10 32.29
C ALA D 341 -1.81 14.75 30.92
N ILE D 342 -0.68 15.21 30.37
CA ILE D 342 -0.73 15.94 29.11
C ILE D 342 -0.91 15.00 27.94
N ARG D 343 -0.69 13.70 28.17
CA ARG D 343 -0.92 12.72 27.11
C ARG D 343 -2.31 12.11 27.22
N ASN D 344 -2.75 11.83 28.44
CA ASN D 344 -4.11 11.31 28.62
C ASN D 344 -5.16 12.35 28.30
N LEU D 345 -4.79 13.63 28.36
CA LEU D 345 -5.70 14.67 27.88
C LEU D 345 -5.81 14.66 26.36
N ARG D 346 -4.69 14.46 25.65
CA ARG D 346 -4.73 14.46 24.19
C ARG D 346 -5.50 13.26 23.66
N GLU D 347 -5.26 12.08 24.23
CA GLU D 347 -6.00 10.92 23.77
C GLU D 347 -7.44 10.96 24.27
N GLY D 348 -7.65 11.59 25.41
CA GLY D 348 -9.00 11.65 26.00
C GLY D 348 -9.46 10.29 26.50
N THR D 349 -8.82 9.77 27.54
CA THR D 349 -9.13 8.41 27.96
C THR D 349 -9.93 8.35 29.26
N CYS D 350 -9.53 9.13 30.28
CA CYS D 350 -10.07 9.06 31.63
C CYS D 350 -10.12 7.63 32.19
N PRO D 351 -8.99 7.09 32.64
CA PRO D 351 -8.94 5.67 33.02
C PRO D 351 -9.79 5.36 34.25
N GLU D 352 -10.27 4.11 34.28
CA GLU D 352 -11.19 3.71 35.34
C GLU D 352 -10.42 3.25 36.58
N ALA D 353 -9.38 2.44 36.38
CA ALA D 353 -8.49 1.85 37.38
C ALA D 353 -9.17 1.10 38.53
N PRO D 354 -9.74 -0.09 38.31
CA PRO D 354 -9.89 -1.03 39.43
C PRO D 354 -8.60 -1.82 39.63
N THR D 355 -8.29 -2.11 40.89
CA THR D 355 -7.04 -2.79 41.24
C THR D 355 -7.15 -4.31 41.24
N ASP D 356 -8.09 -4.87 40.48
CA ASP D 356 -8.29 -6.32 40.50
C ASP D 356 -7.27 -7.04 39.63
N GLU D 357 -6.60 -6.31 38.74
CA GLU D 357 -5.59 -6.89 37.87
C GLU D 357 -4.26 -6.16 38.07
N CYS D 358 -3.18 -6.91 38.07
CA CYS D 358 -1.83 -6.41 38.26
C CYS D 358 -1.10 -6.59 36.93
N LYS D 359 -0.62 -5.48 36.37
CA LYS D 359 0.02 -5.49 35.05
C LYS D 359 1.35 -6.24 35.09
N PRO D 360 1.84 -6.73 33.95
CA PRO D 360 3.16 -7.37 33.94
C PRO D 360 4.29 -6.38 34.18
N VAL D 361 5.09 -6.67 35.21
CA VAL D 361 6.23 -5.84 35.58
C VAL D 361 7.30 -5.91 34.50
N LYS D 362 7.87 -4.76 34.16
CA LYS D 362 8.98 -4.67 33.22
C LYS D 362 10.28 -4.49 33.98
N TRP D 363 11.11 -5.52 34.01
CA TRP D 363 12.36 -5.51 34.75
C TRP D 363 13.44 -4.93 33.86
N CYS D 364 14.37 -4.17 34.44
CA CYS D 364 15.56 -3.74 33.72
C CYS D 364 16.71 -4.71 33.90
N ALA D 365 17.33 -5.10 32.81
CA ALA D 365 18.60 -5.77 32.83
C ALA D 365 19.65 -4.76 32.42
N LEU D 366 20.90 -5.20 32.30
CA LEU D 366 21.90 -4.38 31.62
C LEU D 366 22.94 -5.24 30.93
N SER D 367 22.96 -5.14 29.60
CA SER D 367 24.03 -5.53 28.69
C SER D 367 24.40 -7.00 28.66
N HIS D 368 23.51 -7.89 28.22
CA HIS D 368 23.77 -9.21 27.63
C HIS D 368 24.21 -10.27 28.63
N HIS D 369 24.56 -9.93 29.85
CA HIS D 369 24.74 -10.98 30.84
C HIS D 369 23.60 -10.98 31.84
N GLU D 370 23.12 -9.80 32.18
CA GLU D 370 21.88 -9.71 32.92
C GLU D 370 20.72 -10.14 32.03
N ARG D 371 20.80 -9.81 30.73
CA ARG D 371 19.61 -9.84 29.88
C ARG D 371 19.24 -11.25 29.50
N LEU D 372 20.24 -12.12 29.36
CA LEU D 372 20.02 -13.54 29.13
C LEU D 372 19.21 -14.17 30.26
N LYS D 373 19.65 -13.95 31.51
CA LYS D 373 19.00 -14.56 32.66
C LYS D 373 17.66 -13.91 32.92
N CYS D 374 17.54 -12.63 32.58
CA CYS D 374 16.24 -11.95 32.62
C CYS D 374 15.25 -12.61 31.68
N ASP D 375 15.71 -12.98 30.46
CA ASP D 375 14.78 -13.56 29.50
C ASP D 375 14.40 -14.99 29.88
N GLU D 376 15.34 -15.75 30.45
CA GLU D 376 14.98 -17.07 30.96
C GLU D 376 13.99 -16.96 32.10
N TRP D 377 14.09 -15.90 32.90
CA TRP D 377 13.13 -15.69 33.97
C TRP D 377 11.79 -15.23 33.42
N SER D 378 11.79 -14.52 32.29
CA SER D 378 10.53 -14.09 31.69
C SER D 378 9.74 -15.27 31.16
N VAL D 379 10.41 -16.16 30.42
CA VAL D 379 9.68 -17.29 29.84
C VAL D 379 9.36 -18.33 30.90
N ASN D 380 10.29 -18.56 31.84
CA ASN D 380 10.07 -19.62 32.83
C ASN D 380 9.12 -19.16 33.93
N SER D 381 8.75 -17.88 33.94
CA SER D 381 7.61 -17.42 34.71
C SER D 381 6.32 -17.73 33.96
N VAL D 382 5.24 -17.12 34.40
CA VAL D 382 4.01 -17.25 33.63
C VAL D 382 4.03 -16.27 32.46
N GLY D 383 4.68 -15.13 32.67
CA GLY D 383 4.62 -14.03 31.73
C GLY D 383 4.48 -12.72 32.46
N LYS D 384 4.58 -12.79 33.80
CA LYS D 384 4.35 -11.61 34.62
C LYS D 384 5.55 -10.68 34.60
N ILE D 385 6.74 -11.20 34.33
CA ILE D 385 7.94 -10.39 34.17
C ILE D 385 8.31 -10.32 32.71
N GLU D 386 8.40 -9.12 32.16
CA GLU D 386 8.97 -8.90 30.84
C GLU D 386 10.21 -8.05 31.02
N CYS D 387 11.16 -8.11 30.08
CA CYS D 387 12.49 -7.55 30.32
C CYS D 387 12.85 -6.48 29.30
N VAL D 388 13.45 -5.39 29.79
CA VAL D 388 13.93 -4.28 28.98
C VAL D 388 15.38 -4.02 29.38
N SER D 389 16.23 -3.63 28.43
CA SER D 389 17.66 -3.52 28.66
C SER D 389 18.10 -2.07 28.78
N ALA D 390 19.35 -1.90 29.19
CA ALA D 390 20.02 -0.61 29.30
C ALA D 390 21.52 -0.88 29.27
N GLU D 391 22.33 0.18 29.24
CA GLU D 391 23.76 -0.03 29.07
C GLU D 391 24.55 0.37 30.31
N THR D 392 24.11 1.40 31.01
CA THR D 392 24.62 1.70 32.33
C THR D 392 23.47 1.58 33.31
N THR D 393 23.74 1.85 34.59
CA THR D 393 22.67 1.71 35.57
C THR D 393 21.86 2.99 35.69
N GLU D 394 22.49 4.15 35.52
CA GLU D 394 21.76 5.41 35.60
C GLU D 394 20.92 5.63 34.36
N ASP D 395 21.27 4.96 33.26
CA ASP D 395 20.44 4.99 32.07
C ASP D 395 19.12 4.29 32.33
N CYS D 396 19.15 3.15 33.02
CA CYS D 396 17.91 2.49 33.38
C CYS D 396 17.14 3.27 34.45
N ILE D 397 17.84 3.95 35.37
CA ILE D 397 17.12 4.77 36.36
C ILE D 397 16.36 5.90 35.68
N ALA D 398 16.96 6.51 34.65
CA ALA D 398 16.21 7.45 33.82
C ALA D 398 15.07 6.75 33.09
N LYS D 399 15.27 5.49 32.69
CA LYS D 399 14.22 4.77 31.98
C LYS D 399 13.07 4.39 32.91
N ILE D 400 13.31 4.35 34.22
CA ILE D 400 12.23 4.10 35.15
C ILE D 400 11.48 5.40 35.41
N MET D 401 12.22 6.51 35.49
CA MET D 401 11.57 7.80 35.70
C MET D 401 10.66 8.18 34.54
N ASN D 402 11.08 7.88 33.29
CA ASN D 402 10.28 8.31 32.16
C ASN D 402 9.10 7.39 31.87
N GLY D 403 9.11 6.16 32.39
CA GLY D 403 7.98 5.27 32.23
C GLY D 403 8.21 4.03 31.39
N GLU D 404 9.41 3.83 30.85
CA GLU D 404 9.63 2.68 29.98
C GLU D 404 9.83 1.40 30.78
N ALA D 405 10.38 1.49 31.99
CA ALA D 405 10.75 0.31 32.76
C ALA D 405 10.22 0.46 34.18
N ASP D 406 9.79 -0.66 34.79
CA ASP D 406 9.06 -0.55 36.05
C ASP D 406 9.99 -0.64 37.26
N ALA D 407 10.64 -1.77 37.47
CA ALA D 407 11.38 -1.97 38.71
C ALA D 407 12.80 -2.36 38.39
N MET D 408 13.68 -2.21 39.39
CA MET D 408 15.02 -2.80 39.28
C MET D 408 15.57 -3.00 40.68
N SER D 409 16.77 -3.57 40.76
CA SER D 409 17.38 -3.92 42.03
C SER D 409 18.78 -3.35 42.14
N LEU D 410 18.97 -2.34 42.99
CA LEU D 410 20.23 -1.62 43.01
C LEU D 410 20.68 -1.30 44.43
N ASP D 411 21.84 -0.66 44.49
CA ASP D 411 22.63 -0.57 45.71
C ASP D 411 22.20 0.61 46.56
N GLY D 412 22.82 0.73 47.74
CA GLY D 412 22.47 1.81 48.65
C GLY D 412 22.81 3.18 48.10
N GLY D 413 23.97 3.30 47.47
CA GLY D 413 24.34 4.56 46.85
C GLY D 413 23.61 4.80 45.55
N PHE D 414 22.84 3.82 45.08
CA PHE D 414 21.97 4.04 43.95
C PHE D 414 20.49 3.96 44.35
N VAL D 415 20.18 3.42 45.53
CA VAL D 415 18.86 3.67 46.12
C VAL D 415 18.76 5.15 46.48
N TYR D 416 19.88 5.73 46.91
CA TYR D 416 19.96 7.16 47.16
C TYR D 416 19.69 7.98 45.91
N ILE D 417 20.43 7.69 44.83
CA ILE D 417 20.31 8.47 43.60
C ILE D 417 18.96 8.22 42.94
N ALA D 418 18.39 7.03 43.12
CA ALA D 418 17.01 6.82 42.71
C ALA D 418 16.04 7.49 43.67
N GLY D 419 16.50 7.86 44.86
CA GLY D 419 15.60 8.44 45.84
C GLY D 419 15.45 9.94 45.68
N LYS D 420 16.51 10.61 45.20
CA LYS D 420 16.39 12.03 44.91
C LYS D 420 15.51 12.28 43.69
N CYS D 421 15.34 11.26 42.84
CA CYS D 421 14.57 11.43 41.62
C CYS D 421 13.10 11.07 41.79
N GLY D 422 12.70 10.56 42.94
CA GLY D 422 11.31 10.27 43.18
C GLY D 422 10.94 8.81 43.20
N LEU D 423 11.89 7.90 43.01
CA LEU D 423 11.58 6.48 43.10
C LEU D 423 11.63 6.04 44.56
N VAL D 424 10.86 5.01 44.89
CA VAL D 424 10.75 4.51 46.25
C VAL D 424 11.25 3.08 46.29
N PRO D 425 11.84 2.63 47.39
CA PRO D 425 12.12 1.20 47.53
C PRO D 425 10.89 0.45 48.00
N VAL D 426 10.77 -0.79 47.55
CA VAL D 426 9.62 -1.60 47.90
C VAL D 426 9.99 -2.85 48.69
N LEU D 427 10.97 -3.63 48.22
CA LEU D 427 11.47 -4.76 48.98
C LEU D 427 12.97 -4.58 49.17
N ALA D 428 13.54 -5.40 50.03
CA ALA D 428 14.97 -5.38 50.26
C ALA D 428 15.52 -6.77 49.98
N GLU D 429 16.82 -6.93 50.21
CA GLU D 429 17.46 -8.23 50.11
C GLU D 429 18.01 -8.64 51.47
N ASN D 430 17.66 -9.83 51.93
CA ASN D 430 18.26 -10.39 53.13
C ASN D 430 19.38 -11.34 52.74
N TYR D 431 20.46 -11.32 53.50
CA TYR D 431 21.62 -12.13 53.21
C TYR D 431 21.92 -13.16 54.29
N ASN D 432 21.22 -13.11 55.42
CA ASN D 432 21.50 -13.95 56.56
C ASN D 432 20.52 -15.11 56.57
N LYS D 433 21.05 -16.34 56.59
CA LYS D 433 20.23 -17.53 56.51
C LYS D 433 19.47 -17.74 57.80
N SER D 434 18.14 -17.84 57.69
CA SER D 434 17.31 -17.96 58.88
C SER D 434 15.99 -18.61 58.50
N ASP D 435 15.33 -19.17 59.51
CA ASP D 435 14.00 -19.71 59.34
C ASP D 435 12.97 -18.59 59.13
N ASN D 436 13.23 -17.43 59.70
CA ASN D 436 12.36 -16.27 59.57
C ASN D 436 13.18 -15.14 58.97
N CYS D 437 13.16 -15.04 57.65
CA CYS D 437 13.90 -13.99 56.96
C CYS D 437 13.01 -13.05 56.16
N GLU D 438 11.82 -13.47 55.75
CA GLU D 438 10.96 -12.61 54.96
C GLU D 438 10.38 -11.49 55.81
N ASP D 439 10.31 -11.70 57.12
CA ASP D 439 9.71 -10.72 58.02
C ASP D 439 10.76 -9.98 58.85
N THR D 440 11.99 -10.47 58.88
CA THR D 440 13.01 -9.93 59.76
C THR D 440 13.81 -8.83 59.08
N PRO D 441 13.77 -7.60 59.58
CA PRO D 441 14.65 -6.56 59.05
C PRO D 441 16.09 -6.82 59.48
N GLU D 442 17.03 -6.29 58.69
CA GLU D 442 18.43 -6.63 58.86
C GLU D 442 19.28 -5.37 58.81
N ALA D 443 20.34 -5.35 59.63
CA ALA D 443 21.08 -4.13 59.86
C ALA D 443 22.03 -3.81 58.72
N GLY D 444 22.56 -4.84 58.06
CA GLY D 444 23.40 -4.61 56.90
C GLY D 444 24.73 -5.32 56.98
N TYR D 445 25.41 -5.37 55.84
CA TYR D 445 26.69 -6.05 55.73
C TYR D 445 27.85 -5.08 55.97
N PHE D 446 29.06 -5.62 55.89
CA PHE D 446 30.27 -4.91 56.31
C PHE D 446 31.20 -4.72 55.13
N ALA D 447 31.43 -3.46 54.76
CA ALA D 447 32.40 -3.15 53.72
C ALA D 447 33.81 -3.16 54.29
N VAL D 448 34.72 -3.82 53.57
CA VAL D 448 36.11 -3.96 54.01
C VAL D 448 37.04 -3.67 52.85
N ALA D 449 38.34 -3.70 53.14
CA ALA D 449 39.40 -3.57 52.14
C ALA D 449 40.41 -4.69 52.37
N VAL D 450 40.62 -5.50 51.34
CA VAL D 450 41.47 -6.68 51.48
C VAL D 450 42.86 -6.39 50.94
N VAL D 451 43.90 -6.78 51.70
CA VAL D 451 45.28 -6.50 51.35
C VAL D 451 46.04 -7.80 51.16
N LYS D 452 47.15 -7.74 50.45
CA LYS D 452 47.94 -8.92 50.13
C LYS D 452 48.77 -9.34 51.34
N LYS D 453 49.12 -10.61 51.41
CA LYS D 453 49.99 -11.08 52.48
C LYS D 453 51.43 -10.61 52.26
N SER D 454 51.87 -10.60 51.00
CA SER D 454 53.28 -10.35 50.69
C SER D 454 53.69 -8.93 51.02
N ALA D 455 52.77 -7.99 50.89
CA ALA D 455 53.00 -6.60 51.26
C ALA D 455 52.56 -6.41 52.70
N SER D 456 53.53 -6.32 53.60
CA SER D 456 53.26 -6.05 55.00
C SER D 456 53.48 -4.58 55.36
N ASP D 457 53.77 -3.74 54.37
CA ASP D 457 54.07 -2.34 54.65
C ASP D 457 52.82 -1.49 54.78
N LEU D 458 51.77 -1.82 54.01
CA LEU D 458 50.64 -0.92 53.88
C LEU D 458 49.72 -1.01 55.08
N THR D 459 49.31 0.15 55.58
CA THR D 459 48.35 0.28 56.66
C THR D 459 47.48 1.46 56.28
N TRP D 460 46.42 1.72 57.06
CA TRP D 460 45.38 2.68 56.68
C TRP D 460 45.92 4.11 56.58
N ASP D 461 46.98 4.42 57.32
CA ASP D 461 47.54 5.77 57.25
C ASP D 461 48.37 5.96 56.00
N ASN D 462 48.75 4.86 55.34
CA ASN D 462 49.65 4.91 54.19
C ASN D 462 48.99 4.18 53.01
N LEU D 463 48.30 4.92 52.15
CA LEU D 463 47.85 4.39 50.88
C LEU D 463 48.21 5.23 49.68
N LYS D 464 49.02 6.27 49.84
CA LYS D 464 49.29 7.17 48.73
C LYS D 464 50.21 6.54 47.71
N GLY D 465 49.78 6.57 46.45
CA GLY D 465 50.59 6.04 45.36
C GLY D 465 50.51 4.55 45.16
N LYS D 466 49.60 3.87 45.84
CA LYS D 466 49.44 2.42 45.71
C LYS D 466 48.22 2.14 44.84
N LYS D 467 48.31 1.09 44.02
CA LYS D 467 47.31 0.89 42.97
C LYS D 467 46.10 0.15 43.50
N SER D 468 44.92 0.74 43.31
CA SER D 468 43.72 0.27 43.98
C SER D 468 42.69 -0.25 42.97
N CYS D 469 41.73 -1.01 43.48
CA CYS D 469 40.74 -1.69 42.68
C CYS D 469 39.35 -1.51 43.31
N HIS D 470 38.46 -0.86 42.58
CA HIS D 470 37.13 -0.53 43.08
C HIS D 470 36.09 -1.34 42.35
N THR D 471 34.94 -1.55 42.99
CA THR D 471 33.82 -2.18 42.32
C THR D 471 33.25 -1.29 41.24
N ALA D 472 32.77 -0.10 41.61
CA ALA D 472 32.28 0.89 40.67
C ALA D 472 32.24 2.24 41.36
N VAL D 473 32.10 3.29 40.56
CA VAL D 473 31.94 4.64 41.08
C VAL D 473 30.48 4.84 41.46
N GLY D 474 30.24 5.22 42.71
CA GLY D 474 28.89 5.42 43.21
C GLY D 474 28.34 4.27 44.02
N ARG D 475 29.03 3.14 44.05
CA ARG D 475 28.55 1.99 44.79
C ARG D 475 28.97 2.09 46.26
N THR D 476 28.25 1.38 47.14
CA THR D 476 28.42 1.57 48.58
C THR D 476 29.77 1.07 49.07
N ALA D 477 30.02 -0.23 48.95
CA ALA D 477 31.23 -0.82 49.51
C ALA D 477 32.44 -0.47 48.67
N GLY D 478 32.22 -0.06 47.42
CA GLY D 478 33.35 0.25 46.56
C GLY D 478 33.76 1.72 46.62
N TRP D 479 32.79 2.63 46.59
CA TRP D 479 33.13 4.03 46.39
C TRP D 479 32.67 4.96 47.49
N ASN D 480 31.45 4.82 48.02
CA ASN D 480 30.97 5.80 48.99
C ASN D 480 31.69 5.66 50.33
N ILE D 481 31.65 4.46 50.90
CA ILE D 481 32.29 4.15 52.17
C ILE D 481 33.81 4.35 52.16
N PRO D 482 34.60 3.87 51.19
CA PRO D 482 36.05 4.13 51.29
C PRO D 482 36.43 5.56 50.98
N MET D 483 35.93 6.11 49.87
CA MET D 483 36.44 7.41 49.42
C MET D 483 35.85 8.54 50.25
N GLY D 484 34.76 8.28 50.96
CA GLY D 484 34.31 9.24 51.96
C GLY D 484 35.30 9.39 53.09
N LEU D 485 35.79 8.27 53.61
CA LEU D 485 36.73 8.31 54.73
C LEU D 485 38.10 8.80 54.27
N LEU D 486 38.42 8.63 52.99
CA LEU D 486 39.63 9.28 52.49
C LEU D 486 39.42 10.79 52.33
N TYR D 487 38.20 11.20 52.00
CA TYR D 487 37.93 12.63 51.83
C TYR D 487 37.91 13.36 53.16
N ASN D 488 37.54 12.66 54.24
CA ASN D 488 37.60 13.28 55.56
C ASN D 488 39.03 13.44 56.04
N LYS D 489 39.97 12.73 55.42
CA LYS D 489 41.36 12.84 55.82
C LYS D 489 42.10 13.87 54.97
N ILE D 490 41.95 13.79 53.65
CA ILE D 490 42.84 14.54 52.78
C ILE D 490 42.23 15.90 52.42
N ASN D 491 40.90 16.00 52.47
CA ASN D 491 40.07 17.20 52.27
C ASN D 491 40.08 17.80 50.88
N HIS D 492 40.80 17.26 49.90
CA HIS D 492 40.63 17.71 48.53
C HIS D 492 39.90 16.64 47.74
N CYS D 493 39.14 17.07 46.74
CA CYS D 493 38.06 16.26 46.20
C CYS D 493 38.57 15.21 45.22
N ARG D 494 39.65 15.52 44.49
CA ARG D 494 40.11 14.62 43.45
C ARG D 494 40.79 13.40 44.04
N PHE D 495 40.67 12.26 43.36
CA PHE D 495 41.29 11.02 43.78
C PHE D 495 42.22 10.45 42.72
N ASP D 496 42.36 11.12 41.58
CA ASP D 496 43.36 10.71 40.60
C ASP D 496 44.76 11.05 41.07
N GLU D 497 44.87 12.04 41.96
CA GLU D 497 46.18 12.52 42.37
C GLU D 497 46.70 11.72 43.56
N PHE D 498 45.81 11.30 44.45
CA PHE D 498 46.25 10.65 45.68
C PHE D 498 46.69 9.22 45.42
N PHE D 499 45.95 8.50 44.59
CA PHE D 499 46.29 7.14 44.20
C PHE D 499 47.04 7.18 42.88
N SER D 500 48.00 6.28 42.72
CA SER D 500 48.76 6.24 41.48
C SER D 500 47.94 5.68 40.34
N GLU D 501 47.49 4.43 40.48
CA GLU D 501 46.64 3.80 39.48
C GLU D 501 45.47 3.15 40.20
N GLY D 502 44.56 2.57 39.45
CA GLY D 502 43.41 1.91 40.04
C GLY D 502 42.43 1.54 38.96
N CYS D 503 41.38 0.82 39.36
CA CYS D 503 40.35 0.37 38.42
C CYS D 503 38.98 0.64 39.02
N ALA D 504 38.39 1.78 38.67
CA ALA D 504 37.06 2.14 39.13
C ALA D 504 36.16 2.26 37.92
N PRO D 505 35.37 1.23 37.59
CA PRO D 505 34.49 1.31 36.42
C PRO D 505 33.42 2.36 36.61
N GLY D 506 33.14 3.10 35.55
CA GLY D 506 32.26 4.23 35.63
C GLY D 506 32.95 5.55 35.80
N SER D 507 34.24 5.56 36.10
CA SER D 507 34.98 6.81 36.13
C SER D 507 35.29 7.26 34.72
N LYS D 508 35.77 8.49 34.61
CA LYS D 508 36.06 9.11 33.32
C LYS D 508 37.21 8.37 32.64
N LYS D 509 37.20 8.34 31.30
CA LYS D 509 38.18 7.54 30.56
C LYS D 509 39.59 8.12 30.68
N ASP D 510 39.69 9.44 30.86
CA ASP D 510 41.01 10.07 30.88
C ASP D 510 41.63 10.04 32.28
N SER D 511 40.89 9.49 33.24
CA SER D 511 41.36 9.47 34.62
C SER D 511 42.50 8.47 34.80
N SER D 512 43.24 8.62 35.91
CA SER D 512 44.30 7.68 36.23
C SER D 512 43.75 6.48 36.98
N LEU D 513 42.49 6.54 37.41
CA LEU D 513 41.85 5.36 38.00
C LEU D 513 41.20 4.49 36.92
N CYS D 514 41.56 4.73 35.67
CA CYS D 514 40.97 3.97 34.58
C CYS D 514 42.05 3.18 33.84
N LYS D 515 43.32 3.55 34.02
CA LYS D 515 44.37 2.97 33.20
C LYS D 515 44.93 1.69 33.80
N LEU D 516 44.11 0.94 34.52
CA LEU D 516 44.58 -0.32 35.08
C LEU D 516 43.61 -1.45 34.77
N CYS D 517 42.40 -1.12 34.30
CA CYS D 517 41.35 -2.12 34.11
C CYS D 517 41.62 -2.99 32.90
N MET D 518 40.79 -4.01 32.70
CA MET D 518 41.17 -5.09 31.79
C MET D 518 40.23 -5.23 30.61
N GLY D 519 39.10 -4.53 30.61
CA GLY D 519 38.18 -4.66 29.52
C GLY D 519 38.67 -4.02 28.24
N SER D 520 38.82 -4.81 27.18
CA SER D 520 39.35 -4.29 25.94
C SER D 520 38.54 -4.85 24.78
N GLY D 521 38.27 -4.01 23.77
CA GLY D 521 38.64 -2.61 23.75
C GLY D 521 37.36 -1.82 23.55
N LEU D 522 37.39 -0.55 23.95
CA LEU D 522 36.31 0.45 23.98
C LEU D 522 35.30 0.15 25.09
N ASN D 523 35.42 -0.99 25.77
CA ASN D 523 34.67 -1.26 26.98
C ASN D 523 35.52 -1.06 28.22
N LEU D 524 36.58 -0.27 28.12
CA LEU D 524 37.46 -0.04 29.25
C LEU D 524 36.79 0.92 30.24
N CYS D 525 36.81 0.54 31.52
CA CYS D 525 36.17 1.23 32.64
C CYS D 525 34.68 1.45 32.44
N GLU D 526 33.99 0.59 31.70
CA GLU D 526 32.58 0.79 31.49
C GLU D 526 31.80 0.03 32.56
N PRO D 527 30.85 0.68 33.23
CA PRO D 527 30.13 -0.03 34.29
C PRO D 527 29.04 -0.94 33.77
N ASN D 528 29.39 -2.23 33.63
CA ASN D 528 28.55 -3.34 33.20
C ASN D 528 29.38 -4.61 33.24
N ASN D 529 28.78 -5.76 32.94
CA ASN D 529 29.48 -7.03 33.09
C ASN D 529 30.46 -7.30 31.95
N LYS D 530 30.48 -6.46 30.92
CA LYS D 530 31.47 -6.60 29.87
C LYS D 530 32.86 -6.32 30.40
N GLU D 531 32.98 -5.35 31.29
CA GLU D 531 34.21 -5.15 32.04
C GLU D 531 34.40 -6.27 33.05
N GLY D 532 35.55 -6.95 32.98
CA GLY D 532 35.76 -8.09 33.84
C GLY D 532 36.11 -7.69 35.26
N TYR D 533 36.48 -6.43 35.46
CA TYR D 533 36.82 -5.99 36.81
C TYR D 533 35.64 -5.34 37.51
N TYR D 534 34.47 -5.38 36.88
CA TYR D 534 33.27 -4.82 37.48
C TYR D 534 32.73 -5.75 38.56
N GLY D 535 32.16 -5.17 39.60
CA GLY D 535 31.52 -5.97 40.63
C GLY D 535 32.44 -6.25 41.80
N TYR D 536 31.96 -7.11 42.70
CA TYR D 536 32.80 -7.57 43.81
C TYR D 536 33.92 -8.44 43.31
N THR D 537 33.58 -9.51 42.59
CA THR D 537 34.55 -10.51 42.17
C THR D 537 35.51 -9.92 41.15
N GLY D 538 35.07 -8.90 40.41
CA GLY D 538 35.97 -8.17 39.57
C GLY D 538 36.97 -7.33 40.34
N ALA D 539 36.57 -6.84 41.51
CA ALA D 539 37.49 -6.07 42.34
C ALA D 539 38.50 -6.97 43.01
N PHE D 540 38.05 -8.10 43.57
CA PHE D 540 38.97 -9.05 44.16
C PHE D 540 39.87 -9.66 43.11
N ARG D 541 39.36 -9.84 41.90
CA ARG D 541 40.18 -10.32 40.80
C ARG D 541 41.22 -9.28 40.40
N CYS D 542 40.84 -8.00 40.49
CA CYS D 542 41.82 -6.94 40.29
C CYS D 542 42.88 -6.94 41.38
N LEU D 543 42.50 -7.36 42.59
CA LEU D 543 43.50 -7.53 43.65
C LEU D 543 44.41 -8.71 43.36
N VAL D 544 43.88 -9.78 42.78
CA VAL D 544 44.68 -10.98 42.53
C VAL D 544 45.68 -10.73 41.40
N GLU D 545 45.22 -10.12 40.31
CA GLU D 545 46.09 -9.98 39.14
C GLU D 545 47.17 -8.94 39.39
N LYS D 546 46.79 -7.67 39.57
CA LYS D 546 47.81 -6.63 39.65
C LYS D 546 47.54 -5.51 40.66
N GLY D 547 46.65 -5.69 41.63
CA GLY D 547 46.23 -4.60 42.51
C GLY D 547 46.83 -4.72 43.90
N ASP D 548 46.89 -3.59 44.60
CA ASP D 548 47.43 -3.58 45.96
C ASP D 548 46.33 -3.78 47.00
N VAL D 549 45.24 -3.01 46.88
CA VAL D 549 44.14 -3.08 47.82
C VAL D 549 42.84 -3.01 47.03
N ALA D 550 41.83 -3.72 47.50
CA ALA D 550 40.51 -3.69 46.89
C ALA D 550 39.47 -3.51 47.98
N PHE D 551 38.37 -2.85 47.62
CA PHE D 551 37.30 -2.52 48.57
C PHE D 551 36.07 -3.34 48.23
N VAL D 552 35.77 -4.36 49.04
CA VAL D 552 34.68 -5.28 48.74
C VAL D 552 33.80 -5.49 49.96
N LYS D 553 32.82 -6.37 49.86
CA LYS D 553 32.07 -6.79 51.04
C LYS D 553 32.94 -7.73 51.88
N HIS D 554 32.44 -8.09 53.06
CA HIS D 554 33.24 -8.96 53.92
C HIS D 554 33.21 -10.40 53.43
N GLN D 555 32.17 -10.79 52.70
CA GLN D 555 32.01 -12.19 52.31
C GLN D 555 32.67 -12.54 50.99
N THR D 556 33.38 -11.60 50.35
CA THR D 556 33.98 -11.87 49.04
C THR D 556 35.08 -12.91 49.13
N VAL D 557 35.95 -12.78 50.13
CA VAL D 557 37.07 -13.72 50.27
C VAL D 557 36.63 -15.13 50.65
N PRO D 558 35.68 -15.36 51.58
CA PRO D 558 35.24 -16.75 51.78
C PRO D 558 34.45 -17.37 50.63
N GLN D 559 34.03 -16.58 49.64
CA GLN D 559 33.23 -17.14 48.56
C GLN D 559 34.03 -17.26 47.26
N ASN D 560 35.25 -16.73 47.23
CA ASN D 560 36.05 -16.91 46.03
C ASN D 560 37.24 -17.84 46.26
N THR D 561 37.46 -18.25 47.50
CA THR D 561 38.56 -19.16 47.78
C THR D 561 38.08 -20.58 47.99
N GLY D 562 39.04 -21.48 48.14
CA GLY D 562 38.76 -22.86 48.47
C GLY D 562 38.20 -23.69 47.35
N GLY D 563 38.37 -23.26 46.11
CA GLY D 563 37.82 -24.01 45.00
C GLY D 563 36.33 -23.85 44.80
N LYS D 564 35.70 -22.90 45.47
CA LYS D 564 34.28 -22.66 45.25
C LYS D 564 34.04 -21.91 43.96
N ASN D 565 35.07 -21.25 43.44
CA ASN D 565 34.96 -20.59 42.15
C ASN D 565 35.49 -21.51 41.07
N PRO D 566 34.64 -21.95 40.13
CA PRO D 566 35.14 -22.88 39.09
C PRO D 566 36.01 -22.24 38.03
N ASP D 567 36.18 -20.92 38.08
CA ASP D 567 37.04 -20.22 37.15
C ASP D 567 38.49 -20.62 37.35
N PRO D 568 39.35 -20.51 36.32
CA PRO D 568 40.73 -21.00 36.48
C PRO D 568 41.58 -20.18 37.44
N TRP D 569 41.40 -18.87 37.50
CA TRP D 569 42.30 -18.04 38.28
C TRP D 569 42.04 -18.16 39.77
N ALA D 570 40.85 -18.64 40.16
CA ALA D 570 40.48 -18.60 41.57
C ALA D 570 40.31 -20.00 42.15
N LYS D 571 40.56 -21.04 41.35
CA LYS D 571 40.39 -22.39 41.88
C LYS D 571 41.59 -22.83 42.70
N ASN D 572 42.75 -22.19 42.48
CA ASN D 572 43.97 -22.64 43.13
C ASN D 572 44.16 -21.98 44.50
N LEU D 573 43.82 -20.69 44.60
CA LEU D 573 44.40 -19.84 45.63
C LEU D 573 43.77 -20.07 47.00
N ASN D 574 44.22 -19.28 47.97
CA ASN D 574 44.07 -19.59 49.38
C ASN D 574 43.25 -18.53 50.09
N GLU D 575 42.64 -18.92 51.21
CA GLU D 575 41.82 -17.99 51.99
C GLU D 575 42.61 -17.43 53.16
N LYS D 576 43.49 -18.23 53.74
CA LYS D 576 44.15 -17.83 54.99
C LYS D 576 45.26 -16.83 54.72
N ASP D 577 45.78 -16.79 53.49
CA ASP D 577 46.93 -15.92 53.22
C ASP D 577 46.51 -14.46 53.10
N TYR D 578 45.42 -14.18 52.37
CA TYR D 578 44.96 -12.80 52.23
C TYR D 578 44.47 -12.24 53.56
N GLU D 579 44.34 -10.93 53.62
CA GLU D 579 44.14 -10.26 54.90
C GLU D 579 43.48 -8.92 54.65
N LEU D 580 42.84 -8.38 55.67
CA LEU D 580 42.20 -7.08 55.59
C LEU D 580 42.81 -6.15 56.62
N LEU D 581 42.86 -4.87 56.31
CA LEU D 581 43.49 -3.90 57.20
C LEU D 581 42.42 -3.11 57.94
N CYS D 582 42.77 -2.61 59.11
CA CYS D 582 41.81 -1.91 59.94
C CYS D 582 41.85 -0.42 59.64
N LEU D 583 41.11 0.35 60.43
CA LEU D 583 41.09 1.80 60.24
C LEU D 583 42.00 2.51 61.23
N ASP D 584 42.18 1.94 62.42
CA ASP D 584 43.03 2.55 63.42
C ASP D 584 44.53 2.32 63.20
N GLY D 585 44.89 1.35 62.37
CA GLY D 585 46.27 0.99 62.17
C GLY D 585 46.61 -0.46 62.45
N THR D 586 45.65 -1.26 62.89
CA THR D 586 45.93 -2.66 63.15
C THR D 586 45.62 -3.51 61.92
N ARG D 587 45.59 -4.83 62.13
CA ARG D 587 45.60 -5.79 61.05
C ARG D 587 45.07 -7.13 61.54
N LYS D 588 43.89 -7.52 61.07
CA LYS D 588 43.28 -8.76 61.47
C LYS D 588 43.07 -9.67 60.27
N PRO D 589 43.09 -10.99 60.47
CA PRO D 589 42.80 -11.91 59.35
C PRO D 589 41.33 -11.92 58.97
N VAL D 590 41.03 -12.73 57.94
CA VAL D 590 39.77 -12.61 57.20
C VAL D 590 38.58 -13.03 58.04
N GLU D 591 38.77 -14.02 58.92
CA GLU D 591 37.66 -14.67 59.61
C GLU D 591 36.94 -13.73 60.57
N GLU D 592 37.68 -12.88 61.28
CA GLU D 592 37.06 -11.85 62.10
C GLU D 592 37.03 -10.56 61.30
N TYR D 593 35.87 -9.90 61.29
CA TYR D 593 35.66 -8.66 60.58
C TYR D 593 34.87 -7.65 61.41
N ALA D 594 34.24 -8.09 62.50
CA ALA D 594 33.41 -7.19 63.29
C ALA D 594 34.27 -6.22 64.10
N ASN D 595 35.55 -6.52 64.26
CA ASN D 595 36.45 -5.57 64.89
C ASN D 595 36.99 -4.57 63.88
N CYS D 596 37.35 -5.04 62.69
CA CYS D 596 37.96 -4.17 61.68
C CYS D 596 37.09 -4.13 60.44
N HIS D 597 36.10 -3.25 60.47
CA HIS D 597 35.20 -3.00 59.34
C HIS D 597 35.27 -1.52 59.05
N LEU D 598 35.21 -1.16 57.76
CA LEU D 598 35.22 0.24 57.39
C LEU D 598 33.95 0.93 57.86
N ALA D 599 32.80 0.49 57.35
CA ALA D 599 31.53 0.98 57.85
C ALA D 599 30.43 -0.02 57.53
N ARG D 600 29.38 0.04 58.32
CA ARG D 600 28.16 -0.69 58.01
C ARG D 600 27.52 -0.11 56.75
N ALA D 601 27.03 -0.99 55.88
CA ALA D 601 26.36 -0.58 54.66
C ALA D 601 25.00 -1.23 54.59
N PRO D 602 23.97 -0.54 54.11
CA PRO D 602 22.65 -1.16 54.01
C PRO D 602 22.56 -2.13 52.86
N ASN D 603 21.48 -2.90 52.85
CA ASN D 603 21.33 -3.98 51.88
C ASN D 603 20.96 -3.44 50.51
N HIS D 604 21.05 -4.31 49.50
CA HIS D 604 20.49 -3.98 48.21
C HIS D 604 18.97 -4.07 48.27
N ALA D 605 18.29 -3.30 47.44
CA ALA D 605 16.85 -3.21 47.50
C ALA D 605 16.26 -3.14 46.10
N VAL D 606 14.96 -3.37 46.00
CA VAL D 606 14.26 -3.26 44.73
C VAL D 606 13.42 -1.99 44.71
N VAL D 607 13.68 -1.12 43.72
CA VAL D 607 13.05 0.18 43.64
C VAL D 607 12.12 0.21 42.44
N THR D 608 11.12 1.09 42.51
CA THR D 608 10.20 1.40 41.42
C THR D 608 9.50 2.72 41.72
N ARG D 609 8.61 3.12 40.82
CA ARG D 609 7.80 4.33 41.00
C ARG D 609 6.78 4.15 42.12
N LYS D 610 6.11 5.25 42.47
CA LYS D 610 5.20 5.21 43.62
C LYS D 610 3.88 4.58 43.26
N ASP D 611 3.39 4.78 42.03
CA ASP D 611 2.07 4.27 41.69
C ASP D 611 2.08 2.77 41.48
N LYS D 612 3.24 2.22 41.12
CA LYS D 612 3.37 0.78 40.95
C LYS D 612 4.11 0.14 42.12
N GLU D 613 3.81 0.55 43.34
CA GLU D 613 4.42 -0.10 44.50
C GLU D 613 3.69 -1.40 44.85
N ALA D 614 2.36 -1.36 44.84
CA ALA D 614 1.59 -2.51 45.32
C ALA D 614 1.63 -3.66 44.34
N CYS D 615 1.73 -3.36 43.04
CA CYS D 615 1.72 -4.41 42.04
C CYS D 615 3.05 -5.16 42.05
N VAL D 616 4.17 -4.41 42.11
CA VAL D 616 5.50 -4.99 42.19
C VAL D 616 5.68 -5.78 43.48
N HIS D 617 5.05 -5.32 44.57
CA HIS D 617 5.11 -6.04 45.84
C HIS D 617 4.47 -7.43 45.73
N LYS D 618 3.25 -7.49 45.20
CA LYS D 618 2.52 -8.74 45.15
C LYS D 618 3.11 -9.70 44.12
N ILE D 619 3.67 -9.16 43.03
CA ILE D 619 4.33 -10.03 42.07
C ILE D 619 5.62 -10.61 42.66
N LEU D 620 6.47 -9.77 43.26
CA LEU D 620 7.79 -10.25 43.64
C LEU D 620 7.75 -11.16 44.87
N ARG D 621 6.72 -11.04 45.72
CA ARG D 621 6.61 -12.03 46.78
C ARG D 621 6.24 -13.40 46.22
N GLN D 622 5.40 -13.40 45.19
CA GLN D 622 4.96 -14.65 44.57
C GLN D 622 6.08 -15.31 43.78
N GLN D 623 6.86 -14.53 43.03
CA GLN D 623 7.99 -15.10 42.32
C GLN D 623 9.11 -15.51 43.27
N GLN D 624 9.23 -14.78 44.38
CA GLN D 624 10.18 -15.13 45.43
C GLN D 624 9.88 -16.49 46.04
N HIS D 625 8.59 -16.79 46.26
CA HIS D 625 8.26 -18.08 46.88
C HIS D 625 8.42 -19.23 45.90
N LEU D 626 8.32 -18.96 44.59
CA LEU D 626 8.45 -20.04 43.62
C LEU D 626 9.91 -20.33 43.29
N PHE D 627 10.67 -19.29 42.96
CA PHE D 627 12.00 -19.48 42.37
C PHE D 627 13.11 -19.17 43.36
N GLY D 628 12.86 -19.36 44.65
CA GLY D 628 13.81 -18.96 45.67
C GLY D 628 14.84 -19.99 45.99
N SER D 629 14.94 -20.36 47.27
CA SER D 629 15.90 -21.34 47.73
C SER D 629 15.28 -22.72 47.88
N ASN D 630 14.03 -22.90 47.50
CA ASN D 630 13.44 -24.23 47.43
C ASN D 630 14.05 -25.05 46.31
N VAL D 631 14.49 -24.38 45.24
CA VAL D 631 15.04 -25.11 44.10
C VAL D 631 16.43 -25.61 44.44
N THR D 632 16.56 -26.92 44.58
CA THR D 632 17.84 -27.59 44.67
C THR D 632 18.08 -28.32 43.37
N ASP D 633 19.36 -28.60 43.09
CA ASP D 633 19.85 -29.02 41.78
C ASP D 633 19.37 -28.03 40.71
N CYS D 634 19.93 -26.82 40.79
CA CYS D 634 19.46 -25.73 39.96
C CYS D 634 19.75 -25.98 38.48
N SER D 635 20.84 -26.67 38.17
CA SER D 635 21.09 -27.07 36.79
C SER D 635 20.09 -28.13 36.37
N GLY D 636 19.31 -27.81 35.34
CA GLY D 636 18.16 -28.62 34.99
C GLY D 636 16.85 -28.07 35.50
N ASN D 637 16.88 -26.92 36.16
CA ASN D 637 15.67 -26.25 36.61
C ASN D 637 16.01 -24.76 36.56
N PHE D 638 15.23 -23.94 37.26
CA PHE D 638 15.54 -22.52 37.32
C PHE D 638 15.44 -22.02 38.74
N CYS D 639 16.55 -21.51 39.26
CA CYS D 639 16.60 -20.84 40.55
C CYS D 639 17.08 -19.42 40.30
N LEU D 640 16.41 -18.46 40.94
CA LEU D 640 16.62 -17.06 40.56
C LEU D 640 17.89 -16.49 41.17
N PHE D 641 18.21 -16.89 42.40
CA PHE D 641 19.22 -16.13 43.13
C PHE D 641 20.63 -16.59 42.82
N ARG D 642 20.80 -17.81 42.30
CA ARG D 642 22.12 -18.21 41.85
C ARG D 642 22.44 -17.56 40.51
N SER D 643 23.72 -17.56 40.17
CA SER D 643 24.19 -17.11 38.88
C SER D 643 25.53 -17.76 38.63
N GLU D 644 26.15 -17.42 37.51
CA GLU D 644 27.46 -17.98 37.21
C GLU D 644 28.56 -17.00 37.59
N THR D 645 28.66 -16.70 38.89
CA THR D 645 29.62 -15.80 39.58
C THR D 645 29.58 -14.38 39.03
N LYS D 646 28.49 -13.95 38.41
CA LYS D 646 28.42 -12.64 37.78
C LYS D 646 27.46 -11.69 38.48
N ASP D 647 26.73 -12.16 39.50
CA ASP D 647 25.68 -11.41 40.21
C ASP D 647 24.61 -10.88 39.26
N LEU D 648 23.90 -11.79 38.61
CA LEU D 648 22.92 -11.41 37.62
C LEU D 648 21.56 -11.14 38.26
N LEU D 649 21.12 -9.88 38.20
CA LEU D 649 19.83 -9.30 38.58
C LEU D 649 19.63 -9.19 40.08
N PHE D 650 20.46 -9.87 40.84
CA PHE D 650 20.40 -9.97 42.29
C PHE D 650 21.77 -10.45 42.71
N ARG D 651 22.15 -10.15 43.94
CA ARG D 651 23.41 -10.68 44.44
C ARG D 651 23.27 -12.19 44.61
N ASP D 652 24.38 -12.92 44.42
CA ASP D 652 24.36 -14.37 44.61
C ASP D 652 24.06 -14.76 46.04
N ASP D 653 24.30 -13.87 46.99
CA ASP D 653 24.17 -14.23 48.39
C ASP D 653 22.77 -14.04 48.92
N THR D 654 21.80 -13.79 48.05
CA THR D 654 20.46 -13.46 48.50
C THR D 654 19.73 -14.71 48.95
N VAL D 655 19.17 -14.66 50.15
CA VAL D 655 18.36 -15.75 50.68
C VAL D 655 16.88 -15.51 50.41
N CYS D 656 16.39 -14.32 50.72
CA CYS D 656 15.00 -13.98 50.46
C CYS D 656 14.88 -12.46 50.38
N LEU D 657 13.95 -12.00 49.55
CA LEU D 657 13.65 -10.57 49.44
C LEU D 657 12.78 -10.16 50.61
N ALA D 658 13.25 -9.18 51.38
CA ALA D 658 12.56 -8.78 52.60
C ALA D 658 11.38 -7.88 52.30
N LYS D 659 10.29 -8.13 53.01
CA LYS D 659 9.16 -7.22 53.07
C LYS D 659 9.56 -5.95 53.82
N LEU D 660 9.15 -4.80 53.28
CA LEU D 660 9.40 -3.51 53.91
C LEU D 660 8.12 -2.94 54.45
N HIS D 661 8.03 -2.86 55.78
CA HIS D 661 7.02 -2.05 56.44
C HIS D 661 7.77 -0.96 57.20
N ASP D 662 7.14 0.21 57.32
CA ASP D 662 7.57 1.41 58.05
C ASP D 662 8.80 2.06 57.39
N ARG D 663 9.20 1.62 56.19
CA ARG D 663 10.31 2.25 55.46
C ARG D 663 9.91 2.35 53.99
N ASN D 664 9.47 3.54 53.58
CA ASN D 664 9.15 3.81 52.19
C ASN D 664 9.76 5.12 51.69
N THR D 665 10.74 5.64 52.39
CA THR D 665 11.51 6.80 51.97
C THR D 665 12.97 6.42 52.01
N TYR D 666 13.78 6.96 51.10
CA TYR D 666 15.19 6.63 51.08
C TYR D 666 15.91 7.11 52.33
N GLU D 667 15.50 8.26 52.86
CA GLU D 667 16.05 8.76 54.12
C GLU D 667 15.69 7.84 55.28
N LYS D 668 14.48 7.29 55.23
CA LYS D 668 14.02 6.47 56.34
C LYS D 668 14.51 5.04 56.19
N TYR D 669 14.95 4.66 55.00
CA TYR D 669 15.43 3.29 54.78
C TYR D 669 16.94 3.18 54.95
N LEU D 670 17.70 4.12 54.39
CA LEU D 670 19.16 4.00 54.43
C LEU D 670 19.71 4.24 55.83
N GLY D 671 18.97 4.93 56.67
CA GLY D 671 19.50 5.32 57.95
C GLY D 671 20.23 6.65 57.86
N GLU D 672 20.11 7.45 58.92
CA GLU D 672 20.53 8.85 58.85
C GLU D 672 22.04 8.99 58.84
N GLU D 673 22.75 8.00 59.41
CA GLU D 673 24.21 8.05 59.42
C GLU D 673 24.79 7.90 58.02
N TYR D 674 24.23 6.97 57.24
CA TYR D 674 24.73 6.76 55.88
C TYR D 674 24.29 7.89 54.95
N VAL D 675 23.12 8.49 55.21
CA VAL D 675 22.68 9.62 54.40
C VAL D 675 23.57 10.84 54.66
N LYS D 676 23.99 11.02 55.92
CA LYS D 676 24.96 12.08 56.21
C LYS D 676 26.33 11.77 55.60
N ALA D 677 26.75 10.49 55.64
CA ALA D 677 28.06 10.12 55.11
C ALA D 677 28.08 10.22 53.59
N VAL D 678 26.93 10.03 52.94
CA VAL D 678 26.83 10.31 51.51
C VAL D 678 26.87 11.82 51.27
N GLY D 679 26.07 12.57 52.04
CA GLY D 679 25.91 13.99 51.76
C GLY D 679 27.15 14.81 52.06
N ASN D 680 28.09 14.24 52.81
CA ASN D 680 29.36 14.92 53.03
C ASN D 680 30.21 14.94 51.76
N LEU D 681 29.96 14.01 50.85
CA LEU D 681 30.77 13.84 49.66
C LEU D 681 30.16 14.52 48.43
N ARG D 682 29.11 15.32 48.62
CA ARG D 682 28.19 15.65 47.52
C ARG D 682 28.83 16.58 46.49
N LYS D 683 29.88 17.31 46.87
CA LYS D 683 30.53 18.18 45.90
C LYS D 683 31.47 17.39 45.00
N CYS D 684 31.78 16.15 45.37
CA CYS D 684 32.64 15.30 44.55
C CYS D 684 31.84 14.46 43.57
N SER D 685 30.51 14.55 43.63
CA SER D 685 29.66 13.67 42.86
C SER D 685 29.70 14.00 41.38
N THR D 686 30.01 13.01 40.56
CA THR D 686 30.26 13.20 39.14
C THR D 686 29.22 12.54 38.26
N SER D 687 28.23 11.87 38.84
CA SER D 687 27.14 11.34 38.05
C SER D 687 26.26 12.48 37.60
N SER D 688 25.92 12.48 36.30
CA SER D 688 25.15 13.61 35.76
C SER D 688 23.69 13.51 36.15
N LEU D 689 23.28 12.38 36.71
CA LEU D 689 21.88 12.16 37.01
C LEU D 689 21.54 12.66 38.42
N LEU D 690 22.50 12.60 39.34
CA LEU D 690 22.32 13.27 40.62
C LEU D 690 22.37 14.78 40.44
N GLU D 691 23.13 15.25 39.45
CA GLU D 691 23.07 16.65 39.08
C GLU D 691 21.72 17.00 38.46
N ALA D 692 21.15 16.08 37.68
CA ALA D 692 19.94 16.41 36.93
C ALA D 692 18.71 16.42 37.83
N CYS D 693 18.58 15.45 38.74
CA CYS D 693 17.37 15.36 39.55
C CYS D 693 17.33 16.42 40.64
N THR D 694 18.48 17.00 40.98
CA THR D 694 18.53 17.93 42.11
C THR D 694 18.20 19.36 41.67
N PHE D 695 18.02 19.59 40.37
CA PHE D 695 17.65 20.92 39.87
C PHE D 695 16.19 21.24 40.19
N ARG D 696 15.35 20.21 40.33
CA ARG D 696 13.90 20.41 40.43
C ARG D 696 13.50 21.04 41.75
N ARG D 697 14.35 20.95 42.77
CA ARG D 697 14.08 21.65 44.00
C ARG D 697 14.23 23.16 43.78
N PRO D 698 13.49 24.00 44.53
CA PRO D 698 13.63 25.46 44.42
C PRO D 698 15.03 25.95 44.80
N SER E 19 -66.88 1.75 -6.87
CA SER E 19 -65.44 1.82 -6.69
C SER E 19 -64.81 2.81 -7.66
N THR E 20 -63.71 3.42 -7.23
CA THR E 20 -63.07 4.52 -7.94
C THR E 20 -62.01 3.95 -8.88
N ASN E 21 -62.21 4.17 -10.17
CA ASN E 21 -61.25 3.75 -11.17
C ASN E 21 -60.69 4.91 -11.99
N THR E 22 -60.90 6.15 -11.56
CA THR E 22 -60.47 7.28 -12.37
C THR E 22 -59.88 8.34 -11.47
N THR E 23 -59.07 9.21 -12.06
CA THR E 23 -58.43 10.32 -11.36
C THR E 23 -59.11 11.62 -11.77
N ASP E 24 -59.48 12.42 -10.78
CA ASP E 24 -60.20 13.66 -11.07
C ASP E 24 -59.25 14.84 -11.17
N ASN E 25 -58.25 14.92 -10.29
CA ASN E 25 -57.36 16.05 -10.21
C ASN E 25 -56.00 15.64 -10.76
N ILE E 26 -55.48 16.44 -11.69
CA ILE E 26 -54.35 16.09 -12.55
C ILE E 26 -53.22 17.10 -12.37
N ASP E 27 -53.48 18.18 -11.63
CA ASP E 27 -52.70 19.40 -11.76
C ASP E 27 -51.33 19.36 -11.11
N TYR E 28 -50.81 18.16 -10.78
CA TYR E 28 -49.50 18.05 -10.13
C TYR E 28 -48.35 18.22 -11.12
N PHE E 29 -48.64 18.33 -12.42
CA PHE E 29 -47.59 18.57 -13.40
C PHE E 29 -46.99 19.95 -13.20
N ASP E 30 -45.66 20.04 -13.35
CA ASP E 30 -44.99 21.33 -13.26
C ASP E 30 -43.76 21.30 -14.15
N ILE E 31 -43.33 22.49 -14.56
CA ILE E 31 -42.16 22.64 -15.41
C ILE E 31 -41.35 23.82 -14.88
N SER E 32 -40.04 23.73 -15.03
CA SER E 32 -39.12 24.76 -14.60
C SER E 32 -38.42 25.33 -15.81
N ASP E 33 -37.73 26.45 -15.60
CA ASP E 33 -37.07 27.12 -16.71
C ASP E 33 -35.78 26.38 -17.08
N GLU E 34 -35.20 26.79 -18.20
CA GLU E 34 -33.97 26.14 -18.67
C GLU E 34 -32.80 26.47 -17.75
N SER E 35 -32.84 27.66 -17.13
CA SER E 35 -31.81 28.00 -16.16
C SER E 35 -32.12 27.43 -14.78
N ASN E 36 -33.28 26.79 -14.64
CA ASN E 36 -33.84 26.23 -13.41
C ASN E 36 -34.00 27.28 -12.33
N TYR E 37 -34.12 28.56 -12.68
CA TYR E 37 -34.20 29.59 -11.65
C TYR E 37 -35.58 29.69 -11.05
N TYR E 38 -36.61 29.47 -11.85
CA TYR E 38 -37.98 29.66 -11.42
C TYR E 38 -38.77 28.40 -11.69
N LEU E 39 -39.65 28.05 -10.76
CA LEU E 39 -40.54 26.91 -10.88
C LEU E 39 -41.97 27.39 -10.99
N ILE E 40 -42.70 26.89 -11.98
CA ILE E 40 -44.11 27.20 -12.15
C ILE E 40 -44.89 26.06 -11.51
N SER E 41 -46.05 26.39 -10.94
CA SER E 41 -46.94 25.39 -10.37
C SER E 41 -48.35 25.65 -10.88
N GLN E 42 -49.24 24.67 -10.73
CA GLN E 42 -50.61 24.89 -11.20
C GLN E 42 -51.55 25.26 -10.06
N LEU E 43 -51.02 25.36 -8.84
CA LEU E 43 -51.76 26.07 -7.81
C LEU E 43 -51.61 27.57 -8.01
N ARG E 44 -52.57 28.34 -7.53
CA ARG E 44 -52.35 29.77 -7.46
C ARG E 44 -51.43 30.10 -6.29
N PRO E 45 -50.60 31.14 -6.39
CA PRO E 45 -50.44 32.18 -7.41
C PRO E 45 -49.47 31.84 -8.53
N HIS E 46 -49.21 30.56 -8.76
CA HIS E 46 -48.44 29.98 -9.87
C HIS E 46 -46.95 30.32 -9.86
N PHE E 47 -46.47 31.09 -8.90
CA PHE E 47 -45.05 31.37 -8.75
C PHE E 47 -44.78 31.47 -7.26
N SER E 48 -43.51 31.47 -6.87
CA SER E 48 -43.20 31.64 -5.46
C SER E 48 -43.07 33.12 -5.11
N ASN E 49 -42.89 33.97 -6.13
CA ASN E 49 -42.42 35.33 -5.87
C ASN E 49 -43.55 36.23 -5.38
N ILE E 50 -44.80 35.83 -5.60
CA ILE E 50 -45.93 36.62 -5.13
C ILE E 50 -46.01 36.58 -3.61
N TYR E 51 -45.66 35.43 -3.02
CA TYR E 51 -45.58 35.31 -1.57
C TYR E 51 -44.45 36.16 -1.00
N PHE E 52 -43.34 36.26 -1.73
CA PHE E 52 -42.28 37.20 -1.38
C PHE E 52 -42.77 38.64 -1.45
N PHE E 53 -43.61 38.96 -2.43
CA PHE E 53 -44.14 40.31 -2.56
C PHE E 53 -45.08 40.63 -1.41
N ASP E 54 -45.86 39.64 -0.97
CA ASP E 54 -46.74 39.83 0.16
C ASP E 54 -45.97 39.84 1.47
N GLU E 55 -44.74 39.35 1.47
CA GLU E 55 -43.86 39.58 2.61
C GLU E 55 -43.25 40.98 2.55
N PHE E 56 -43.08 41.50 1.34
CA PHE E 56 -42.43 42.79 1.17
C PHE E 56 -43.40 43.94 1.45
N LYS E 57 -44.70 43.68 1.34
CA LYS E 57 -45.69 44.61 1.88
C LYS E 57 -45.52 44.80 3.37
N ARG E 58 -45.35 43.69 4.11
CA ARG E 58 -45.21 43.75 5.55
C ARG E 58 -43.83 44.22 5.95
N TYR E 59 -42.89 44.27 5.00
CA TYR E 59 -41.64 44.98 5.26
C TYR E 59 -41.79 46.47 4.99
N ALA E 60 -42.59 46.83 3.98
CA ALA E 60 -42.72 48.22 3.57
C ALA E 60 -43.63 48.99 4.51
N SER E 61 -44.41 48.29 5.34
CA SER E 61 -45.26 48.97 6.31
C SER E 61 -44.43 49.55 7.45
N TYR E 62 -43.19 49.12 7.62
CA TYR E 62 -42.43 49.51 8.80
C TYR E 62 -41.44 50.64 8.48
N HIS E 63 -41.30 50.98 7.20
CA HIS E 63 -40.50 52.13 6.79
C HIS E 63 -41.42 53.19 6.20
N THR E 64 -41.28 54.43 6.65
CA THR E 64 -42.11 55.50 6.13
C THR E 64 -41.53 56.08 4.85
N GLU E 65 -40.32 55.65 4.48
CA GLU E 65 -39.67 56.17 3.28
C GLU E 65 -40.34 55.64 2.02
N ILE E 66 -40.65 54.36 1.99
CA ILE E 66 -41.19 53.71 0.81
C ILE E 66 -42.72 53.71 0.82
N LYS E 67 -43.30 54.79 0.29
CA LYS E 67 -44.75 54.93 0.27
C LYS E 67 -45.33 54.53 -1.08
N ARG E 68 -44.52 54.60 -2.13
CA ARG E 68 -45.04 54.44 -3.48
C ARG E 68 -45.18 52.98 -3.86
N TYR E 69 -44.67 52.07 -3.03
CA TYR E 69 -44.80 50.64 -3.28
C TYR E 69 -46.26 50.20 -3.19
N GLU E 70 -47.03 50.83 -2.31
CA GLU E 70 -48.43 50.46 -2.11
C GLU E 70 -49.30 50.94 -3.26
N ASP E 71 -48.78 51.85 -4.08
CA ASP E 71 -49.53 52.26 -5.27
C ASP E 71 -49.05 51.49 -6.50
N ILE E 72 -47.74 51.25 -6.61
CA ILE E 72 -47.19 50.59 -7.79
C ILE E 72 -47.54 49.11 -7.79
N HIS E 73 -47.34 48.44 -6.65
CA HIS E 73 -47.36 46.98 -6.66
C HIS E 73 -48.77 46.45 -6.77
N LYS E 74 -49.78 47.30 -6.54
CA LYS E 74 -51.16 46.86 -6.78
C LYS E 74 -51.41 46.66 -8.25
N THR E 75 -51.01 47.63 -9.08
CA THR E 75 -51.10 47.49 -10.53
C THR E 75 -50.21 46.38 -11.04
N LYS E 76 -48.99 46.26 -10.47
CA LYS E 76 -48.05 45.25 -10.92
C LYS E 76 -48.51 43.83 -10.61
N VAL E 77 -48.82 43.53 -9.35
CA VAL E 77 -49.15 42.15 -9.01
C VAL E 77 -50.59 41.83 -9.41
N ASN E 78 -51.44 42.85 -9.58
CA ASN E 78 -52.75 42.56 -10.17
C ASN E 78 -52.61 42.18 -11.62
N SER E 79 -51.69 42.83 -12.34
CA SER E 79 -51.37 42.41 -13.71
C SER E 79 -50.78 41.01 -13.73
N LEU E 80 -49.96 40.68 -12.72
CA LEU E 80 -49.29 39.40 -12.71
C LEU E 80 -50.24 38.25 -12.40
N LEU E 81 -51.11 38.43 -11.41
CA LEU E 81 -52.04 37.36 -11.04
C LEU E 81 -53.12 37.19 -12.10
N ASN E 82 -53.69 38.32 -12.59
CA ASN E 82 -54.72 38.22 -13.62
C ASN E 82 -54.15 37.66 -14.93
N GLU E 83 -52.92 38.06 -15.26
CA GLU E 83 -52.33 37.63 -16.52
C GLU E 83 -51.82 36.19 -16.44
N ALA E 84 -51.35 35.78 -15.26
CA ALA E 84 -50.87 34.41 -15.08
C ALA E 84 -52.04 33.42 -15.08
N SER E 85 -53.09 33.74 -14.32
CA SER E 85 -54.30 32.93 -14.32
C SER E 85 -54.95 32.92 -15.70
N ARG E 86 -54.82 34.03 -16.43
CA ARG E 86 -55.20 34.06 -17.83
C ARG E 86 -54.44 33.04 -18.66
N ALA E 87 -53.10 33.03 -18.55
CA ALA E 87 -52.27 32.17 -19.40
C ALA E 87 -52.50 30.68 -19.11
N ILE E 88 -52.74 30.34 -17.84
CA ILE E 88 -53.17 28.97 -17.52
C ILE E 88 -54.54 28.70 -18.13
N GLY E 89 -55.40 29.72 -18.15
CA GLY E 89 -56.66 29.62 -18.86
C GLY E 89 -56.50 29.39 -20.35
N ILE E 90 -55.36 29.79 -20.92
CA ILE E 90 -55.07 29.40 -22.30
C ILE E 90 -54.64 27.93 -22.35
N CYS E 91 -53.80 27.48 -21.41
CA CYS E 91 -53.40 26.08 -21.49
C CYS E 91 -54.34 25.11 -20.78
N ASN E 92 -55.63 25.45 -20.64
CA ASN E 92 -56.61 24.50 -20.12
C ASN E 92 -56.91 23.36 -21.11
N ARG E 93 -56.84 23.66 -22.42
CA ARG E 93 -57.43 22.75 -23.41
C ARG E 93 -56.58 21.49 -23.59
N ALA E 94 -55.26 21.59 -23.41
CA ALA E 94 -54.43 20.40 -23.48
C ALA E 94 -54.58 19.57 -22.20
N LYS E 95 -54.89 20.23 -21.08
CA LYS E 95 -55.17 19.52 -19.84
C LYS E 95 -56.40 18.63 -19.99
N ASN E 96 -57.38 19.07 -20.79
CA ASN E 96 -58.57 18.24 -20.96
C ASN E 96 -58.25 16.99 -21.80
N THR E 97 -57.36 17.10 -22.78
CA THR E 97 -57.04 15.93 -23.61
C THR E 97 -56.15 14.97 -22.85
N VAL E 98 -55.20 15.48 -22.06
CA VAL E 98 -54.37 14.59 -21.25
C VAL E 98 -55.21 13.97 -20.13
N LYS E 99 -56.28 14.66 -19.72
CA LYS E 99 -57.28 14.05 -18.83
C LYS E 99 -57.92 12.83 -19.46
N GLY E 100 -58.47 12.98 -20.67
CA GLY E 100 -59.08 11.84 -21.35
C GLY E 100 -58.08 10.74 -21.69
N LEU E 101 -56.81 11.11 -21.84
CA LEU E 101 -55.80 10.14 -22.21
C LEU E 101 -55.36 9.33 -20.99
N ILE E 102 -55.24 9.98 -19.83
CA ILE E 102 -54.99 9.23 -18.60
C ILE E 102 -56.14 8.30 -18.29
N ASN E 103 -57.37 8.80 -18.37
CA ASN E 103 -58.51 7.97 -17.98
C ASN E 103 -58.74 6.81 -18.93
N ILE E 104 -58.57 7.03 -20.23
CA ILE E 104 -58.73 5.92 -21.19
C ILE E 104 -57.56 4.95 -21.08
N LEU E 105 -56.35 5.46 -20.91
CA LEU E 105 -55.18 4.57 -20.90
C LEU E 105 -55.10 3.77 -19.60
N GLU E 106 -55.76 4.23 -18.55
CA GLU E 106 -55.51 3.70 -17.23
C GLU E 106 -56.41 2.51 -16.91
N ASN E 107 -57.66 2.54 -17.34
CA ASN E 107 -58.56 1.47 -16.90
C ASN E 107 -58.54 0.29 -17.86
N PRO E 108 -58.87 -0.91 -17.39
CA PRO E 108 -59.05 -2.04 -18.31
C PRO E 108 -60.33 -1.96 -19.14
N GLN E 109 -61.39 -1.38 -18.60
CA GLN E 109 -62.64 -1.30 -19.35
C GLN E 109 -62.57 -0.24 -20.44
N LYS E 110 -61.98 0.91 -20.12
CA LYS E 110 -61.89 1.98 -21.12
C LYS E 110 -60.87 1.63 -22.20
N PHE E 111 -59.77 0.97 -21.84
CA PHE E 111 -58.87 0.45 -22.86
C PHE E 111 -59.49 -0.72 -23.60
N LYS E 112 -60.43 -1.41 -22.95
CA LYS E 112 -61.16 -2.49 -23.62
C LYS E 112 -62.10 -1.93 -24.68
N THR E 113 -62.67 -0.75 -24.43
CA THR E 113 -63.53 -0.14 -25.46
C THR E 113 -62.70 0.68 -26.44
N GLN E 114 -61.41 0.83 -26.18
CA GLN E 114 -60.54 1.56 -27.10
C GLN E 114 -59.84 0.56 -28.00
N ARG E 115 -59.74 0.88 -29.29
CA ARG E 115 -59.30 -0.13 -30.26
C ARG E 115 -57.79 -0.25 -30.29
N GLU E 116 -57.06 0.85 -30.15
CA GLU E 116 -55.62 0.86 -30.40
C GLU E 116 -54.87 0.14 -29.29
N SER E 117 -53.69 -0.38 -29.64
CA SER E 117 -52.90 -1.16 -28.70
C SER E 117 -52.30 -0.26 -27.63
N TYR E 118 -51.75 -0.90 -26.59
CA TYR E 118 -51.29 -0.16 -25.42
C TYR E 118 -49.98 0.58 -25.69
N ASP E 119 -49.03 -0.09 -26.36
CA ASP E 119 -47.77 0.56 -26.70
C ASP E 119 -47.98 1.66 -27.72
N VAL E 120 -49.06 1.56 -28.50
CA VAL E 120 -49.44 2.63 -29.41
C VAL E 120 -49.90 3.85 -28.62
N LYS E 121 -50.76 3.65 -27.61
CA LYS E 121 -51.41 4.77 -26.95
C LYS E 121 -50.49 5.43 -25.93
N LEU E 122 -49.51 4.70 -25.39
CA LEU E 122 -48.61 5.32 -24.42
C LEU E 122 -47.68 6.32 -25.07
N ARG E 123 -47.38 6.14 -26.36
CA ARG E 123 -46.56 7.13 -27.05
C ARG E 123 -47.36 8.42 -27.27
N GLN E 124 -48.66 8.27 -27.52
CA GLN E 124 -49.56 9.42 -27.54
C GLN E 124 -49.62 10.10 -26.17
N TYR E 125 -49.51 9.30 -25.10
CA TYR E 125 -49.45 9.86 -23.75
C TYR E 125 -48.19 10.69 -23.55
N GLU E 126 -47.06 10.22 -24.09
CA GLU E 126 -45.84 11.00 -23.99
C GLU E 126 -45.94 12.31 -24.76
N GLU E 127 -46.38 12.24 -26.02
CA GLU E 127 -46.44 13.43 -26.86
C GLU E 127 -47.41 14.47 -26.31
N LYS E 128 -48.56 14.03 -25.80
CA LYS E 128 -49.48 15.00 -25.20
C LYS E 128 -48.98 15.47 -23.84
N LYS E 129 -48.14 14.67 -23.17
CA LYS E 129 -47.63 15.09 -21.86
C LYS E 129 -46.63 16.22 -21.99
N GLU E 130 -45.57 16.03 -22.76
CA GLU E 130 -44.60 17.11 -22.89
C GLU E 130 -45.09 18.20 -23.85
N ALA E 131 -46.14 17.90 -24.62
CA ALA E 131 -46.84 18.98 -25.32
C ALA E 131 -47.60 19.87 -24.34
N PHE E 132 -48.16 19.27 -23.29
CA PHE E 132 -48.87 20.05 -22.27
C PHE E 132 -47.91 20.91 -21.46
N ARG E 133 -46.83 20.30 -20.96
CA ARG E 133 -45.87 21.08 -20.16
C ARG E 133 -45.15 22.10 -21.03
N GLY E 134 -44.96 21.77 -22.31
CA GLY E 134 -44.44 22.74 -23.26
C GLY E 134 -45.38 23.92 -23.48
N CYS E 135 -46.69 23.65 -23.49
CA CYS E 135 -47.68 24.74 -23.53
C CYS E 135 -47.51 25.66 -22.35
N LEU E 136 -47.43 25.10 -21.14
CA LEU E 136 -47.44 25.91 -19.93
C LEU E 136 -46.20 26.80 -19.84
N LEU E 137 -45.03 26.24 -20.10
CA LEU E 137 -43.81 27.06 -20.09
C LEU E 137 -43.81 28.09 -21.21
N ASN E 138 -44.24 27.69 -22.41
CA ASN E 138 -44.20 28.60 -23.56
C ASN E 138 -45.21 29.74 -23.42
N LYS E 139 -46.21 29.58 -22.55
CA LYS E 139 -47.12 30.69 -22.30
C LYS E 139 -46.75 31.45 -21.03
N ASN E 140 -45.71 31.03 -20.31
CA ASN E 140 -45.22 31.90 -19.25
C ASN E 140 -43.86 32.56 -19.53
N ARG E 141 -43.25 32.27 -20.69
CA ARG E 141 -41.92 32.79 -21.08
C ARG E 141 -41.81 34.32 -20.93
N LYS E 142 -42.85 35.05 -21.30
CA LYS E 142 -42.82 36.50 -21.20
C LYS E 142 -42.88 36.94 -19.74
N ASN E 143 -43.64 36.20 -18.94
CA ASN E 143 -43.94 36.65 -17.59
C ASN E 143 -42.74 36.46 -16.69
N LEU E 144 -41.82 35.57 -17.06
CA LEU E 144 -40.56 35.49 -16.32
C LEU E 144 -39.75 36.79 -16.45
N ASP E 145 -39.70 37.35 -17.67
CA ASP E 145 -39.06 38.66 -17.87
C ASP E 145 -39.79 39.76 -17.10
N GLN E 146 -41.12 39.62 -17.00
CA GLN E 146 -41.89 40.55 -16.18
C GLN E 146 -41.46 40.49 -14.71
N ILE E 147 -41.25 39.28 -14.18
CA ILE E 147 -40.80 39.11 -12.80
C ILE E 147 -39.42 39.71 -12.59
N LYS E 148 -38.55 39.61 -13.61
CA LYS E 148 -37.27 40.32 -13.56
C LYS E 148 -37.45 41.83 -13.46
N LYS E 149 -38.40 42.37 -14.22
CA LYS E 149 -38.61 43.82 -14.24
C LYS E 149 -39.16 44.34 -12.90
N ILE E 150 -40.14 43.62 -12.32
CA ILE E 150 -40.67 44.04 -11.02
C ILE E 150 -39.61 43.89 -9.92
N ASN E 151 -38.77 42.84 -10.00
CA ASN E 151 -37.70 42.68 -9.01
C ASN E 151 -36.69 43.82 -9.09
N ASN E 152 -36.42 44.31 -10.31
CA ASN E 152 -35.59 45.51 -10.44
C ASN E 152 -36.29 46.74 -9.85
N GLU E 153 -37.61 46.78 -9.91
CA GLU E 153 -38.30 47.93 -9.30
C GLU E 153 -38.28 47.86 -7.77
N ILE E 154 -38.34 46.65 -7.18
CA ILE E 154 -38.14 46.52 -5.73
C ILE E 154 -36.74 46.98 -5.35
N ARG E 155 -35.74 46.64 -6.15
CA ARG E 155 -34.39 47.12 -5.87
C ARG E 155 -34.30 48.63 -5.97
N ASP E 156 -35.00 49.22 -6.94
CA ASP E 156 -34.96 50.67 -7.12
C ASP E 156 -35.67 51.41 -5.99
N LEU E 157 -36.79 50.89 -5.51
CA LEU E 157 -37.47 51.53 -4.39
C LEU E 157 -36.72 51.32 -3.09
N LEU E 158 -35.99 50.20 -2.98
CA LEU E 158 -35.16 50.00 -1.79
C LEU E 158 -33.89 50.82 -1.84
N GLU E 159 -33.56 51.39 -3.02
CA GLU E 159 -32.47 52.34 -3.08
C GLU E 159 -32.81 53.65 -2.37
N LYS E 160 -34.10 54.02 -2.34
CA LYS E 160 -34.55 55.34 -1.89
C LYS E 160 -34.52 55.50 -0.36
N LEU E 161 -34.08 54.47 0.37
CA LEU E 161 -33.99 54.56 1.82
C LEU E 161 -32.95 55.61 2.24
N LYS E 162 -33.33 56.44 3.22
CA LYS E 162 -32.46 57.53 3.65
C LYS E 162 -31.24 57.02 4.40
N CYS E 163 -31.37 55.91 5.11
CA CYS E 163 -30.37 55.46 6.08
C CYS E 163 -29.16 54.92 5.32
N SER E 164 -28.01 55.57 5.48
CA SER E 164 -26.86 55.24 4.66
C SER E 164 -25.95 54.22 5.32
N GLN E 165 -25.57 54.43 6.57
CA GLN E 165 -24.50 53.62 7.16
C GLN E 165 -24.89 52.93 8.46
N ASP E 166 -25.73 53.53 9.30
CA ASP E 166 -26.08 52.95 10.60
C ASP E 166 -27.58 52.65 10.63
N CYS E 167 -27.96 51.44 10.21
CA CYS E 167 -29.35 51.08 10.01
C CYS E 167 -29.72 49.89 10.87
N GLN E 168 -30.75 50.04 11.69
CA GLN E 168 -31.30 48.92 12.43
C GLN E 168 -32.27 48.12 11.54
N THR E 169 -32.28 46.77 11.60
CA THR E 169 -31.98 45.72 12.64
C THR E 169 -32.70 45.94 13.97
N ASN E 170 -33.95 46.35 13.87
CA ASN E 170 -34.95 46.11 14.91
C ASN E 170 -36.16 45.39 14.33
N VAL E 171 -36.49 45.68 13.08
CA VAL E 171 -37.56 44.99 12.36
C VAL E 171 -37.17 43.54 12.10
N TYR E 172 -35.90 43.31 11.76
CA TYR E 172 -35.42 42.02 11.27
C TYR E 172 -35.51 40.93 12.33
N PHE E 173 -35.00 41.21 13.53
CA PHE E 173 -35.00 40.22 14.61
C PHE E 173 -36.41 39.89 15.07
N ASP E 174 -37.35 40.82 14.88
CA ASP E 174 -38.74 40.55 15.23
C ASP E 174 -39.46 39.79 14.13
N MET E 175 -39.13 40.06 12.86
CA MET E 175 -39.74 39.33 11.76
C MET E 175 -39.28 37.89 11.72
N ILE E 176 -38.12 37.60 12.31
CA ILE E 176 -37.76 36.20 12.52
C ILE E 176 -38.67 35.57 13.59
N LYS E 177 -39.17 36.37 14.54
CA LYS E 177 -40.03 35.80 15.57
C LYS E 177 -41.45 35.55 15.05
N ILE E 178 -42.07 36.58 14.46
CA ILE E 178 -43.42 36.45 13.90
C ILE E 178 -43.42 35.45 12.75
N TYR E 179 -42.34 35.43 11.97
CA TYR E 179 -42.19 34.43 10.93
C TYR E 179 -41.94 33.03 11.51
N LEU E 180 -41.29 32.96 12.68
CA LEU E 180 -41.07 31.67 13.34
C LEU E 180 -42.36 31.09 13.90
N VAL E 181 -43.35 31.93 14.21
CA VAL E 181 -44.67 31.41 14.57
C VAL E 181 -45.30 30.70 13.39
N ASP E 182 -45.13 31.27 12.19
CA ASP E 182 -45.61 30.63 10.96
C ASP E 182 -44.86 29.34 10.68
N PHE E 183 -43.61 29.24 11.14
CA PHE E 183 -42.92 27.96 11.07
C PHE E 183 -43.48 26.94 12.05
N LYS E 184 -43.77 27.35 13.29
CA LYS E 184 -44.24 26.40 14.29
C LYS E 184 -45.68 25.96 14.00
N LYS E 185 -46.38 26.67 13.11
CA LYS E 185 -47.72 26.24 12.74
C LYS E 185 -47.72 24.95 11.91
N MET E 186 -46.75 24.81 11.01
CA MET E 186 -46.82 23.73 10.02
C MET E 186 -46.41 22.39 10.64
N PRO E 187 -47.10 21.29 10.27
CA PRO E 187 -46.57 19.96 10.57
C PRO E 187 -45.45 19.56 9.62
N TYR E 188 -44.36 19.00 10.15
CA TYR E 188 -43.30 18.47 9.32
C TYR E 188 -43.06 16.98 9.51
N GLU E 189 -43.27 16.45 10.71
CA GLU E 189 -42.93 15.07 11.01
C GLU E 189 -43.80 14.09 10.25
N ASN E 190 -45.09 14.41 10.09
CA ASN E 190 -46.03 13.50 9.47
C ASN E 190 -45.74 13.31 7.99
N TYR E 191 -45.21 14.35 7.36
CA TYR E 191 -44.89 14.23 5.94
C TYR E 191 -43.65 13.38 5.74
N ASP E 192 -42.70 13.45 6.67
CA ASP E 192 -41.47 12.69 6.52
C ASP E 192 -41.72 11.21 6.80
N THR E 193 -42.38 10.90 7.92
CA THR E 193 -42.73 9.52 8.24
C THR E 193 -43.68 8.92 7.19
N PHE E 194 -44.62 9.75 6.72
CA PHE E 194 -45.54 9.33 5.67
C PHE E 194 -44.82 8.97 4.39
N ILE E 195 -43.88 9.81 3.95
CA ILE E 195 -43.29 9.56 2.64
C ILE E 195 -42.27 8.43 2.73
N LYS E 196 -41.69 8.21 3.92
CA LYS E 196 -40.75 7.10 4.03
C LYS E 196 -41.49 5.76 4.02
N GLN E 197 -42.61 5.67 4.77
CA GLN E 197 -43.44 4.48 4.72
C GLN E 197 -44.02 4.24 3.33
N TYR E 198 -44.51 5.31 2.69
CA TYR E 198 -45.14 5.18 1.39
C TYR E 198 -44.13 4.76 0.33
N LYS E 199 -42.93 5.34 0.36
CA LYS E 199 -41.92 4.99 -0.63
C LYS E 199 -41.45 3.57 -0.44
N ASN E 200 -41.43 3.09 0.81
CA ASN E 200 -41.16 1.69 1.08
C ASN E 200 -42.21 0.80 0.42
N SER E 201 -43.49 1.17 0.54
CA SER E 201 -44.55 0.39 -0.11
C SER E 201 -44.47 0.47 -1.63
N TYR E 202 -43.98 1.60 -2.16
CA TYR E 202 -43.85 1.75 -3.60
C TYR E 202 -42.77 0.84 -4.17
N LEU E 203 -41.56 0.87 -3.59
CA LEU E 203 -40.50 0.03 -4.11
C LEU E 203 -40.78 -1.45 -3.89
N SER E 204 -41.51 -1.77 -2.82
CA SER E 204 -41.98 -3.14 -2.66
C SER E 204 -42.96 -3.53 -3.76
N GLY E 205 -43.82 -2.59 -4.16
CA GLY E 205 -44.78 -2.89 -5.22
C GLY E 205 -44.13 -3.06 -6.58
N VAL E 206 -43.18 -2.18 -6.92
CA VAL E 206 -42.50 -2.25 -8.20
C VAL E 206 -41.62 -3.49 -8.26
N ASP E 207 -41.02 -3.88 -7.13
CA ASP E 207 -40.31 -5.16 -7.11
C ASP E 207 -41.27 -6.33 -7.25
N MET E 208 -42.52 -6.14 -6.83
CA MET E 208 -43.47 -7.24 -6.80
C MET E 208 -44.06 -7.52 -8.17
N ILE E 209 -44.32 -6.48 -8.96
CA ILE E 209 -44.97 -6.67 -10.26
C ILE E 209 -44.06 -7.39 -11.23
N ARG E 210 -42.75 -7.10 -11.18
CA ARG E 210 -41.77 -7.79 -12.02
C ARG E 210 -41.78 -9.29 -11.76
N LYS E 211 -41.93 -9.70 -10.51
CA LYS E 211 -42.04 -11.12 -10.21
C LYS E 211 -43.41 -11.66 -10.59
N ILE E 212 -44.44 -10.82 -10.61
CA ILE E 212 -45.79 -11.36 -10.77
C ILE E 212 -46.17 -11.46 -12.24
N GLU E 213 -45.43 -10.78 -13.12
CA GLU E 213 -45.87 -10.72 -14.50
C GLU E 213 -45.36 -11.89 -15.31
N LYS E 214 -44.66 -12.84 -14.67
CA LYS E 214 -44.14 -14.00 -15.38
C LYS E 214 -45.09 -15.18 -15.28
N GLN E 215 -45.94 -15.21 -14.26
CA GLN E 215 -46.80 -16.37 -14.08
C GLN E 215 -48.18 -16.15 -14.69
N ILE E 216 -48.73 -14.95 -14.53
CA ILE E 216 -50.14 -14.68 -14.76
C ILE E 216 -50.32 -14.18 -16.19
N ASP E 217 -51.44 -14.56 -16.81
CA ASP E 217 -51.59 -14.45 -18.26
C ASP E 217 -51.91 -13.04 -18.72
N ASN E 218 -52.76 -12.30 -18.00
CA ASN E 218 -53.48 -11.18 -18.61
C ASN E 218 -52.57 -9.99 -18.89
N PRO E 219 -52.67 -9.37 -20.05
CA PRO E 219 -51.76 -8.26 -20.39
C PRO E 219 -52.32 -6.89 -20.07
N VAL E 220 -53.60 -6.80 -19.74
CA VAL E 220 -54.28 -5.50 -19.67
C VAL E 220 -54.11 -4.88 -18.30
N THR E 221 -54.54 -5.60 -17.26
CA THR E 221 -54.45 -5.12 -15.88
C THR E 221 -53.00 -4.90 -15.47
N ILE E 222 -52.10 -5.72 -16.01
CA ILE E 222 -50.69 -5.57 -15.66
C ILE E 222 -50.12 -4.30 -16.30
N ASN E 223 -50.66 -3.88 -17.44
CA ASN E 223 -50.25 -2.61 -18.02
C ASN E 223 -50.83 -1.44 -17.26
N ALA E 224 -52.05 -1.60 -16.75
CA ALA E 224 -52.64 -0.57 -15.89
C ALA E 224 -51.80 -0.34 -14.64
N ILE E 225 -51.34 -1.42 -14.02
CA ILE E 225 -50.58 -1.29 -12.79
C ILE E 225 -49.18 -0.73 -13.05
N LYS E 226 -48.57 -1.14 -14.17
CA LYS E 226 -47.25 -0.58 -14.50
C LYS E 226 -47.32 0.92 -14.80
N PHE E 227 -48.38 1.35 -15.49
CA PHE E 227 -48.54 2.77 -15.77
C PHE E 227 -48.79 3.58 -14.50
N THR E 228 -49.68 3.06 -13.63
CA THR E 228 -50.01 3.80 -12.43
C THR E 228 -48.81 3.87 -11.47
N GLN E 229 -47.94 2.86 -11.52
CA GLN E 229 -46.72 2.95 -10.73
C GLN E 229 -45.74 3.95 -11.34
N LYS E 230 -45.82 4.17 -12.66
CA LYS E 230 -44.97 5.20 -13.25
C LYS E 230 -45.38 6.61 -12.81
N GLU E 231 -46.68 6.91 -12.87
CA GLU E 231 -47.18 8.21 -12.41
C GLU E 231 -46.95 8.41 -10.92
N MET E 232 -47.19 7.35 -10.15
CA MET E 232 -46.90 7.31 -8.72
C MET E 232 -45.44 7.65 -8.43
N GLY E 233 -44.53 7.15 -9.27
CA GLY E 233 -43.13 7.50 -9.12
C GLY E 233 -42.85 8.98 -9.38
N TYR E 234 -43.53 9.56 -10.38
CA TYR E 234 -43.38 11.00 -10.64
C TYR E 234 -43.83 11.84 -9.44
N ILE E 235 -44.96 11.48 -8.85
CA ILE E 235 -45.50 12.28 -7.75
C ILE E 235 -44.65 12.12 -6.49
N ILE E 236 -44.06 10.93 -6.29
CA ILE E 236 -43.10 10.76 -5.18
C ILE E 236 -41.89 11.67 -5.37
N ASP E 237 -41.44 11.83 -6.62
CA ASP E 237 -40.30 12.71 -6.89
C ASP E 237 -40.61 14.17 -6.56
N ARG E 238 -41.79 14.66 -6.97
CA ARG E 238 -42.13 16.05 -6.67
C ARG E 238 -42.35 16.28 -5.18
N PHE E 239 -42.90 15.29 -4.48
CA PHE E 239 -43.08 15.38 -3.04
C PHE E 239 -41.75 15.54 -2.33
N GLU E 240 -40.75 14.73 -2.72
CA GLU E 240 -39.42 14.84 -2.15
C GLU E 240 -38.79 16.19 -2.44
N TYR E 241 -39.04 16.74 -3.63
CA TYR E 241 -38.47 18.04 -3.98
C TYR E 241 -39.02 19.18 -3.12
N HIS E 242 -40.35 19.33 -3.09
CA HIS E 242 -40.93 20.45 -2.35
C HIS E 242 -40.72 20.31 -0.84
N LEU E 243 -40.79 19.08 -0.32
CA LEU E 243 -40.54 18.89 1.10
C LEU E 243 -39.08 19.18 1.45
N GLN E 244 -38.16 18.87 0.52
CA GLN E 244 -36.76 19.23 0.73
C GLN E 244 -36.57 20.73 0.82
N LYS E 245 -37.23 21.50 -0.08
CA LYS E 245 -37.06 22.94 -0.03
C LYS E 245 -37.68 23.54 1.23
N VAL E 246 -38.77 22.94 1.72
CA VAL E 246 -39.36 23.41 2.98
C VAL E 246 -38.41 23.19 4.15
N LYS E 247 -37.82 22.00 4.26
CA LYS E 247 -36.93 21.72 5.39
C LYS E 247 -35.65 22.53 5.31
N HIS E 248 -35.14 22.77 4.10
CA HIS E 248 -33.96 23.62 3.97
C HIS E 248 -34.26 25.07 4.33
N SER E 249 -35.46 25.55 3.99
CA SER E 249 -35.84 26.92 4.34
C SER E 249 -35.93 27.10 5.85
N ILE E 250 -36.58 26.15 6.54
CA ILE E 250 -36.71 26.22 7.99
C ILE E 250 -35.35 26.10 8.66
N ASP E 251 -34.49 25.25 8.11
CA ASP E 251 -33.15 25.05 8.67
C ASP E 251 -32.30 26.32 8.55
N GLN E 252 -32.42 27.03 7.42
CA GLN E 252 -31.62 28.24 7.26
C GLN E 252 -32.13 29.38 8.14
N VAL E 253 -33.46 29.51 8.26
CA VAL E 253 -34.00 30.63 9.04
C VAL E 253 -33.74 30.43 10.52
N THR E 254 -34.05 29.24 11.05
CA THR E 254 -33.76 28.96 12.46
C THR E 254 -32.25 28.94 12.71
N ALA E 255 -31.47 28.61 11.68
CA ALA E 255 -30.02 28.77 11.76
C ALA E 255 -29.62 30.24 11.89
N LEU E 256 -30.43 31.15 11.35
CA LEU E 256 -30.13 32.57 11.53
C LEU E 256 -30.66 33.11 12.85
N SER E 257 -31.42 32.31 13.59
CA SER E 257 -31.98 32.74 14.87
C SER E 257 -31.09 32.39 16.04
N ASP E 258 -29.77 32.34 15.84
CA ASP E 258 -28.85 32.06 16.95
C ASP E 258 -28.77 33.23 17.95
N GLY E 259 -28.45 34.48 17.54
CA GLY E 259 -28.16 35.06 16.23
C GLY E 259 -27.12 36.15 16.27
N VAL E 260 -26.58 36.48 15.10
CA VAL E 260 -25.67 37.61 14.99
C VAL E 260 -26.46 38.89 15.21
N LYS E 261 -25.97 39.74 16.11
CA LYS E 261 -26.73 40.88 16.61
C LYS E 261 -25.97 42.18 16.38
N PRO E 262 -26.10 42.79 15.20
CA PRO E 262 -25.61 44.16 15.03
C PRO E 262 -26.68 45.18 15.38
N LYS E 263 -26.27 46.30 15.98
CA LYS E 263 -27.22 47.38 16.19
C LYS E 263 -27.39 48.20 14.91
N GLN E 264 -26.43 48.09 13.99
CA GLN E 264 -26.44 48.89 12.77
C GLN E 264 -25.84 48.07 11.63
N VAL E 265 -26.37 48.29 10.41
CA VAL E 265 -25.83 47.69 9.19
C VAL E 265 -25.85 48.72 8.08
N THR E 266 -25.21 48.35 6.97
CA THR E 266 -25.22 49.14 5.75
C THR E 266 -26.61 49.06 5.10
N LYS E 267 -26.91 50.00 4.21
CA LYS E 267 -28.19 50.00 3.52
C LYS E 267 -28.31 48.82 2.55
N ASN E 268 -27.25 48.52 1.81
CA ASN E 268 -27.29 47.39 0.88
C ASN E 268 -27.19 46.08 1.63
N ARG E 269 -26.56 46.07 2.81
CA ARG E 269 -26.58 44.90 3.66
C ARG E 269 -27.98 44.64 4.20
N LEU E 270 -28.70 45.70 4.55
CA LEU E 270 -30.08 45.59 5.02
C LEU E 270 -31.00 45.13 3.90
N LYS E 271 -30.77 45.62 2.68
CA LYS E 271 -31.53 45.16 1.53
C LYS E 271 -31.25 43.68 1.25
N GLU E 272 -30.00 43.26 1.42
CA GLU E 272 -29.65 41.85 1.26
C GLU E 272 -30.32 41.00 2.34
N TYR E 273 -30.50 41.55 3.54
CA TYR E 273 -31.18 40.81 4.60
C TYR E 273 -32.67 40.63 4.32
N TYR E 274 -33.38 41.73 4.06
CA TYR E 274 -34.84 41.64 3.90
C TYR E 274 -35.20 40.86 2.64
N PHE E 275 -34.46 41.11 1.56
CA PHE E 275 -34.62 40.33 0.34
C PHE E 275 -34.33 38.85 0.60
N ASN E 276 -33.30 38.60 1.41
CA ASN E 276 -32.84 37.24 1.71
C ASN E 276 -33.93 36.41 2.39
N ILE E 277 -34.31 36.79 3.62
CA ILE E 277 -35.22 35.90 4.35
C ILE E 277 -36.67 36.12 3.93
N GLY E 278 -36.93 37.22 3.20
CA GLY E 278 -38.18 37.31 2.49
C GLY E 278 -38.34 36.21 1.45
N ASN E 279 -37.25 35.89 0.74
CA ASN E 279 -37.32 34.79 -0.22
C ASN E 279 -37.52 33.45 0.49
N TYR E 280 -37.03 33.33 1.73
CA TYR E 280 -37.29 32.11 2.48
C TYR E 280 -38.76 32.00 2.88
N TYR E 281 -39.43 33.13 3.15
CA TYR E 281 -40.88 33.07 3.32
C TYR E 281 -41.57 32.65 2.04
N SER E 282 -41.03 33.07 0.89
CA SER E 282 -41.64 32.68 -0.38
C SER E 282 -41.52 31.18 -0.63
N ILE E 283 -40.38 30.60 -0.26
CA ILE E 283 -40.21 29.15 -0.39
C ILE E 283 -41.16 28.40 0.53
N PHE E 284 -41.27 28.84 1.79
CA PHE E 284 -42.07 28.10 2.77
C PHE E 284 -43.57 28.16 2.44
N LYS E 285 -44.08 29.38 2.25
CA LYS E 285 -45.50 29.54 1.96
C LYS E 285 -45.85 28.99 0.58
N PHE E 286 -44.87 28.93 -0.33
CA PHE E 286 -45.09 28.23 -1.59
C PHE E 286 -45.02 26.72 -1.39
N GLY E 287 -44.45 26.27 -0.28
CA GLY E 287 -44.26 24.85 -0.06
C GLY E 287 -45.47 24.17 0.54
N LYS E 288 -46.17 24.86 1.45
CA LYS E 288 -47.22 24.19 2.25
C LYS E 288 -48.38 23.65 1.40
N ASP E 289 -48.90 24.47 0.49
CA ASP E 289 -50.03 24.03 -0.33
C ASP E 289 -49.63 22.97 -1.34
N SER E 290 -48.38 23.00 -1.82
CA SER E 290 -47.90 21.97 -2.72
C SER E 290 -47.77 20.63 -2.01
N LEU E 291 -47.33 20.66 -0.75
CA LEU E 291 -47.28 19.44 0.06
C LEU E 291 -48.68 18.90 0.32
N ASN E 292 -49.66 19.79 0.53
CA ASN E 292 -51.05 19.35 0.70
C ASN E 292 -51.58 18.65 -0.55
N MET E 293 -51.38 19.26 -1.72
CA MET E 293 -51.90 18.71 -2.96
C MET E 293 -51.25 17.38 -3.30
N LEU E 294 -49.93 17.28 -3.15
CA LEU E 294 -49.26 16.03 -3.46
C LEU E 294 -49.61 14.94 -2.44
N ASN E 295 -49.89 15.33 -1.19
CA ASN E 295 -50.36 14.35 -0.21
C ASN E 295 -51.67 13.72 -0.65
N LYS E 296 -52.61 14.56 -1.12
CA LYS E 296 -53.86 14.03 -1.68
C LYS E 296 -53.60 13.14 -2.89
N ALA E 297 -52.61 13.52 -3.71
CA ALA E 297 -52.33 12.75 -4.93
C ALA E 297 -51.77 11.37 -4.62
N LEU E 298 -50.82 11.27 -3.69
CA LEU E 298 -50.24 9.96 -3.39
C LEU E 298 -51.25 9.04 -2.73
N ILE E 299 -52.11 9.58 -1.86
CA ILE E 299 -53.09 8.70 -1.21
C ILE E 299 -54.12 8.21 -2.22
N HIS E 300 -54.53 9.09 -3.15
CA HIS E 300 -55.51 8.68 -4.14
C HIS E 300 -54.96 7.64 -5.12
N LYS E 301 -53.76 7.88 -5.68
CA LYS E 301 -53.18 6.95 -6.64
C LYS E 301 -52.87 5.60 -6.00
N GLU E 302 -52.45 5.63 -4.72
CA GLU E 302 -52.30 4.41 -3.92
C GLU E 302 -53.58 3.58 -3.91
N LYS E 303 -54.72 4.23 -3.65
CA LYS E 303 -55.97 3.47 -3.57
C LYS E 303 -56.41 2.95 -4.94
N ILE E 304 -56.03 3.67 -6.01
CA ILE E 304 -56.24 3.11 -7.37
C ILE E 304 -55.45 1.81 -7.55
N VAL E 305 -54.19 1.78 -7.12
CA VAL E 305 -53.37 0.58 -7.35
C VAL E 305 -53.92 -0.62 -6.56
N HIS E 306 -54.37 -0.38 -5.32
CA HIS E 306 -54.96 -1.48 -4.55
C HIS E 306 -56.22 -2.02 -5.22
N ASN E 307 -57.05 -1.12 -5.74
CA ASN E 307 -58.26 -1.59 -6.43
C ASN E 307 -57.95 -2.13 -7.82
N LEU E 308 -56.69 -2.04 -8.27
CA LEU E 308 -56.31 -2.78 -9.47
C LEU E 308 -55.81 -4.19 -9.15
N LEU E 309 -55.10 -4.37 -8.02
CA LEU E 309 -54.63 -5.70 -7.67
C LEU E 309 -55.77 -6.62 -7.24
N GLY E 310 -56.89 -6.01 -6.81
CA GLY E 310 -58.08 -6.78 -6.51
C GLY E 310 -58.69 -7.51 -7.69
N GLU E 311 -58.24 -7.20 -8.92
CA GLU E 311 -58.67 -8.01 -10.06
C GLU E 311 -57.64 -9.07 -10.41
N LEU E 312 -56.54 -9.13 -9.65
CA LEU E 312 -55.43 -9.99 -10.05
C LEU E 312 -55.36 -11.24 -9.18
N PHE E 313 -55.73 -11.12 -7.90
CA PHE E 313 -55.52 -12.25 -6.99
C PHE E 313 -56.33 -13.49 -7.37
N GLY E 314 -57.52 -13.30 -7.93
CA GLY E 314 -58.32 -14.44 -8.35
C GLY E 314 -57.75 -15.11 -9.58
N HIS E 315 -56.95 -14.40 -10.36
CA HIS E 315 -56.27 -14.99 -11.50
C HIS E 315 -54.91 -15.55 -11.09
N LEU E 316 -54.58 -15.42 -9.80
CA LEU E 316 -53.32 -15.97 -9.30
C LEU E 316 -53.54 -17.24 -8.48
N GLU E 317 -54.69 -17.32 -7.79
CA GLU E 317 -54.99 -18.45 -6.90
C GLU E 317 -55.02 -19.77 -7.65
N GLU E 318 -55.57 -19.77 -8.87
CA GLU E 318 -55.60 -20.98 -9.66
C GLU E 318 -54.21 -21.37 -10.16
N ARG E 319 -53.29 -20.40 -10.20
CA ARG E 319 -51.92 -20.74 -10.55
C ARG E 319 -51.23 -21.47 -9.41
N ILE E 320 -51.54 -21.10 -8.16
CA ILE E 320 -51.06 -21.92 -7.04
C ILE E 320 -51.66 -23.33 -7.11
N SER E 321 -52.98 -23.41 -7.29
CA SER E 321 -53.64 -24.71 -7.30
C SER E 321 -53.36 -25.49 -8.58
N LYS E 322 -52.65 -24.88 -9.53
CA LYS E 322 -52.16 -25.65 -10.67
C LYS E 322 -50.71 -26.07 -10.46
N LEU E 323 -49.96 -25.30 -9.68
CA LEU E 323 -48.55 -25.64 -9.49
C LEU E 323 -48.37 -26.80 -8.53
N ILE E 324 -49.27 -26.97 -7.56
CA ILE E 324 -49.03 -27.99 -6.54
C ILE E 324 -49.08 -29.40 -7.12
N ASP E 325 -50.22 -29.76 -7.71
CA ASP E 325 -50.50 -31.13 -8.12
C ASP E 325 -49.59 -31.59 -9.25
N SER E 326 -49.07 -30.65 -10.03
CA SER E 326 -48.21 -31.04 -11.15
C SER E 326 -46.74 -30.91 -10.80
N GLU E 327 -46.39 -30.08 -9.82
CA GLU E 327 -44.98 -29.83 -9.57
C GLU E 327 -44.44 -30.62 -8.38
N TYR E 328 -45.29 -31.38 -7.68
CA TYR E 328 -44.69 -32.26 -6.67
C TYR E 328 -44.65 -33.72 -7.12
N PHE E 329 -44.94 -33.99 -8.39
CA PHE E 329 -44.83 -35.30 -9.05
C PHE E 329 -45.63 -36.39 -8.35
N ILE E 330 -46.85 -36.12 -7.91
CA ILE E 330 -47.50 -37.06 -7.01
C ILE E 330 -48.22 -38.16 -7.79
N THR E 331 -48.84 -37.81 -8.92
CA THR E 331 -49.69 -38.74 -9.64
C THR E 331 -48.87 -39.78 -10.38
N GLU E 332 -47.60 -39.45 -10.65
CA GLU E 332 -46.73 -40.42 -11.29
C GLU E 332 -46.09 -41.35 -10.27
N SER E 333 -45.64 -40.80 -9.14
CA SER E 333 -44.96 -41.60 -8.12
C SER E 333 -45.88 -42.61 -7.47
N ASN E 334 -47.15 -42.24 -7.29
CA ASN E 334 -48.11 -43.19 -6.71
C ASN E 334 -48.31 -44.40 -7.63
N ASN E 335 -48.16 -44.20 -8.94
CA ASN E 335 -48.28 -45.31 -9.87
C ASN E 335 -47.08 -46.26 -9.76
N ILE E 336 -45.89 -45.70 -9.52
CA ILE E 336 -44.68 -46.53 -9.33
C ILE E 336 -44.83 -47.42 -8.11
N ILE E 337 -45.28 -46.84 -6.99
CA ILE E 337 -45.43 -47.63 -5.76
C ILE E 337 -46.54 -48.66 -5.92
N SER E 338 -47.58 -48.32 -6.69
CA SER E 338 -48.64 -49.30 -6.96
C SER E 338 -48.13 -50.49 -7.77
N GLN E 339 -47.33 -50.21 -8.81
CA GLN E 339 -46.82 -51.29 -9.67
C GLN E 339 -45.85 -52.20 -8.92
N SER E 340 -44.95 -51.61 -8.12
CA SER E 340 -43.98 -52.41 -7.39
C SER E 340 -44.67 -53.24 -6.30
N GLU E 341 -45.74 -52.68 -5.70
CA GLU E 341 -46.55 -53.45 -4.76
C GLU E 341 -47.17 -54.68 -5.42
N GLU E 342 -47.72 -54.49 -6.62
CA GLU E 342 -48.33 -55.63 -7.32
C GLU E 342 -47.29 -56.65 -7.75
N THR E 343 -46.06 -56.20 -8.01
CA THR E 343 -44.97 -57.13 -8.33
C THR E 343 -44.61 -57.98 -7.12
N LEU E 344 -44.54 -57.37 -5.93
CA LEU E 344 -44.27 -58.15 -4.72
C LEU E 344 -45.37 -59.16 -4.45
N LYS E 345 -46.63 -58.77 -4.70
CA LYS E 345 -47.72 -59.73 -4.50
C LYS E 345 -47.66 -60.85 -5.54
N LEU E 346 -47.13 -60.56 -6.73
CA LEU E 346 -46.94 -61.59 -7.75
C LEU E 346 -45.88 -62.61 -7.32
N ALA E 347 -44.73 -62.13 -6.84
CA ALA E 347 -43.65 -63.05 -6.47
C ALA E 347 -44.02 -63.88 -5.24
N GLU E 348 -44.60 -63.24 -4.21
CA GLU E 348 -45.01 -64.01 -3.04
C GLU E 348 -46.22 -64.88 -3.35
N ASP E 349 -46.96 -64.56 -4.41
CA ASP E 349 -48.00 -65.45 -4.89
C ASP E 349 -47.40 -66.73 -5.49
N VAL E 350 -46.32 -66.60 -6.26
CA VAL E 350 -45.71 -67.79 -6.88
C VAL E 350 -45.03 -68.65 -5.82
N TYR E 351 -44.36 -68.03 -4.85
CA TYR E 351 -43.77 -68.85 -3.79
C TYR E 351 -44.84 -69.42 -2.87
N ASP E 352 -45.98 -68.74 -2.77
CA ASP E 352 -47.15 -69.35 -2.14
C ASP E 352 -47.63 -70.57 -2.93
N LYS E 353 -47.42 -70.57 -4.25
CA LYS E 353 -47.86 -71.71 -5.05
C LYS E 353 -46.96 -72.93 -4.86
N ASN E 354 -45.64 -72.75 -4.86
CA ASN E 354 -44.76 -73.93 -4.85
C ASN E 354 -43.98 -74.12 -3.56
N THR E 355 -44.40 -73.44 -2.47
CA THR E 355 -43.67 -73.51 -1.21
C THR E 355 -43.76 -74.88 -0.56
N LYS E 356 -44.74 -75.69 -0.96
CA LYS E 356 -44.73 -77.10 -0.58
C LYS E 356 -43.80 -77.89 -1.47
N LEU E 357 -43.67 -77.47 -2.74
CA LEU E 357 -42.94 -78.25 -3.73
C LEU E 357 -41.44 -78.23 -3.45
N ILE E 358 -40.95 -77.16 -2.81
CA ILE E 358 -39.57 -77.19 -2.31
C ILE E 358 -39.41 -78.28 -1.26
N GLU E 359 -40.38 -78.44 -0.36
CA GLU E 359 -40.29 -79.46 0.68
C GLU E 359 -40.45 -80.86 0.11
N ASP E 360 -41.08 -80.99 -1.07
CA ASP E 360 -41.01 -82.26 -1.78
C ASP E 360 -39.64 -82.47 -2.40
N LEU E 361 -38.97 -81.37 -2.79
CA LEU E 361 -37.71 -81.53 -3.49
C LEU E 361 -36.51 -81.30 -2.57
N THR E 362 -36.69 -81.48 -1.26
CA THR E 362 -35.51 -81.50 -0.38
C THR E 362 -35.24 -82.87 0.21
N LEU E 363 -36.26 -83.75 0.28
CA LEU E 363 -36.14 -84.95 1.11
C LEU E 363 -35.46 -86.10 0.40
N TYR E 364 -35.44 -86.08 -0.94
CA TYR E 364 -34.85 -87.19 -1.69
C TYR E 364 -33.32 -87.26 -1.73
N PRO E 365 -32.58 -86.26 -2.24
CA PRO E 365 -31.35 -86.59 -2.99
C PRO E 365 -30.10 -86.82 -2.17
N HIS E 366 -30.15 -86.78 -0.83
CA HIS E 366 -28.95 -86.49 -0.04
C HIS E 366 -28.02 -87.68 0.12
N LEU E 367 -28.16 -88.71 -0.73
CA LEU E 367 -27.38 -89.93 -0.54
C LEU E 367 -26.61 -90.32 -1.81
N GLU E 368 -26.30 -89.36 -2.66
CA GLU E 368 -25.93 -89.74 -4.02
C GLU E 368 -24.94 -88.72 -4.59
N ILE E 369 -24.94 -88.57 -5.92
CA ILE E 369 -23.86 -88.14 -6.80
C ILE E 369 -23.61 -86.63 -6.73
N ASN E 370 -23.67 -86.03 -5.53
CA ASN E 370 -24.05 -84.63 -5.30
C ASN E 370 -23.19 -83.56 -5.99
N GLU E 371 -23.40 -83.45 -7.30
CA GLU E 371 -23.21 -82.24 -8.10
C GLU E 371 -24.50 -81.43 -8.14
N PHE E 372 -25.59 -82.05 -7.69
CA PHE E 372 -26.93 -81.59 -8.03
C PHE E 372 -27.48 -80.66 -6.95
N LYS E 373 -27.02 -80.86 -5.70
CA LYS E 373 -27.33 -79.91 -4.62
C LYS E 373 -26.65 -78.58 -4.87
N LYS E 374 -25.48 -78.62 -5.52
CA LYS E 374 -24.73 -77.42 -5.86
C LYS E 374 -25.52 -76.54 -6.83
N ASP E 375 -26.44 -77.14 -7.58
CA ASP E 375 -27.41 -76.36 -8.33
C ASP E 375 -28.61 -75.99 -7.45
N TYR E 376 -29.05 -76.91 -6.60
CA TYR E 376 -30.33 -76.74 -5.91
C TYR E 376 -30.30 -75.68 -4.83
N ASP E 377 -29.47 -75.87 -3.79
CA ASP E 377 -29.47 -74.96 -2.65
C ASP E 377 -28.91 -73.60 -3.06
N ASN E 378 -28.10 -73.58 -4.12
CA ASN E 378 -27.87 -72.37 -4.89
C ASN E 378 -29.17 -71.67 -5.27
N ASN E 379 -30.05 -72.35 -6.03
CA ASN E 379 -31.25 -71.66 -6.52
C ASN E 379 -32.23 -71.32 -5.39
N VAL E 380 -32.26 -72.13 -4.33
CA VAL E 380 -33.17 -71.88 -3.22
C VAL E 380 -32.72 -70.66 -2.42
N GLU E 381 -31.41 -70.56 -2.14
CA GLU E 381 -30.89 -69.36 -1.47
C GLU E 381 -31.05 -68.13 -2.34
N ASP E 382 -30.96 -68.28 -3.67
CA ASP E 382 -31.21 -67.18 -4.58
C ASP E 382 -32.66 -66.69 -4.50
N LEU E 383 -33.60 -67.63 -4.36
CA LEU E 383 -35.02 -67.27 -4.29
C LEU E 383 -35.35 -66.54 -2.99
N ARG E 384 -34.87 -67.07 -1.86
CA ARG E 384 -35.11 -66.44 -0.56
C ARG E 384 -34.55 -65.04 -0.50
N GLU E 385 -33.28 -64.90 -0.90
CA GLU E 385 -32.66 -63.60 -0.78
C GLU E 385 -33.20 -62.63 -1.82
N SER E 386 -33.73 -63.16 -2.93
CA SER E 386 -34.37 -62.28 -3.91
C SER E 386 -35.68 -61.70 -3.37
N ILE E 387 -36.50 -62.53 -2.71
CA ILE E 387 -37.75 -62.04 -2.13
C ILE E 387 -37.48 -60.99 -1.06
N ILE E 388 -36.48 -61.24 -0.20
CA ILE E 388 -36.13 -60.26 0.84
C ILE E 388 -35.61 -58.98 0.21
N TYR E 389 -34.91 -59.10 -0.93
CA TYR E 389 -34.46 -57.91 -1.65
C TYR E 389 -35.63 -57.09 -2.18
N ILE E 390 -36.71 -57.74 -2.62
CA ILE E 390 -37.84 -56.98 -3.15
C ILE E 390 -38.59 -56.27 -2.03
N GLN E 391 -38.74 -56.93 -0.86
CA GLN E 391 -39.39 -56.26 0.27
C GLN E 391 -38.58 -55.05 0.76
N SER E 392 -37.25 -55.18 0.77
CA SER E 392 -36.42 -54.04 1.15
C SER E 392 -36.50 -52.92 0.12
N TYR E 393 -36.67 -53.26 -1.16
CA TYR E 393 -36.86 -52.24 -2.19
C TYR E 393 -38.16 -51.46 -1.99
N VAL E 394 -39.24 -52.18 -1.68
CA VAL E 394 -40.54 -51.52 -1.48
C VAL E 394 -40.46 -50.58 -0.27
N SER E 395 -39.76 -51.00 0.78
CA SER E 395 -39.58 -50.12 1.95
C SER E 395 -38.78 -48.87 1.61
N SER E 396 -37.78 -49.00 0.74
CA SER E 396 -37.00 -47.83 0.34
C SER E 396 -37.83 -46.83 -0.46
N ILE E 397 -38.65 -47.34 -1.40
CA ILE E 397 -39.45 -46.44 -2.23
C ILE E 397 -40.51 -45.73 -1.40
N LYS E 398 -41.18 -46.45 -0.49
CA LYS E 398 -42.17 -45.79 0.36
C LYS E 398 -41.54 -44.78 1.30
N SER E 399 -40.29 -45.01 1.72
CA SER E 399 -39.60 -44.02 2.55
C SER E 399 -39.35 -42.74 1.77
N ALA E 400 -38.94 -42.86 0.50
CA ALA E 400 -38.78 -41.69 -0.35
C ALA E 400 -40.09 -40.95 -0.54
N TYR E 401 -41.19 -41.71 -0.67
CA TYR E 401 -42.51 -41.11 -0.87
C TYR E 401 -42.95 -40.31 0.34
N ARG E 402 -42.66 -40.82 1.54
CA ARG E 402 -43.00 -40.07 2.75
C ARG E 402 -42.20 -38.79 2.82
N TYR E 403 -40.94 -38.83 2.41
CA TYR E 403 -40.12 -37.62 2.47
C TYR E 403 -40.46 -36.64 1.36
N ASN E 404 -41.34 -37.03 0.43
CA ASN E 404 -41.85 -36.05 -0.54
C ASN E 404 -43.19 -35.46 -0.10
N VAL E 405 -44.09 -36.32 0.39
CA VAL E 405 -45.44 -35.90 0.75
C VAL E 405 -45.41 -35.04 2.02
N LEU E 406 -44.37 -35.18 2.85
CA LEU E 406 -44.18 -34.24 3.95
C LEU E 406 -43.99 -32.81 3.47
N GLU E 407 -43.22 -32.67 2.38
CA GLU E 407 -42.97 -31.36 1.76
C GLU E 407 -44.25 -30.75 1.17
N LYS E 408 -45.03 -31.57 0.45
CA LYS E 408 -46.31 -31.15 -0.11
C LYS E 408 -47.31 -30.75 0.97
N ASP E 409 -47.37 -31.53 2.05
CA ASP E 409 -48.23 -31.22 3.18
C ASP E 409 -47.84 -29.91 3.83
N SER E 410 -46.53 -29.62 3.89
CA SER E 410 -46.11 -28.36 4.50
C SER E 410 -46.54 -27.16 3.67
N VAL E 411 -46.49 -27.28 2.34
CA VAL E 411 -46.92 -26.16 1.50
C VAL E 411 -48.44 -26.00 1.57
N GLU E 412 -49.17 -27.12 1.72
CA GLU E 412 -50.61 -27.01 1.97
C GLU E 412 -50.91 -26.30 3.29
N SER E 413 -50.09 -26.54 4.32
CA SER E 413 -50.32 -25.86 5.59
C SER E 413 -49.95 -24.38 5.49
N LYS E 414 -49.05 -24.02 4.59
CA LYS E 414 -48.77 -22.59 4.43
C LYS E 414 -49.84 -21.92 3.59
N GLN E 415 -50.50 -22.68 2.70
CA GLN E 415 -51.53 -22.08 1.88
C GLN E 415 -52.87 -22.03 2.62
N LYS E 416 -53.04 -22.87 3.63
CA LYS E 416 -54.25 -22.82 4.42
C LYS E 416 -54.31 -21.55 5.28
N ASN E 417 -53.22 -21.23 5.97
CA ASN E 417 -53.18 -20.11 6.87
C ASN E 417 -52.81 -18.84 6.11
N ILE E 418 -53.74 -17.89 6.05
CA ILE E 418 -53.54 -16.60 5.40
C ILE E 418 -54.19 -15.50 6.24
N PRO E 419 -53.72 -14.26 6.15
CA PRO E 419 -54.48 -13.15 6.74
C PRO E 419 -55.76 -12.92 5.96
N ALA E 420 -56.75 -12.30 6.63
CA ALA E 420 -58.11 -12.34 6.08
C ALA E 420 -58.63 -10.98 5.59
N ASN E 421 -58.71 -9.91 6.44
CA ASN E 421 -57.81 -9.30 7.46
C ASN E 421 -56.41 -9.17 6.86
N SER E 422 -56.40 -8.75 5.60
CA SER E 422 -55.20 -8.61 4.78
C SER E 422 -55.39 -7.41 3.87
N ASN E 423 -54.80 -6.28 4.24
CA ASN E 423 -55.28 -5.01 3.72
C ASN E 423 -54.13 -4.01 3.74
N ALA E 424 -53.73 -3.54 2.55
CA ALA E 424 -54.13 -4.09 1.27
C ALA E 424 -52.87 -4.59 0.58
N GLN E 425 -53.03 -5.46 -0.42
CA GLN E 425 -52.04 -6.07 -1.32
C GLN E 425 -51.10 -7.02 -0.60
N LYS E 426 -51.14 -7.08 0.74
CA LYS E 426 -50.32 -8.00 1.50
C LYS E 426 -50.69 -9.45 1.22
N LYS E 427 -51.96 -9.69 0.91
CA LYS E 427 -52.40 -11.04 0.61
C LYS E 427 -51.86 -11.50 -0.74
N VAL E 428 -51.69 -10.59 -1.70
CA VAL E 428 -51.11 -10.99 -2.97
C VAL E 428 -49.62 -11.27 -2.80
N ASP E 429 -48.99 -10.60 -1.84
CA ASP E 429 -47.61 -10.92 -1.52
C ASP E 429 -47.50 -12.25 -0.80
N GLU E 430 -48.52 -12.62 -0.02
CA GLU E 430 -48.52 -13.95 0.59
C GLU E 430 -48.66 -15.03 -0.46
N LEU E 431 -49.51 -14.80 -1.47
CA LEU E 431 -49.70 -15.79 -2.52
C LEU E 431 -48.45 -15.93 -3.37
N LEU E 432 -47.77 -14.81 -3.64
CA LEU E 432 -46.52 -14.89 -4.39
C LEU E 432 -45.43 -15.56 -3.56
N SER E 433 -45.47 -15.38 -2.23
CA SER E 433 -44.49 -16.05 -1.39
C SER E 433 -44.74 -17.54 -1.34
N ILE E 434 -46.00 -17.96 -1.51
CA ILE E 434 -46.27 -19.39 -1.60
C ILE E 434 -45.75 -19.96 -2.91
N ILE E 435 -45.85 -19.20 -4.00
CA ILE E 435 -45.29 -19.67 -5.28
C ILE E 435 -43.76 -19.77 -5.19
N ASP E 436 -43.12 -18.83 -4.49
CA ASP E 436 -41.69 -19.01 -4.23
C ASP E 436 -41.44 -20.18 -3.29
N SER E 437 -42.39 -20.50 -2.42
CA SER E 437 -42.22 -21.65 -1.52
C SER E 437 -42.41 -22.96 -2.26
N ILE E 438 -42.96 -22.92 -3.48
CA ILE E 438 -42.94 -24.10 -4.32
C ILE E 438 -41.70 -24.08 -5.22
N SER E 439 -41.11 -22.90 -5.39
CA SER E 439 -39.94 -22.82 -6.27
C SER E 439 -38.64 -23.14 -5.54
N TYR E 440 -38.62 -23.02 -4.21
CA TYR E 440 -37.36 -23.22 -3.49
C TYR E 440 -37.09 -24.70 -3.24
N SER E 441 -38.07 -25.56 -3.54
CA SER E 441 -38.02 -26.97 -3.19
C SER E 441 -38.13 -27.90 -4.38
N ASN E 442 -37.36 -27.67 -5.44
CA ASN E 442 -37.53 -28.46 -6.65
C ASN E 442 -36.46 -29.55 -6.73
N PHE E 443 -35.26 -29.27 -6.23
CA PHE E 443 -34.14 -30.18 -6.42
C PHE E 443 -34.28 -31.43 -5.57
N SER E 444 -34.75 -31.26 -4.34
CA SER E 444 -34.99 -32.39 -3.43
C SER E 444 -36.00 -33.36 -4.03
N VAL E 445 -37.08 -32.83 -4.58
CA VAL E 445 -38.13 -33.67 -5.13
C VAL E 445 -37.69 -34.30 -6.44
N ALA E 446 -36.84 -33.59 -7.19
CA ALA E 446 -36.31 -34.15 -8.44
C ALA E 446 -35.42 -35.35 -8.19
N GLU E 447 -34.44 -35.22 -7.30
CA GLU E 447 -33.50 -36.32 -7.09
C GLU E 447 -34.17 -37.46 -6.34
N ASN E 448 -35.13 -37.13 -5.49
CA ASN E 448 -35.88 -38.17 -4.77
C ASN E 448 -36.70 -39.01 -5.74
N PHE E 449 -37.35 -38.35 -6.71
CA PHE E 449 -38.11 -39.09 -7.72
C PHE E 449 -37.20 -39.90 -8.63
N GLN E 450 -35.98 -39.42 -8.86
CA GLN E 450 -35.00 -40.20 -9.61
C GLN E 450 -34.63 -41.49 -8.89
N LYS E 451 -34.53 -41.42 -7.56
CA LYS E 451 -34.30 -42.65 -6.78
C LYS E 451 -35.45 -43.63 -6.95
N MET E 452 -36.70 -43.12 -6.95
CA MET E 452 -37.85 -44.00 -7.14
C MET E 452 -37.80 -44.73 -8.48
N LYS E 453 -37.36 -44.03 -9.54
CA LYS E 453 -37.16 -44.69 -10.83
C LYS E 453 -36.12 -45.80 -10.78
N ASP E 454 -34.98 -45.56 -10.10
CA ASP E 454 -33.91 -46.55 -10.03
C ASP E 454 -34.37 -47.84 -9.36
N TYR E 455 -34.95 -47.72 -8.18
CA TYR E 455 -35.38 -48.92 -7.45
C TYR E 455 -36.48 -49.66 -8.19
N TYR E 456 -37.33 -48.94 -8.94
CA TYR E 456 -38.33 -49.68 -9.71
C TYR E 456 -37.70 -50.49 -10.85
N LYS E 457 -36.68 -49.92 -11.52
CA LYS E 457 -35.95 -50.66 -12.55
C LYS E 457 -35.40 -51.97 -12.01
N GLU E 458 -34.83 -51.93 -10.81
CA GLU E 458 -34.21 -53.14 -10.31
C GLU E 458 -35.23 -54.12 -9.76
N ILE E 459 -36.44 -53.63 -9.43
CA ILE E 459 -37.54 -54.56 -9.16
C ILE E 459 -37.96 -55.28 -10.43
N GLU E 460 -37.84 -54.62 -11.60
CA GLU E 460 -38.07 -55.35 -12.86
C GLU E 460 -37.03 -56.44 -13.09
N LYS E 461 -35.75 -56.14 -12.79
CA LYS E 461 -34.69 -57.14 -12.98
C LYS E 461 -34.89 -58.37 -12.09
N LEU E 462 -35.25 -58.16 -10.82
CA LEU E 462 -35.52 -59.34 -9.99
C LEU E 462 -36.82 -60.02 -10.40
N LYS E 463 -37.73 -59.28 -11.04
CA LYS E 463 -38.98 -59.87 -11.49
C LYS E 463 -38.75 -60.88 -12.62
N ILE E 464 -37.76 -60.65 -13.48
CA ILE E 464 -37.50 -61.69 -14.48
C ILE E 464 -36.62 -62.81 -13.89
N LYS E 465 -35.71 -62.45 -12.96
CA LYS E 465 -34.79 -63.42 -12.42
C LYS E 465 -35.50 -64.50 -11.62
N ILE E 466 -36.55 -64.11 -10.88
CA ILE E 466 -37.29 -65.08 -10.06
C ILE E 466 -37.99 -66.14 -10.92
N LEU E 467 -38.45 -65.75 -12.12
CA LEU E 467 -39.11 -66.72 -12.98
C LEU E 467 -38.11 -67.68 -13.61
N GLN E 468 -36.90 -67.19 -13.93
CA GLN E 468 -35.85 -68.12 -14.36
C GLN E 468 -35.49 -69.12 -13.25
N LEU E 469 -35.47 -68.65 -12.00
CA LEU E 469 -35.24 -69.55 -10.86
C LEU E 469 -36.31 -70.63 -10.74
N ILE E 470 -37.58 -70.25 -10.88
CA ILE E 470 -38.67 -71.24 -10.79
C ILE E 470 -38.58 -72.28 -11.91
N GLU E 471 -38.15 -71.83 -13.11
CA GLU E 471 -37.90 -72.79 -14.19
C GLU E 471 -36.80 -73.79 -13.82
N ALA E 472 -35.72 -73.30 -13.19
CA ALA E 472 -34.65 -74.20 -12.75
C ALA E 472 -35.13 -75.17 -11.66
N ILE E 473 -36.06 -74.72 -10.82
CA ILE E 473 -36.62 -75.60 -9.80
C ILE E 473 -37.46 -76.71 -10.43
N LYS E 474 -38.20 -76.38 -11.49
CA LYS E 474 -38.98 -77.41 -12.18
C LYS E 474 -38.08 -78.44 -12.85
N LYS E 475 -36.98 -77.99 -13.45
CA LYS E 475 -36.02 -78.92 -14.04
C LYS E 475 -35.40 -79.82 -12.97
N TYR E 476 -35.13 -79.25 -11.79
CA TYR E 476 -34.68 -80.05 -10.64
C TYR E 476 -35.71 -81.12 -10.28
N GLN E 477 -36.99 -80.75 -10.28
CA GLN E 477 -38.05 -81.69 -9.90
C GLN E 477 -38.13 -82.86 -10.85
N GLN E 478 -38.12 -82.60 -12.16
CA GLN E 478 -38.24 -83.72 -13.10
C GLN E 478 -36.98 -84.57 -13.13
N HIS E 479 -35.81 -83.98 -12.84
CA HIS E 479 -34.59 -84.78 -12.83
C HIS E 479 -34.50 -85.64 -11.58
N VAL E 480 -35.00 -85.14 -10.44
CA VAL E 480 -35.15 -85.96 -9.25
C VAL E 480 -36.14 -87.09 -9.50
N GLU E 481 -37.21 -86.80 -10.25
CA GLU E 481 -38.14 -87.85 -10.66
C GLU E 481 -37.46 -88.87 -11.58
N GLU E 482 -36.46 -88.44 -12.35
CA GLU E 482 -35.72 -89.37 -13.19
C GLU E 482 -34.79 -90.24 -12.37
N LEU E 483 -34.27 -89.72 -11.26
CA LEU E 483 -33.30 -90.52 -10.49
C LEU E 483 -33.97 -91.37 -9.42
N ILE E 484 -35.30 -91.45 -9.41
CA ILE E 484 -35.97 -92.40 -8.51
C ILE E 484 -36.09 -93.75 -9.19
#